data_9LDL
#
_entry.id   9LDL
#
_cell.length_a   1.00
_cell.length_b   1.00
_cell.length_c   1.00
_cell.angle_alpha   90.00
_cell.angle_beta   90.00
_cell.angle_gamma   90.00
#
_symmetry.space_group_name_H-M   'P 1'
#
_entity_poly.entity_id   1
_entity_poly.type   'polypeptide(L)'
_entity_poly.pdbx_seq_one_letter_code
;MDSYQLFLDGEFVDAADGRTFTTTDPGNEQPVATVAQAGEADALRAIEAARWAFDHGEWPKMTPQERAARIYDFADHVTK
LAGRLAMAESMDAGHVINLSKFWAANGAALLRNLAHYSANSFPWEEEIPYSGNVGAPGRDYIRREPIGVCVGIIPWNFPA
SMAFWKISHAIIMGNTIVLKPATQTPLTALIIAEAAKAAGIPKGVINVITGQGREVGNLLCTHPDVDKISFTGSTSVGNN
IMKLAADSTKRVTLELGGKSANIILDDADLDAAVEGAVFGTFLHQGQVCESGTRLLVSSKIYDAFIDKLKARTEALRVGY
PLSPESHLGPLVSGKQLETVEGYVKLGLEEGATLLTGGHRVEVPGISGGHYYAPTIFTDVDNRMRIAQEEIFGPVVVVIR
FDSDEEAVAIANDSIYGLAGGVYSGSNARAQRVATQLRTGTVWINNYHAFGDFCPFGGYKQSGFGREMGASGLSEFVQVK
RVHVSAYASVGASPAMAILSDDKKTPFVQYNAPTNIISGHGSLPAIYKEMVKLGCKRAVIMTDEGVNATGLPTLVREALD
DFCVGVYDRIEQDSSLDTVDAAAAYARECGADAIVSVGGGSVIDTSKAVCVVLKNGGKCNDHMAMLRLQEPQTPHIAIPT
TSGTGSEVTNVAVIKNKAVGRKVYILDPHIVPNSTILDPRFTLGLPHRMTVTTALDAMTHSIEALTSTRSQPICDGQALQ
AIRLISENLPRVVAKPHDEAARANLQLAATMAGWAFNVAQVGLAHAMAHTLGAIHDIPHGLACGIMLPRVMRFNVDHAGH
KLALAAQALGVQTTGMDAREAGLAAAQAVEALMQSVDHPRYLSDLGVPRDNLSNLAAHAMGDAAIMFNARPVKGPQEVMA
VYEEAY
;
_entity_poly.pdbx_strand_id   C,A,B,D
#
# COMPACT_ATOMS: atom_id res chain seq x y z
N MET A 1 -30.58 -22.63 -55.02
CA MET A 1 -31.01 -21.77 -53.92
C MET A 1 -30.76 -22.45 -52.58
N ASP A 2 -30.18 -21.70 -51.64
CA ASP A 2 -29.77 -22.28 -50.38
C ASP A 2 -30.97 -22.72 -49.56
N SER A 3 -30.74 -23.71 -48.70
CA SER A 3 -31.75 -24.24 -47.80
C SER A 3 -31.21 -24.24 -46.38
N TYR A 4 -32.05 -23.85 -45.43
CA TYR A 4 -31.65 -23.71 -44.03
C TYR A 4 -32.56 -24.57 -43.15
N GLN A 5 -32.02 -25.01 -42.02
CA GLN A 5 -32.72 -25.92 -41.14
C GLN A 5 -32.67 -25.41 -39.71
N LEU A 6 -33.64 -25.84 -38.90
CA LEU A 6 -33.68 -25.48 -37.50
C LEU A 6 -32.50 -26.11 -36.76
N PHE A 7 -32.03 -25.43 -35.72
CA PHE A 7 -30.93 -25.91 -34.89
C PHE A 7 -31.49 -26.34 -33.54
N LEU A 8 -31.68 -27.64 -33.36
CA LEU A 8 -32.23 -28.18 -32.14
C LEU A 8 -31.32 -29.27 -31.59
N ASP A 9 -31.06 -29.20 -30.28
CA ASP A 9 -30.31 -30.23 -29.56
C ASP A 9 -28.93 -30.44 -30.17
N GLY A 10 -28.31 -29.35 -30.62
CA GLY A 10 -26.97 -29.42 -31.15
C GLY A 10 -26.84 -29.96 -32.55
N GLU A 11 -27.94 -30.04 -33.30
CA GLU A 11 -27.89 -30.54 -34.67
C GLU A 11 -28.92 -29.81 -35.51
N PHE A 12 -28.68 -29.79 -36.82
CA PHE A 12 -29.61 -29.18 -37.76
C PHE A 12 -30.63 -30.21 -38.22
N VAL A 13 -31.91 -29.89 -38.03
CA VAL A 13 -33.00 -30.80 -38.37
C VAL A 13 -34.08 -30.02 -39.10
N ASP A 14 -34.89 -30.75 -39.87
CA ASP A 14 -36.04 -30.15 -40.51
C ASP A 14 -37.19 -30.01 -39.52
N ALA A 15 -38.25 -29.34 -39.97
CA ALA A 15 -39.46 -29.23 -39.16
C ALA A 15 -40.12 -30.60 -39.03
N ALA A 16 -40.95 -30.74 -38.00
CA ALA A 16 -41.64 -32.01 -37.79
C ALA A 16 -42.57 -32.34 -38.95
N ASP A 17 -43.28 -31.35 -39.47
CA ASP A 17 -44.18 -31.55 -40.60
C ASP A 17 -43.51 -31.29 -41.94
N GLY A 18 -42.26 -30.82 -41.95
CA GLY A 18 -41.53 -30.61 -43.18
C GLY A 18 -41.88 -29.35 -43.94
N ARG A 19 -42.60 -28.41 -43.33
CA ARG A 19 -42.96 -27.18 -44.01
C ARG A 19 -41.78 -26.23 -44.09
N THR A 20 -41.78 -25.40 -45.14
CA THR A 20 -40.73 -24.42 -45.36
C THR A 20 -41.35 -23.13 -45.87
N PHE A 21 -40.59 -22.04 -45.75
CA PHE A 21 -40.97 -20.75 -46.30
C PHE A 21 -39.75 -20.10 -46.93
N THR A 22 -40.00 -19.11 -47.78
CA THR A 22 -38.96 -18.47 -48.56
C THR A 22 -38.73 -17.04 -48.09
N THR A 23 -37.47 -16.69 -47.84
CA THR A 23 -37.09 -15.31 -47.54
C THR A 23 -36.84 -14.56 -48.84
N THR A 24 -36.93 -13.23 -48.77
CA THR A 24 -36.84 -12.38 -49.94
C THR A 24 -35.91 -11.21 -49.66
N ASP A 25 -35.12 -10.85 -50.65
CA ASP A 25 -34.21 -9.71 -50.54
C ASP A 25 -34.98 -8.42 -50.66
N PRO A 26 -34.95 -7.53 -49.66
CA PRO A 26 -35.65 -6.24 -49.80
C PRO A 26 -35.05 -5.32 -50.85
N GLY A 27 -33.82 -5.54 -51.28
CA GLY A 27 -33.19 -4.71 -52.28
C GLY A 27 -33.67 -4.88 -53.68
N ASN A 28 -34.07 -6.09 -54.06
CA ASN A 28 -34.59 -6.32 -55.41
C ASN A 28 -35.80 -7.23 -55.45
N GLU A 29 -36.37 -7.61 -54.31
CA GLU A 29 -37.54 -8.50 -54.24
C GLU A 29 -37.30 -9.83 -54.92
N GLN A 30 -36.11 -10.39 -54.75
CA GLN A 30 -35.84 -11.73 -55.25
C GLN A 30 -35.67 -12.71 -54.09
N PRO A 31 -36.13 -13.94 -54.26
CA PRO A 31 -35.97 -14.93 -53.19
C PRO A 31 -34.50 -15.20 -52.89
N VAL A 32 -34.20 -15.42 -51.62
CA VAL A 32 -32.84 -15.63 -51.16
C VAL A 32 -32.60 -17.09 -50.79
N ALA A 33 -33.45 -17.64 -49.92
CA ALA A 33 -33.27 -19.01 -49.46
C ALA A 33 -34.58 -19.53 -48.90
N THR A 34 -34.65 -20.84 -48.72
CA THR A 34 -35.80 -21.50 -48.11
C THR A 34 -35.43 -21.94 -46.70
N VAL A 35 -36.25 -21.60 -45.73
CA VAL A 35 -36.00 -21.86 -44.32
C VAL A 35 -37.11 -22.75 -43.77
N ALA A 36 -36.74 -23.72 -42.95
CA ALA A 36 -37.73 -24.59 -42.33
C ALA A 36 -38.63 -23.80 -41.39
N GLN A 37 -39.92 -24.12 -41.40
CA GLN A 37 -40.92 -23.42 -40.61
C GLN A 37 -41.23 -24.25 -39.37
N ALA A 38 -40.80 -23.77 -38.21
CA ALA A 38 -41.04 -24.49 -36.97
C ALA A 38 -42.50 -24.39 -36.57
N GLY A 39 -43.03 -25.49 -36.02
CA GLY A 39 -44.35 -25.53 -35.45
C GLY A 39 -44.32 -25.53 -33.94
N GLU A 40 -45.43 -26.00 -33.36
CA GLU A 40 -45.50 -26.13 -31.91
C GLU A 40 -44.70 -27.33 -31.44
N ALA A 41 -44.65 -28.40 -32.24
CA ALA A 41 -43.85 -29.57 -31.88
C ALA A 41 -42.37 -29.23 -31.82
N ASP A 42 -41.87 -28.45 -32.77
CA ASP A 42 -40.47 -28.03 -32.75
C ASP A 42 -40.17 -27.12 -31.57
N ALA A 43 -41.09 -26.22 -31.23
CA ALA A 43 -40.90 -25.39 -30.05
C ALA A 43 -40.84 -26.23 -28.78
N LEU A 44 -41.73 -27.24 -28.67
CA LEU A 44 -41.68 -28.13 -27.53
C LEU A 44 -40.36 -28.88 -27.47
N ARG A 45 -39.89 -29.36 -28.63
CA ARG A 45 -38.62 -30.08 -28.67
C ARG A 45 -37.47 -29.19 -28.21
N ALA A 46 -37.46 -27.93 -28.66
CA ALA A 46 -36.42 -27.00 -28.24
C ALA A 46 -36.48 -26.76 -26.73
N ILE A 47 -37.70 -26.62 -26.20
CA ILE A 47 -37.84 -26.36 -24.77
C ILE A 47 -37.33 -27.53 -23.95
N GLU A 48 -37.69 -28.76 -24.35
CA GLU A 48 -37.18 -29.93 -23.64
C GLU A 48 -35.67 -30.07 -23.78
N ALA A 49 -35.12 -29.75 -24.95
CA ALA A 49 -33.68 -29.81 -25.14
C ALA A 49 -32.96 -28.84 -24.20
N ALA A 50 -33.46 -27.61 -24.12
CA ALA A 50 -32.85 -26.63 -23.21
C ALA A 50 -33.01 -27.04 -21.76
N ARG A 51 -34.19 -27.58 -21.40
CA ARG A 51 -34.43 -28.01 -20.03
C ARG A 51 -33.48 -29.13 -19.62
N TRP A 52 -33.28 -30.10 -20.52
CA TRP A 52 -32.34 -31.18 -20.22
C TRP A 52 -30.91 -30.67 -20.16
N ALA A 53 -30.55 -29.77 -21.06
CA ALA A 53 -29.19 -29.22 -21.04
C ALA A 53 -28.91 -28.44 -19.77
N PHE A 54 -29.93 -27.81 -19.19
CA PHE A 54 -29.72 -27.09 -17.94
C PHE A 54 -29.73 -28.03 -16.74
N ASP A 55 -30.77 -28.85 -16.62
CA ASP A 55 -30.92 -29.69 -15.43
C ASP A 55 -29.84 -30.76 -15.34
N HIS A 56 -29.48 -31.39 -16.45
CA HIS A 56 -28.55 -32.51 -16.43
C HIS A 56 -27.30 -32.32 -17.27
N GLY A 57 -27.17 -31.21 -18.00
CA GLY A 57 -25.99 -30.98 -18.79
C GLY A 57 -24.81 -30.49 -17.96
N GLU A 58 -23.65 -30.44 -18.62
CA GLU A 58 -22.44 -30.03 -17.92
C GLU A 58 -22.22 -28.52 -18.00
N TRP A 59 -23.01 -27.82 -18.81
CA TRP A 59 -22.80 -26.39 -18.99
C TRP A 59 -22.99 -25.58 -17.72
N PRO A 60 -24.10 -25.73 -16.96
CA PRO A 60 -24.23 -24.92 -15.74
C PRO A 60 -23.31 -25.35 -14.62
N LYS A 61 -22.74 -26.55 -14.68
CA LYS A 61 -21.93 -27.08 -13.59
C LYS A 61 -20.48 -26.65 -13.67
N MET A 62 -19.98 -26.37 -14.86
CA MET A 62 -18.58 -26.01 -15.03
C MET A 62 -18.32 -24.58 -14.56
N THR A 63 -17.08 -24.32 -14.15
CA THR A 63 -16.71 -23.04 -13.60
C THR A 63 -16.68 -21.97 -14.69
N PRO A 64 -16.74 -20.69 -14.30
CA PRO A 64 -16.65 -19.62 -15.31
C PRO A 64 -15.37 -19.67 -16.14
N GLN A 65 -14.25 -20.06 -15.54
CA GLN A 65 -13.01 -20.18 -16.29
C GLN A 65 -13.09 -21.30 -17.32
N GLU A 66 -13.84 -22.35 -17.02
CA GLU A 66 -14.01 -23.44 -17.99
C GLU A 66 -14.98 -23.03 -19.10
N ARG A 67 -15.98 -22.22 -18.78
CA ARG A 67 -16.88 -21.70 -19.80
C ARG A 67 -16.17 -20.71 -20.71
N ALA A 68 -15.16 -20.01 -20.17
CA ALA A 68 -14.47 -18.98 -20.93
C ALA A 68 -13.75 -19.56 -22.14
N ALA A 69 -13.12 -20.72 -21.98
CA ALA A 69 -12.42 -21.34 -23.10
C ALA A 69 -13.39 -21.72 -24.22
N ARG A 70 -14.54 -22.29 -23.86
CA ARG A 70 -15.53 -22.63 -24.87
C ARG A 70 -16.06 -21.38 -25.56
N ILE A 71 -16.25 -20.29 -24.81
CA ILE A 71 -16.69 -19.05 -25.43
C ILE A 71 -15.61 -18.50 -26.36
N TYR A 72 -14.34 -18.66 -26.01
CA TYR A 72 -13.27 -18.21 -26.89
C TYR A 72 -13.26 -19.00 -28.20
N ASP A 73 -13.44 -20.32 -28.10
CA ASP A 73 -13.53 -21.13 -29.32
C ASP A 73 -14.74 -20.71 -30.16
N PHE A 74 -15.86 -20.43 -29.51
CA PHE A 74 -17.05 -19.98 -30.21
C PHE A 74 -16.78 -18.66 -30.92
N ALA A 75 -16.09 -17.73 -30.26
CA ALA A 75 -15.77 -16.45 -30.87
C ALA A 75 -14.84 -16.62 -32.07
N ASP A 76 -13.87 -17.53 -31.96
CA ASP A 76 -12.97 -17.77 -33.09
C ASP A 76 -13.73 -18.32 -34.29
N HIS A 77 -14.61 -19.31 -34.06
CA HIS A 77 -15.38 -19.85 -35.16
C HIS A 77 -16.39 -18.84 -35.70
N VAL A 78 -16.78 -17.88 -34.87
CA VAL A 78 -17.63 -16.79 -35.35
C VAL A 78 -16.84 -15.87 -36.27
N THR A 79 -15.60 -15.53 -35.89
CA THR A 79 -14.74 -14.73 -36.76
C THR A 79 -14.49 -15.43 -38.08
N LYS A 80 -14.45 -16.77 -38.07
CA LYS A 80 -14.18 -17.50 -39.31
C LYS A 80 -15.28 -17.33 -40.36
N LEU A 81 -16.47 -16.85 -39.99
CA LEU A 81 -17.58 -16.69 -40.92
C LEU A 81 -17.95 -15.23 -41.17
N ALA A 82 -16.99 -14.31 -41.12
CA ALA A 82 -17.32 -12.89 -41.19
C ALA A 82 -17.93 -12.51 -42.53
N GLY A 83 -17.31 -12.94 -43.63
CA GLY A 83 -17.82 -12.56 -44.94
C GLY A 83 -19.19 -13.14 -45.23
N ARG A 84 -19.39 -14.41 -44.87
CA ARG A 84 -20.69 -15.04 -45.08
C ARG A 84 -21.76 -14.36 -44.25
N LEU A 85 -21.47 -14.05 -42.98
CA LEU A 85 -22.44 -13.36 -42.14
C LEU A 85 -22.77 -11.99 -42.70
N ALA A 86 -21.76 -11.24 -43.15
CA ALA A 86 -22.01 -9.91 -43.70
C ALA A 86 -22.86 -9.97 -44.96
N MET A 87 -22.53 -10.91 -45.86
CA MET A 87 -23.29 -11.03 -47.10
C MET A 87 -24.73 -11.42 -46.83
N ALA A 88 -24.93 -12.39 -45.93
CA ALA A 88 -26.29 -12.82 -45.61
C ALA A 88 -27.08 -11.69 -44.96
N GLU A 89 -26.45 -10.94 -44.06
CA GLU A 89 -27.13 -9.82 -43.43
C GLU A 89 -27.53 -8.76 -44.46
N SER A 90 -26.62 -8.44 -45.38
CA SER A 90 -26.93 -7.45 -46.40
C SER A 90 -28.07 -7.90 -47.31
N MET A 91 -28.06 -9.19 -47.70
CA MET A 91 -29.09 -9.69 -48.61
C MET A 91 -30.42 -9.90 -47.91
N ASP A 92 -30.43 -10.13 -46.60
CA ASP A 92 -31.68 -10.49 -45.93
C ASP A 92 -32.34 -9.29 -45.26
N ALA A 93 -31.56 -8.48 -44.54
CA ALA A 93 -32.13 -7.38 -43.78
C ALA A 93 -31.95 -6.03 -44.47
N GLY A 94 -31.18 -5.95 -45.55
CA GLY A 94 -30.98 -4.71 -46.25
C GLY A 94 -29.89 -3.81 -45.71
N HIS A 95 -29.08 -4.30 -44.77
CA HIS A 95 -27.94 -3.53 -44.28
C HIS A 95 -26.98 -3.27 -45.43
N VAL A 96 -26.45 -2.03 -45.49
CA VAL A 96 -25.41 -1.74 -46.46
C VAL A 96 -24.14 -2.48 -46.04
N ILE A 97 -23.30 -2.78 -47.04
CA ILE A 97 -22.14 -3.65 -46.77
C ILE A 97 -21.15 -2.95 -45.84
N ASN A 98 -21.00 -1.63 -45.95
CA ASN A 98 -20.10 -0.89 -45.08
C ASN A 98 -20.53 -0.98 -43.62
N LEU A 99 -21.82 -1.18 -43.37
CA LEU A 99 -22.33 -1.35 -42.00
C LEU A 99 -22.30 -2.82 -41.58
N SER A 100 -22.65 -3.72 -42.50
CA SER A 100 -22.82 -5.12 -42.14
C SER A 100 -21.51 -5.90 -42.12
N LYS A 101 -20.41 -5.32 -42.60
CA LYS A 101 -19.16 -6.05 -42.64
C LYS A 101 -18.49 -6.17 -41.28
N PHE A 102 -19.01 -5.51 -40.25
CA PHE A 102 -18.39 -5.53 -38.93
C PHE A 102 -19.14 -6.41 -37.92
N TRP A 103 -20.23 -7.07 -38.34
CA TRP A 103 -21.09 -7.73 -37.37
C TRP A 103 -20.40 -8.91 -36.70
N ALA A 104 -19.71 -9.76 -37.47
CA ALA A 104 -19.06 -10.92 -36.88
C ALA A 104 -17.94 -10.51 -35.94
N ALA A 105 -17.14 -9.51 -36.34
CA ALA A 105 -16.07 -9.03 -35.48
C ALA A 105 -16.62 -8.45 -34.19
N ASN A 106 -17.69 -7.65 -34.30
CA ASN A 106 -18.29 -7.07 -33.09
C ASN A 106 -18.84 -8.15 -32.18
N GLY A 107 -19.51 -9.15 -32.74
CA GLY A 107 -20.06 -10.21 -31.92
C GLY A 107 -18.99 -11.03 -31.23
N ALA A 108 -17.91 -11.36 -31.94
CA ALA A 108 -16.83 -12.11 -31.33
C ALA A 108 -16.13 -11.31 -30.25
N ALA A 109 -15.91 -10.01 -30.49
CA ALA A 109 -15.29 -9.17 -29.47
C ALA A 109 -16.17 -9.08 -28.24
N LEU A 110 -17.49 -8.95 -28.43
CA LEU A 110 -18.41 -8.91 -27.29
C LEU A 110 -18.36 -10.22 -26.52
N LEU A 111 -18.37 -11.34 -27.23
CA LEU A 111 -18.31 -12.65 -26.57
C LEU A 111 -17.04 -12.76 -25.72
N ARG A 112 -15.90 -12.42 -26.30
CA ARG A 112 -14.64 -12.54 -25.58
C ARG A 112 -14.60 -11.61 -24.37
N ASN A 113 -15.04 -10.35 -24.55
CA ASN A 113 -15.01 -9.40 -23.45
C ASN A 113 -15.92 -9.83 -22.30
N LEU A 114 -17.14 -10.26 -22.61
CA LEU A 114 -18.06 -10.66 -21.56
C LEU A 114 -17.59 -11.94 -20.87
N ALA A 115 -17.01 -12.88 -21.64
CA ALA A 115 -16.49 -14.09 -21.02
C ALA A 115 -15.33 -13.76 -20.08
N HIS A 116 -14.43 -12.88 -20.50
CA HIS A 116 -13.32 -12.49 -19.64
C HIS A 116 -13.81 -11.80 -18.38
N TYR A 117 -14.78 -10.88 -18.53
CA TYR A 117 -15.31 -10.19 -17.35
C TYR A 117 -15.98 -11.17 -16.39
N SER A 118 -16.76 -12.11 -16.92
CA SER A 118 -17.41 -13.10 -16.07
C SER A 118 -16.39 -13.97 -15.36
N ALA A 119 -15.34 -14.39 -16.06
CA ALA A 119 -14.36 -15.29 -15.45
C ALA A 119 -13.44 -14.57 -14.48
N ASN A 120 -13.26 -13.26 -14.62
CA ASN A 120 -12.24 -12.56 -13.83
C ASN A 120 -12.80 -11.56 -12.83
N SER A 121 -13.86 -10.82 -13.16
CA SER A 121 -14.29 -9.70 -12.35
C SER A 121 -15.72 -9.79 -11.81
N PHE A 122 -16.58 -10.62 -12.39
CA PHE A 122 -17.96 -10.69 -11.91
C PHE A 122 -17.99 -11.29 -10.51
N PRO A 123 -18.75 -10.69 -9.58
CA PRO A 123 -18.84 -11.21 -8.20
C PRO A 123 -19.77 -12.42 -8.08
N TRP A 124 -19.24 -13.59 -8.42
CA TRP A 124 -20.00 -14.82 -8.28
C TRP A 124 -20.26 -15.16 -6.82
N GLU A 125 -19.32 -14.84 -5.94
CA GLU A 125 -19.49 -14.99 -4.50
C GLU A 125 -19.11 -13.68 -3.83
N GLU A 126 -19.98 -13.20 -2.95
CA GLU A 126 -19.78 -11.91 -2.30
C GLU A 126 -20.02 -12.07 -0.81
N GLU A 127 -19.16 -11.45 0.00
CA GLU A 127 -19.27 -11.54 1.44
C GLU A 127 -20.21 -10.47 1.99
N ILE A 128 -20.74 -10.74 3.18
CA ILE A 128 -21.52 -9.76 3.92
C ILE A 128 -20.87 -9.61 5.29
N PRO A 129 -19.86 -8.75 5.43
CA PRO A 129 -19.16 -8.64 6.73
C PRO A 129 -20.07 -8.20 7.86
N TYR A 130 -21.04 -7.33 7.60
CA TYR A 130 -21.95 -6.82 8.61
C TYR A 130 -23.37 -7.11 8.14
N SER A 131 -24.05 -8.03 8.82
CA SER A 131 -25.39 -8.41 8.41
C SER A 131 -26.47 -7.54 9.05
N GLY A 132 -26.10 -6.73 10.04
CA GLY A 132 -27.07 -5.92 10.74
C GLY A 132 -27.82 -6.65 11.84
N ASN A 133 -27.49 -7.91 12.09
CA ASN A 133 -28.15 -8.72 13.11
C ASN A 133 -27.10 -9.25 14.07
N VAL A 134 -27.14 -8.76 15.32
CA VAL A 134 -26.20 -9.22 16.33
C VAL A 134 -26.67 -10.48 17.05
N GLY A 135 -27.93 -10.84 16.92
CA GLY A 135 -28.46 -12.03 17.54
C GLY A 135 -28.28 -13.30 16.75
N ALA A 136 -27.73 -13.21 15.53
CA ALA A 136 -27.49 -14.37 14.68
C ALA A 136 -26.06 -14.32 14.16
N PRO A 137 -25.07 -14.61 15.00
CA PRO A 137 -23.69 -14.62 14.53
C PRO A 137 -23.45 -15.75 13.55
N GLY A 138 -22.49 -15.54 12.66
CA GLY A 138 -22.18 -16.53 11.65
C GLY A 138 -21.68 -15.87 10.39
N ARG A 139 -21.45 -16.69 9.37
CA ARG A 139 -20.97 -16.22 8.09
C ARG A 139 -22.14 -16.06 7.12
N ASP A 140 -22.29 -14.86 6.58
CA ASP A 140 -23.29 -14.57 5.57
C ASP A 140 -22.58 -14.20 4.27
N TYR A 141 -23.04 -14.78 3.16
CA TYR A 141 -22.46 -14.48 1.87
C TYR A 141 -23.51 -14.74 0.79
N ILE A 142 -23.22 -14.22 -0.41
CA ILE A 142 -24.16 -14.26 -1.52
C ILE A 142 -23.62 -15.15 -2.62
N ARG A 143 -24.45 -16.08 -3.08
CA ARG A 143 -24.15 -16.90 -4.24
C ARG A 143 -25.04 -16.46 -5.41
N ARG A 144 -24.43 -16.30 -6.57
CA ARG A 144 -25.16 -15.97 -7.78
C ARG A 144 -25.15 -17.17 -8.72
N GLU A 145 -26.34 -17.55 -9.18
CA GLU A 145 -26.52 -18.79 -9.92
C GLU A 145 -27.34 -18.52 -11.18
N PRO A 146 -27.17 -19.34 -12.22
CA PRO A 146 -27.96 -19.16 -13.44
C PRO A 146 -29.45 -19.34 -13.17
N ILE A 147 -30.27 -18.64 -13.96
CA ILE A 147 -31.71 -18.69 -13.78
C ILE A 147 -32.25 -20.02 -14.28
N GLY A 148 -31.98 -20.37 -15.54
CA GLY A 148 -32.50 -21.59 -16.11
C GLY A 148 -32.62 -21.51 -17.62
N VAL A 149 -33.79 -21.86 -18.15
CA VAL A 149 -34.04 -21.79 -19.59
C VAL A 149 -34.51 -20.38 -19.92
N CYS A 150 -33.84 -19.75 -20.88
CA CYS A 150 -34.14 -18.39 -21.31
C CYS A 150 -34.67 -18.39 -22.73
N VAL A 151 -35.62 -17.51 -23.00
CA VAL A 151 -36.19 -17.34 -24.34
C VAL A 151 -35.87 -15.92 -24.79
N GLY A 152 -35.22 -15.80 -25.95
CA GLY A 152 -34.84 -14.52 -26.50
C GLY A 152 -35.53 -14.28 -27.83
N ILE A 153 -36.33 -13.22 -27.88
CA ILE A 153 -37.05 -12.83 -29.09
C ILE A 153 -36.43 -11.53 -29.59
N ILE A 154 -36.04 -11.51 -30.87
CA ILE A 154 -35.33 -10.37 -31.43
C ILE A 154 -36.09 -9.85 -32.65
N PRO A 155 -36.06 -8.54 -32.90
CA PRO A 155 -36.73 -7.99 -34.08
C PRO A 155 -35.82 -8.01 -35.31
N TRP A 156 -36.33 -7.43 -36.39
CA TRP A 156 -35.64 -7.41 -37.67
C TRP A 156 -34.69 -6.23 -37.82
N ASN A 157 -34.54 -5.39 -36.80
CA ASN A 157 -33.69 -4.20 -36.93
C ASN A 157 -32.24 -4.59 -37.11
N PHE A 158 -31.66 -5.24 -36.11
CA PHE A 158 -30.27 -5.69 -36.14
C PHE A 158 -30.22 -7.16 -35.77
N PRO A 159 -30.49 -8.05 -36.73
CA PRO A 159 -30.56 -9.48 -36.41
C PRO A 159 -29.29 -10.06 -35.82
N ALA A 160 -28.15 -9.89 -36.49
CA ALA A 160 -26.92 -10.50 -36.01
C ALA A 160 -26.50 -9.93 -34.66
N SER A 161 -26.53 -8.60 -34.53
CA SER A 161 -26.10 -7.97 -33.29
C SER A 161 -26.98 -8.39 -32.12
N MET A 162 -28.30 -8.34 -32.31
CA MET A 162 -29.20 -8.70 -31.23
C MET A 162 -29.11 -10.18 -30.89
N ALA A 163 -28.93 -11.04 -31.89
CA ALA A 163 -28.75 -12.46 -31.62
C ALA A 163 -27.48 -12.69 -30.81
N PHE A 164 -26.40 -12.00 -31.16
CA PHE A 164 -25.17 -12.10 -30.39
C PHE A 164 -25.38 -11.64 -28.96
N TRP A 165 -26.09 -10.52 -28.78
CA TRP A 165 -26.34 -10.01 -27.43
C TRP A 165 -27.08 -11.04 -26.60
N LYS A 166 -28.20 -11.55 -27.13
CA LYS A 166 -29.01 -12.52 -26.40
C LYS A 166 -28.20 -13.78 -26.07
N ILE A 167 -27.51 -14.34 -27.07
CA ILE A 167 -26.80 -15.60 -26.86
C ILE A 167 -25.69 -15.42 -25.84
N SER A 168 -24.91 -14.33 -25.97
CA SER A 168 -23.81 -14.10 -25.04
C SER A 168 -24.33 -13.93 -23.62
N HIS A 169 -25.32 -13.06 -23.44
CA HIS A 169 -25.82 -12.79 -22.08
C HIS A 169 -26.43 -14.04 -21.46
N ALA A 170 -27.10 -14.87 -22.27
CA ALA A 170 -27.72 -16.07 -21.73
C ALA A 170 -26.68 -17.12 -21.37
N ILE A 171 -25.84 -17.51 -22.32
CA ILE A 171 -25.01 -18.70 -22.13
C ILE A 171 -23.74 -18.39 -21.35
N ILE A 172 -23.28 -17.14 -21.34
CA ILE A 172 -22.05 -16.82 -20.63
C ILE A 172 -22.26 -16.97 -19.12
N MET A 173 -23.44 -16.61 -18.64
CA MET A 173 -23.76 -16.75 -17.22
C MET A 173 -24.15 -18.16 -16.83
N GLY A 174 -24.21 -19.09 -17.78
CA GLY A 174 -24.52 -20.48 -17.47
C GLY A 174 -25.91 -20.93 -17.84
N ASN A 175 -26.74 -20.07 -18.43
CA ASN A 175 -28.09 -20.45 -18.80
C ASN A 175 -28.09 -21.11 -20.18
N THR A 176 -29.26 -21.64 -20.54
CA THR A 176 -29.50 -22.20 -21.86
C THR A 176 -30.62 -21.42 -22.53
N ILE A 177 -30.43 -21.07 -23.79
CA ILE A 177 -31.29 -20.12 -24.48
C ILE A 177 -31.96 -20.80 -25.67
N VAL A 178 -33.21 -20.45 -25.90
CA VAL A 178 -33.93 -20.77 -27.13
C VAL A 178 -34.18 -19.46 -27.85
N LEU A 179 -33.61 -19.33 -29.05
CA LEU A 179 -33.62 -18.07 -29.79
C LEU A 179 -34.64 -18.14 -30.92
N LYS A 180 -35.49 -17.13 -31.00
CA LYS A 180 -36.49 -17.02 -32.06
C LYS A 180 -36.28 -15.75 -32.85
N PRO A 181 -35.65 -15.80 -34.02
CA PRO A 181 -35.43 -14.59 -34.80
C PRO A 181 -36.71 -14.10 -35.46
N ALA A 182 -36.61 -12.90 -36.03
CA ALA A 182 -37.76 -12.30 -36.71
C ALA A 182 -38.10 -13.10 -37.97
N THR A 183 -39.36 -13.00 -38.38
CA THR A 183 -39.81 -13.72 -39.57
C THR A 183 -39.09 -13.23 -40.83
N GLN A 184 -38.87 -11.92 -40.92
CA GLN A 184 -38.23 -11.35 -42.11
C GLN A 184 -36.76 -11.74 -42.23
N THR A 185 -36.04 -11.87 -41.12
CA THR A 185 -34.60 -12.07 -41.17
C THR A 185 -34.16 -13.25 -40.30
N PRO A 186 -34.31 -14.50 -40.79
CA PRO A 186 -33.93 -15.65 -39.95
C PRO A 186 -32.54 -16.21 -40.23
N LEU A 187 -31.83 -15.74 -41.25
CA LEU A 187 -30.64 -16.46 -41.72
C LEU A 187 -29.46 -16.28 -40.77
N THR A 188 -29.27 -15.08 -40.23
CA THR A 188 -28.07 -14.80 -39.44
C THR A 188 -28.02 -15.63 -38.17
N ALA A 189 -29.17 -15.85 -37.53
CA ALA A 189 -29.20 -16.69 -36.33
C ALA A 189 -28.76 -18.11 -36.65
N LEU A 190 -29.22 -18.66 -37.78
CA LEU A 190 -28.80 -19.99 -38.18
C LEU A 190 -27.31 -20.04 -38.52
N ILE A 191 -26.79 -19.00 -39.15
CA ILE A 191 -25.35 -18.98 -39.45
C ILE A 191 -24.53 -18.94 -38.16
N ILE A 192 -24.99 -18.17 -37.17
CA ILE A 192 -24.31 -18.15 -35.88
C ILE A 192 -24.43 -19.50 -35.19
N ALA A 193 -25.57 -20.17 -35.33
CA ALA A 193 -25.72 -21.52 -34.79
C ALA A 193 -24.76 -22.50 -35.45
N GLU A 194 -24.42 -22.27 -36.72
CA GLU A 194 -23.40 -23.09 -37.36
C GLU A 194 -22.06 -22.98 -36.64
N ALA A 195 -21.65 -21.76 -36.29
CA ALA A 195 -20.41 -21.57 -35.54
C ALA A 195 -20.53 -22.16 -34.15
N ALA A 196 -21.71 -22.08 -33.54
CA ALA A 196 -21.92 -22.69 -32.23
C ALA A 196 -21.74 -24.21 -32.30
N LYS A 197 -22.26 -24.84 -33.36
CA LYS A 197 -22.06 -26.27 -33.54
C LYS A 197 -20.60 -26.60 -33.79
N ALA A 198 -19.93 -25.79 -34.61
CA ALA A 198 -18.53 -26.07 -34.94
C ALA A 198 -17.63 -25.97 -33.72
N ALA A 199 -17.92 -25.04 -32.82
CA ALA A 199 -17.09 -24.79 -31.65
C ALA A 199 -17.22 -25.86 -30.58
N GLY A 200 -18.16 -26.79 -30.72
CA GLY A 200 -18.32 -27.84 -29.72
C GLY A 200 -19.08 -27.41 -28.48
N ILE A 201 -19.98 -26.45 -28.62
CA ILE A 201 -20.86 -26.09 -27.49
C ILE A 201 -21.73 -27.29 -27.14
N PRO A 202 -21.94 -27.60 -25.86
CA PRO A 202 -22.78 -28.76 -25.52
C PRO A 202 -24.18 -28.65 -26.09
N LYS A 203 -24.74 -29.80 -26.45
CA LYS A 203 -26.04 -29.83 -27.11
C LYS A 203 -27.13 -29.31 -26.17
N GLY A 204 -28.11 -28.62 -26.74
CA GLY A 204 -29.21 -28.06 -25.99
C GLY A 204 -28.95 -26.69 -25.39
N VAL A 205 -27.70 -26.23 -25.39
CA VAL A 205 -27.41 -24.91 -24.83
C VAL A 205 -27.98 -23.82 -25.72
N ILE A 206 -27.81 -23.93 -27.02
CA ILE A 206 -28.29 -22.95 -27.98
C ILE A 206 -29.27 -23.65 -28.93
N ASN A 207 -30.48 -23.11 -29.02
CA ASN A 207 -31.50 -23.59 -29.94
C ASN A 207 -32.09 -22.41 -30.69
N VAL A 208 -32.27 -22.59 -32.01
CA VAL A 208 -32.83 -21.55 -32.86
C VAL A 208 -34.02 -22.14 -33.59
N ILE A 209 -35.18 -21.50 -33.48
CA ILE A 209 -36.40 -21.92 -34.16
C ILE A 209 -36.96 -20.72 -34.92
N THR A 210 -37.34 -20.95 -36.17
CA THR A 210 -37.92 -19.92 -37.03
C THR A 210 -39.31 -20.36 -37.46
N GLY A 211 -40.30 -19.49 -37.23
CA GLY A 211 -41.67 -19.81 -37.61
C GLY A 211 -42.52 -18.58 -37.83
N GLN A 212 -43.42 -18.65 -38.80
CA GLN A 212 -44.32 -17.55 -39.08
C GLN A 212 -45.50 -17.58 -38.12
N GLY A 213 -46.31 -16.52 -38.17
CA GLY A 213 -47.42 -16.40 -37.24
C GLY A 213 -46.93 -16.06 -35.84
N ARG A 214 -47.76 -16.40 -34.85
CA ARG A 214 -47.40 -16.14 -33.46
C ARG A 214 -47.72 -17.29 -32.51
N GLU A 215 -48.06 -18.48 -33.02
CA GLU A 215 -48.30 -19.61 -32.13
C GLU A 215 -47.03 -20.04 -31.41
N VAL A 216 -45.90 -20.04 -32.12
CA VAL A 216 -44.63 -20.45 -31.52
C VAL A 216 -44.23 -19.49 -30.41
N GLY A 217 -44.38 -18.19 -30.64
CA GLY A 217 -44.05 -17.22 -29.60
C GLY A 217 -44.92 -17.37 -28.36
N ASN A 218 -46.22 -17.58 -28.55
CA ASN A 218 -47.10 -17.78 -27.41
C ASN A 218 -46.74 -19.05 -26.66
N LEU A 219 -46.42 -20.13 -27.39
CA LEU A 219 -46.01 -21.37 -26.73
C LEU A 219 -44.73 -21.16 -25.93
N LEU A 220 -43.77 -20.41 -26.49
CA LEU A 220 -42.54 -20.13 -25.76
C LEU A 220 -42.80 -19.31 -24.52
N CYS A 221 -43.68 -18.32 -24.61
CA CYS A 221 -43.90 -17.40 -23.49
C CYS A 221 -44.73 -18.06 -22.38
N THR A 222 -45.65 -18.95 -22.73
CA THR A 222 -46.56 -19.51 -21.74
C THR A 222 -46.14 -20.88 -21.23
N HIS A 223 -45.02 -21.43 -21.69
CA HIS A 223 -44.63 -22.77 -21.28
C HIS A 223 -44.12 -22.74 -19.84
N PRO A 224 -44.46 -23.73 -19.01
CA PRO A 224 -44.01 -23.71 -17.61
C PRO A 224 -42.52 -23.96 -17.43
N ASP A 225 -41.84 -24.54 -18.41
CA ASP A 225 -40.42 -24.86 -18.26
C ASP A 225 -39.51 -23.73 -18.68
N VAL A 226 -40.05 -22.59 -19.10
CA VAL A 226 -39.26 -21.42 -19.45
C VAL A 226 -39.18 -20.53 -18.22
N ASP A 227 -37.97 -20.09 -17.87
CA ASP A 227 -37.76 -19.31 -16.66
C ASP A 227 -37.69 -17.81 -16.91
N LYS A 228 -37.19 -17.39 -18.07
CA LYS A 228 -37.01 -15.97 -18.34
C LYS A 228 -37.29 -15.70 -19.81
N ILE A 229 -37.86 -14.53 -20.08
CA ILE A 229 -38.12 -14.05 -21.43
C ILE A 229 -37.43 -12.71 -21.60
N SER A 230 -36.59 -12.61 -22.63
CA SER A 230 -35.94 -11.35 -22.99
C SER A 230 -36.45 -10.95 -24.38
N PHE A 231 -37.28 -9.93 -24.43
CA PHE A 231 -38.00 -9.54 -25.64
C PHE A 231 -37.56 -8.16 -26.09
N THR A 232 -37.37 -8.00 -27.40
CA THR A 232 -37.08 -6.71 -28.02
C THR A 232 -38.03 -6.52 -29.20
N GLY A 233 -38.69 -5.37 -29.24
CA GLY A 233 -39.64 -5.12 -30.31
C GLY A 233 -40.47 -3.88 -30.03
N SER A 234 -41.72 -3.93 -30.49
CA SER A 234 -42.64 -2.82 -30.31
C SER A 234 -43.31 -2.89 -28.94
N THR A 235 -43.89 -1.76 -28.53
CA THR A 235 -44.50 -1.67 -27.21
C THR A 235 -45.74 -2.54 -27.11
N SER A 236 -46.56 -2.58 -28.17
CA SER A 236 -47.82 -3.32 -28.12
C SER A 236 -47.59 -4.81 -27.95
N VAL A 237 -46.62 -5.38 -28.68
CA VAL A 237 -46.34 -6.80 -28.54
C VAL A 237 -45.70 -7.12 -27.20
N GLY A 238 -44.85 -6.22 -26.70
CA GLY A 238 -44.23 -6.44 -25.40
C GLY A 238 -45.23 -6.43 -24.27
N ASN A 239 -46.19 -5.50 -24.33
CA ASN A 239 -47.23 -5.42 -23.30
C ASN A 239 -48.14 -6.64 -23.30
N ASN A 240 -48.24 -7.37 -24.41
CA ASN A 240 -49.02 -8.59 -24.48
C ASN A 240 -48.19 -9.79 -24.03
N ILE A 241 -46.90 -9.81 -24.38
CA ILE A 241 -46.02 -10.88 -23.94
C ILE A 241 -45.86 -10.86 -22.43
N MET A 242 -45.81 -9.66 -21.84
CA MET A 242 -45.76 -9.56 -20.38
C MET A 242 -47.03 -10.10 -19.74
N LYS A 243 -48.19 -9.80 -20.32
CA LYS A 243 -49.44 -10.35 -19.79
C LYS A 243 -49.46 -11.87 -19.91
N LEU A 244 -48.96 -12.42 -21.03
CA LEU A 244 -48.90 -13.86 -21.18
C LEU A 244 -47.97 -14.49 -20.15
N ALA A 245 -46.82 -13.87 -19.90
CA ALA A 245 -45.86 -14.44 -18.96
C ALA A 245 -46.28 -14.23 -17.51
N ALA A 246 -47.22 -13.31 -17.27
CA ALA A 246 -47.67 -13.07 -15.90
C ALA A 246 -48.34 -14.29 -15.29
N ASP A 247 -48.95 -15.15 -16.10
CA ASP A 247 -49.68 -16.30 -15.58
C ASP A 247 -48.80 -17.33 -14.91
N SER A 248 -47.49 -17.34 -15.20
CA SER A 248 -46.59 -18.31 -14.58
C SER A 248 -45.54 -17.65 -13.70
N THR A 249 -45.59 -16.33 -13.54
CA THR A 249 -44.63 -15.57 -12.74
C THR A 249 -43.20 -15.89 -13.18
N LYS A 250 -42.82 -15.43 -14.35
CA LYS A 250 -41.46 -15.60 -14.85
C LYS A 250 -40.86 -14.24 -15.20
N ARG A 251 -39.54 -14.15 -15.02
CA ARG A 251 -38.85 -12.88 -15.20
C ARG A 251 -38.89 -12.45 -16.65
N VAL A 252 -39.22 -11.18 -16.88
CA VAL A 252 -39.37 -10.62 -18.22
C VAL A 252 -38.56 -9.32 -18.29
N THR A 253 -37.78 -9.18 -19.35
CA THR A 253 -37.05 -7.96 -19.64
C THR A 253 -37.52 -7.44 -20.99
N LEU A 254 -37.95 -6.18 -21.02
CA LEU A 254 -38.55 -5.58 -22.21
C LEU A 254 -37.66 -4.46 -22.73
N GLU A 255 -37.38 -4.50 -24.03
CA GLU A 255 -36.71 -3.42 -24.73
C GLU A 255 -37.61 -2.99 -25.88
N LEU A 256 -38.24 -1.84 -25.73
CA LEU A 256 -39.24 -1.37 -26.68
C LEU A 256 -38.70 -0.17 -27.45
N GLY A 257 -39.52 0.36 -28.35
CA GLY A 257 -39.07 1.45 -29.20
C GLY A 257 -38.94 2.75 -28.45
N GLY A 258 -38.45 3.77 -29.17
CA GLY A 258 -38.25 5.08 -28.62
C GLY A 258 -38.54 6.18 -29.63
N LYS A 259 -38.54 7.41 -29.13
CA LYS A 259 -38.73 8.61 -29.91
C LYS A 259 -37.64 9.60 -29.50
N SER A 260 -36.40 9.11 -29.50
CA SER A 260 -35.28 9.82 -28.90
C SER A 260 -35.13 11.21 -29.49
N ALA A 261 -34.81 12.18 -28.62
CA ALA A 261 -34.65 13.56 -29.03
C ALA A 261 -33.17 13.91 -29.10
N ASN A 262 -32.79 14.65 -30.14
CA ASN A 262 -31.43 15.12 -30.32
C ASN A 262 -31.44 16.64 -30.16
N ILE A 263 -30.68 17.14 -29.20
CA ILE A 263 -30.73 18.54 -28.80
C ILE A 263 -29.48 19.24 -29.32
N ILE A 264 -29.66 20.36 -30.02
CA ILE A 264 -28.57 21.18 -30.50
C ILE A 264 -28.64 22.51 -29.78
N LEU A 265 -27.62 22.82 -28.98
CA LEU A 265 -27.58 24.09 -28.27
C LEU A 265 -26.93 25.16 -29.14
N ASP A 266 -27.09 26.41 -28.72
CA ASP A 266 -26.65 27.55 -29.52
C ASP A 266 -25.14 27.66 -29.64
N ASP A 267 -24.38 27.05 -28.73
CA ASP A 267 -22.92 27.08 -28.78
C ASP A 267 -22.33 25.89 -29.50
N ALA A 268 -23.16 25.01 -30.04
CA ALA A 268 -22.66 23.81 -30.71
C ALA A 268 -21.98 24.17 -32.03
N ASP A 269 -21.01 23.35 -32.43
CA ASP A 269 -20.37 23.50 -33.73
C ASP A 269 -21.32 23.02 -34.81
N LEU A 270 -21.67 23.92 -35.74
CA LEU A 270 -22.73 23.61 -36.69
C LEU A 270 -22.36 22.48 -37.63
N ASP A 271 -21.10 22.40 -38.06
CA ASP A 271 -20.71 21.31 -38.94
C ASP A 271 -20.82 19.96 -38.24
N ALA A 272 -20.23 19.85 -37.04
CA ALA A 272 -20.30 18.60 -36.29
C ALA A 272 -21.73 18.29 -35.88
N ALA A 273 -22.50 19.30 -35.49
CA ALA A 273 -23.89 19.08 -35.10
C ALA A 273 -24.71 18.56 -36.26
N VAL A 274 -24.54 19.14 -37.46
CA VAL A 274 -25.27 18.69 -38.63
C VAL A 274 -24.88 17.26 -38.98
N GLU A 275 -23.58 16.96 -38.98
CA GLU A 275 -23.14 15.61 -39.31
C GLU A 275 -23.70 14.60 -38.32
N GLY A 276 -23.64 14.92 -37.02
CA GLY A 276 -24.15 14.00 -36.02
C GLY A 276 -25.65 13.81 -36.09
N ALA A 277 -26.40 14.89 -36.33
CA ALA A 277 -27.84 14.77 -36.47
C ALA A 277 -28.21 13.91 -37.68
N VAL A 278 -27.55 14.15 -38.81
CA VAL A 278 -27.84 13.35 -40.01
C VAL A 278 -27.52 11.89 -39.76
N PHE A 279 -26.37 11.60 -39.15
CA PHE A 279 -26.01 10.22 -38.86
C PHE A 279 -27.02 9.56 -37.93
N GLY A 280 -27.29 10.20 -36.79
CA GLY A 280 -28.16 9.63 -35.79
C GLY A 280 -29.60 9.51 -36.22
N THR A 281 -30.01 10.24 -37.25
CA THR A 281 -31.36 10.09 -37.78
C THR A 281 -31.45 9.10 -38.93
N PHE A 282 -30.46 9.05 -39.82
CA PHE A 282 -30.57 8.27 -41.03
C PHE A 282 -29.66 7.04 -41.09
N LEU A 283 -29.04 6.65 -39.98
CA LEU A 283 -28.33 5.37 -39.98
C LEU A 283 -29.32 4.23 -40.15
N HIS A 284 -29.03 3.36 -41.11
CA HIS A 284 -29.90 2.23 -41.45
C HIS A 284 -31.32 2.68 -41.73
N GLN A 285 -31.45 3.77 -42.50
CA GLN A 285 -32.74 4.30 -42.95
C GLN A 285 -33.66 4.63 -41.77
N GLY A 286 -33.08 5.01 -40.64
CA GLY A 286 -33.89 5.36 -39.49
C GLY A 286 -34.59 4.20 -38.83
N GLN A 287 -34.13 2.98 -39.06
CA GLN A 287 -34.74 1.79 -38.47
C GLN A 287 -34.02 1.33 -37.21
N VAL A 288 -33.14 2.14 -36.66
CA VAL A 288 -32.51 1.85 -35.37
C VAL A 288 -33.47 2.28 -34.26
N CYS A 289 -33.46 1.52 -33.16
CA CYS A 289 -34.36 1.83 -32.05
C CYS A 289 -34.03 3.17 -31.43
N GLU A 290 -32.73 3.49 -31.30
CA GLU A 290 -32.30 4.72 -30.65
C GLU A 290 -32.18 5.90 -31.61
N SER A 291 -32.83 5.85 -32.77
CA SER A 291 -32.74 6.93 -33.74
C SER A 291 -33.25 8.24 -33.15
N GLY A 292 -32.52 9.31 -33.39
CA GLY A 292 -32.93 10.63 -32.94
C GLY A 292 -33.89 11.29 -33.90
N THR A 293 -35.12 10.79 -33.96
CA THR A 293 -36.11 11.29 -34.90
C THR A 293 -36.70 12.64 -34.50
N ARG A 294 -36.50 13.07 -33.26
CA ARG A 294 -36.89 14.40 -32.82
C ARG A 294 -35.65 15.26 -32.72
N LEU A 295 -35.56 16.30 -33.54
CA LEU A 295 -34.38 17.16 -33.61
C LEU A 295 -34.74 18.51 -33.00
N LEU A 296 -34.28 18.75 -31.78
CA LEU A 296 -34.49 20.00 -31.09
C LEU A 296 -33.34 20.95 -31.41
N VAL A 297 -33.66 22.07 -32.05
CA VAL A 297 -32.66 23.04 -32.51
C VAL A 297 -32.96 24.38 -31.88
N SER A 298 -31.94 25.03 -31.35
CA SER A 298 -32.12 26.33 -30.71
C SER A 298 -32.55 27.37 -31.72
N SER A 299 -33.32 28.36 -31.25
CA SER A 299 -33.79 29.42 -32.13
C SER A 299 -32.67 30.33 -32.60
N LYS A 300 -31.59 30.45 -31.83
CA LYS A 300 -30.50 31.34 -32.19
C LYS A 300 -29.69 30.83 -33.38
N ILE A 301 -29.75 29.52 -33.66
CA ILE A 301 -29.00 28.92 -34.75
C ILE A 301 -29.88 28.18 -35.75
N TYR A 302 -31.19 28.42 -35.73
CA TYR A 302 -32.10 27.64 -36.55
C TYR A 302 -31.85 27.87 -38.05
N ASP A 303 -31.72 29.13 -38.45
CA ASP A 303 -31.61 29.44 -39.87
C ASP A 303 -30.33 28.88 -40.47
N ALA A 304 -29.21 29.02 -39.77
CA ALA A 304 -27.95 28.48 -40.28
C ALA A 304 -27.95 26.96 -40.26
N PHE A 305 -28.57 26.36 -39.24
CA PHE A 305 -28.57 24.91 -39.12
C PHE A 305 -29.44 24.25 -40.19
N ILE A 306 -30.56 24.89 -40.54
CA ILE A 306 -31.53 24.23 -41.42
C ILE A 306 -30.96 24.05 -42.83
N ASP A 307 -30.29 25.07 -43.37
CA ASP A 307 -29.74 24.96 -44.72
C ASP A 307 -28.66 23.89 -44.79
N LYS A 308 -27.76 23.86 -43.80
CA LYS A 308 -26.71 22.85 -43.78
C LYS A 308 -27.29 21.46 -43.62
N LEU A 309 -28.32 21.31 -42.78
CA LEU A 309 -28.98 20.01 -42.63
C LEU A 309 -29.62 19.57 -43.94
N LYS A 310 -30.27 20.50 -44.64
CA LYS A 310 -30.88 20.17 -45.92
C LYS A 310 -29.85 19.70 -46.93
N ALA A 311 -28.73 20.43 -47.03
CA ALA A 311 -27.69 20.05 -47.99
C ALA A 311 -27.09 18.69 -47.63
N ARG A 312 -26.79 18.48 -46.35
CA ARG A 312 -26.21 17.22 -45.91
C ARG A 312 -27.16 16.06 -46.17
N THR A 313 -28.46 16.25 -45.94
CA THR A 313 -29.42 15.20 -46.19
C THR A 313 -29.55 14.90 -47.68
N GLU A 314 -29.57 15.94 -48.52
CA GLU A 314 -29.63 15.71 -49.96
C GLU A 314 -28.34 15.13 -50.52
N ALA A 315 -27.24 15.18 -49.76
CA ALA A 315 -26.00 14.57 -50.22
C ALA A 315 -25.97 13.06 -50.04
N LEU A 316 -26.98 12.47 -49.39
CA LEU A 316 -26.97 11.03 -49.13
C LEU A 316 -27.33 10.26 -50.39
N ARG A 317 -26.72 9.08 -50.55
CA ARG A 317 -26.93 8.22 -51.71
C ARG A 317 -27.73 6.99 -51.28
N VAL A 318 -28.81 6.70 -52.00
CA VAL A 318 -29.59 5.49 -51.76
C VAL A 318 -29.36 4.51 -52.89
N GLY A 319 -28.98 3.28 -52.56
CA GLY A 319 -28.67 2.30 -53.57
C GLY A 319 -28.73 0.89 -53.03
N TYR A 320 -28.20 -0.03 -53.82
CA TYR A 320 -28.24 -1.44 -53.45
C TYR A 320 -27.37 -1.68 -52.21
N PRO A 321 -27.83 -2.53 -51.29
CA PRO A 321 -27.03 -2.78 -50.07
C PRO A 321 -25.64 -3.32 -50.34
N LEU A 322 -25.49 -4.20 -51.34
CA LEU A 322 -24.20 -4.83 -51.59
C LEU A 322 -23.22 -3.90 -52.31
N SER A 323 -23.68 -2.77 -52.81
CA SER A 323 -22.78 -1.81 -53.42
C SER A 323 -22.06 -1.02 -52.35
N PRO A 324 -20.73 -0.98 -52.34
CA PRO A 324 -20.01 -0.22 -51.30
C PRO A 324 -20.21 1.28 -51.39
N GLU A 325 -20.70 1.79 -52.52
CA GLU A 325 -20.93 3.22 -52.67
C GLU A 325 -22.24 3.69 -52.04
N SER A 326 -23.10 2.76 -51.62
CA SER A 326 -24.41 3.13 -51.11
C SER A 326 -24.30 3.55 -49.65
N HIS A 327 -25.04 4.62 -49.29
CA HIS A 327 -25.13 5.05 -47.91
C HIS A 327 -26.42 4.57 -47.26
N LEU A 328 -27.51 4.52 -48.02
CA LEU A 328 -28.80 4.06 -47.53
C LEU A 328 -29.29 2.90 -48.38
N GLY A 329 -30.01 1.98 -47.74
CA GLY A 329 -30.59 0.86 -48.44
C GLY A 329 -32.10 0.93 -48.48
N PRO A 330 -32.75 -0.21 -48.64
CA PRO A 330 -34.21 -0.24 -48.67
C PRO A 330 -34.78 -0.49 -47.27
N LEU A 331 -36.09 -0.27 -47.17
CA LEU A 331 -36.79 -0.66 -45.95
C LEU A 331 -36.98 -2.18 -45.93
N VAL A 332 -37.26 -2.70 -44.74
CA VAL A 332 -37.22 -4.15 -44.54
C VAL A 332 -38.32 -4.87 -45.32
N SER A 333 -39.44 -4.19 -45.58
CA SER A 333 -40.55 -4.85 -46.26
C SER A 333 -41.48 -3.79 -46.83
N GLY A 334 -42.40 -4.23 -47.69
CA GLY A 334 -43.38 -3.33 -48.27
C GLY A 334 -44.35 -2.77 -47.25
N LYS A 335 -44.72 -3.56 -46.25
CA LYS A 335 -45.60 -3.07 -45.20
C LYS A 335 -44.97 -1.93 -44.42
N GLN A 336 -43.67 -2.02 -44.15
CA GLN A 336 -42.97 -0.91 -43.50
C GLN A 336 -42.99 0.33 -44.37
N LEU A 337 -42.81 0.16 -45.68
CA LEU A 337 -42.87 1.29 -46.60
C LEU A 337 -44.25 1.94 -46.58
N GLU A 338 -45.31 1.12 -46.57
CA GLU A 338 -46.66 1.67 -46.51
C GLU A 338 -46.90 2.41 -45.20
N THR A 339 -46.39 1.88 -44.08
CA THR A 339 -46.50 2.58 -42.81
C THR A 339 -45.80 3.94 -42.85
N VAL A 340 -44.60 3.98 -43.44
CA VAL A 340 -43.88 5.25 -43.54
C VAL A 340 -44.65 6.24 -44.42
N GLU A 341 -45.20 5.76 -45.53
CA GLU A 341 -46.00 6.65 -46.38
C GLU A 341 -47.22 7.18 -45.65
N GLY A 342 -47.88 6.33 -44.87
CA GLY A 342 -49.03 6.78 -44.10
C GLY A 342 -48.66 7.81 -43.07
N TYR A 343 -47.53 7.63 -42.39
CA TYR A 343 -47.09 8.62 -41.42
C TYR A 343 -46.71 9.94 -42.09
N VAL A 344 -46.11 9.88 -43.27
CA VAL A 344 -45.79 11.10 -44.01
C VAL A 344 -47.07 11.83 -44.39
N LYS A 345 -48.08 11.09 -44.85
CA LYS A 345 -49.35 11.71 -45.21
C LYS A 345 -50.01 12.35 -43.98
N LEU A 346 -49.95 11.66 -42.84
CA LEU A 346 -50.49 12.22 -41.61
C LEU A 346 -49.77 13.51 -41.22
N GLY A 347 -48.43 13.52 -41.34
CA GLY A 347 -47.68 14.72 -41.02
C GLY A 347 -48.02 15.87 -41.94
N LEU A 348 -48.23 15.58 -43.23
CA LEU A 348 -48.67 16.62 -44.15
C LEU A 348 -50.04 17.14 -43.78
N GLU A 349 -50.94 16.25 -43.36
CA GLU A 349 -52.29 16.67 -42.97
C GLU A 349 -52.25 17.56 -41.74
N GLU A 350 -51.37 17.25 -40.78
CA GLU A 350 -51.33 18.00 -39.53
C GLU A 350 -50.79 19.42 -39.69
N GLY A 351 -50.23 19.76 -40.84
CA GLY A 351 -49.74 21.10 -41.09
C GLY A 351 -48.24 21.27 -41.03
N ALA A 352 -47.48 20.20 -40.84
CA ALA A 352 -46.03 20.33 -40.87
C ALA A 352 -45.54 20.60 -42.27
N THR A 353 -44.39 21.29 -42.36
CA THR A 353 -43.83 21.70 -43.64
C THR A 353 -42.82 20.65 -44.10
N LEU A 354 -43.02 20.14 -45.31
CA LEU A 354 -42.13 19.12 -45.87
C LEU A 354 -40.91 19.80 -46.48
N LEU A 355 -39.76 19.64 -45.85
CA LEU A 355 -38.54 20.24 -46.35
C LEU A 355 -37.93 19.43 -47.50
N THR A 356 -37.63 18.16 -47.26
CA THR A 356 -37.08 17.29 -48.29
C THR A 356 -37.76 15.93 -48.23
N GLY A 357 -37.53 15.13 -49.26
CA GLY A 357 -38.01 13.76 -49.29
C GLY A 357 -39.52 13.63 -49.37
N GLY A 358 -40.04 12.56 -48.78
CA GLY A 358 -41.47 12.30 -48.83
C GLY A 358 -41.95 11.56 -50.06
N HIS A 359 -41.06 10.85 -50.75
CA HIS A 359 -41.42 10.13 -51.95
C HIS A 359 -40.51 8.91 -52.11
N ARG A 360 -40.97 7.96 -52.91
CA ARG A 360 -40.20 6.76 -53.16
C ARG A 360 -39.03 7.05 -54.09
N VAL A 361 -38.04 6.17 -54.05
CA VAL A 361 -36.80 6.33 -54.81
C VAL A 361 -36.63 5.13 -55.73
N GLU A 362 -36.29 5.40 -56.99
CA GLU A 362 -36.01 4.36 -57.98
C GLU A 362 -34.49 4.26 -58.14
N VAL A 363 -33.93 3.17 -57.67
CA VAL A 363 -32.48 2.96 -57.76
C VAL A 363 -32.14 2.57 -59.20
N PRO A 364 -31.20 3.26 -59.85
CA PRO A 364 -30.87 2.93 -61.24
C PRO A 364 -30.30 1.53 -61.38
N GLY A 365 -30.66 0.86 -62.47
CA GLY A 365 -30.19 -0.48 -62.73
C GLY A 365 -30.86 -1.57 -61.93
N ILE A 366 -31.89 -1.24 -61.15
CA ILE A 366 -32.56 -2.19 -60.28
C ILE A 366 -34.06 -2.02 -60.46
N SER A 367 -34.78 -3.13 -60.60
CA SER A 367 -36.23 -3.13 -60.66
C SER A 367 -36.79 -3.65 -59.35
N GLY A 368 -37.73 -2.90 -58.78
CA GLY A 368 -38.28 -3.27 -57.48
C GLY A 368 -37.40 -2.78 -56.34
N GLY A 369 -37.83 -3.12 -55.14
CA GLY A 369 -37.14 -2.70 -53.94
C GLY A 369 -37.91 -1.63 -53.17
N HIS A 370 -37.77 -1.67 -51.86
CA HIS A 370 -38.52 -0.79 -50.96
C HIS A 370 -37.68 0.42 -50.57
N TYR A 371 -37.40 1.27 -51.55
CA TYR A 371 -36.55 2.44 -51.35
C TYR A 371 -37.41 3.67 -51.09
N TYR A 372 -37.00 4.47 -50.11
CA TYR A 372 -37.68 5.70 -49.74
C TYR A 372 -36.65 6.80 -49.50
N ALA A 373 -36.97 8.00 -49.94
CA ALA A 373 -36.06 9.12 -49.75
C ALA A 373 -36.08 9.58 -48.30
N PRO A 374 -34.94 10.00 -47.75
CA PRO A 374 -34.94 10.58 -46.40
C PRO A 374 -35.80 11.84 -46.37
N THR A 375 -36.58 11.97 -45.29
CA THR A 375 -37.62 12.99 -45.20
C THR A 375 -37.36 13.87 -43.99
N ILE A 376 -37.54 15.18 -44.16
CA ILE A 376 -37.39 16.15 -43.09
C ILE A 376 -38.67 16.95 -42.98
N PHE A 377 -39.20 17.07 -41.76
CA PHE A 377 -40.36 17.90 -41.48
C PHE A 377 -39.95 19.07 -40.59
N THR A 378 -40.46 20.26 -40.92
CA THR A 378 -40.19 21.46 -40.15
C THR A 378 -41.51 22.09 -39.71
N ASP A 379 -41.41 23.16 -38.93
CA ASP A 379 -42.57 23.82 -38.34
C ASP A 379 -43.42 22.84 -37.53
N VAL A 380 -42.76 21.94 -36.82
CA VAL A 380 -43.45 20.87 -36.10
C VAL A 380 -43.60 21.27 -34.63
N ASP A 381 -44.82 21.11 -34.11
CA ASP A 381 -45.09 21.26 -32.69
C ASP A 381 -44.95 19.91 -32.01
N ASN A 382 -44.53 19.92 -30.75
CA ASN A 382 -44.28 18.67 -30.05
C ASN A 382 -45.49 17.81 -29.74
N ARG A 383 -46.70 18.37 -29.84
CA ARG A 383 -47.92 17.60 -29.60
C ARG A 383 -48.55 17.03 -30.88
N MET A 384 -47.86 17.18 -32.01
CA MET A 384 -48.33 16.59 -33.25
C MET A 384 -48.09 15.09 -33.09
N ARG A 385 -48.92 14.29 -33.77
CA ARG A 385 -48.79 12.85 -33.65
C ARG A 385 -47.46 12.35 -34.20
N ILE A 386 -46.98 12.98 -35.28
CA ILE A 386 -45.69 12.58 -35.85
C ILE A 386 -44.54 12.84 -34.87
N ALA A 387 -44.69 13.83 -33.99
CA ALA A 387 -43.69 14.06 -32.96
C ALA A 387 -43.90 13.18 -31.74
N GLN A 388 -45.00 12.43 -31.70
CA GLN A 388 -45.34 11.62 -30.53
C GLN A 388 -45.32 10.13 -30.80
N GLU A 389 -45.43 9.71 -32.07
CA GLU A 389 -45.52 8.30 -32.41
C GLU A 389 -44.30 7.86 -33.20
N GLU A 390 -43.78 6.68 -32.86
CA GLU A 390 -42.61 6.14 -33.52
C GLU A 390 -42.95 5.71 -34.94
N ILE A 391 -41.99 5.87 -35.85
CA ILE A 391 -42.21 5.68 -37.28
C ILE A 391 -41.44 4.47 -37.81
N PHE A 392 -40.19 4.30 -37.39
CA PHE A 392 -39.28 3.31 -37.97
C PHE A 392 -39.10 3.54 -39.47
N GLY A 393 -38.60 4.73 -39.78
CA GLY A 393 -38.35 5.12 -41.16
C GLY A 393 -37.49 6.36 -41.23
N PRO A 394 -37.05 6.71 -42.43
CA PRO A 394 -36.16 7.87 -42.61
C PRO A 394 -36.91 9.19 -42.60
N VAL A 395 -37.59 9.47 -41.49
CA VAL A 395 -38.37 10.68 -41.31
C VAL A 395 -37.93 11.36 -40.03
N VAL A 396 -37.68 12.68 -40.10
CA VAL A 396 -37.27 13.46 -38.95
C VAL A 396 -38.16 14.69 -38.86
N VAL A 397 -38.41 15.12 -37.63
CA VAL A 397 -39.17 16.35 -37.35
C VAL A 397 -38.27 17.29 -36.58
N VAL A 398 -38.27 18.56 -36.99
CA VAL A 398 -37.41 19.58 -36.38
C VAL A 398 -38.29 20.50 -35.55
N ILE A 399 -37.96 20.64 -34.27
CA ILE A 399 -38.71 21.46 -33.33
C ILE A 399 -37.75 22.47 -32.73
N ARG A 400 -38.16 23.73 -32.71
CA ARG A 400 -37.30 24.81 -32.22
C ARG A 400 -37.68 25.20 -30.79
N PHE A 401 -36.68 25.64 -30.04
CA PHE A 401 -36.86 26.05 -28.65
C PHE A 401 -36.06 27.32 -28.40
N ASP A 402 -36.28 27.92 -27.23
CA ASP A 402 -35.65 29.19 -26.89
C ASP A 402 -34.65 29.10 -25.74
N SER A 403 -34.69 28.05 -24.92
CA SER A 403 -33.79 27.96 -23.78
C SER A 403 -33.55 26.50 -23.45
N ASP A 404 -32.51 26.25 -22.65
CA ASP A 404 -32.18 24.88 -22.26
C ASP A 404 -33.27 24.24 -21.44
N GLU A 405 -33.90 25.00 -20.53
CA GLU A 405 -35.02 24.45 -19.76
C GLU A 405 -36.18 24.07 -20.67
N GLU A 406 -36.49 24.90 -21.65
CA GLU A 406 -37.55 24.57 -22.61
C GLU A 406 -37.20 23.32 -23.41
N ALA A 407 -35.92 23.20 -23.81
CA ALA A 407 -35.49 22.01 -24.54
C ALA A 407 -35.64 20.76 -23.69
N VAL A 408 -35.26 20.83 -22.42
CA VAL A 408 -35.41 19.70 -21.53
C VAL A 408 -36.88 19.33 -21.35
N ALA A 409 -37.73 20.34 -21.19
CA ALA A 409 -39.16 20.09 -21.03
C ALA A 409 -39.75 19.42 -22.28
N ILE A 410 -39.33 19.88 -23.46
CA ILE A 410 -39.82 19.28 -24.69
C ILE A 410 -39.32 17.85 -24.83
N ALA A 411 -38.04 17.60 -24.51
CA ALA A 411 -37.47 16.27 -24.66
C ALA A 411 -38.14 15.28 -23.71
N ASN A 412 -38.38 15.71 -22.46
CA ASN A 412 -39.01 14.82 -21.50
C ASN A 412 -40.50 14.65 -21.74
N ASP A 413 -41.08 15.45 -22.64
CA ASP A 413 -42.51 15.38 -22.93
C ASP A 413 -42.78 14.28 -23.96
N SER A 414 -42.59 13.05 -23.51
CA SER A 414 -42.83 11.88 -24.35
C SER A 414 -43.05 10.67 -23.46
N ILE A 415 -43.61 9.61 -24.06
CA ILE A 415 -43.85 8.38 -23.31
C ILE A 415 -42.67 7.43 -23.42
N TYR A 416 -41.65 7.77 -24.20
CA TYR A 416 -40.49 6.91 -24.38
C TYR A 416 -39.27 7.51 -23.68
N GLY A 417 -38.37 6.63 -23.26
CA GLY A 417 -37.18 7.02 -22.54
C GLY A 417 -35.93 6.27 -22.96
N LEU A 418 -35.85 5.88 -24.22
CA LEU A 418 -34.76 5.01 -24.66
C LEU A 418 -33.41 5.72 -24.65
N ALA A 419 -33.25 6.77 -25.46
CA ALA A 419 -31.97 7.44 -25.61
C ALA A 419 -32.17 8.91 -25.91
N GLY A 420 -31.05 9.61 -26.04
CA GLY A 420 -31.05 11.03 -26.35
C GLY A 420 -29.65 11.50 -26.68
N GLY A 421 -29.56 12.74 -27.13
CA GLY A 421 -28.28 13.32 -27.48
C GLY A 421 -28.28 14.82 -27.29
N VAL A 422 -27.11 15.35 -26.95
CA VAL A 422 -26.91 16.78 -26.74
C VAL A 422 -25.65 17.19 -27.49
N TYR A 423 -25.74 18.27 -28.26
CA TYR A 423 -24.60 18.86 -28.94
C TYR A 423 -24.37 20.26 -28.42
N SER A 424 -23.17 20.52 -27.93
CA SER A 424 -22.84 21.82 -27.35
C SER A 424 -21.33 21.99 -27.34
N GLY A 425 -20.91 23.26 -27.28
CA GLY A 425 -19.50 23.58 -27.21
C GLY A 425 -18.91 23.57 -25.80
N SER A 426 -19.74 23.36 -24.78
CA SER A 426 -19.31 23.34 -23.41
C SER A 426 -19.74 22.03 -22.77
N ASN A 427 -18.79 21.32 -22.15
CA ASN A 427 -19.12 20.06 -21.49
C ASN A 427 -20.03 20.29 -20.29
N ALA A 428 -19.80 21.38 -19.55
CA ALA A 428 -20.60 21.64 -18.36
C ALA A 428 -22.07 21.87 -18.72
N ARG A 429 -22.31 22.70 -19.74
CA ARG A 429 -23.69 22.97 -20.16
C ARG A 429 -24.37 21.72 -20.71
N ALA A 430 -23.64 20.94 -21.51
CA ALA A 430 -24.20 19.71 -22.06
C ALA A 430 -24.53 18.72 -20.95
N GLN A 431 -23.67 18.61 -19.94
CA GLN A 431 -23.96 17.71 -18.84
C GLN A 431 -25.11 18.21 -17.97
N ARG A 432 -25.23 19.53 -17.82
CA ARG A 432 -26.39 20.08 -17.09
C ARG A 432 -27.68 19.74 -17.82
N VAL A 433 -27.68 19.83 -19.15
CA VAL A 433 -28.86 19.43 -19.91
C VAL A 433 -29.09 17.92 -19.80
N ALA A 434 -28.01 17.15 -19.81
CA ALA A 434 -28.13 15.69 -19.87
C ALA A 434 -28.62 15.10 -18.56
N THR A 435 -28.20 15.66 -17.42
CA THR A 435 -28.59 15.09 -16.13
C THR A 435 -30.08 15.20 -15.87
N GLN A 436 -30.79 16.03 -16.62
CA GLN A 436 -32.23 16.17 -16.46
C GLN A 436 -33.05 15.33 -17.43
N LEU A 437 -32.43 14.86 -18.52
CA LEU A 437 -33.14 14.01 -19.48
C LEU A 437 -33.50 12.68 -18.84
N ARG A 438 -34.75 12.26 -19.03
CA ARG A 438 -35.23 11.00 -18.49
C ARG A 438 -35.13 9.89 -19.55
N THR A 439 -33.88 9.60 -19.93
CA THR A 439 -33.58 8.59 -20.93
C THR A 439 -32.50 7.66 -20.39
N GLY A 440 -32.48 6.43 -20.92
CA GLY A 440 -31.54 5.44 -20.45
C GLY A 440 -30.11 5.66 -20.92
N THR A 441 -29.93 6.46 -21.97
CA THR A 441 -28.60 6.73 -22.52
C THR A 441 -28.57 8.13 -23.10
N VAL A 442 -27.52 8.89 -22.78
CA VAL A 442 -27.32 10.23 -23.30
C VAL A 442 -25.95 10.29 -23.95
N TRP A 443 -25.90 10.76 -25.20
CA TRP A 443 -24.64 10.98 -25.90
C TRP A 443 -24.39 12.47 -26.01
N ILE A 444 -23.18 12.90 -25.65
CA ILE A 444 -22.77 14.29 -25.76
C ILE A 444 -21.79 14.41 -26.91
N ASN A 445 -22.14 15.20 -27.92
CA ASN A 445 -21.32 15.41 -29.11
C ASN A 445 -21.02 14.10 -29.84
N ASN A 446 -21.99 13.16 -29.81
CA ASN A 446 -21.85 11.90 -30.50
C ASN A 446 -23.24 11.27 -30.61
N TYR A 447 -23.29 10.13 -31.31
CA TYR A 447 -24.52 9.37 -31.40
C TYR A 447 -24.20 7.94 -31.81
N HIS A 448 -25.06 7.01 -31.41
CA HIS A 448 -24.89 5.58 -31.68
C HIS A 448 -23.55 5.04 -31.20
N ALA A 449 -23.05 5.57 -30.08
CA ALA A 449 -21.77 5.13 -29.53
C ALA A 449 -22.00 3.85 -28.72
N PHE A 450 -22.02 2.74 -29.44
CA PHE A 450 -22.24 1.44 -28.81
C PHE A 450 -21.02 1.03 -28.00
N GLY A 451 -21.26 0.25 -26.95
CA GLY A 451 -20.19 -0.25 -26.11
C GLY A 451 -20.47 -1.60 -25.49
N ASP A 452 -19.42 -2.38 -25.25
CA ASP A 452 -19.60 -3.71 -24.65
C ASP A 452 -19.87 -3.63 -23.17
N PHE A 453 -19.25 -2.69 -22.46
CA PHE A 453 -19.44 -2.52 -21.03
C PHE A 453 -20.29 -1.31 -20.69
N CYS A 454 -21.00 -0.74 -21.67
CA CYS A 454 -21.86 0.41 -21.44
C CYS A 454 -23.31 -0.06 -21.43
N PRO A 455 -23.98 -0.09 -20.29
CA PRO A 455 -25.36 -0.57 -20.25
C PRO A 455 -26.29 0.35 -21.02
N PHE A 456 -27.34 -0.24 -21.60
CA PHE A 456 -28.34 0.52 -22.32
C PHE A 456 -29.72 -0.09 -22.06
N GLY A 457 -30.73 0.76 -22.12
CA GLY A 457 -32.09 0.37 -21.81
C GLY A 457 -33.01 1.57 -21.88
N GLY A 458 -34.27 1.32 -21.53
CA GLY A 458 -35.28 2.35 -21.66
C GLY A 458 -35.91 2.78 -20.34
N TYR A 459 -36.29 4.04 -20.30
CA TYR A 459 -37.14 4.58 -19.24
C TYR A 459 -38.60 4.48 -19.65
N LYS A 460 -39.49 4.75 -18.70
CA LYS A 460 -40.93 4.86 -18.97
C LYS A 460 -41.46 3.66 -19.75
N GLN A 461 -42.14 3.93 -20.86
CA GLN A 461 -42.71 2.88 -21.70
C GLN A 461 -41.75 2.39 -22.78
N SER A 462 -40.45 2.63 -22.63
CA SER A 462 -39.45 2.03 -23.50
C SER A 462 -38.95 0.70 -22.97
N GLY A 463 -39.51 0.22 -21.87
CA GLY A 463 -39.13 -1.05 -21.28
C GLY A 463 -38.42 -0.88 -19.95
N PHE A 464 -37.85 -1.97 -19.48
CA PHE A 464 -37.08 -1.97 -18.24
C PHE A 464 -36.02 -3.06 -18.33
N GLY A 465 -35.01 -2.94 -17.47
CA GLY A 465 -33.86 -3.80 -17.52
C GLY A 465 -32.78 -3.23 -18.43
N ARG A 466 -31.58 -3.79 -18.29
CA ARG A 466 -30.42 -3.29 -19.00
C ARG A 466 -29.70 -4.45 -19.68
N GLU A 467 -28.90 -4.10 -20.69
CA GLU A 467 -28.03 -5.03 -21.38
C GLU A 467 -26.61 -4.50 -21.37
N MET A 468 -25.65 -5.43 -21.47
CA MET A 468 -24.22 -5.15 -21.51
C MET A 468 -23.68 -4.69 -20.17
N GLY A 469 -22.41 -4.99 -19.92
CA GLY A 469 -21.79 -4.66 -18.66
C GLY A 469 -22.24 -5.61 -17.56
N ALA A 470 -21.78 -5.29 -16.34
CA ALA A 470 -22.23 -6.04 -15.17
C ALA A 470 -23.73 -5.89 -14.97
N SER A 471 -24.28 -4.72 -15.31
CA SER A 471 -25.73 -4.53 -15.22
C SER A 471 -26.47 -5.48 -16.15
N GLY A 472 -25.97 -5.65 -17.38
CA GLY A 472 -26.59 -6.59 -18.29
C GLY A 472 -26.42 -8.03 -17.84
N LEU A 473 -25.23 -8.37 -17.33
CA LEU A 473 -24.98 -9.74 -16.91
C LEU A 473 -25.78 -10.11 -15.66
N SER A 474 -26.12 -9.13 -14.83
CA SER A 474 -26.85 -9.41 -13.60
C SER A 474 -28.30 -9.80 -13.87
N GLU A 475 -28.83 -9.50 -15.06
CA GLU A 475 -30.20 -9.87 -15.37
C GLU A 475 -30.40 -11.37 -15.53
N PHE A 476 -29.32 -12.12 -15.76
CA PHE A 476 -29.40 -13.54 -16.06
C PHE A 476 -28.87 -14.42 -14.92
N VAL A 477 -28.85 -13.90 -13.70
CA VAL A 477 -28.42 -14.68 -12.54
C VAL A 477 -29.40 -14.45 -11.40
N GLN A 478 -29.55 -15.48 -10.56
CA GLN A 478 -30.30 -15.37 -9.33
C GLN A 478 -29.38 -14.95 -8.20
N VAL A 479 -29.98 -14.52 -7.09
CA VAL A 479 -29.23 -14.13 -5.90
C VAL A 479 -29.68 -15.02 -4.76
N LYS A 480 -28.72 -15.73 -4.15
CA LYS A 480 -28.99 -16.62 -3.03
C LYS A 480 -28.16 -16.18 -1.83
N ARG A 481 -28.83 -16.03 -0.70
CA ARG A 481 -28.16 -15.67 0.56
C ARG A 481 -28.02 -16.94 1.40
N VAL A 482 -26.79 -17.25 1.80
CA VAL A 482 -26.49 -18.44 2.58
C VAL A 482 -25.95 -17.98 3.94
N HIS A 483 -26.57 -18.47 5.00
CA HIS A 483 -26.16 -18.16 6.36
C HIS A 483 -25.69 -19.43 7.04
N VAL A 484 -24.47 -19.40 7.57
CA VAL A 484 -23.88 -20.52 8.31
C VAL A 484 -23.83 -20.10 9.77
N SER A 485 -24.63 -20.75 10.60
CA SER A 485 -24.71 -20.37 12.01
C SER A 485 -23.41 -20.67 12.74
N ALA A 486 -23.02 -19.77 13.64
CA ALA A 486 -21.79 -19.95 14.39
C ALA A 486 -21.92 -21.01 15.48
N TYR A 487 -23.15 -21.30 15.93
CA TYR A 487 -23.38 -22.28 16.98
C TYR A 487 -24.40 -23.30 16.52
N ALA A 488 -24.28 -24.52 17.02
CA ALA A 488 -25.18 -25.60 16.64
C ALA A 488 -25.77 -26.26 17.87
N SER A 489 -26.25 -25.46 18.82
CA SER A 489 -26.77 -25.99 20.07
C SER A 489 -28.08 -25.33 20.41
N VAL A 490 -28.84 -25.97 21.30
CA VAL A 490 -30.13 -25.43 21.74
C VAL A 490 -29.88 -24.26 22.69
N GLY A 491 -30.64 -23.18 22.50
CA GLY A 491 -30.50 -22.00 23.32
C GLY A 491 -29.41 -21.04 22.87
N ALA A 492 -28.82 -21.27 21.70
CA ALA A 492 -27.71 -20.44 21.24
C ALA A 492 -28.17 -19.11 20.65
N SER A 493 -29.44 -18.98 20.28
CA SER A 493 -29.94 -17.78 19.62
C SER A 493 -30.99 -17.11 20.49
N PRO A 494 -30.85 -15.82 20.79
CA PRO A 494 -31.89 -15.15 21.58
C PRO A 494 -33.25 -15.10 20.90
N ALA A 495 -33.28 -15.15 19.57
CA ALA A 495 -34.56 -15.07 18.86
C ALA A 495 -35.44 -16.27 19.17
N MET A 496 -34.86 -17.46 19.24
CA MET A 496 -35.64 -18.67 19.51
C MET A 496 -36.12 -18.76 20.96
N ALA A 497 -35.64 -17.87 21.83
CA ALA A 497 -36.07 -17.87 23.23
C ALA A 497 -37.51 -17.40 23.40
N ILE A 498 -38.13 -16.86 22.35
CA ILE A 498 -39.52 -16.43 22.45
C ILE A 498 -40.44 -17.61 22.74
N LEU A 499 -40.17 -18.76 22.12
CA LEU A 499 -41.03 -19.94 22.24
C LEU A 499 -40.57 -20.89 23.35
N SER A 500 -39.94 -20.36 24.40
CA SER A 500 -39.50 -21.19 25.51
C SER A 500 -39.55 -20.38 26.79
N ASP A 501 -39.68 -21.08 27.91
CA ASP A 501 -39.70 -20.43 29.22
C ASP A 501 -38.31 -20.07 29.72
N ASP A 502 -37.26 -20.71 29.20
CA ASP A 502 -35.90 -20.39 29.59
C ASP A 502 -35.36 -19.27 28.71
N LYS A 503 -34.83 -18.23 29.35
CA LYS A 503 -34.37 -17.04 28.65
C LYS A 503 -32.87 -16.86 28.68
N LYS A 504 -32.13 -17.80 29.28
CA LYS A 504 -30.68 -17.67 29.36
C LYS A 504 -30.05 -17.82 27.98
N THR A 505 -29.11 -16.93 27.66
CA THR A 505 -28.37 -16.98 26.40
C THR A 505 -26.88 -16.89 26.71
N PRO A 506 -26.26 -18.01 27.06
CA PRO A 506 -24.87 -17.97 27.54
C PRO A 506 -23.82 -17.95 26.43
N PHE A 507 -24.20 -17.89 25.16
CA PHE A 507 -23.24 -18.00 24.07
C PHE A 507 -22.77 -16.62 23.66
N VAL A 508 -21.60 -16.23 24.16
CA VAL A 508 -20.96 -14.97 23.83
C VAL A 508 -19.48 -15.22 23.62
N GLN A 509 -18.81 -14.29 22.95
CA GLN A 509 -17.38 -14.37 22.71
C GLN A 509 -16.67 -13.31 23.53
N TYR A 510 -15.60 -13.70 24.22
CA TYR A 510 -14.92 -12.84 25.18
C TYR A 510 -13.63 -12.31 24.57
N ASN A 511 -13.34 -11.03 24.84
CA ASN A 511 -12.11 -10.41 24.36
C ASN A 511 -11.79 -9.24 25.28
N ALA A 512 -10.49 -8.99 25.46
CA ALA A 512 -10.01 -7.89 26.31
C ALA A 512 -8.65 -7.42 25.81
N PRO A 513 -8.63 -6.70 24.68
CA PRO A 513 -7.35 -6.33 24.07
C PRO A 513 -6.69 -5.09 24.66
N THR A 514 -7.31 -4.43 25.62
CA THR A 514 -6.76 -3.20 26.16
C THR A 514 -5.47 -3.48 26.92
N ASN A 515 -4.45 -2.65 26.67
CA ASN A 515 -3.18 -2.77 27.38
C ASN A 515 -3.26 -1.99 28.69
N ILE A 516 -3.20 -2.70 29.80
CA ILE A 516 -3.33 -2.07 31.11
C ILE A 516 -1.96 -1.68 31.64
N ILE A 517 -1.80 -0.41 32.00
CA ILE A 517 -0.60 0.09 32.65
C ILE A 517 -1.00 0.65 34.00
N SER A 518 -0.31 0.20 35.05
CA SER A 518 -0.68 0.58 36.41
C SER A 518 0.55 0.57 37.29
N GLY A 519 0.45 1.25 38.42
CA GLY A 519 1.51 1.32 39.41
C GLY A 519 1.91 2.75 39.72
N HIS A 520 2.78 2.87 40.72
CA HIS A 520 3.30 4.16 41.11
C HIS A 520 4.20 4.73 40.02
N GLY A 521 3.95 5.97 39.63
CA GLY A 521 4.78 6.62 38.63
C GLY A 521 4.78 5.93 37.28
N SER A 522 3.62 5.41 36.86
CA SER A 522 3.51 4.75 35.57
C SER A 522 3.08 5.69 34.46
N LEU A 523 2.83 6.96 34.76
CA LEU A 523 2.47 7.93 33.73
C LEU A 523 3.52 8.10 32.64
N PRO A 524 4.84 8.12 32.91
CA PRO A 524 5.82 8.29 31.82
C PRO A 524 5.76 7.20 30.76
N ALA A 525 5.06 6.10 31.03
CA ALA A 525 4.95 5.03 30.06
C ALA A 525 4.13 5.44 28.83
N ILE A 526 3.37 6.54 28.92
CA ILE A 526 2.60 7.02 27.78
C ILE A 526 3.53 7.44 26.65
N TYR A 527 4.74 7.90 26.98
CA TYR A 527 5.69 8.30 25.96
C TYR A 527 6.08 7.14 25.06
N LYS A 528 6.30 5.97 25.64
CA LYS A 528 6.58 4.76 24.86
C LYS A 528 5.32 4.17 24.24
N GLU A 529 4.18 4.29 24.92
CA GLU A 529 2.93 3.79 24.34
C GLU A 529 2.58 4.53 23.06
N MET A 530 2.90 5.83 23.00
CA MET A 530 2.68 6.58 21.76
C MET A 530 3.52 6.03 20.63
N VAL A 531 4.76 5.63 20.92
CA VAL A 531 5.62 5.05 19.89
C VAL A 531 5.11 3.68 19.46
N LYS A 532 4.60 2.89 20.40
CA LYS A 532 4.07 1.57 20.05
C LYS A 532 2.88 1.69 19.10
N LEU A 533 1.98 2.63 19.36
CA LEU A 533 0.80 2.81 18.53
C LEU A 533 1.10 3.50 17.21
N GLY A 534 2.33 3.99 17.02
CA GLY A 534 2.66 4.68 15.79
C GLY A 534 2.07 6.06 15.66
N CYS A 535 1.96 6.81 16.76
CA CYS A 535 1.37 8.13 16.76
C CYS A 535 2.37 9.15 17.28
N LYS A 536 2.26 10.38 16.78
CA LYS A 536 3.14 11.47 17.20
C LYS A 536 2.40 12.75 17.54
N ARG A 537 1.08 12.85 17.32
CA ARG A 537 0.34 14.10 17.52
C ARG A 537 -0.91 13.78 18.34
N ALA A 538 -0.78 13.87 19.66
CA ALA A 538 -1.90 13.58 20.55
C ALA A 538 -2.56 14.87 21.01
N VAL A 539 -3.89 14.83 21.12
CA VAL A 539 -4.68 15.93 21.66
C VAL A 539 -5.38 15.44 22.92
N ILE A 540 -5.20 16.17 24.01
CA ILE A 540 -5.76 15.77 25.30
C ILE A 540 -7.21 16.26 25.39
N MET A 541 -8.12 15.34 25.68
CA MET A 541 -9.53 15.64 25.87
C MET A 541 -9.86 15.57 27.35
N THR A 542 -10.43 16.64 27.89
CA THR A 542 -10.72 16.73 29.32
C THR A 542 -11.86 17.73 29.51
N ASP A 543 -12.10 18.11 30.76
CA ASP A 543 -13.15 19.06 31.10
C ASP A 543 -12.58 20.11 32.05
N GLU A 544 -13.41 21.09 32.37
CA GLU A 544 -12.96 22.22 33.19
C GLU A 544 -12.58 21.77 34.60
N GLY A 545 -13.37 20.91 35.21
CA GLY A 545 -13.12 20.46 36.56
C GLY A 545 -11.82 19.71 36.72
N VAL A 546 -11.55 18.79 35.78
CA VAL A 546 -10.28 18.05 35.82
C VAL A 546 -9.13 18.97 35.44
N ASN A 547 -9.34 19.86 34.47
CA ASN A 547 -8.28 20.77 34.06
C ASN A 547 -7.87 21.71 35.19
N ALA A 548 -8.79 22.03 36.10
CA ALA A 548 -8.45 22.89 37.22
C ALA A 548 -7.54 22.20 38.23
N THR A 549 -7.55 20.86 38.28
CA THR A 549 -6.73 20.15 39.25
C THR A 549 -5.28 19.99 38.80
N GLY A 550 -4.99 20.22 37.53
CA GLY A 550 -3.63 20.15 37.03
C GLY A 550 -3.18 18.79 36.52
N LEU A 551 -4.05 17.78 36.56
CA LEU A 551 -3.69 16.48 35.99
C LEU A 551 -3.43 16.53 34.49
N PRO A 552 -4.24 17.20 33.66
CA PRO A 552 -3.90 17.30 32.24
C PRO A 552 -2.55 17.96 32.00
N THR A 553 -2.11 18.86 32.88
CA THR A 553 -0.77 19.41 32.76
C THR A 553 0.28 18.32 32.96
N LEU A 554 0.07 17.43 33.93
CA LEU A 554 0.97 16.31 34.11
C LEU A 554 1.00 15.41 32.89
N VAL A 555 -0.17 15.15 32.29
CA VAL A 555 -0.22 14.33 31.09
C VAL A 555 0.52 15.00 29.94
N ARG A 556 0.35 16.32 29.80
CA ARG A 556 1.04 17.06 28.76
C ARG A 556 2.54 17.02 28.93
N GLU A 557 3.02 17.20 30.17
CA GLU A 557 4.46 17.09 30.43
C GLU A 557 4.98 15.69 30.17
N ALA A 558 4.20 14.65 30.48
CA ALA A 558 4.62 13.30 30.15
C ALA A 558 4.71 13.08 28.64
N LEU A 559 3.75 13.61 27.89
CA LEU A 559 3.77 13.46 26.44
C LEU A 559 4.89 14.27 25.80
N ASP A 560 5.25 15.41 26.40
CA ASP A 560 6.34 16.26 25.94
C ASP A 560 6.02 16.72 24.52
N ASP A 561 6.71 16.17 23.51
CA ASP A 561 6.56 16.65 22.14
C ASP A 561 5.48 15.90 21.38
N PHE A 562 4.87 14.87 21.96
CA PHE A 562 3.79 14.15 21.30
C PHE A 562 2.42 14.77 21.55
N CYS A 563 2.35 15.85 22.32
CA CYS A 563 1.10 16.55 22.58
C CYS A 563 1.06 17.83 21.77
N VAL A 564 -0.02 18.01 21.00
CA VAL A 564 -0.17 19.15 20.11
C VAL A 564 -1.36 20.02 20.45
N GLY A 565 -2.14 19.66 21.46
CA GLY A 565 -3.27 20.47 21.86
C GLY A 565 -4.06 19.91 23.02
N VAL A 566 -4.82 20.76 23.70
CA VAL A 566 -5.68 20.37 24.81
C VAL A 566 -7.06 20.94 24.59
N TYR A 567 -8.08 20.08 24.69
CA TYR A 567 -9.47 20.50 24.58
C TYR A 567 -10.16 20.23 25.91
N ASP A 568 -10.58 21.30 26.58
CA ASP A 568 -11.15 21.20 27.92
C ASP A 568 -12.63 21.59 28.01
N ARG A 569 -13.31 21.72 26.87
CA ARG A 569 -14.69 22.16 26.84
C ARG A 569 -15.74 21.06 26.93
N ILE A 570 -15.33 19.82 27.20
CA ILE A 570 -16.28 18.72 27.33
C ILE A 570 -17.17 18.95 28.55
N GLU A 571 -18.48 18.89 28.35
CA GLU A 571 -19.41 19.11 29.45
C GLU A 571 -19.92 17.79 30.03
N GLN A 572 -20.33 17.84 31.29
CA GLN A 572 -20.98 16.69 31.90
C GLN A 572 -22.29 16.46 31.15
N ASP A 573 -22.62 15.18 30.92
CA ASP A 573 -23.74 14.79 30.08
C ASP A 573 -23.59 15.39 28.68
N SER A 574 -22.53 14.95 28.00
CA SER A 574 -22.19 15.48 26.68
C SER A 574 -23.23 15.05 25.65
N SER A 575 -23.25 15.78 24.54
CA SER A 575 -24.23 15.56 23.48
C SER A 575 -23.51 15.43 22.15
N LEU A 576 -24.29 15.36 21.07
CA LEU A 576 -23.72 15.20 19.74
C LEU A 576 -22.92 16.43 19.34
N ASP A 577 -23.41 17.62 19.67
CA ASP A 577 -22.70 18.85 19.33
C ASP A 577 -21.38 18.98 20.06
N THR A 578 -21.30 18.52 21.32
CA THR A 578 -20.02 18.50 22.02
C THR A 578 -19.02 17.61 21.30
N VAL A 579 -19.46 16.44 20.86
CA VAL A 579 -18.59 15.53 20.12
C VAL A 579 -18.13 16.17 18.82
N ASP A 580 -19.05 16.83 18.12
CA ASP A 580 -18.69 17.48 16.85
C ASP A 580 -17.67 18.59 17.06
N ALA A 581 -17.86 19.41 18.09
CA ALA A 581 -16.91 20.49 18.38
C ALA A 581 -15.55 19.93 18.77
N ALA A 582 -15.53 18.90 19.62
CA ALA A 582 -14.26 18.30 20.01
C ALA A 582 -13.55 17.68 18.82
N ALA A 583 -14.30 17.02 17.94
CA ALA A 583 -13.69 16.44 16.74
C ALA A 583 -13.14 17.52 15.82
N ALA A 584 -13.85 18.63 15.67
CA ALA A 584 -13.36 19.72 14.84
C ALA A 584 -12.07 20.30 15.41
N TYR A 585 -12.03 20.50 16.73
CA TYR A 585 -10.83 21.03 17.37
C TYR A 585 -9.66 20.06 17.22
N ALA A 586 -9.92 18.76 17.36
CA ALA A 586 -8.86 17.77 17.18
C ALA A 586 -8.37 17.73 15.74
N ARG A 587 -9.28 17.89 14.77
CA ARG A 587 -8.89 17.85 13.37
C ARG A 587 -8.08 19.07 12.97
N GLU A 588 -8.44 20.25 13.49
CA GLU A 588 -7.69 21.44 13.13
C GLU A 588 -6.27 21.41 13.70
N CYS A 589 -6.05 20.60 14.74
CA CYS A 589 -4.71 20.44 15.30
C CYS A 589 -3.92 19.33 14.63
N GLY A 590 -4.50 18.63 13.66
CA GLY A 590 -3.81 17.55 12.98
C GLY A 590 -3.51 16.35 13.85
N ALA A 591 -4.44 16.00 14.75
CA ALA A 591 -4.21 14.89 15.67
C ALA A 591 -4.33 13.55 14.95
N ASP A 592 -3.54 12.59 15.42
CA ASP A 592 -3.67 11.20 15.00
C ASP A 592 -3.93 10.26 16.18
N ALA A 593 -4.00 10.78 17.39
CA ALA A 593 -4.33 9.99 18.57
C ALA A 593 -5.07 10.89 19.56
N ILE A 594 -5.88 10.27 20.42
CA ILE A 594 -6.68 10.99 21.40
C ILE A 594 -6.34 10.44 22.78
N VAL A 595 -6.04 11.35 23.71
CA VAL A 595 -5.78 11.01 25.10
C VAL A 595 -6.87 11.66 25.94
N SER A 596 -7.59 10.85 26.71
CA SER A 596 -8.70 11.32 27.52
C SER A 596 -8.31 11.26 28.99
N VAL A 597 -8.52 12.38 29.69
CA VAL A 597 -8.21 12.49 31.12
C VAL A 597 -9.48 13.00 31.79
N GLY A 598 -10.22 12.10 32.42
CA GLY A 598 -11.44 12.50 33.10
C GLY A 598 -12.30 11.30 33.44
N GLY A 599 -13.57 11.58 33.71
CA GLY A 599 -14.51 10.55 34.11
C GLY A 599 -15.07 9.79 32.92
N GLY A 600 -16.20 9.14 33.15
CA GLY A 600 -16.82 8.33 32.11
C GLY A 600 -17.32 9.14 30.95
N SER A 601 -17.86 10.33 31.23
CA SER A 601 -18.36 11.19 30.15
C SER A 601 -17.23 11.59 29.20
N VAL A 602 -16.08 11.97 29.75
CA VAL A 602 -14.94 12.36 28.92
C VAL A 602 -14.47 11.18 28.06
N ILE A 603 -14.40 9.98 28.65
CA ILE A 603 -13.91 8.83 27.92
C ILE A 603 -14.87 8.44 26.80
N ASP A 604 -16.17 8.47 27.09
CA ASP A 604 -17.15 8.17 26.05
C ASP A 604 -17.16 9.20 24.94
N THR A 605 -17.07 10.48 25.29
CA THR A 605 -16.96 11.52 24.28
C THR A 605 -15.71 11.35 23.44
N SER A 606 -14.61 10.91 24.07
CA SER A 606 -13.37 10.67 23.32
C SER A 606 -13.50 9.48 22.38
N LYS A 607 -14.23 8.44 22.80
CA LYS A 607 -14.50 7.33 21.89
C LYS A 607 -15.27 7.80 20.67
N ALA A 608 -16.31 8.60 20.90
CA ALA A 608 -17.09 9.14 19.78
C ALA A 608 -16.23 10.04 18.90
N VAL A 609 -15.36 10.84 19.50
CA VAL A 609 -14.47 11.72 18.75
C VAL A 609 -13.51 10.90 17.90
N CYS A 610 -12.98 9.80 18.43
CA CYS A 610 -12.12 8.93 17.64
C CYS A 610 -12.87 8.35 16.46
N VAL A 611 -14.12 7.90 16.67
CA VAL A 611 -14.90 7.37 15.56
C VAL A 611 -15.12 8.43 14.49
N VAL A 612 -15.47 9.65 14.90
CA VAL A 612 -15.73 10.72 13.94
C VAL A 612 -14.46 11.09 13.19
N LEU A 613 -13.33 11.17 13.90
CA LEU A 613 -12.06 11.50 13.27
C LEU A 613 -11.67 10.45 12.24
N LYS A 614 -11.86 9.17 12.57
CA LYS A 614 -11.49 8.12 11.63
C LYS A 614 -12.40 8.10 10.41
N ASN A 615 -13.72 8.18 10.62
CA ASN A 615 -14.66 8.01 9.51
C ASN A 615 -15.16 9.32 8.92
N GLY A 616 -14.94 10.45 9.57
CA GLY A 616 -15.48 11.70 9.07
C GLY A 616 -16.96 11.82 9.35
N GLY A 617 -17.57 12.83 8.73
CA GLY A 617 -18.99 13.04 8.93
C GLY A 617 -19.30 13.60 10.30
N LYS A 618 -20.54 13.39 10.72
CA LYS A 618 -21.03 13.85 12.00
C LYS A 618 -21.18 12.69 12.97
N CYS A 619 -21.35 13.03 14.25
CA CYS A 619 -21.48 12.01 15.29
C CYS A 619 -22.77 11.22 15.14
N ASN A 620 -23.85 11.88 14.72
CA ASN A 620 -25.13 11.20 14.59
C ASN A 620 -25.12 10.13 13.50
N ASP A 621 -24.18 10.22 12.55
CA ASP A 621 -24.13 9.23 11.48
C ASP A 621 -23.67 7.87 11.98
N HIS A 622 -22.80 7.84 13.00
CA HIS A 622 -22.13 6.62 13.43
C HIS A 622 -22.80 5.94 14.61
N MET A 623 -23.96 6.41 15.04
CA MET A 623 -24.67 5.81 16.18
C MET A 623 -25.32 4.50 15.72
N ALA A 624 -24.54 3.43 15.78
CA ALA A 624 -25.02 2.11 15.38
C ALA A 624 -24.42 1.06 16.29
N MET A 625 -24.73 -0.21 15.99
CA MET A 625 -24.26 -1.35 16.77
C MET A 625 -23.45 -2.26 15.88
N LEU A 626 -22.18 -2.47 16.24
CA LEU A 626 -21.27 -3.39 15.57
C LEU A 626 -21.14 -3.13 14.07
N ARG A 627 -21.05 -1.86 13.66
CA ARG A 627 -21.02 -1.56 12.24
C ARG A 627 -19.60 -1.41 11.70
N LEU A 628 -18.71 -0.77 12.45
CA LEU A 628 -17.36 -0.53 11.95
C LEU A 628 -16.59 -1.84 11.82
N GLN A 629 -15.71 -1.90 10.83
CA GLN A 629 -15.01 -3.13 10.49
C GLN A 629 -13.50 -3.05 10.71
N GLU A 630 -12.96 -1.88 11.02
CA GLU A 630 -11.52 -1.70 11.13
C GLU A 630 -11.24 -0.84 12.36
N PRO A 631 -10.01 -0.91 12.90
CA PRO A 631 -9.68 -0.11 14.08
C PRO A 631 -9.80 1.39 13.78
N GLN A 632 -10.25 2.13 14.79
CA GLN A 632 -10.45 3.57 14.69
C GLN A 632 -9.18 4.29 15.10
N THR A 633 -9.29 5.60 15.33
CA THR A 633 -8.16 6.39 15.78
C THR A 633 -7.67 5.87 17.13
N PRO A 634 -6.36 5.76 17.34
CA PRO A 634 -5.85 5.25 18.61
C PRO A 634 -6.30 6.12 19.78
N HIS A 635 -6.58 5.46 20.91
CA HIS A 635 -7.16 6.11 22.08
C HIS A 635 -6.46 5.62 23.33
N ILE A 636 -6.06 6.56 24.18
CA ILE A 636 -5.49 6.26 25.49
C ILE A 636 -6.37 6.92 26.54
N ALA A 637 -6.87 6.14 27.49
CA ALA A 637 -7.78 6.62 28.50
C ALA A 637 -7.09 6.68 29.85
N ILE A 638 -7.20 7.83 30.54
CA ILE A 638 -6.61 8.00 31.85
C ILE A 638 -7.74 8.38 32.83
N PRO A 639 -8.37 7.41 33.47
CA PRO A 639 -9.50 7.74 34.36
C PRO A 639 -9.05 8.52 35.57
N THR A 640 -9.94 9.39 36.05
CA THR A 640 -9.73 10.15 37.28
C THR A 640 -10.77 9.85 38.33
N THR A 641 -11.62 8.86 38.10
CA THR A 641 -12.64 8.42 39.06
C THR A 641 -12.38 6.96 39.41
N SER A 642 -12.74 6.58 40.63
CA SER A 642 -12.37 5.25 41.12
C SER A 642 -13.30 4.18 40.56
N GLY A 643 -14.29 4.57 39.77
CA GLY A 643 -14.91 3.61 38.88
C GLY A 643 -15.99 4.13 37.95
N THR A 644 -15.83 3.87 36.67
CA THR A 644 -16.91 3.91 35.69
C THR A 644 -16.78 2.74 34.74
N GLY A 645 -15.56 2.19 34.64
CA GLY A 645 -15.26 1.09 33.76
C GLY A 645 -15.12 1.44 32.30
N SER A 646 -15.30 2.71 31.92
CA SER A 646 -15.38 3.09 30.52
C SER A 646 -14.04 2.94 29.79
N GLU A 647 -12.93 2.80 30.51
CA GLU A 647 -11.64 2.70 29.86
C GLU A 647 -11.41 1.37 29.17
N VAL A 648 -12.28 0.37 29.41
CA VAL A 648 -12.13 -0.95 28.80
C VAL A 648 -13.41 -1.45 28.16
N THR A 649 -14.48 -0.66 28.12
CA THR A 649 -15.73 -1.11 27.55
C THR A 649 -15.86 -0.67 26.10
N ASN A 650 -16.76 -1.33 25.38
CA ASN A 650 -16.97 -1.10 23.96
C ASN A 650 -18.21 -0.27 23.66
N VAL A 651 -18.76 0.42 24.66
CA VAL A 651 -19.99 1.18 24.48
C VAL A 651 -19.76 2.63 24.91
N ALA A 652 -20.36 3.55 24.17
CA ALA A 652 -20.32 4.97 24.49
C ALA A 652 -21.74 5.52 24.41
N VAL A 653 -22.14 6.25 25.45
CA VAL A 653 -23.49 6.77 25.57
C VAL A 653 -23.43 8.28 25.37
N ILE A 654 -24.23 8.78 24.43
CA ILE A 654 -24.25 10.20 24.07
C ILE A 654 -25.70 10.65 24.11
N LYS A 655 -25.93 11.83 24.66
CA LYS A 655 -27.27 12.39 24.72
C LYS A 655 -27.62 13.04 23.39
N ASN A 656 -28.87 12.87 22.96
CA ASN A 656 -29.38 13.50 21.74
C ASN A 656 -30.37 14.58 22.18
N LYS A 657 -29.89 15.83 22.22
CA LYS A 657 -30.71 16.93 22.74
C LYS A 657 -31.93 17.20 21.88
N ALA A 658 -31.86 16.94 20.57
CA ALA A 658 -33.03 17.12 19.70
C ALA A 658 -34.08 16.04 19.91
N VAL A 659 -33.78 15.00 20.68
CA VAL A 659 -34.70 13.90 20.91
C VAL A 659 -34.91 13.74 22.41
N GLY A 660 -33.95 14.22 23.19
CA GLY A 660 -34.00 14.03 24.62
C GLY A 660 -33.84 12.59 25.07
N ARG A 661 -32.97 11.84 24.40
CA ARG A 661 -32.76 10.43 24.69
C ARG A 661 -31.30 10.09 24.50
N LYS A 662 -30.76 9.28 25.41
CA LYS A 662 -29.36 8.87 25.33
C LYS A 662 -29.22 7.79 24.25
N VAL A 663 -28.42 8.07 23.23
CA VAL A 663 -28.21 7.12 22.15
C VAL A 663 -26.91 6.36 22.40
N TYR A 664 -26.74 5.26 21.67
CA TYR A 664 -25.64 4.34 21.91
C TYR A 664 -24.81 4.15 20.64
N ILE A 665 -23.52 3.90 20.83
CA ILE A 665 -22.66 3.32 19.82
C ILE A 665 -21.91 2.15 20.46
N LEU A 666 -22.05 0.97 19.87
CA LEU A 666 -21.55 -0.26 20.47
C LEU A 666 -20.69 -0.99 19.45
N ASP A 667 -19.39 -1.13 19.73
CA ASP A 667 -18.47 -1.73 18.78
C ASP A 667 -17.21 -2.17 19.47
N PRO A 668 -16.69 -3.36 19.20
CA PRO A 668 -15.39 -3.75 19.76
C PRO A 668 -14.23 -2.89 19.27
N HIS A 669 -14.39 -2.17 18.16
CA HIS A 669 -13.30 -1.37 17.62
C HIS A 669 -13.20 0.00 18.25
N ILE A 670 -14.13 0.39 19.13
CA ILE A 670 -14.04 1.65 19.84
C ILE A 670 -13.47 1.47 21.24
N VAL A 671 -13.06 0.26 21.61
CA VAL A 671 -12.39 0.03 22.89
C VAL A 671 -11.06 0.77 22.89
N PRO A 672 -10.71 1.48 23.97
CA PRO A 672 -9.43 2.20 24.00
C PRO A 672 -8.25 1.23 23.84
N ASN A 673 -7.22 1.70 23.13
CA ASN A 673 -6.06 0.86 22.89
C ASN A 673 -5.27 0.61 24.17
N SER A 674 -5.26 1.59 25.08
CA SER A 674 -4.49 1.48 26.31
C SER A 674 -5.11 2.35 27.38
N THR A 675 -4.74 2.08 28.63
CA THR A 675 -5.16 2.88 29.76
C THR A 675 -4.05 2.92 30.79
N ILE A 676 -3.99 4.00 31.56
CA ILE A 676 -2.97 4.20 32.58
C ILE A 676 -3.67 4.35 33.92
N LEU A 677 -3.38 3.43 34.84
CA LEU A 677 -3.94 3.51 36.18
C LEU A 677 -2.94 4.10 37.16
N ASP A 678 -2.75 5.41 37.10
CA ASP A 678 -1.85 6.10 38.02
C ASP A 678 -2.64 6.57 39.24
N PRO A 679 -2.22 6.20 40.46
CA PRO A 679 -2.99 6.62 41.64
C PRO A 679 -3.01 8.12 41.86
N ARG A 680 -2.12 8.89 41.22
CA ARG A 680 -2.15 10.34 41.35
C ARG A 680 -3.45 10.91 40.83
N PHE A 681 -4.07 10.26 39.84
CA PHE A 681 -5.27 10.79 39.21
C PHE A 681 -6.52 10.58 40.05
N THR A 682 -6.44 9.77 41.11
CA THR A 682 -7.54 9.58 42.03
C THR A 682 -7.19 9.87 43.48
N LEU A 683 -5.95 10.26 43.78
CA LEU A 683 -5.57 10.54 45.16
C LEU A 683 -6.33 11.71 45.74
N GLY A 684 -6.57 12.75 44.95
CA GLY A 684 -7.26 13.93 45.40
C GLY A 684 -8.75 13.92 45.26
N LEU A 685 -9.34 12.79 44.90
CA LEU A 685 -10.79 12.72 44.69
C LEU A 685 -11.51 12.92 46.03
N PRO A 686 -12.58 13.72 46.05
CA PRO A 686 -13.30 13.95 47.31
C PRO A 686 -14.02 12.70 47.80
N HIS A 687 -14.67 12.85 48.95
CA HIS A 687 -15.33 11.71 49.59
C HIS A 687 -16.58 11.29 48.83
N ARG A 688 -17.42 12.25 48.44
CA ARG A 688 -18.65 11.93 47.75
C ARG A 688 -18.38 11.23 46.42
N MET A 689 -17.45 11.77 45.63
CA MET A 689 -17.11 11.14 44.36
C MET A 689 -16.53 9.75 44.58
N THR A 690 -15.68 9.59 45.59
CA THR A 690 -15.09 8.28 45.88
C THR A 690 -16.16 7.25 46.16
N VAL A 691 -17.08 7.56 47.09
CA VAL A 691 -18.08 6.58 47.47
C VAL A 691 -19.05 6.30 46.32
N THR A 692 -19.44 7.35 45.58
CA THR A 692 -20.35 7.13 44.46
C THR A 692 -19.73 6.27 43.37
N THR A 693 -18.47 6.52 43.02
CA THR A 693 -17.83 5.72 41.98
C THR A 693 -17.57 4.29 42.46
N ALA A 694 -17.20 4.12 43.72
CA ALA A 694 -17.03 2.77 44.25
C ALA A 694 -18.33 1.99 44.22
N LEU A 695 -19.43 2.64 44.59
CA LEU A 695 -20.74 1.97 44.52
C LEU A 695 -21.18 1.72 43.08
N ASP A 696 -20.80 2.60 42.14
CA ASP A 696 -21.09 2.33 40.73
C ASP A 696 -20.33 1.09 40.25
N ALA A 697 -19.06 0.96 40.62
CA ALA A 697 -18.31 -0.23 40.26
C ALA A 697 -18.90 -1.48 40.90
N MET A 698 -19.33 -1.37 42.16
CA MET A 698 -19.97 -2.49 42.83
C MET A 698 -21.26 -2.90 42.12
N THR A 699 -22.05 -1.91 41.69
CA THR A 699 -23.27 -2.20 40.94
C THR A 699 -22.95 -2.89 39.62
N HIS A 700 -21.92 -2.42 38.92
CA HIS A 700 -21.47 -3.09 37.71
C HIS A 700 -21.15 -4.55 37.97
N SER A 701 -20.34 -4.81 38.99
CA SER A 701 -19.90 -6.18 39.27
C SER A 701 -21.07 -7.07 39.68
N ILE A 702 -21.98 -6.54 40.49
CA ILE A 702 -23.10 -7.35 40.97
C ILE A 702 -24.08 -7.64 39.84
N GLU A 703 -24.40 -6.63 39.02
CA GLU A 703 -25.31 -6.86 37.91
C GLU A 703 -24.72 -7.81 36.88
N ALA A 704 -23.40 -7.71 36.63
CA ALA A 704 -22.77 -8.62 35.68
C ALA A 704 -22.84 -10.05 36.17
N LEU A 705 -22.80 -10.25 37.48
CA LEU A 705 -22.86 -11.59 38.05
C LEU A 705 -24.26 -12.19 37.99
N THR A 706 -25.27 -11.39 37.62
CA THR A 706 -26.66 -11.83 37.68
C THR A 706 -27.36 -11.84 36.32
N SER A 707 -26.83 -11.14 35.32
CA SER A 707 -27.52 -10.97 34.05
C SER A 707 -27.71 -12.31 33.35
N THR A 708 -28.56 -12.30 32.32
CA THR A 708 -28.85 -13.49 31.53
C THR A 708 -27.66 -13.98 30.74
N ARG A 709 -26.66 -13.12 30.50
CA ARG A 709 -25.49 -13.49 29.72
C ARG A 709 -24.25 -13.68 30.58
N SER A 710 -24.42 -14.03 31.86
CA SER A 710 -23.27 -14.20 32.74
C SER A 710 -22.45 -15.42 32.34
N GLN A 711 -21.13 -15.28 32.40
CA GLN A 711 -20.19 -16.33 32.04
C GLN A 711 -19.17 -16.46 33.16
N PRO A 712 -18.54 -17.62 33.29
CA PRO A 712 -17.58 -17.82 34.40
C PRO A 712 -16.42 -16.84 34.42
N ILE A 713 -15.93 -16.41 33.25
CA ILE A 713 -14.87 -15.40 33.23
C ILE A 713 -15.39 -14.08 33.81
N CYS A 714 -16.57 -13.66 33.36
CA CYS A 714 -17.20 -12.46 33.92
C CYS A 714 -17.49 -12.64 35.40
N ASP A 715 -17.86 -13.86 35.81
CA ASP A 715 -18.08 -14.12 37.22
C ASP A 715 -16.81 -13.93 38.03
N GLY A 716 -15.68 -14.42 37.51
CA GLY A 716 -14.41 -14.21 38.21
C GLY A 716 -14.04 -12.75 38.31
N GLN A 717 -14.19 -12.01 37.21
CA GLN A 717 -13.90 -10.57 37.24
C GLN A 717 -14.78 -9.86 38.26
N ALA A 718 -16.08 -10.16 38.24
CA ALA A 718 -17.02 -9.49 39.15
C ALA A 718 -16.70 -9.82 40.60
N LEU A 719 -16.41 -11.09 40.90
CA LEU A 719 -16.10 -11.45 42.27
C LEU A 719 -14.81 -10.81 42.77
N GLN A 720 -13.77 -10.79 41.94
CA GLN A 720 -12.53 -10.15 42.36
C GLN A 720 -12.74 -8.65 42.58
N ALA A 721 -13.51 -8.00 41.70
CA ALA A 721 -13.80 -6.58 41.87
C ALA A 721 -14.58 -6.33 43.14
N ILE A 722 -15.58 -7.17 43.43
CA ILE A 722 -16.38 -7.01 44.64
C ILE A 722 -15.51 -7.15 45.87
N ARG A 723 -14.63 -8.16 45.87
CA ARG A 723 -13.74 -8.36 47.01
C ARG A 723 -12.83 -7.16 47.22
N LEU A 724 -12.23 -6.65 46.14
CA LEU A 724 -11.33 -5.51 46.27
C LEU A 724 -12.06 -4.27 46.77
N ILE A 725 -13.25 -4.00 46.22
CA ILE A 725 -14.01 -2.83 46.65
C ILE A 725 -14.38 -2.95 48.12
N SER A 726 -14.90 -4.12 48.53
CA SER A 726 -15.30 -4.30 49.92
C SER A 726 -14.12 -4.14 50.87
N GLU A 727 -12.95 -4.65 50.48
CA GLU A 727 -11.79 -4.56 51.36
C GLU A 727 -11.23 -3.14 51.41
N ASN A 728 -11.25 -2.41 50.30
CA ASN A 728 -10.45 -1.20 50.20
C ASN A 728 -11.24 0.10 50.33
N LEU A 729 -12.58 0.07 50.16
CA LEU A 729 -13.33 1.33 50.29
C LEU A 729 -13.25 1.92 51.69
N PRO A 730 -13.42 1.15 52.78
CA PRO A 730 -13.22 1.74 54.12
C PRO A 730 -11.84 2.32 54.32
N ARG A 731 -10.80 1.69 53.75
CA ARG A 731 -9.45 2.21 53.89
C ARG A 731 -9.32 3.57 53.21
N VAL A 732 -9.93 3.72 52.03
CA VAL A 732 -9.88 5.01 51.33
C VAL A 732 -10.66 6.06 52.10
N VAL A 733 -11.84 5.70 52.61
CA VAL A 733 -12.65 6.68 53.34
C VAL A 733 -11.93 7.14 54.60
N ALA A 734 -11.34 6.21 55.34
CA ALA A 734 -10.65 6.58 56.57
C ALA A 734 -9.30 7.24 56.29
N LYS A 735 -8.61 6.79 55.25
CA LYS A 735 -7.22 7.19 55.01
C LYS A 735 -7.17 7.72 53.58
N PRO A 736 -7.61 8.97 53.36
CA PRO A 736 -7.89 9.43 51.99
C PRO A 736 -6.72 9.32 51.03
N HIS A 737 -5.50 9.64 51.45
CA HIS A 737 -4.32 9.52 50.59
C HIS A 737 -3.55 8.22 50.81
N ASP A 738 -4.25 7.13 51.13
CA ASP A 738 -3.64 5.80 51.07
C ASP A 738 -3.51 5.36 49.62
N GLU A 739 -2.28 5.27 49.12
CA GLU A 739 -2.07 5.06 47.69
C GLU A 739 -2.42 3.63 47.28
N ALA A 740 -2.08 2.65 48.11
CA ALA A 740 -2.34 1.25 47.76
C ALA A 740 -3.83 0.99 47.61
N ALA A 741 -4.64 1.54 48.51
CA ALA A 741 -6.08 1.36 48.43
C ALA A 741 -6.65 2.03 47.19
N ARG A 742 -6.12 3.20 46.82
CA ARG A 742 -6.56 3.87 45.60
C ARG A 742 -6.25 3.02 44.37
N ALA A 743 -5.05 2.44 44.33
CA ALA A 743 -4.69 1.57 43.21
C ALA A 743 -5.59 0.34 43.16
N ASN A 744 -5.90 -0.23 44.33
CA ASN A 744 -6.79 -1.38 44.37
C ASN A 744 -8.18 -1.02 43.86
N LEU A 745 -8.68 0.16 44.23
CA LEU A 745 -9.97 0.61 43.71
C LEU A 745 -9.94 0.80 42.21
N GLN A 746 -8.84 1.35 41.67
CA GLN A 746 -8.73 1.51 40.22
C GLN A 746 -8.76 0.16 39.51
N LEU A 747 -8.02 -0.81 40.05
CA LEU A 747 -8.02 -2.14 39.43
C LEU A 747 -9.39 -2.80 39.53
N ALA A 748 -10.07 -2.62 40.67
CA ALA A 748 -11.42 -3.15 40.82
C ALA A 748 -12.37 -2.54 39.81
N ALA A 749 -12.25 -1.23 39.56
CA ALA A 749 -13.07 -0.58 38.56
C ALA A 749 -12.79 -1.14 37.16
N THR A 750 -11.51 -1.35 36.84
CA THR A 750 -11.17 -1.90 35.53
C THR A 750 -11.74 -3.30 35.35
N MET A 751 -11.66 -4.13 36.39
CA MET A 751 -12.18 -5.49 36.28
C MET A 751 -13.72 -5.50 36.23
N ALA A 752 -14.37 -4.59 36.95
CA ALA A 752 -15.82 -4.49 36.85
C ALA A 752 -16.24 -4.04 35.45
N GLY A 753 -15.47 -3.13 34.85
CA GLY A 753 -15.73 -2.75 33.47
C GLY A 753 -15.58 -3.94 32.53
N TRP A 754 -14.51 -4.71 32.71
CA TRP A 754 -14.33 -5.94 31.94
C TRP A 754 -15.53 -6.87 32.11
N ALA A 755 -16.05 -6.97 33.33
CA ALA A 755 -17.16 -7.88 33.59
C ALA A 755 -18.42 -7.45 32.86
N PHE A 756 -18.82 -6.18 33.03
CA PHE A 756 -20.12 -5.80 32.46
C PHE A 756 -20.01 -5.44 30.99
N ASN A 757 -18.79 -5.37 30.44
CA ASN A 757 -18.64 -5.25 29.01
C ASN A 757 -19.22 -6.45 28.28
N VAL A 758 -19.09 -7.63 28.85
CA VAL A 758 -19.58 -8.86 28.23
C VAL A 758 -20.89 -9.31 28.86
N ALA A 759 -21.00 -9.24 30.19
CA ALA A 759 -22.20 -9.73 30.86
C ALA A 759 -23.39 -8.79 30.71
N GLN A 760 -23.15 -7.51 30.41
CA GLN A 760 -24.19 -6.49 30.25
C GLN A 760 -24.91 -6.17 31.56
N VAL A 761 -25.36 -4.92 31.70
CA VAL A 761 -26.04 -4.47 32.90
C VAL A 761 -27.54 -4.74 32.78
N GLY A 762 -28.25 -4.62 33.90
CA GLY A 762 -29.68 -4.95 33.95
C GLY A 762 -30.53 -3.71 34.16
N LEU A 763 -31.53 -3.85 35.03
CA LEU A 763 -32.54 -2.81 35.20
C LEU A 763 -31.99 -1.57 35.89
N ALA A 764 -31.01 -1.73 36.77
CA ALA A 764 -30.52 -0.61 37.55
C ALA A 764 -29.97 0.50 36.66
N HIS A 765 -29.21 0.13 35.63
CA HIS A 765 -28.68 1.14 34.72
C HIS A 765 -29.76 1.69 33.80
N ALA A 766 -30.76 0.89 33.47
CA ALA A 766 -31.90 1.41 32.72
C ALA A 766 -32.61 2.51 33.51
N MET A 767 -32.69 2.35 34.82
CA MET A 767 -33.29 3.38 35.66
C MET A 767 -32.37 4.59 35.81
N ALA A 768 -31.07 4.34 36.02
CA ALA A 768 -30.12 5.41 36.25
C ALA A 768 -29.97 6.30 35.03
N HIS A 769 -30.03 5.71 33.83
CA HIS A 769 -29.90 6.51 32.62
C HIS A 769 -31.06 7.49 32.47
N THR A 770 -32.28 7.04 32.73
CA THR A 770 -33.42 7.97 32.70
C THR A 770 -33.33 9.01 33.79
N LEU A 771 -32.89 8.62 34.98
CA LEU A 771 -32.72 9.60 36.06
C LEU A 771 -31.73 10.69 35.64
N GLY A 772 -30.59 10.29 35.07
CA GLY A 772 -29.61 11.27 34.63
C GLY A 772 -30.09 12.11 33.47
N ALA A 773 -30.84 11.51 32.54
CA ALA A 773 -31.29 12.24 31.37
C ALA A 773 -32.36 13.26 31.73
N ILE A 774 -33.22 12.95 32.69
CA ILE A 774 -34.31 13.86 33.02
C ILE A 774 -33.95 14.85 34.12
N HIS A 775 -33.32 14.38 35.20
CA HIS A 775 -33.07 15.22 36.36
C HIS A 775 -31.60 15.56 36.55
N ASP A 776 -30.74 15.25 35.57
CA ASP A 776 -29.31 15.54 35.62
C ASP A 776 -28.62 14.88 36.81
N ILE A 777 -29.16 13.77 37.29
CA ILE A 777 -28.58 13.07 38.44
C ILE A 777 -27.32 12.34 38.01
N PRO A 778 -26.23 12.40 38.78
CA PRO A 778 -25.02 11.68 38.40
C PRO A 778 -25.23 10.18 38.38
N HIS A 779 -24.45 9.50 37.53
CA HIS A 779 -24.62 8.07 37.31
C HIS A 779 -24.34 7.26 38.58
N GLY A 780 -23.28 7.62 39.30
CA GLY A 780 -22.87 6.84 40.45
C GLY A 780 -23.89 6.82 41.57
N LEU A 781 -24.43 7.99 41.93
CA LEU A 781 -25.45 8.06 42.98
C LEU A 781 -26.68 7.26 42.60
N ALA A 782 -27.13 7.41 41.35
CA ALA A 782 -28.31 6.69 40.89
C ALA A 782 -28.10 5.19 40.92
N CYS A 783 -26.93 4.72 40.49
CA CYS A 783 -26.66 3.28 40.53
C CYS A 783 -26.59 2.78 41.98
N GLY A 784 -25.93 3.55 42.85
CA GLY A 784 -25.77 3.11 44.22
C GLY A 784 -27.08 3.01 44.98
N ILE A 785 -27.96 4.00 44.80
CA ILE A 785 -29.21 4.00 45.54
C ILE A 785 -30.19 2.95 45.06
N MET A 786 -30.03 2.41 43.85
CA MET A 786 -30.93 1.39 43.34
C MET A 786 -30.31 0.00 43.29
N LEU A 787 -29.03 -0.16 43.60
CA LEU A 787 -28.43 -1.49 43.56
C LEU A 787 -29.12 -2.50 44.48
N PRO A 788 -29.32 -2.21 45.78
CA PRO A 788 -29.87 -3.26 46.66
C PRO A 788 -31.34 -3.53 46.42
N ARG A 789 -32.11 -2.51 46.04
CA ARG A 789 -33.51 -2.73 45.71
C ARG A 789 -33.67 -3.57 44.46
N VAL A 790 -32.78 -3.38 43.48
CA VAL A 790 -32.76 -4.25 42.31
C VAL A 790 -32.33 -5.67 42.71
N MET A 791 -31.38 -5.77 43.65
CA MET A 791 -30.96 -7.08 44.13
C MET A 791 -32.12 -7.85 44.74
N ARG A 792 -32.92 -7.18 45.57
CA ARG A 792 -34.09 -7.82 46.15
C ARG A 792 -35.16 -8.07 45.10
N PHE A 793 -35.24 -7.21 44.09
CA PHE A 793 -36.19 -7.40 43.01
C PHE A 793 -35.90 -8.67 42.24
N ASN A 794 -34.62 -8.99 42.04
CA ASN A 794 -34.20 -10.17 41.30
C ASN A 794 -33.79 -11.33 42.20
N VAL A 795 -34.17 -11.30 43.48
CA VAL A 795 -33.63 -12.25 44.45
C VAL A 795 -34.12 -13.68 44.20
N ASP A 796 -35.26 -13.86 43.52
CA ASP A 796 -35.85 -15.17 43.34
C ASP A 796 -35.48 -15.82 42.01
N HIS A 797 -35.31 -15.03 40.95
CA HIS A 797 -34.87 -15.58 39.67
C HIS A 797 -33.35 -15.65 39.54
N ALA A 798 -32.61 -15.00 40.43
CA ALA A 798 -31.16 -15.20 40.48
C ALA A 798 -30.84 -16.48 41.23
N GLY A 799 -29.93 -17.26 40.67
CA GLY A 799 -29.59 -18.54 41.27
C GLY A 799 -28.58 -18.42 42.39
N HIS A 800 -27.54 -19.25 42.36
CA HIS A 800 -26.51 -19.22 43.39
C HIS A 800 -25.57 -18.05 43.23
N LYS A 801 -25.79 -17.17 42.25
CA LYS A 801 -24.89 -16.05 42.01
C LYS A 801 -24.86 -15.10 43.21
N LEU A 802 -26.03 -14.79 43.77
CA LEU A 802 -26.08 -13.89 44.91
C LEU A 802 -25.41 -14.47 46.15
N ALA A 803 -25.44 -15.79 46.31
CA ALA A 803 -24.68 -16.42 47.40
C ALA A 803 -23.19 -16.19 47.20
N LEU A 804 -22.70 -16.32 45.97
CA LEU A 804 -21.30 -16.03 45.69
C LEU A 804 -20.96 -14.58 45.97
N ALA A 805 -21.87 -13.66 45.60
CA ALA A 805 -21.65 -12.24 45.88
C ALA A 805 -21.57 -11.99 47.38
N ALA A 806 -22.47 -12.62 48.15
CA ALA A 806 -22.45 -12.47 49.60
C ALA A 806 -21.17 -13.02 50.19
N GLN A 807 -20.69 -14.17 49.70
CA GLN A 807 -19.42 -14.71 50.16
C GLN A 807 -18.27 -13.77 49.83
N ALA A 808 -18.32 -13.12 48.67
CA ALA A 808 -17.31 -12.13 48.31
C ALA A 808 -17.35 -10.94 49.26
N LEU A 809 -18.55 -10.50 49.65
CA LEU A 809 -18.67 -9.40 50.60
C LEU A 809 -18.26 -9.81 52.01
N GLY A 810 -18.32 -11.10 52.34
CA GLY A 810 -17.92 -11.59 53.64
C GLY A 810 -19.02 -12.20 54.47
N VAL A 811 -20.29 -12.04 54.07
CA VAL A 811 -21.39 -12.65 54.82
C VAL A 811 -21.27 -14.16 54.76
N GLN A 812 -21.38 -14.80 55.92
CA GLN A 812 -21.19 -16.25 56.00
C GLN A 812 -22.40 -16.98 55.42
N THR A 813 -22.14 -17.93 54.52
CA THR A 813 -23.19 -18.71 53.87
C THR A 813 -22.81 -20.18 53.90
N THR A 814 -22.40 -20.66 55.08
CA THR A 814 -22.12 -22.09 55.23
C THR A 814 -23.34 -22.94 54.98
N GLY A 815 -24.54 -22.40 55.21
CA GLY A 815 -25.76 -23.07 54.82
C GLY A 815 -26.95 -22.14 54.90
N MET A 816 -27.70 -22.03 53.80
CA MET A 816 -28.85 -21.15 53.72
C MET A 816 -29.57 -21.41 52.40
N ASP A 817 -30.85 -21.10 52.38
CA ASP A 817 -31.63 -21.17 51.16
C ASP A 817 -31.17 -20.05 50.22
N ALA A 818 -31.37 -20.26 48.92
CA ALA A 818 -30.96 -19.28 47.92
C ALA A 818 -31.61 -17.92 48.19
N ARG A 819 -32.89 -17.93 48.59
CA ARG A 819 -33.54 -16.70 49.00
C ARG A 819 -32.81 -16.06 50.18
N GLU A 820 -32.44 -16.87 51.17
CA GLU A 820 -31.78 -16.35 52.35
C GLU A 820 -30.42 -15.75 52.02
N ALA A 821 -29.63 -16.44 51.19
CA ALA A 821 -28.33 -15.91 50.79
C ALA A 821 -28.48 -14.64 49.95
N GLY A 822 -29.47 -14.62 49.06
CA GLY A 822 -29.70 -13.42 48.27
C GLY A 822 -30.07 -12.22 49.12
N LEU A 823 -30.89 -12.44 50.16
CA LEU A 823 -31.24 -11.35 51.05
C LEU A 823 -30.03 -10.93 51.90
N ALA A 824 -29.21 -11.89 52.31
CA ALA A 824 -28.02 -11.56 53.08
C ALA A 824 -27.04 -10.72 52.27
N ALA A 825 -26.94 -11.00 50.96
CA ALA A 825 -26.05 -10.20 50.11
C ALA A 825 -26.50 -8.75 50.06
N ALA A 826 -27.80 -8.51 49.89
CA ALA A 826 -28.31 -7.14 49.89
C ALA A 826 -28.12 -6.49 51.25
N GLN A 827 -28.27 -7.25 52.33
CA GLN A 827 -28.03 -6.70 53.66
C GLN A 827 -26.57 -6.26 53.81
N ALA A 828 -25.63 -7.07 53.30
CA ALA A 828 -24.22 -6.70 53.35
C ALA A 828 -23.96 -5.44 52.51
N VAL A 829 -24.58 -5.36 51.34
CA VAL A 829 -24.39 -4.19 50.49
C VAL A 829 -24.88 -2.92 51.19
N GLU A 830 -26.07 -3.00 51.81
CA GLU A 830 -26.57 -1.87 52.58
C GLU A 830 -25.70 -1.56 53.78
N ALA A 831 -25.15 -2.58 54.44
CA ALA A 831 -24.24 -2.33 55.56
C ALA A 831 -23.01 -1.54 55.11
N LEU A 832 -22.42 -1.94 54.00
CA LEU A 832 -21.27 -1.20 53.48
C LEU A 832 -21.66 0.21 53.09
N MET A 833 -22.81 0.37 52.43
CA MET A 833 -23.27 1.69 52.01
C MET A 833 -23.44 2.61 53.20
N GLN A 834 -24.05 2.11 54.28
CA GLN A 834 -24.21 2.92 55.48
C GLN A 834 -22.89 3.17 56.18
N SER A 835 -21.95 2.22 56.11
CA SER A 835 -20.66 2.39 56.75
C SER A 835 -19.81 3.45 56.06
N VAL A 836 -19.93 3.61 54.74
CA VAL A 836 -19.14 4.58 54.01
C VAL A 836 -19.78 5.93 53.69
N ASP A 837 -20.88 6.28 54.37
CA ASP A 837 -21.55 7.56 54.18
C ASP A 837 -22.12 7.72 52.77
N HIS A 838 -23.03 6.82 52.41
CA HIS A 838 -23.64 6.86 51.09
C HIS A 838 -25.12 7.26 51.12
N PRO A 839 -25.52 8.22 50.29
CA PRO A 839 -26.94 8.58 50.20
C PRO A 839 -27.80 7.39 49.78
N ARG A 840 -29.04 7.32 50.27
CA ARG A 840 -29.83 6.10 50.15
C ARG A 840 -31.26 6.30 49.65
N TYR A 841 -31.72 7.53 49.42
CA TYR A 841 -33.09 7.76 49.02
C TYR A 841 -33.17 8.83 47.94
N LEU A 842 -34.17 8.71 47.06
CA LEU A 842 -34.32 9.65 45.95
C LEU A 842 -34.89 10.98 46.41
N SER A 843 -35.57 11.01 47.55
CA SER A 843 -36.18 12.27 48.01
C SER A 843 -35.12 13.32 48.32
N ASP A 844 -33.92 12.89 48.72
CA ASP A 844 -32.85 13.83 49.06
C ASP A 844 -32.40 14.65 47.87
N LEU A 845 -32.53 14.13 46.66
CA LEU A 845 -31.98 14.77 45.46
C LEU A 845 -33.04 15.47 44.61
N GLY A 846 -34.23 15.71 45.17
CA GLY A 846 -35.18 16.63 44.58
C GLY A 846 -36.15 16.06 43.56
N VAL A 847 -36.13 14.76 43.30
CA VAL A 847 -37.12 14.20 42.37
C VAL A 847 -38.50 14.23 43.01
N PRO A 848 -39.49 14.83 42.36
CA PRO A 848 -40.84 14.82 42.91
C PRO A 848 -41.47 13.44 42.89
N ARG A 849 -42.42 13.23 43.80
CA ARG A 849 -43.09 11.95 43.90
C ARG A 849 -43.93 11.64 42.66
N ASP A 850 -44.57 12.66 42.08
CA ASP A 850 -45.51 12.42 40.99
C ASP A 850 -44.81 12.07 39.68
N ASN A 851 -43.59 12.56 39.46
CA ASN A 851 -42.89 12.30 38.21
C ASN A 851 -42.39 10.87 38.09
N LEU A 852 -42.64 10.03 39.09
CA LEU A 852 -42.20 8.64 39.04
C LEU A 852 -42.87 7.88 37.90
N SER A 853 -44.12 8.23 37.57
CA SER A 853 -44.81 7.57 36.47
C SER A 853 -44.12 7.87 35.14
N ASN A 854 -43.79 9.14 34.90
CA ASN A 854 -43.07 9.50 33.69
C ASN A 854 -41.69 8.87 33.64
N LEU A 855 -41.00 8.83 34.79
CA LEU A 855 -39.69 8.19 34.83
C LEU A 855 -39.78 6.70 34.51
N ALA A 856 -40.78 6.02 35.06
CA ALA A 856 -40.97 4.60 34.78
C ALA A 856 -41.32 4.36 33.31
N ALA A 857 -42.15 5.24 32.73
CA ALA A 857 -42.46 5.11 31.31
C ALA A 857 -41.22 5.31 30.46
N HIS A 858 -40.37 6.27 30.81
CA HIS A 858 -39.14 6.51 30.06
C HIS A 858 -38.13 5.39 30.30
N ALA A 859 -38.29 4.63 31.38
CA ALA A 859 -37.32 3.58 31.70
C ALA A 859 -37.42 2.41 30.72
N MET A 860 -38.63 2.10 30.26
CA MET A 860 -38.82 0.93 29.40
C MET A 860 -38.16 1.09 28.04
N GLY A 861 -37.84 2.32 27.63
CA GLY A 861 -37.24 2.53 26.33
C GLY A 861 -35.77 2.21 26.22
N ASP A 862 -35.11 1.91 27.34
CA ASP A 862 -33.68 1.63 27.31
C ASP A 862 -33.43 0.20 26.84
N ALA A 863 -32.20 -0.04 26.39
CA ALA A 863 -31.83 -1.37 25.90
C ALA A 863 -31.36 -2.29 27.02
N ALA A 864 -31.16 -1.77 28.24
CA ALA A 864 -30.71 -2.58 29.36
C ALA A 864 -31.73 -3.60 29.81
N ILE A 865 -33.01 -3.39 29.51
CA ILE A 865 -34.03 -4.38 29.83
C ILE A 865 -33.81 -5.63 28.98
N MET A 866 -34.36 -6.76 29.45
CA MET A 866 -34.23 -8.08 28.83
C MET A 866 -32.83 -8.64 29.01
N PHE A 867 -31.99 -7.93 29.76
CA PHE A 867 -30.71 -8.48 30.21
C PHE A 867 -30.72 -8.82 31.70
N ASN A 868 -31.70 -8.35 32.45
CA ASN A 868 -31.79 -8.65 33.87
C ASN A 868 -32.33 -10.05 34.09
N ALA A 869 -32.11 -10.57 35.30
CA ALA A 869 -32.55 -11.92 35.62
C ALA A 869 -34.07 -12.05 35.56
N ARG A 870 -34.80 -11.05 36.06
CA ARG A 870 -36.25 -11.10 36.08
C ARG A 870 -36.81 -10.28 34.92
N PRO A 871 -37.64 -10.85 34.06
CA PRO A 871 -38.20 -10.06 32.94
C PRO A 871 -39.16 -9.00 33.45
N VAL A 872 -38.99 -7.79 32.95
CA VAL A 872 -39.86 -6.68 33.33
C VAL A 872 -41.16 -6.78 32.55
N LYS A 873 -42.26 -7.03 33.27
CA LYS A 873 -43.55 -7.19 32.60
C LYS A 873 -44.06 -5.89 32.03
N GLY A 874 -43.72 -4.76 32.65
CA GLY A 874 -44.17 -3.46 32.17
C GLY A 874 -43.80 -2.34 33.12
N PRO A 875 -44.33 -1.14 32.86
CA PRO A 875 -44.04 0.00 33.72
C PRO A 875 -44.56 -0.15 35.15
N GLN A 876 -45.48 -1.08 35.39
CA GLN A 876 -46.06 -1.21 36.73
C GLN A 876 -45.05 -1.73 37.74
N GLU A 877 -44.01 -2.45 37.29
CA GLU A 877 -42.98 -2.92 38.20
C GLU A 877 -41.87 -1.89 38.36
N VAL A 878 -41.55 -1.16 37.29
CA VAL A 878 -40.62 -0.05 37.39
C VAL A 878 -41.17 1.00 38.35
N MET A 879 -42.48 1.22 38.31
CA MET A 879 -43.14 2.07 39.29
C MET A 879 -42.88 1.59 40.72
N ALA A 880 -43.03 0.27 40.95
CA ALA A 880 -42.84 -0.26 42.29
C ALA A 880 -41.41 -0.06 42.78
N VAL A 881 -40.43 -0.35 41.92
CA VAL A 881 -39.04 -0.19 42.33
C VAL A 881 -38.71 1.28 42.58
N TYR A 882 -39.17 2.17 41.69
CA TYR A 882 -38.93 3.60 41.88
C TYR A 882 -39.55 4.09 43.18
N GLU A 883 -40.78 3.66 43.48
CA GLU A 883 -41.43 4.08 44.72
C GLU A 883 -40.69 3.53 45.94
N GLU A 884 -40.22 2.29 45.86
CA GLU A 884 -39.41 1.74 46.94
C GLU A 884 -38.14 2.53 47.15
N ALA A 885 -37.57 3.08 46.06
CA ALA A 885 -36.36 3.88 46.17
C ALA A 885 -36.61 5.28 46.72
N TYR A 886 -37.86 5.72 46.81
CA TYR A 886 -38.17 7.06 47.28
C TYR A 886 -38.10 7.13 48.80
N MET B 1 44.60 -27.47 41.61
CA MET B 1 44.41 -26.11 41.11
C MET B 1 44.34 -26.12 39.58
N ASP B 2 43.36 -25.41 39.03
CA ASP B 2 43.12 -25.45 37.60
C ASP B 2 44.27 -24.80 36.84
N SER B 3 44.43 -25.25 35.59
CA SER B 3 45.45 -24.73 34.69
C SER B 3 44.79 -24.33 33.38
N TYR B 4 45.21 -23.19 32.83
CA TYR B 4 44.62 -22.63 31.63
C TYR B 4 45.70 -22.41 30.58
N GLN B 5 45.31 -22.48 29.31
CA GLN B 5 46.23 -22.40 28.20
C GLN B 5 45.76 -21.38 27.18
N LEU B 6 46.70 -20.85 26.41
CA LEU B 6 46.38 -19.91 25.35
C LEU B 6 45.56 -20.61 24.26
N PHE B 7 44.70 -19.85 23.60
CA PHE B 7 43.87 -20.35 22.51
C PHE B 7 44.38 -19.77 21.20
N LEU B 8 45.16 -20.56 20.46
CA LEU B 8 45.74 -20.12 19.21
C LEU B 8 45.41 -21.11 18.10
N ASP B 9 44.99 -20.58 16.96
CA ASP B 9 44.74 -21.36 15.75
C ASP B 9 43.73 -22.47 16.01
N GLY B 10 42.72 -22.18 16.83
CA GLY B 10 41.67 -23.14 17.08
C GLY B 10 42.00 -24.24 18.04
N GLU B 11 43.09 -24.12 18.80
CA GLU B 11 43.47 -25.15 19.76
C GLU B 11 44.12 -24.50 20.97
N PHE B 12 44.07 -25.21 22.09
CA PHE B 12 44.69 -24.74 23.32
C PHE B 12 46.14 -25.22 23.38
N VAL B 13 47.06 -24.28 23.53
CA VAL B 13 48.49 -24.58 23.55
C VAL B 13 49.14 -23.82 24.69
N ASP B 14 50.30 -24.32 25.12
CA ASP B 14 51.08 -23.62 26.12
C ASP B 14 51.88 -22.49 25.47
N ALA B 15 52.52 -21.69 26.31
CA ALA B 15 53.40 -20.65 25.81
C ALA B 15 54.63 -21.27 25.15
N ALA B 16 55.28 -20.50 24.29
CA ALA B 16 56.47 -21.00 23.60
C ALA B 16 57.58 -21.33 24.58
N ASP B 17 57.78 -20.50 25.60
CA ASP B 17 58.80 -20.73 26.61
C ASP B 17 58.27 -21.49 27.81
N GLY B 18 56.97 -21.76 27.87
CA GLY B 18 56.40 -22.53 28.96
C GLY B 18 56.18 -21.78 30.25
N ARG B 19 56.27 -20.45 30.25
CA ARG B 19 56.07 -19.69 31.47
C ARG B 19 54.60 -19.59 31.82
N THR B 20 54.33 -19.47 33.12
CA THR B 20 52.98 -19.36 33.64
C THR B 20 52.95 -18.33 34.77
N PHE B 21 51.75 -17.85 35.08
CA PHE B 21 51.52 -16.96 36.21
C PHE B 21 50.23 -17.37 36.90
N THR B 22 50.07 -16.91 38.14
CA THR B 22 48.95 -17.31 38.98
C THR B 22 48.01 -16.14 39.21
N THR B 23 46.72 -16.38 38.99
CA THR B 23 45.68 -15.41 39.32
C THR B 23 45.27 -15.58 40.77
N THR B 24 44.69 -14.52 41.34
CA THR B 24 44.35 -14.48 42.75
C THR B 24 42.94 -13.94 42.93
N ASP B 25 42.21 -14.52 43.86
CA ASP B 25 40.86 -14.07 44.17
C ASP B 25 40.92 -12.79 44.98
N PRO B 26 40.32 -11.68 44.52
CA PRO B 26 40.32 -10.45 45.33
C PRO B 26 39.49 -10.55 46.60
N GLY B 27 38.59 -11.52 46.71
CA GLY B 27 37.77 -11.67 47.89
C GLY B 27 38.46 -12.22 49.10
N ASN B 28 39.44 -13.10 48.93
CA ASN B 28 40.17 -13.64 50.07
C ASN B 28 41.67 -13.75 49.84
N GLU B 29 42.20 -13.22 48.72
CA GLU B 29 43.63 -13.27 48.41
C GLU B 29 44.16 -14.69 48.36
N GLN B 30 43.38 -15.61 47.79
CA GLN B 30 43.87 -16.96 47.57
C GLN B 30 44.04 -17.23 46.08
N PRO B 31 45.06 -17.99 45.71
CA PRO B 31 45.27 -18.30 44.29
C PRO B 31 44.09 -19.08 43.72
N VAL B 32 43.77 -18.79 42.46
CA VAL B 32 42.63 -19.40 41.78
C VAL B 32 43.09 -20.42 40.75
N ALA B 33 43.98 -20.01 39.84
CA ALA B 33 44.43 -20.90 38.78
C ALA B 33 45.75 -20.38 38.22
N THR B 34 46.42 -21.23 37.46
CA THR B 34 47.65 -20.88 36.76
C THR B 34 47.36 -20.73 35.27
N VAL B 35 47.78 -19.62 34.69
CA VAL B 35 47.51 -19.28 33.31
C VAL B 35 48.83 -19.14 32.56
N ALA B 36 48.87 -19.66 31.34
CA ALA B 36 50.07 -19.54 30.52
C ALA B 36 50.34 -18.07 30.18
N GLN B 37 51.61 -17.69 30.21
CA GLN B 37 52.03 -16.32 29.97
C GLN B 37 52.55 -16.20 28.54
N ALA B 38 51.78 -15.51 27.69
CA ALA B 38 52.19 -15.35 26.31
C ALA B 38 53.35 -14.38 26.19
N GLY B 39 54.27 -14.68 25.27
CA GLY B 39 55.35 -13.80 24.92
C GLY B 39 55.13 -13.11 23.60
N GLU B 40 56.24 -12.65 23.01
CA GLU B 40 56.17 -12.04 21.69
C GLU B 40 56.01 -13.10 20.62
N ALA B 41 56.59 -14.29 20.81
CA ALA B 41 56.42 -15.37 19.85
C ALA B 41 54.96 -15.81 19.76
N ASP B 42 54.28 -15.92 20.90
CA ASP B 42 52.86 -16.28 20.89
C ASP B 42 52.01 -15.20 20.24
N ALA B 43 52.32 -13.93 20.48
CA ALA B 43 51.60 -12.86 19.81
C ALA B 43 51.79 -12.92 18.30
N LEU B 44 53.03 -13.18 17.85
CA LEU B 44 53.28 -13.33 16.43
C LEU B 44 52.49 -14.51 15.86
N ARG B 45 52.47 -15.63 16.58
CA ARG B 45 51.73 -16.79 16.12
C ARG B 45 50.25 -16.49 15.99
N ALA B 46 49.68 -15.77 16.96
CA ALA B 46 48.28 -15.39 16.89
C ALA B 46 48.02 -14.48 15.69
N ILE B 47 48.93 -13.54 15.45
CA ILE B 47 48.74 -12.61 14.34
C ILE B 47 48.76 -13.35 13.01
N GLU B 48 49.72 -14.27 12.84
CA GLU B 48 49.75 -15.04 11.60
C GLU B 48 48.54 -15.95 11.46
N ALA B 49 48.07 -16.52 12.56
CA ALA B 49 46.87 -17.36 12.51
C ALA B 49 45.67 -16.55 12.05
N ALA B 50 45.47 -15.36 12.62
CA ALA B 50 44.36 -14.51 12.20
C ALA B 50 44.51 -14.06 10.75
N ARG B 51 45.74 -13.72 10.35
CA ARG B 51 45.98 -13.28 8.98
C ARG B 51 45.65 -14.38 7.98
N TRP B 52 46.07 -15.61 8.28
CA TRP B 52 45.75 -16.73 7.39
C TRP B 52 44.25 -17.02 7.39
N ALA B 53 43.61 -16.95 8.56
CA ALA B 53 42.17 -17.20 8.62
C ALA B 53 41.39 -16.17 7.83
N PHE B 54 41.89 -14.93 7.74
CA PHE B 54 41.19 -13.92 6.96
C PHE B 54 41.50 -14.05 5.47
N ASP B 55 42.78 -14.10 5.12
CA ASP B 55 43.16 -14.09 3.71
C ASP B 55 42.74 -15.37 2.99
N HIS B 56 42.88 -16.53 3.63
CA HIS B 56 42.62 -17.79 2.97
C HIS B 56 41.56 -18.65 3.63
N GLY B 57 41.00 -18.23 4.76
CA GLY B 57 39.97 -19.01 5.41
C GLY B 57 38.61 -18.84 4.75
N GLU B 58 37.67 -19.67 5.20
CA GLU B 58 36.32 -19.62 4.63
C GLU B 58 35.42 -18.65 5.37
N TRP B 59 35.87 -18.13 6.51
CA TRP B 59 35.01 -17.26 7.31
C TRP B 59 34.62 -15.98 6.60
N PRO B 60 35.54 -15.19 6.01
CA PRO B 60 35.11 -13.96 5.33
C PRO B 60 34.38 -14.21 4.03
N LYS B 61 34.48 -15.40 3.45
CA LYS B 61 33.89 -15.67 2.14
C LYS B 61 32.43 -16.10 2.22
N MET B 62 32.02 -16.70 3.34
CA MET B 62 30.66 -17.19 3.47
C MET B 62 29.68 -16.04 3.68
N THR B 63 28.43 -16.26 3.29
CA THR B 63 27.41 -15.24 3.35
C THR B 63 27.01 -14.96 4.80
N PRO B 64 26.40 -13.81 5.06
CA PRO B 64 25.93 -13.54 6.44
C PRO B 64 24.95 -14.57 6.97
N GLN B 65 24.10 -15.13 6.11
CA GLN B 65 23.18 -16.17 6.56
C GLN B 65 23.93 -17.44 6.95
N GLU B 66 25.05 -17.71 6.30
CA GLU B 66 25.85 -18.88 6.66
C GLU B 66 26.63 -18.63 7.95
N ARG B 67 27.06 -17.39 8.17
CA ARG B 67 27.72 -17.05 9.43
C ARG B 67 26.74 -17.09 10.59
N ALA B 68 25.46 -16.81 10.31
CA ALA B 68 24.46 -16.73 11.37
C ALA B 68 24.27 -18.08 12.06
N ALA B 69 24.28 -19.17 11.30
CA ALA B 69 24.12 -20.49 11.90
C ALA B 69 25.29 -20.82 12.84
N ARG B 70 26.51 -20.51 12.40
CA ARG B 70 27.67 -20.75 13.26
C ARG B 70 27.60 -19.89 14.51
N ILE B 71 27.15 -18.65 14.39
CA ILE B 71 27.00 -17.80 15.56
C ILE B 71 25.92 -18.35 16.50
N TYR B 72 24.85 -18.93 15.95
CA TYR B 72 23.83 -19.52 16.79
C TYR B 72 24.37 -20.73 17.56
N ASP B 73 25.15 -21.57 16.89
CA ASP B 73 25.79 -22.69 17.60
C ASP B 73 26.74 -22.19 18.68
N PHE B 74 27.48 -21.13 18.38
CA PHE B 74 28.38 -20.53 19.36
C PHE B 74 27.61 -20.02 20.57
N ALA B 75 26.46 -19.37 20.33
CA ALA B 75 25.65 -18.86 21.42
C ALA B 75 25.08 -20.00 22.27
N ASP B 76 24.68 -21.09 21.63
CA ASP B 76 24.16 -22.23 22.38
C ASP B 76 25.24 -22.83 23.28
N HIS B 77 26.45 -23.03 22.72
CA HIS B 77 27.52 -23.57 23.54
C HIS B 77 27.97 -22.58 24.61
N VAL B 78 27.74 -21.29 24.39
CA VAL B 78 28.00 -20.29 25.43
C VAL B 78 26.99 -20.43 26.56
N THR B 79 25.71 -20.60 26.22
CA THR B 79 24.69 -20.83 27.24
C THR B 79 24.99 -22.09 28.04
N LYS B 80 25.60 -23.09 27.41
CA LYS B 80 25.88 -24.34 28.12
C LYS B 80 26.88 -24.17 29.25
N LEU B 81 27.63 -23.06 29.30
CA LEU B 81 28.63 -22.83 30.34
C LEU B 81 28.28 -21.69 31.28
N ALA B 82 27.00 -21.46 31.54
CA ALA B 82 26.60 -20.29 32.31
C ALA B 82 27.11 -20.33 33.74
N GLY B 83 26.93 -21.46 34.42
CA GLY B 83 27.35 -21.54 35.81
C GLY B 83 28.86 -21.44 35.97
N ARG B 84 29.60 -22.11 35.09
CA ARG B 84 31.06 -22.04 35.15
C ARG B 84 31.55 -20.63 34.88
N LEU B 85 30.98 -19.95 33.88
CA LEU B 85 31.37 -18.59 33.59
C LEU B 85 31.07 -17.67 34.77
N ALA B 86 29.89 -17.82 35.38
CA ALA B 86 29.53 -16.96 36.50
C ALA B 86 30.46 -17.18 37.69
N MET B 87 30.74 -18.45 38.01
CA MET B 87 31.61 -18.76 39.13
C MET B 87 33.02 -18.22 38.90
N ALA B 88 33.55 -18.42 37.69
CA ALA B 88 34.89 -17.92 37.39
C ALA B 88 34.94 -16.40 37.44
N GLU B 89 33.91 -15.73 36.92
CA GLU B 89 33.87 -14.28 36.98
C GLU B 89 33.84 -13.79 38.43
N SER B 90 33.01 -14.41 39.27
CA SER B 90 32.93 -14.01 40.67
C SER B 90 34.25 -14.22 41.39
N MET B 91 34.92 -15.35 41.13
CA MET B 91 36.17 -15.64 41.83
C MET B 91 37.34 -14.83 41.29
N ASP B 92 37.29 -14.38 40.04
CA ASP B 92 38.45 -13.73 39.45
C ASP B 92 38.35 -12.21 39.50
N ALA B 93 37.19 -11.66 39.15
CA ALA B 93 37.04 -10.21 39.07
C ALA B 93 36.33 -9.62 40.28
N GLY B 94 35.76 -10.44 41.16
CA GLY B 94 35.08 -9.94 42.33
C GLY B 94 33.63 -9.56 42.13
N HIS B 95 33.05 -9.87 40.97
CA HIS B 95 31.62 -9.64 40.76
C HIS B 95 30.81 -10.44 41.76
N VAL B 96 29.76 -9.81 42.32
CA VAL B 96 28.85 -10.55 43.17
C VAL B 96 28.06 -11.53 42.29
N ILE B 97 27.61 -12.62 42.91
CA ILE B 97 26.99 -13.70 42.13
C ILE B 97 25.68 -13.24 41.51
N ASN B 98 24.92 -12.38 42.20
CA ASN B 98 23.67 -11.87 41.66
C ASN B 98 23.90 -11.05 40.40
N LEU B 99 25.07 -10.44 40.26
CA LEU B 99 25.41 -9.69 39.05
C LEU B 99 26.05 -10.59 37.99
N SER B 100 26.91 -11.52 38.42
CA SER B 100 27.69 -12.30 37.47
C SER B 100 26.94 -13.51 36.93
N LYS B 101 25.77 -13.84 37.47
CA LYS B 101 25.05 -15.00 37.01
C LYS B 101 24.35 -14.79 35.67
N PHE B 102 24.34 -13.57 35.14
CA PHE B 102 23.65 -13.27 33.89
C PHE B 102 24.59 -13.08 32.71
N TRP B 103 25.91 -13.24 32.91
CA TRP B 103 26.85 -12.86 31.86
C TRP B 103 26.74 -13.75 30.63
N ALA B 104 26.65 -15.07 30.83
CA ALA B 104 26.58 -15.97 29.68
C ALA B 104 25.29 -15.77 28.91
N ALA B 105 24.17 -15.61 29.62
CA ALA B 105 22.90 -15.38 28.95
C ALA B 105 22.92 -14.08 28.16
N ASN B 106 23.47 -13.02 28.76
CA ASN B 106 23.54 -11.73 28.06
C ASN B 106 24.43 -11.84 26.83
N GLY B 107 25.57 -12.52 26.94
CA GLY B 107 26.46 -12.65 25.80
C GLY B 107 25.84 -13.46 24.67
N ALA B 108 25.16 -14.55 25.01
CA ALA B 108 24.51 -15.36 23.98
C ALA B 108 23.37 -14.60 23.32
N ALA B 109 22.58 -13.86 24.10
CA ALA B 109 21.51 -13.06 23.52
C ALA B 109 22.07 -11.99 22.60
N LEU B 110 23.16 -11.34 22.99
CA LEU B 110 23.79 -10.34 22.14
C LEU B 110 24.29 -10.97 20.85
N LEU B 111 24.93 -12.12 20.95
CA LEU B 111 25.43 -12.81 19.75
C LEU B 111 24.28 -13.11 18.79
N ARG B 112 23.20 -13.69 19.31
CA ARG B 112 22.08 -14.06 18.46
C ARG B 112 21.43 -12.83 17.83
N ASN B 113 21.23 -11.77 18.63
CA ASN B 113 20.59 -10.56 18.11
C ASN B 113 21.43 -9.91 17.02
N LEU B 114 22.74 -9.77 17.25
CA LEU B 114 23.59 -9.13 16.26
C LEU B 114 23.72 -9.99 15.00
N ALA B 115 23.79 -11.31 15.17
CA ALA B 115 23.84 -12.19 13.99
C ALA B 115 22.56 -12.07 13.17
N HIS B 116 21.40 -12.04 13.83
CA HIS B 116 20.14 -11.90 13.11
C HIS B 116 20.06 -10.56 12.39
N TYR B 117 20.47 -9.48 13.07
CA TYR B 117 20.44 -8.16 12.44
C TYR B 117 21.37 -8.12 11.23
N SER B 118 22.57 -8.68 11.36
CA SER B 118 23.51 -8.70 10.24
C SER B 118 22.96 -9.50 9.07
N ALA B 119 22.34 -10.66 9.35
CA ALA B 119 21.86 -11.51 8.28
C ALA B 119 20.58 -10.98 7.64
N ASN B 120 19.81 -10.16 8.35
CA ASN B 120 18.49 -9.77 7.85
C ASN B 120 18.35 -8.29 7.52
N SER B 121 18.96 -7.38 8.29
CA SER B 121 18.68 -5.97 8.15
C SER B 121 19.89 -5.09 7.83
N PHE B 122 21.11 -5.55 8.06
CA PHE B 122 22.26 -4.71 7.79
C PHE B 122 22.41 -4.49 6.28
N PRO B 123 22.65 -3.24 5.85
CA PRO B 123 22.80 -2.94 4.41
C PRO B 123 24.17 -3.33 3.87
N TRP B 124 24.33 -4.61 3.54
CA TRP B 124 25.57 -5.08 2.96
C TRP B 124 25.77 -4.53 1.55
N GLU B 125 24.68 -4.34 0.81
CA GLU B 125 24.72 -3.70 -0.50
C GLU B 125 23.67 -2.60 -0.53
N GLU B 126 24.07 -1.41 -0.96
CA GLU B 126 23.19 -0.25 -0.96
C GLU B 126 23.27 0.45 -2.31
N GLU B 127 22.12 0.86 -2.83
CA GLU B 127 22.08 1.51 -4.12
C GLU B 127 22.30 3.01 -3.98
N ILE B 128 22.73 3.63 -5.08
CA ILE B 128 22.83 5.08 -5.18
C ILE B 128 22.01 5.51 -6.39
N PRO B 129 20.71 5.72 -6.24
CA PRO B 129 19.88 6.07 -7.42
C PRO B 129 20.31 7.36 -8.09
N TYR B 130 20.75 8.35 -7.32
CA TYR B 130 21.16 9.64 -7.85
C TYR B 130 22.58 9.90 -7.39
N SER B 131 23.53 9.87 -8.33
CA SER B 131 24.93 10.05 -7.97
C SER B 131 25.36 11.51 -7.98
N GLY B 132 24.52 12.40 -8.52
CA GLY B 132 24.87 13.79 -8.63
C GLY B 132 25.73 14.13 -9.84
N ASN B 133 26.02 13.15 -10.69
CA ASN B 133 26.85 13.35 -11.87
C ASN B 133 26.08 12.90 -13.10
N VAL B 134 25.72 13.86 -13.95
CA VAL B 134 24.99 13.53 -15.17
C VAL B 134 25.92 13.16 -16.33
N GLY B 135 27.20 13.45 -16.22
CA GLY B 135 28.15 13.11 -17.25
C GLY B 135 28.72 11.72 -17.17
N ALA B 136 28.36 10.96 -16.14
CA ALA B 136 28.83 9.58 -15.96
C ALA B 136 27.63 8.68 -15.66
N PRO B 137 26.82 8.38 -16.67
CA PRO B 137 25.69 7.48 -16.44
C PRO B 137 26.16 6.07 -16.14
N GLY B 138 25.35 5.34 -15.39
CA GLY B 138 25.69 3.99 -15.00
C GLY B 138 25.10 3.65 -13.66
N ARG B 139 25.43 2.46 -13.18
CA ARG B 139 24.95 1.97 -11.90
C ARG B 139 26.01 2.22 -10.83
N ASP B 140 25.63 2.92 -9.77
CA ASP B 140 26.49 3.15 -8.62
C ASP B 140 25.86 2.47 -7.41
N TYR B 141 26.69 1.76 -6.65
CA TYR B 141 26.21 1.09 -5.45
C TYR B 141 27.38 0.90 -4.49
N ILE B 142 27.04 0.59 -3.24
CA ILE B 142 28.01 0.51 -2.16
C ILE B 142 28.12 -0.93 -1.69
N ARG B 143 29.35 -1.43 -1.61
CA ARG B 143 29.64 -2.72 -1.01
C ARG B 143 30.34 -2.51 0.33
N ARG B 144 29.89 -3.23 1.34
CA ARG B 144 30.52 -3.19 2.66
C ARG B 144 31.22 -4.52 2.91
N GLU B 145 32.49 -4.44 3.29
CA GLU B 145 33.35 -5.61 3.39
C GLU B 145 34.08 -5.60 4.73
N PRO B 146 34.48 -6.77 5.23
CA PRO B 146 35.23 -6.82 6.49
C PRO B 146 36.56 -6.10 6.36
N ILE B 147 37.03 -5.55 7.49
CA ILE B 147 38.28 -4.81 7.49
C ILE B 147 39.46 -5.76 7.38
N GLY B 148 39.56 -6.73 8.29
CA GLY B 148 40.68 -7.65 8.29
C GLY B 148 40.94 -8.24 9.66
N VAL B 149 42.19 -8.17 10.11
CA VAL B 149 42.56 -8.67 11.43
C VAL B 149 42.32 -7.56 12.44
N CYS B 150 41.56 -7.86 13.49
CA CYS B 150 41.22 -6.90 14.54
C CYS B 150 41.85 -7.31 15.85
N VAL B 151 42.28 -6.33 16.62
CA VAL B 151 42.87 -6.55 17.94
C VAL B 151 41.96 -5.86 18.96
N GLY B 152 41.49 -6.63 19.94
CA GLY B 152 40.62 -6.12 20.98
C GLY B 152 41.27 -6.23 22.34
N ILE B 153 41.45 -5.08 22.98
CA ILE B 153 42.03 -5.00 24.32
C ILE B 153 40.94 -4.58 25.28
N ILE B 154 40.76 -5.35 26.35
CA ILE B 154 39.66 -5.11 27.29
C ILE B 154 40.22 -4.92 28.70
N PRO B 155 39.59 -4.09 29.52
CA PRO B 155 40.05 -3.91 30.90
C PRO B 155 39.44 -4.94 31.85
N TRP B 156 39.74 -4.76 33.12
CA TRP B 156 39.30 -5.68 34.17
C TRP B 156 37.93 -5.34 34.73
N ASN B 157 37.26 -4.31 34.20
CA ASN B 157 35.96 -3.91 34.76
C ASN B 157 34.91 -4.98 34.55
N PHE B 158 34.60 -5.28 33.29
CA PHE B 158 33.62 -6.30 32.93
C PHE B 158 34.26 -7.24 31.92
N PRO B 159 35.04 -8.22 32.38
CA PRO B 159 35.76 -9.09 31.44
C PRO B 159 34.86 -9.86 30.49
N ALA B 160 33.88 -10.61 31.00
CA ALA B 160 33.06 -11.43 30.14
C ALA B 160 32.24 -10.59 29.17
N SER B 161 31.60 -9.53 29.68
CA SER B 161 30.76 -8.69 28.83
C SER B 161 31.57 -8.03 27.72
N MET B 162 32.71 -7.44 28.09
CA MET B 162 33.53 -6.76 27.09
C MET B 162 34.13 -7.74 26.09
N ALA B 163 34.52 -8.93 26.54
CA ALA B 163 35.01 -9.94 25.62
C ALA B 163 33.93 -10.36 24.64
N PHE B 164 32.70 -10.54 25.13
CA PHE B 164 31.58 -10.86 24.24
C PHE B 164 31.36 -9.74 23.24
N TRP B 165 31.40 -8.49 23.69
CA TRP B 165 31.19 -7.36 22.78
C TRP B 165 32.23 -7.37 21.67
N LYS B 166 33.52 -7.45 22.04
CA LYS B 166 34.59 -7.44 21.06
C LYS B 166 34.46 -8.60 20.08
N ILE B 167 34.27 -9.82 20.60
CA ILE B 167 34.24 -11.00 19.74
C ILE B 167 33.06 -10.94 18.79
N SER B 168 31.88 -10.57 19.30
CA SER B 168 30.69 -10.50 18.45
C SER B 168 30.87 -9.46 17.36
N HIS B 169 31.28 -8.24 17.74
CA HIS B 169 31.40 -7.18 16.74
C HIS B 169 32.46 -7.52 15.69
N ALA B 170 33.54 -8.18 16.10
CA ALA B 170 34.60 -8.51 15.15
C ALA B 170 34.16 -9.62 14.21
N ILE B 171 33.74 -10.77 14.76
CA ILE B 171 33.59 -11.96 13.92
C ILE B 171 32.24 -11.99 13.22
N ILE B 172 31.23 -11.28 13.73
CA ILE B 172 29.92 -11.31 13.10
C ILE B 172 29.98 -10.62 11.74
N MET B 173 30.76 -9.55 11.64
CA MET B 173 30.91 -8.84 10.37
C MET B 173 31.89 -9.51 9.42
N GLY B 174 32.52 -10.61 9.83
CA GLY B 174 33.42 -11.34 8.96
C GLY B 174 34.89 -11.17 9.25
N ASN B 175 35.26 -10.41 10.27
CA ASN B 175 36.67 -10.21 10.59
C ASN B 175 37.17 -11.34 11.49
N THR B 176 38.48 -11.33 11.72
CA THR B 176 39.13 -12.24 12.64
C THR B 176 39.81 -11.42 13.73
N ILE B 177 39.63 -11.85 14.98
CA ILE B 177 40.00 -11.05 16.14
C ILE B 177 41.07 -11.78 16.94
N VAL B 178 42.01 -11.02 17.48
CA VAL B 178 42.95 -11.48 18.50
C VAL B 178 42.62 -10.72 19.78
N LEU B 179 42.23 -11.46 20.81
CA LEU B 179 41.72 -10.87 22.04
C LEU B 179 42.78 -10.95 23.13
N LYS B 180 43.03 -9.83 23.78
CA LYS B 180 43.99 -9.76 24.89
C LYS B 180 43.28 -9.28 26.15
N PRO B 181 42.92 -10.18 27.06
CA PRO B 181 42.24 -9.75 28.29
C PRO B 181 43.19 -9.07 29.26
N ALA B 182 42.60 -8.50 30.31
CA ALA B 182 43.38 -7.82 31.33
C ALA B 182 44.24 -8.83 32.10
N THR B 183 45.33 -8.33 32.67
CA THR B 183 46.22 -9.20 33.44
C THR B 183 45.52 -9.77 34.67
N GLN B 184 44.70 -8.95 35.34
CA GLN B 184 44.03 -9.40 36.56
C GLN B 184 42.97 -10.46 36.29
N THR B 185 42.26 -10.38 35.16
CA THR B 185 41.12 -11.26 34.92
C THR B 185 41.20 -11.94 33.56
N PRO B 186 42.01 -13.01 33.43
CA PRO B 186 42.13 -13.67 32.10
C PRO B 186 41.24 -14.88 31.91
N LEU B 187 40.53 -15.36 32.93
CA LEU B 187 39.91 -16.69 32.85
C LEU B 187 38.68 -16.69 31.95
N THR B 188 37.86 -15.64 32.01
CA THR B 188 36.59 -15.65 31.29
C THR B 188 36.78 -15.70 29.78
N ALA B 189 37.80 -15.00 29.28
CA ALA B 189 38.08 -15.05 27.84
C ALA B 189 38.43 -16.45 27.39
N LEU B 190 39.24 -17.17 28.19
CA LEU B 190 39.58 -18.54 27.86
C LEU B 190 38.36 -19.46 27.94
N ILE B 191 37.48 -19.24 28.92
CA ILE B 191 36.27 -20.06 29.00
C ILE B 191 35.38 -19.83 27.78
N ILE B 192 35.27 -18.58 27.33
CA ILE B 192 34.50 -18.29 26.12
C ILE B 192 35.18 -18.92 24.90
N ALA B 193 36.50 -18.92 24.87
CA ALA B 193 37.22 -19.59 23.79
C ALA B 193 36.95 -21.09 23.78
N GLU B 194 36.71 -21.67 24.95
CA GLU B 194 36.31 -23.08 25.00
C GLU B 194 35.01 -23.31 24.25
N ALA B 195 34.02 -22.45 24.46
CA ALA B 195 32.76 -22.56 23.73
C ALA B 195 32.96 -22.29 22.25
N ALA B 196 33.87 -21.38 21.91
CA ALA B 196 34.17 -21.12 20.50
C ALA B 196 34.77 -22.36 19.84
N LYS B 197 35.66 -23.06 20.54
CA LYS B 197 36.21 -24.31 20.00
C LYS B 197 35.14 -25.38 19.88
N ALA B 198 34.27 -25.48 20.89
CA ALA B 198 33.24 -26.53 20.87
C ALA B 198 32.26 -26.32 19.72
N ALA B 199 31.93 -25.08 19.41
CA ALA B 199 30.95 -24.75 18.39
C ALA B 199 31.44 -24.98 16.97
N GLY B 200 32.72 -25.28 16.79
CA GLY B 200 33.24 -25.50 15.44
C GLY B 200 33.53 -24.25 14.65
N ILE B 201 33.86 -23.16 15.34
CA ILE B 201 34.29 -21.94 14.63
C ILE B 201 35.59 -22.24 13.88
N PRO B 202 35.75 -21.77 12.65
CA PRO B 202 36.99 -22.06 11.91
C PRO B 202 38.22 -21.56 12.65
N LYS B 203 39.31 -22.31 12.50
CA LYS B 203 40.54 -22.00 13.24
C LYS B 203 41.10 -20.66 12.79
N GLY B 204 41.70 -19.93 13.75
CA GLY B 204 42.27 -18.64 13.49
C GLY B 204 41.30 -17.47 13.57
N VAL B 205 40.00 -17.73 13.62
CA VAL B 205 39.03 -16.64 13.70
C VAL B 205 39.11 -15.97 15.07
N ILE B 206 39.19 -16.75 16.14
CA ILE B 206 39.25 -16.23 17.49
C ILE B 206 40.56 -16.71 18.12
N ASN B 207 41.35 -15.76 18.61
CA ASN B 207 42.59 -16.06 19.33
C ASN B 207 42.62 -15.25 20.61
N VAL B 208 43.04 -15.90 21.70
CA VAL B 208 43.13 -15.26 23.00
C VAL B 208 44.54 -15.46 23.53
N ILE B 209 45.21 -14.37 23.88
CA ILE B 209 46.56 -14.40 24.44
C ILE B 209 46.56 -13.60 25.73
N THR B 210 47.16 -14.17 26.77
CA THR B 210 47.27 -13.52 28.08
C THR B 210 48.74 -13.37 28.44
N GLY B 211 49.14 -12.14 28.77
CA GLY B 211 50.53 -11.88 29.12
C GLY B 211 50.70 -10.66 30.00
N GLN B 212 51.64 -10.73 30.94
CA GLN B 212 51.92 -9.61 31.82
C GLN B 212 52.83 -8.61 31.11
N GLY B 213 53.01 -7.45 31.75
CA GLY B 213 53.79 -6.39 31.13
C GLY B 213 53.03 -5.73 30.01
N ARG B 214 53.78 -5.12 29.08
CA ARG B 214 53.16 -4.45 27.94
C ARG B 214 53.87 -4.70 26.62
N GLU B 215 54.81 -5.66 26.56
CA GLU B 215 55.45 -5.96 25.29
C GLU B 215 54.47 -6.56 24.29
N VAL B 216 53.58 -7.44 24.77
CA VAL B 216 52.61 -8.08 23.88
C VAL B 216 51.66 -7.05 23.31
N GLY B 217 51.18 -6.12 24.13
CA GLY B 217 50.29 -5.08 23.63
C GLY B 217 50.95 -4.19 22.59
N ASN B 218 52.20 -3.81 22.83
CA ASN B 218 52.92 -2.99 21.86
C ASN B 218 53.12 -3.76 20.55
N LEU B 219 53.46 -5.05 20.65
CA LEU B 219 53.62 -5.86 19.44
C LEU B 219 52.32 -5.95 18.67
N LEU B 220 51.20 -6.13 19.38
CA LEU B 220 49.90 -6.18 18.72
C LEU B 220 49.56 -4.87 18.05
N CYS B 221 49.85 -3.75 18.70
CA CYS B 221 49.46 -2.44 18.18
C CYS B 221 50.34 -2.01 17.00
N THR B 222 51.61 -2.39 17.02
CA THR B 222 52.54 -1.90 16.01
C THR B 222 52.78 -2.88 14.87
N HIS B 223 52.15 -4.04 14.87
CA HIS B 223 52.40 -5.02 13.84
C HIS B 223 51.76 -4.58 12.52
N PRO B 224 52.43 -4.77 11.38
CA PRO B 224 51.85 -4.32 10.11
C PRO B 224 50.66 -5.14 9.64
N ASP B 225 50.49 -6.36 10.13
CA ASP B 225 49.40 -7.22 9.68
C ASP B 225 48.11 -7.02 10.45
N VAL B 226 48.08 -6.11 11.42
CA VAL B 226 46.87 -5.79 12.17
C VAL B 226 46.21 -4.60 11.49
N ASP B 227 44.91 -4.70 11.24
CA ASP B 227 44.18 -3.67 10.51
C ASP B 227 43.43 -2.71 11.42
N LYS B 228 42.94 -3.18 12.56
CA LYS B 228 42.13 -2.34 13.44
C LYS B 228 42.43 -2.69 14.89
N ILE B 229 42.40 -1.67 15.74
CA ILE B 229 42.56 -1.82 17.18
C ILE B 229 41.32 -1.24 17.86
N SER B 230 40.69 -2.05 18.71
CA SER B 230 39.57 -1.61 19.53
C SER B 230 39.99 -1.72 20.99
N PHE B 231 40.22 -0.57 21.62
CA PHE B 231 40.81 -0.51 22.95
C PHE B 231 39.81 0.09 23.93
N THR B 232 39.75 -0.49 25.12
CA THR B 232 38.95 0.04 26.23
C THR B 232 39.83 0.09 27.47
N GLY B 233 39.84 1.24 28.13
CA GLY B 233 40.68 1.39 29.31
C GLY B 233 40.76 2.84 29.75
N SER B 234 41.93 3.20 30.30
CA SER B 234 42.16 4.55 30.77
C SER B 234 42.59 5.46 29.63
N THR B 235 42.49 6.77 29.87
CA THR B 235 42.79 7.75 28.83
C THR B 235 44.28 7.76 28.50
N SER B 236 45.14 7.63 29.52
CA SER B 236 46.58 7.72 29.29
C SER B 236 47.09 6.58 28.43
N VAL B 237 46.63 5.36 28.67
CA VAL B 237 47.06 4.23 27.85
C VAL B 237 46.49 4.31 26.44
N GLY B 238 45.25 4.78 26.32
CA GLY B 238 44.66 4.93 25.00
C GLY B 238 45.37 5.96 24.14
N ASN B 239 45.75 7.08 24.75
CA ASN B 239 46.48 8.12 24.03
C ASN B 239 47.85 7.66 23.57
N ASN B 240 48.44 6.66 24.22
CA ASN B 240 49.72 6.09 23.81
C ASN B 240 49.52 5.02 22.76
N ILE B 241 48.47 4.21 22.89
CA ILE B 241 48.17 3.20 21.89
C ILE B 241 47.83 3.84 20.56
N MET B 242 47.12 4.98 20.58
CA MET B 242 46.84 5.70 19.35
C MET B 242 48.11 6.22 18.70
N LYS B 243 49.05 6.74 19.50
CA LYS B 243 50.32 7.18 18.95
C LYS B 243 51.09 6.01 18.34
N LEU B 244 51.08 4.85 19.00
CA LEU B 244 51.75 3.68 18.45
C LEU B 244 51.12 3.25 17.14
N ALA B 245 49.79 3.26 17.05
CA ALA B 245 49.11 2.80 15.85
C ALA B 245 49.19 3.84 14.73
N ALA B 246 49.52 5.09 15.07
CA ALA B 246 49.62 6.13 14.05
C ALA B 246 50.70 5.84 13.03
N ASP B 247 51.76 5.12 13.42
CA ASP B 247 52.88 4.87 12.52
C ASP B 247 52.52 3.99 11.34
N SER B 248 51.45 3.21 11.41
CA SER B 248 51.06 2.34 10.31
C SER B 248 49.71 2.73 9.71
N THR B 249 49.10 3.80 10.19
CA THR B 249 47.79 4.27 9.71
C THR B 249 46.77 3.13 9.76
N LYS B 250 46.37 2.74 10.96
CA LYS B 250 45.34 1.72 11.13
C LYS B 250 44.21 2.27 11.99
N ARG B 251 43.00 1.78 11.71
CA ARG B 251 41.81 2.30 12.37
C ARG B 251 41.83 1.97 13.85
N VAL B 252 41.52 2.96 14.68
CA VAL B 252 41.55 2.82 16.13
C VAL B 252 40.23 3.35 16.69
N THR B 253 39.62 2.58 17.59
CA THR B 253 38.44 3.00 18.31
C THR B 253 38.77 2.98 19.80
N LEU B 254 38.53 4.11 20.46
CA LEU B 254 38.91 4.29 21.86
C LEU B 254 37.67 4.44 22.72
N GLU B 255 37.61 3.67 23.81
CA GLU B 255 36.59 3.81 24.83
C GLU B 255 37.32 4.04 26.15
N LEU B 256 37.29 5.27 26.65
CA LEU B 256 38.05 5.66 27.83
C LEU B 256 37.09 5.92 28.99
N GLY B 257 37.66 6.30 30.13
CA GLY B 257 36.86 6.48 31.33
C GLY B 257 35.99 7.73 31.25
N GLY B 258 35.18 7.91 32.30
CA GLY B 258 34.30 9.04 32.40
C GLY B 258 34.15 9.52 33.83
N LYS B 259 33.48 10.67 33.96
CA LYS B 259 33.17 11.29 35.24
C LYS B 259 31.69 11.68 35.20
N SER B 260 30.86 10.71 34.81
CA SER B 260 29.46 10.97 34.46
C SER B 260 28.73 11.65 35.61
N ALA B 261 27.88 12.61 35.26
CA ALA B 261 27.12 13.37 36.24
C ALA B 261 25.68 12.87 36.27
N ASN B 262 25.13 12.75 37.47
CA ASN B 262 23.74 12.35 37.68
C ASN B 262 23.00 13.56 38.25
N ILE B 263 21.97 14.00 37.54
CA ILE B 263 21.28 15.25 37.85
C ILE B 263 19.92 14.91 38.46
N ILE B 264 19.63 15.51 39.62
CA ILE B 264 18.35 15.36 40.28
C ILE B 264 17.67 16.71 40.27
N LEU B 265 16.54 16.82 39.59
CA LEU B 265 15.79 18.06 39.56
C LEU B 265 14.83 18.13 40.73
N ASP B 266 14.29 19.34 40.96
CA ASP B 266 13.47 19.59 42.14
C ASP B 266 12.12 18.88 42.10
N ASP B 267 11.65 18.48 40.92
CA ASP B 267 10.38 17.78 40.78
C ASP B 267 10.54 16.27 40.78
N ALA B 268 11.75 15.77 40.96
CA ALA B 268 11.99 14.33 40.92
C ALA B 268 11.40 13.65 42.16
N ASP B 269 11.02 12.39 41.99
CA ASP B 269 10.55 11.58 43.12
C ASP B 269 11.75 11.18 43.97
N LEU B 270 11.74 11.59 45.25
CA LEU B 270 12.93 11.43 46.07
C LEU B 270 13.28 9.98 46.31
N ASP B 271 12.29 9.10 46.49
CA ASP B 271 12.60 7.70 46.71
C ASP B 271 13.26 7.08 45.48
N ALA B 272 12.65 7.27 44.30
CA ALA B 272 13.22 6.73 43.07
C ALA B 272 14.56 7.39 42.75
N ALA B 273 14.67 8.69 42.98
CA ALA B 273 15.93 9.38 42.72
C ALA B 273 17.04 8.86 43.61
N VAL B 274 16.76 8.65 44.90
CA VAL B 274 17.77 8.13 45.81
C VAL B 274 18.18 6.72 45.40
N GLU B 275 17.19 5.86 45.09
CA GLU B 275 17.52 4.50 44.69
C GLU B 275 18.36 4.48 43.42
N GLY B 276 17.99 5.30 42.43
CA GLY B 276 18.74 5.32 41.19
C GLY B 276 20.14 5.89 41.36
N ALA B 277 20.29 6.93 42.18
CA ALA B 277 21.62 7.48 42.43
C ALA B 277 22.51 6.46 43.13
N VAL B 278 21.97 5.79 44.15
CA VAL B 278 22.77 4.79 44.86
C VAL B 278 23.17 3.67 43.93
N PHE B 279 22.24 3.17 43.10
CA PHE B 279 22.56 2.11 42.16
C PHE B 279 23.63 2.56 41.17
N GLY B 280 23.40 3.69 40.50
CA GLY B 280 24.31 4.16 39.48
C GLY B 280 25.66 4.57 39.99
N THR B 281 25.79 4.83 41.29
CA THR B 281 27.10 5.13 41.86
C THR B 281 27.81 3.90 42.41
N PHE B 282 27.10 2.96 43.04
CA PHE B 282 27.74 1.88 43.75
C PHE B 282 27.55 0.51 43.11
N LEU B 283 27.06 0.43 41.88
CA LEU B 283 27.07 -0.86 41.19
C LEU B 283 28.50 -1.30 40.93
N HIS B 284 28.80 -2.54 41.33
CA HIS B 284 30.14 -3.10 41.21
C HIS B 284 31.19 -2.21 41.86
N GLN B 285 30.87 -1.70 43.05
CA GLN B 285 31.78 -0.89 43.86
C GLN B 285 32.27 0.35 43.10
N GLY B 286 31.43 0.88 42.21
CA GLY B 286 31.82 2.07 41.47
C GLY B 286 32.89 1.86 40.45
N GLN B 287 33.12 0.62 40.02
CA GLN B 287 34.15 0.32 39.03
C GLN B 287 33.59 0.22 37.62
N VAL B 288 32.36 0.64 37.40
CA VAL B 288 31.79 0.72 36.06
C VAL B 288 32.27 2.01 35.41
N CYS B 289 32.48 1.96 34.09
CA CYS B 289 32.96 3.15 33.38
C CYS B 289 31.95 4.27 33.42
N GLU B 290 30.66 3.93 33.29
CA GLU B 290 29.60 4.94 33.24
C GLU B 290 29.05 5.29 34.61
N SER B 291 29.78 5.04 35.68
CA SER B 291 29.30 5.34 37.02
C SER B 291 29.04 6.83 37.18
N GLY B 292 27.91 7.16 37.80
CA GLY B 292 27.57 8.55 38.07
C GLY B 292 28.20 9.05 39.35
N THR B 293 29.52 9.26 39.32
CA THR B 293 30.25 9.67 40.51
C THR B 293 30.05 11.14 40.86
N ARG B 294 29.51 11.94 39.96
CA ARG B 294 29.14 13.31 40.24
C ARG B 294 27.62 13.39 40.38
N LEU B 295 27.16 13.73 41.58
CA LEU B 295 25.73 13.76 41.89
C LEU B 295 25.31 15.22 42.03
N LEU B 296 24.63 15.74 41.01
CA LEU B 296 24.12 17.10 41.02
C LEU B 296 22.70 17.08 41.59
N VAL B 297 22.52 17.77 42.71
CA VAL B 297 21.24 17.79 43.44
C VAL B 297 20.77 19.22 43.55
N SER B 298 19.50 19.45 43.25
CA SER B 298 18.94 20.80 43.32
C SER B 298 18.94 21.31 44.75
N SER B 299 19.06 22.63 44.90
CA SER B 299 19.06 23.23 46.22
C SER B 299 17.72 23.14 46.91
N LYS B 300 16.62 23.06 46.15
CA LYS B 300 15.29 23.01 46.74
C LYS B 300 15.00 21.69 47.44
N ILE B 301 15.72 20.63 47.09
CA ILE B 301 15.51 19.31 47.66
C ILE B 301 16.76 18.73 48.30
N TYR B 302 17.77 19.55 48.57
CA TYR B 302 19.04 19.03 49.04
C TYR B 302 18.91 18.39 50.43
N ASP B 303 18.24 19.07 51.35
CA ASP B 303 18.18 18.58 52.73
C ASP B 303 17.42 17.26 52.82
N ALA B 304 16.30 17.14 52.13
CA ALA B 304 15.54 15.91 52.16
C ALA B 304 16.27 14.78 51.43
N PHE B 305 16.97 15.12 50.34
CA PHE B 305 17.66 14.10 49.56
C PHE B 305 18.87 13.54 50.31
N ILE B 306 19.57 14.39 51.06
CA ILE B 306 20.84 13.97 51.65
C ILE B 306 20.62 12.90 52.72
N ASP B 307 19.62 13.08 53.58
CA ASP B 307 19.38 12.10 54.64
C ASP B 307 18.97 10.75 54.06
N LYS B 308 18.08 10.76 53.06
CA LYS B 308 17.66 9.51 52.44
C LYS B 308 18.82 8.83 51.73
N LEU B 309 19.67 9.61 51.06
CA LEU B 309 20.85 9.04 50.41
C LEU B 309 21.79 8.42 51.43
N LYS B 310 21.99 9.10 52.57
CA LYS B 310 22.86 8.56 53.61
C LYS B 310 22.32 7.23 54.14
N ALA B 311 21.01 7.19 54.43
CA ALA B 311 20.42 5.95 54.95
C ALA B 311 20.51 4.83 53.92
N ARG B 312 20.19 5.12 52.66
CA ARG B 312 20.24 4.10 51.62
C ARG B 312 21.66 3.58 51.43
N THR B 313 22.66 4.47 51.49
CA THR B 313 24.04 4.05 51.34
C THR B 313 24.49 3.19 52.52
N GLU B 314 24.11 3.58 53.75
CA GLU B 314 24.46 2.77 54.91
C GLU B 314 23.70 1.45 54.96
N ALA B 315 22.63 1.30 54.18
CA ALA B 315 21.91 0.04 54.13
C ALA B 315 22.60 -1.01 53.26
N LEU B 316 23.67 -0.65 52.55
CA LEU B 316 24.33 -1.60 51.66
C LEU B 316 25.18 -2.58 52.45
N ARG B 317 25.25 -3.82 51.96
CA ARG B 317 26.00 -4.89 52.59
C ARG B 317 27.23 -5.22 51.75
N VAL B 318 28.40 -5.24 52.39
CA VAL B 318 29.64 -5.64 51.72
C VAL B 318 30.05 -7.01 52.23
N GLY B 319 30.27 -7.95 51.30
CA GLY B 319 30.62 -9.29 51.69
C GLY B 319 31.29 -10.05 50.58
N TYR B 320 31.39 -11.36 50.76
CA TYR B 320 32.06 -12.21 49.79
C TYR B 320 31.26 -12.23 48.48
N PRO B 321 31.95 -12.20 47.33
CA PRO B 321 31.22 -12.22 46.05
C PRO B 321 30.32 -13.42 45.86
N LEU B 322 30.75 -14.60 46.31
CA LEU B 322 29.97 -15.82 46.07
C LEU B 322 28.77 -15.94 47.00
N SER B 323 28.68 -15.12 48.02
CA SER B 323 27.51 -15.13 48.90
C SER B 323 26.37 -14.39 48.23
N PRO B 324 25.20 -15.00 48.05
CA PRO B 324 24.07 -14.31 47.41
C PRO B 324 23.53 -13.15 48.22
N GLU B 325 23.85 -13.06 49.50
CA GLU B 325 23.37 -11.95 50.33
C GLU B 325 24.20 -10.68 50.17
N SER B 326 25.33 -10.76 49.48
CA SER B 326 26.21 -9.60 49.37
C SER B 326 25.73 -8.66 48.28
N HIS B 327 25.80 -7.36 48.56
CA HIS B 327 25.49 -6.34 47.56
C HIS B 327 26.75 -5.77 46.94
N LEU B 328 27.82 -5.63 47.72
CA LEU B 328 29.10 -5.11 47.25
C LEU B 328 30.19 -6.13 47.51
N GLY B 329 31.18 -6.16 46.62
CA GLY B 329 32.32 -7.03 46.79
C GLY B 329 33.59 -6.27 47.05
N PRO B 330 34.73 -6.87 46.75
CA PRO B 330 36.01 -6.19 46.95
C PRO B 330 36.44 -5.45 45.68
N LEU B 331 37.44 -4.60 45.86
CA LEU B 331 38.09 -3.99 44.71
C LEU B 331 38.98 -5.01 44.01
N VAL B 332 39.34 -4.70 42.76
CA VAL B 332 39.97 -5.70 41.90
C VAL B 332 41.37 -6.06 42.40
N SER B 333 42.05 -5.13 43.08
CA SER B 333 43.41 -5.39 43.52
C SER B 333 43.78 -4.42 44.64
N GLY B 334 44.90 -4.70 45.30
CA GLY B 334 45.38 -3.83 46.35
C GLY B 334 45.82 -2.47 45.85
N LYS B 335 46.39 -2.41 44.65
CA LYS B 335 46.78 -1.12 44.07
C LYS B 335 45.57 -0.23 43.84
N GLN B 336 44.46 -0.80 43.39
CA GLN B 336 43.23 -0.02 43.25
C GLN B 336 42.76 0.50 44.60
N LEU B 337 42.86 -0.32 45.63
CA LEU B 337 42.48 0.11 46.97
C LEU B 337 43.35 1.27 47.44
N GLU B 338 44.66 1.19 47.19
CA GLU B 338 45.55 2.28 47.56
C GLU B 338 45.23 3.56 46.80
N THR B 339 44.90 3.43 45.51
CA THR B 339 44.49 4.60 44.73
C THR B 339 43.23 5.24 45.31
N VAL B 340 42.25 4.41 45.69
CA VAL B 340 41.02 4.95 46.27
C VAL B 340 41.32 5.66 47.60
N GLU B 341 42.17 5.05 48.43
CA GLU B 341 42.55 5.70 49.69
C GLU B 341 43.24 7.03 49.45
N GLY B 342 44.13 7.08 48.46
CA GLY B 342 44.80 8.33 48.15
C GLY B 342 43.85 9.40 47.68
N TYR B 343 42.87 9.03 46.85
CA TYR B 343 41.88 10.00 46.40
C TYR B 343 41.01 10.49 47.55
N VAL B 344 40.66 9.59 48.49
CA VAL B 344 39.89 9.99 49.65
C VAL B 344 40.69 10.98 50.50
N LYS B 345 41.98 10.71 50.69
CA LYS B 345 42.83 11.62 51.46
C LYS B 345 42.93 12.98 50.76
N LEU B 346 43.06 12.98 49.44
CA LEU B 346 43.09 14.23 48.69
C LEU B 346 41.79 15.01 48.85
N GLY B 347 40.65 14.31 48.78
CA GLY B 347 39.38 14.98 48.97
C GLY B 347 39.23 15.57 50.36
N LEU B 348 39.72 14.86 51.37
CA LEU B 348 39.70 15.40 52.72
C LEU B 348 40.60 16.63 52.83
N GLU B 349 41.75 16.61 52.16
CA GLU B 349 42.66 17.76 52.18
C GLU B 349 42.03 18.97 51.52
N GLU B 350 41.29 18.76 50.42
CA GLU B 350 40.74 19.88 49.67
C GLU B 350 39.60 20.59 50.40
N GLY B 351 39.10 20.03 51.49
CA GLY B 351 38.06 20.66 52.27
C GLY B 351 36.67 20.09 52.10
N ALA B 352 36.51 19.02 51.34
CA ALA B 352 35.20 18.39 51.23
C ALA B 352 34.82 17.70 52.53
N THR B 353 33.51 17.61 52.78
CA THR B 353 32.99 17.04 54.01
C THR B 353 32.69 15.57 53.80
N LEU B 354 33.27 14.72 54.64
CA LEU B 354 33.07 13.28 54.54
C LEU B 354 31.78 12.90 55.24
N LEU B 355 30.77 12.52 54.45
CA LEU B 355 29.48 12.14 55.01
C LEU B 355 29.50 10.71 55.56
N THR B 356 29.84 9.73 54.73
CA THR B 356 29.91 8.34 55.15
C THR B 356 31.16 7.70 54.55
N GLY B 357 31.48 6.51 55.06
CA GLY B 357 32.56 5.72 54.50
C GLY B 357 33.94 6.31 54.71
N GLY B 358 34.84 6.05 53.77
CA GLY B 358 36.20 6.54 53.88
C GLY B 358 37.13 5.65 54.67
N HIS B 359 36.80 4.37 54.82
CA HIS B 359 37.62 3.45 55.59
C HIS B 359 37.45 2.04 55.04
N ARG B 360 38.41 1.18 55.36
CA ARG B 360 38.37 -0.19 54.92
C ARG B 360 37.33 -0.99 55.72
N VAL B 361 36.90 -2.10 55.14
CA VAL B 361 35.85 -2.94 55.72
C VAL B 361 36.41 -4.33 55.95
N GLU B 362 36.14 -4.88 57.14
CA GLU B 362 36.54 -6.25 57.48
C GLU B 362 35.30 -7.14 57.37
N VAL B 363 35.28 -8.00 56.38
CA VAL B 363 34.15 -8.91 56.18
C VAL B 363 34.23 -10.03 57.20
N PRO B 364 33.16 -10.27 57.97
CA PRO B 364 33.22 -11.32 58.99
C PRO B 364 33.42 -12.70 58.39
N GLY B 365 34.20 -13.53 59.08
CA GLY B 365 34.48 -14.87 58.63
C GLY B 365 35.49 -14.98 57.51
N ILE B 366 36.11 -13.87 57.11
CA ILE B 366 37.05 -13.85 56.00
C ILE B 366 38.28 -13.07 56.42
N SER B 367 39.46 -13.60 56.12
CA SER B 367 40.72 -12.93 56.36
C SER B 367 41.28 -12.43 55.04
N GLY B 368 41.66 -11.16 55.01
CA GLY B 368 42.14 -10.55 53.78
C GLY B 368 41.00 -10.09 52.89
N GLY B 369 41.39 -9.58 51.74
CA GLY B 369 40.42 -9.04 50.80
C GLY B 369 40.47 -7.51 50.73
N HIS B 370 40.20 -7.00 49.53
CA HIS B 370 40.30 -5.57 49.26
C HIS B 370 38.93 -4.90 49.37
N TYR B 371 38.41 -4.87 50.59
CA TYR B 371 37.09 -4.32 50.85
C TYR B 371 37.19 -2.87 51.30
N TYR B 372 36.32 -2.03 50.76
CA TYR B 372 36.26 -0.61 51.10
C TYR B 372 34.80 -0.19 51.26
N ALA B 373 34.55 0.65 52.25
CA ALA B 373 33.20 1.12 52.49
C ALA B 373 32.80 2.15 51.44
N PRO B 374 31.54 2.16 51.00
CA PRO B 374 31.08 3.22 50.10
C PRO B 374 31.21 4.58 50.76
N THR B 375 31.67 5.56 49.99
CA THR B 375 32.07 6.86 50.51
C THR B 375 31.25 7.95 49.83
N ILE B 376 30.79 8.93 50.61
CA ILE B 376 30.05 10.07 50.10
C ILE B 376 30.76 11.34 50.55
N PHE B 377 31.00 12.25 49.61
CA PHE B 377 31.56 13.56 49.90
C PHE B 377 30.52 14.63 49.61
N THR B 378 30.43 15.61 50.51
CA THR B 378 29.51 16.72 50.37
C THR B 378 30.29 18.03 50.45
N ASP B 379 29.58 19.14 50.25
CA ASP B 379 30.18 20.47 50.19
C ASP B 379 31.29 20.54 49.14
N VAL B 380 31.06 19.88 48.02
CA VAL B 380 32.09 19.77 46.98
C VAL B 380 31.83 20.81 45.89
N ASP B 381 32.89 21.53 45.53
CA ASP B 381 32.87 22.44 44.39
C ASP B 381 33.31 21.68 43.15
N ASN B 382 32.78 22.08 41.99
CA ASN B 382 33.08 21.35 40.76
C ASN B 382 34.51 21.45 40.25
N ARG B 383 35.30 22.41 40.75
CA ARG B 383 36.69 22.54 40.34
C ARG B 383 37.67 21.84 41.28
N MET B 384 37.16 21.09 42.25
CA MET B 384 38.01 20.30 43.12
C MET B 384 38.51 19.15 42.25
N ARG B 385 39.70 18.64 42.58
CA ARG B 385 40.29 17.57 41.80
C ARG B 385 39.45 16.30 41.87
N ILE B 386 38.86 16.02 43.04
CA ILE B 386 38.02 14.84 43.19
C ILE B 386 36.78 14.93 42.31
N ALA B 387 36.31 16.14 42.01
CA ALA B 387 35.20 16.30 41.09
C ALA B 387 35.65 16.33 39.64
N GLN B 388 36.96 16.33 39.40
CA GLN B 388 37.49 16.43 38.04
C GLN B 388 38.24 15.20 37.58
N GLU B 389 38.70 14.35 38.51
CA GLU B 389 39.51 13.19 38.16
C GLU B 389 38.77 11.91 38.49
N GLU B 390 38.85 10.94 37.57
CA GLU B 390 38.18 9.66 37.75
C GLU B 390 38.88 8.85 38.84
N ILE B 391 38.09 8.08 39.59
CA ILE B 391 38.56 7.38 40.77
C ILE B 391 38.55 5.86 40.57
N PHE B 392 37.50 5.32 39.97
CA PHE B 392 37.28 3.88 39.90
C PHE B 392 37.20 3.26 41.30
N GLY B 393 36.23 3.75 42.06
CA GLY B 393 36.00 3.29 43.40
C GLY B 393 34.66 3.75 43.94
N PRO B 394 34.27 3.23 45.09
CA PRO B 394 32.96 3.57 45.67
C PRO B 394 32.96 4.92 46.37
N VAL B 395 33.27 5.97 45.62
CA VAL B 395 33.33 7.33 46.13
C VAL B 395 32.45 8.22 45.28
N VAL B 396 31.61 9.03 45.91
CA VAL B 396 30.73 9.95 45.22
C VAL B 396 30.88 11.33 45.82
N VAL B 397 30.73 12.35 44.98
CA VAL B 397 30.75 13.75 45.41
C VAL B 397 29.41 14.37 45.06
N VAL B 398 28.84 15.12 46.01
CA VAL B 398 27.53 15.74 45.84
C VAL B 398 27.74 17.23 45.65
N ILE B 399 27.22 17.77 44.55
CA ILE B 399 27.35 19.18 44.21
C ILE B 399 25.95 19.74 44.03
N ARG B 400 25.68 20.88 44.66
CA ARG B 400 24.35 21.49 44.61
C ARG B 400 24.31 22.62 43.60
N PHE B 401 23.12 22.81 43.01
CA PHE B 401 22.90 23.86 42.01
C PHE B 401 21.56 24.51 42.27
N ASP B 402 21.30 25.61 41.56
CA ASP B 402 20.10 26.41 41.77
C ASP B 402 19.13 26.39 40.59
N SER B 403 19.57 26.02 39.39
CA SER B 403 18.69 26.04 38.24
C SER B 403 19.15 25.00 37.23
N ASP B 404 18.26 24.68 36.28
CA ASP B 404 18.59 23.68 35.26
C ASP B 404 19.74 24.12 34.39
N GLU B 405 19.80 25.41 34.03
CA GLU B 405 20.93 25.91 33.24
C GLU B 405 22.24 25.77 34.01
N GLU B 406 22.23 26.08 35.30
CA GLU B 406 23.43 25.90 36.12
C GLU B 406 23.84 24.44 36.20
N ALA B 407 22.85 23.54 36.32
CA ALA B 407 23.15 22.11 36.35
C ALA B 407 23.78 21.65 35.05
N VAL B 408 23.25 22.12 33.92
CA VAL B 408 23.81 21.76 32.63
C VAL B 408 25.23 22.29 32.49
N ALA B 409 25.46 23.53 32.93
CA ALA B 409 26.80 24.11 32.86
C ALA B 409 27.79 23.32 33.72
N ILE B 410 27.36 22.91 34.91
CA ILE B 410 28.23 22.13 35.78
C ILE B 410 28.52 20.76 35.16
N ALA B 411 27.49 20.11 34.61
CA ALA B 411 27.67 18.78 34.04
C ALA B 411 28.60 18.81 32.83
N ASN B 412 28.44 19.82 31.97
CA ASN B 412 29.30 19.93 30.80
C ASN B 412 30.69 20.41 31.12
N ASP B 413 30.93 20.87 32.36
CA ASP B 413 32.23 21.38 32.77
C ASP B 413 33.13 20.22 33.19
N SER B 414 33.51 19.42 32.20
CA SER B 414 34.40 18.28 32.42
C SER B 414 35.06 17.91 31.11
N ILE B 415 36.14 17.12 31.21
CA ILE B 415 36.84 16.67 30.02
C ILE B 415 36.30 15.35 29.51
N TYR B 416 35.35 14.74 30.23
CA TYR B 416 34.79 13.46 29.84
C TYR B 416 33.35 13.63 29.34
N GLY B 417 32.95 12.73 28.44
CA GLY B 417 31.64 12.78 27.84
C GLY B 417 30.97 11.43 27.69
N LEU B 418 31.26 10.51 28.61
CA LEU B 418 30.80 9.13 28.45
C LEU B 418 29.29 9.00 28.59
N ALA B 419 28.75 9.33 29.77
CA ALA B 419 27.34 9.13 30.04
C ALA B 419 26.83 10.17 31.02
N GLY B 420 25.54 10.08 31.32
CA GLY B 420 24.89 10.99 32.25
C GLY B 420 23.49 10.51 32.57
N GLY B 421 22.87 11.17 33.53
CA GLY B 421 21.53 10.81 33.94
C GLY B 421 20.78 12.01 34.47
N VAL B 422 19.47 11.99 34.26
CA VAL B 422 18.57 13.05 34.73
C VAL B 422 17.38 12.39 35.41
N TYR B 423 17.03 12.88 36.59
CA TYR B 423 15.85 12.44 37.32
C TYR B 423 14.90 13.61 37.49
N SER B 424 13.67 13.44 37.02
CA SER B 424 12.68 14.51 37.08
C SER B 424 11.29 13.91 36.95
N GLY B 425 10.30 14.66 37.43
CA GLY B 425 8.92 14.25 37.33
C GLY B 425 8.24 14.61 36.02
N SER B 426 8.92 15.34 35.14
CA SER B 426 8.37 15.75 33.87
C SER B 426 9.30 15.29 32.76
N ASN B 427 8.75 14.59 31.76
CA ASN B 427 9.56 14.13 30.64
C ASN B 427 10.08 15.30 29.81
N ALA B 428 9.25 16.34 29.64
CA ALA B 428 9.66 17.47 28.83
C ALA B 428 10.86 18.19 29.44
N ARG B 429 10.81 18.45 30.76
CA ARG B 429 11.92 19.12 31.43
C ARG B 429 13.18 18.27 31.41
N ALA B 430 13.04 16.96 31.66
CA ALA B 430 14.19 16.08 31.64
C ALA B 430 14.82 16.02 30.25
N GLN B 431 13.99 15.99 29.20
CA GLN B 431 14.53 15.98 27.85
C GLN B 431 15.17 17.32 27.48
N ARG B 432 14.62 18.42 27.98
CA ARG B 432 15.25 19.72 27.75
C ARG B 432 16.63 19.77 28.39
N VAL B 433 16.76 19.21 29.59
CA VAL B 433 18.07 19.14 30.23
C VAL B 433 18.99 18.19 29.46
N ALA B 434 18.43 17.08 28.97
CA ALA B 434 19.25 16.03 28.36
C ALA B 434 19.79 16.44 27.00
N THR B 435 19.02 17.19 26.21
CA THR B 435 19.46 17.55 24.86
C THR B 435 20.66 18.48 24.89
N GLN B 436 20.97 19.09 26.02
CA GLN B 436 22.12 19.97 26.13
C GLN B 436 23.36 19.29 26.70
N LEU B 437 23.20 18.14 27.35
CA LEU B 437 24.34 17.41 27.88
C LEU B 437 25.23 16.90 26.76
N ARG B 438 26.53 17.11 26.89
CA ARG B 438 27.49 16.66 25.89
C ARG B 438 28.08 15.30 26.29
N THR B 439 27.20 14.31 26.33
CA THR B 439 27.56 12.95 26.69
C THR B 439 27.00 11.98 25.65
N GLY B 440 27.66 10.82 25.53
CA GLY B 440 27.26 9.84 24.54
C GLY B 440 25.99 9.09 24.87
N THR B 441 25.57 9.11 26.14
CA THR B 441 24.36 8.41 26.57
C THR B 441 23.73 9.15 27.73
N VAL B 442 22.42 9.35 27.67
CA VAL B 442 21.66 10.01 28.72
C VAL B 442 20.53 9.08 29.14
N TRP B 443 20.42 8.82 30.44
CA TRP B 443 19.32 8.05 31.00
C TRP B 443 18.39 8.98 31.75
N ILE B 444 17.10 8.87 31.48
CA ILE B 444 16.07 9.65 32.17
C ILE B 444 15.32 8.72 33.10
N ASN B 445 15.37 9.01 34.40
CA ASN B 445 14.71 8.21 35.43
C ASN B 445 15.20 6.76 35.42
N ASN B 446 16.46 6.55 35.09
CA ASN B 446 17.07 5.23 35.08
C ASN B 446 18.57 5.38 35.07
N TYR B 447 19.27 4.25 35.15
CA TYR B 447 20.72 4.24 35.04
C TYR B 447 21.18 2.84 34.70
N HIS B 448 22.33 2.75 34.02
CA HIS B 448 22.92 1.49 33.57
C HIS B 448 21.95 0.66 32.72
N ALA B 449 21.12 1.33 31.93
CA ALA B 449 20.16 0.63 31.07
C ALA B 449 20.87 0.18 29.80
N PHE B 450 21.53 -0.97 29.91
CA PHE B 450 22.27 -1.53 28.78
C PHE B 450 21.30 -2.05 27.72
N GLY B 451 21.76 -2.02 26.47
CA GLY B 451 20.96 -2.51 25.37
C GLY B 451 21.78 -3.10 24.23
N ASP B 452 21.22 -4.07 23.52
CA ASP B 452 21.95 -4.68 22.41
C ASP B 452 21.95 -3.80 21.18
N PHE B 453 20.86 -3.08 20.92
CA PHE B 453 20.76 -2.20 19.77
C PHE B 453 20.86 -0.73 20.15
N CYS B 454 21.32 -0.42 21.36
CA CYS B 454 21.48 0.95 21.81
C CYS B 454 22.96 1.31 21.77
N PRO B 455 23.40 2.16 20.84
CA PRO B 455 24.82 2.49 20.77
C PRO B 455 25.28 3.26 21.99
N PHE B 456 26.55 3.07 22.35
CA PHE B 456 27.14 3.78 23.47
C PHE B 456 28.59 4.12 23.14
N GLY B 457 29.06 5.21 23.72
CA GLY B 457 30.38 5.73 23.44
C GLY B 457 30.60 7.03 24.18
N GLY B 458 31.77 7.63 23.92
CA GLY B 458 32.15 8.82 24.65
C GLY B 458 32.33 10.06 23.78
N TYR B 459 32.03 11.20 24.37
CA TYR B 459 32.36 12.50 23.82
C TYR B 459 33.73 12.94 24.32
N LYS B 460 34.25 14.02 23.72
CA LYS B 460 35.46 14.67 24.20
C LYS B 460 36.61 13.68 24.39
N GLN B 461 37.21 13.70 25.58
CA GLN B 461 38.32 12.81 25.90
C GLN B 461 37.88 11.47 26.49
N SER B 462 36.61 11.09 26.30
CA SER B 462 36.16 9.75 26.66
C SER B 462 36.30 8.77 25.50
N GLY B 463 36.87 9.20 24.39
CA GLY B 463 37.08 8.36 23.23
C GLY B 463 36.22 8.75 22.06
N PHE B 464 36.20 7.89 21.06
CA PHE B 464 35.38 8.09 19.88
C PHE B 464 34.99 6.73 19.32
N GLY B 465 33.95 6.73 18.48
CA GLY B 465 33.38 5.50 17.98
C GLY B 465 32.29 4.98 18.90
N ARG B 466 31.50 4.05 18.36
CA ARG B 466 30.35 3.52 19.06
C ARG B 466 30.39 1.99 19.02
N GLU B 467 29.66 1.40 19.97
CA GLU B 467 29.45 -0.04 20.02
C GLU B 467 27.96 -0.33 20.07
N MET B 468 27.60 -1.53 19.61
CA MET B 468 26.23 -2.04 19.58
C MET B 468 25.36 -1.34 18.56
N GLY B 469 24.38 -2.06 18.03
CA GLY B 469 23.52 -1.53 17.00
C GLY B 469 24.23 -1.50 15.66
N ALA B 470 23.52 -0.92 14.68
CA ALA B 470 24.12 -0.71 13.37
C ALA B 470 25.32 0.22 13.45
N SER B 471 25.27 1.19 14.37
CA SER B 471 26.41 2.08 14.57
C SER B 471 27.64 1.30 15.03
N GLY B 472 27.44 0.37 15.97
CA GLY B 472 28.56 -0.46 16.41
C GLY B 472 29.06 -1.39 15.33
N LEU B 473 28.13 -1.98 14.56
CA LEU B 473 28.53 -2.92 13.52
C LEU B 473 29.23 -2.22 12.36
N SER B 474 28.94 -0.94 12.13
CA SER B 474 29.55 -0.23 11.02
C SER B 474 31.02 0.07 11.26
N GLU B 475 31.49 -0.01 12.51
CA GLU B 475 32.90 0.24 12.79
C GLU B 475 33.81 -0.85 12.26
N PHE B 476 33.28 -2.03 11.97
CA PHE B 476 34.08 -3.19 11.58
C PHE B 476 33.90 -3.56 10.11
N VAL B 477 33.47 -2.62 9.27
CA VAL B 477 33.33 -2.87 7.84
C VAL B 477 33.92 -1.69 7.08
N GLN B 478 34.43 -1.98 5.89
CA GLN B 478 34.87 -0.97 4.95
C GLN B 478 33.72 -0.58 4.04
N VAL B 479 33.89 0.55 3.35
CA VAL B 479 32.90 1.03 2.39
C VAL B 479 33.56 1.12 1.04
N LYS B 480 33.01 0.41 0.05
CA LYS B 480 33.53 0.41 -1.31
C LYS B 480 32.44 0.89 -2.26
N ARG B 481 32.79 1.85 -3.10
CA ARG B 481 31.88 2.37 -4.12
C ARG B 481 32.26 1.76 -5.47
N VAL B 482 31.30 1.12 -6.12
CA VAL B 482 31.52 0.46 -7.40
C VAL B 482 30.65 1.16 -8.44
N HIS B 483 31.28 1.59 -9.53
CA HIS B 483 30.60 2.26 -10.62
C HIS B 483 30.73 1.41 -11.86
N VAL B 484 29.59 1.08 -12.47
CA VAL B 484 29.53 0.32 -13.72
C VAL B 484 29.09 1.28 -14.80
N SER B 485 29.99 1.58 -15.74
CA SER B 485 29.69 2.55 -16.78
C SER B 485 28.62 2.04 -17.72
N ALA B 486 27.73 2.93 -18.15
CA ALA B 486 26.66 2.55 -19.05
C ALA B 486 27.15 2.34 -20.48
N TYR B 487 28.28 2.93 -20.85
CA TYR B 487 28.82 2.81 -22.19
C TYR B 487 30.27 2.34 -22.13
N ALA B 488 30.69 1.60 -23.15
CA ALA B 488 32.04 1.07 -23.20
C ALA B 488 32.71 1.44 -24.51
N SER B 489 32.62 2.71 -24.91
CA SER B 489 33.16 3.15 -26.18
C SER B 489 33.93 4.44 -26.00
N VAL B 490 34.78 4.75 -26.98
CA VAL B 490 35.57 5.98 -26.94
C VAL B 490 34.66 7.16 -27.26
N GLY B 491 34.82 8.24 -26.50
CA GLY B 491 34.02 9.43 -26.68
C GLY B 491 32.67 9.40 -25.98
N ALA B 492 32.42 8.40 -25.14
CA ALA B 492 31.12 8.26 -24.50
C ALA B 492 30.95 9.19 -23.30
N SER B 493 32.03 9.73 -22.76
CA SER B 493 31.96 10.56 -21.56
C SER B 493 32.43 11.96 -21.87
N PRO B 494 31.65 12.99 -21.55
CA PRO B 494 32.11 14.36 -21.79
C PRO B 494 33.34 14.74 -21.00
N ALA B 495 33.58 14.10 -19.85
CA ALA B 495 34.73 14.45 -19.02
C ALA B 495 36.04 14.14 -19.73
N MET B 496 36.11 13.01 -20.44
CA MET B 496 37.33 12.62 -21.13
C MET B 496 37.60 13.46 -22.38
N ALA B 497 36.64 14.29 -22.79
CA ALA B 497 36.84 15.15 -23.96
C ALA B 497 37.82 16.28 -23.70
N ILE B 498 38.23 16.49 -22.45
CA ILE B 498 39.22 17.53 -22.16
C ILE B 498 40.54 17.24 -22.84
N LEU B 499 40.95 15.97 -22.87
CA LEU B 499 42.25 15.57 -23.41
C LEU B 499 42.17 15.16 -24.88
N SER B 500 41.24 15.74 -25.64
CA SER B 500 41.11 15.43 -27.05
C SER B 500 40.60 16.65 -27.79
N ASP B 501 40.90 16.72 -29.09
CA ASP B 501 40.43 17.82 -29.92
C ASP B 501 38.99 17.63 -30.38
N ASP B 502 38.47 16.41 -30.35
CA ASP B 502 37.08 16.16 -30.72
C ASP B 502 36.19 16.32 -29.49
N LYS B 503 35.13 17.13 -29.65
CA LYS B 503 34.25 17.46 -28.53
C LYS B 503 32.86 16.88 -28.68
N LYS B 504 32.60 16.10 -29.73
CA LYS B 504 31.28 15.53 -29.93
C LYS B 504 30.99 14.47 -28.88
N THR B 505 29.79 14.52 -28.30
CA THR B 505 29.33 13.54 -27.32
C THR B 505 27.96 13.03 -27.75
N PRO B 506 27.93 12.06 -28.65
CA PRO B 506 26.65 11.63 -29.23
C PRO B 506 25.87 10.62 -28.39
N PHE B 507 26.34 10.26 -27.20
CA PHE B 507 25.70 9.20 -26.43
C PHE B 507 24.68 9.81 -25.48
N VAL B 508 23.41 9.76 -25.89
CA VAL B 508 22.29 10.23 -25.09
C VAL B 508 21.16 9.22 -25.23
N GLN B 509 20.21 9.27 -24.29
CA GLN B 509 19.05 8.40 -24.31
C GLN B 509 17.81 9.22 -24.62
N TYR B 510 16.99 8.74 -25.55
CA TYR B 510 15.86 9.49 -26.08
C TYR B 510 14.56 8.97 -25.47
N ASN B 511 13.66 9.90 -25.14
CA ASN B 511 12.35 9.54 -24.60
C ASN B 511 11.39 10.67 -24.90
N ALA B 512 10.12 10.31 -25.10
CA ALA B 512 9.06 11.28 -25.40
C ALA B 512 7.72 10.74 -24.92
N PRO B 513 7.50 10.73 -23.60
CA PRO B 513 6.30 10.10 -23.06
C PRO B 513 5.05 10.97 -23.08
N THR B 514 5.14 12.21 -23.54
CA THR B 514 3.99 13.10 -23.51
C THR B 514 2.91 12.62 -24.47
N ASN B 515 1.66 12.63 -24.00
CA ASN B 515 0.53 12.25 -24.84
C ASN B 515 0.05 13.48 -25.62
N ILE B 516 0.19 13.44 -26.93
CA ILE B 516 -0.17 14.58 -27.76
C ILE B 516 -1.60 14.44 -28.22
N ILE B 517 -2.41 15.47 -27.97
CA ILE B 517 -3.77 15.56 -28.46
C ILE B 517 -3.88 16.79 -29.33
N SER B 518 -4.40 16.62 -30.55
CA SER B 518 -4.44 17.71 -31.51
C SER B 518 -5.61 17.52 -32.45
N GLY B 519 -6.00 18.59 -33.11
CA GLY B 519 -7.07 18.59 -34.08
C GLY B 519 -8.16 19.60 -33.74
N HIS B 520 -9.10 19.72 -34.67
CA HIS B 520 -10.23 20.61 -34.48
C HIS B 520 -11.14 20.08 -33.38
N GLY B 521 -11.48 20.94 -32.43
CA GLY B 521 -12.38 20.55 -31.35
C GLY B 521 -11.87 19.42 -30.49
N SER B 522 -10.56 19.40 -30.22
CA SER B 522 -9.97 18.36 -29.38
C SER B 522 -9.92 18.75 -27.92
N LEU B 523 -10.36 19.95 -27.56
CA LEU B 523 -10.38 20.37 -26.16
C LEU B 523 -11.23 19.47 -25.26
N PRO B 524 -12.42 18.98 -25.66
CA PRO B 524 -13.20 18.12 -24.76
C PRO B 524 -12.48 16.84 -24.32
N ALA B 525 -11.38 16.50 -24.98
CA ALA B 525 -10.63 15.30 -24.61
C ALA B 525 -9.96 15.43 -23.25
N ILE B 526 -9.86 16.66 -22.71
CA ILE B 526 -9.28 16.86 -21.39
C ILE B 526 -10.14 16.19 -20.32
N TYR B 527 -11.45 16.10 -20.56
CA TYR B 527 -12.34 15.46 -19.60
C TYR B 527 -11.99 13.99 -19.41
N LYS B 528 -11.69 13.28 -20.49
CA LYS B 528 -11.24 11.89 -20.40
C LYS B 528 -9.78 11.78 -19.97
N GLU B 529 -8.94 12.74 -20.36
CA GLU B 529 -7.55 12.71 -19.92
C GLU B 529 -7.43 12.83 -18.41
N MET B 530 -8.33 13.61 -17.80
CA MET B 530 -8.35 13.69 -16.33
C MET B 530 -8.66 12.34 -15.71
N VAL B 531 -9.58 11.59 -16.31
CA VAL B 531 -9.90 10.26 -15.79
C VAL B 531 -8.74 9.30 -15.99
N LYS B 532 -8.04 9.40 -17.11
CA LYS B 532 -6.89 8.52 -17.34
C LYS B 532 -5.80 8.74 -16.31
N LEU B 533 -5.51 10.00 -15.98
CA LEU B 533 -4.47 10.32 -15.01
C LEU B 533 -4.90 10.06 -13.58
N GLY B 534 -6.17 9.74 -13.34
CA GLY B 534 -6.63 9.51 -11.99
C GLY B 534 -6.77 10.76 -11.15
N CYS B 535 -7.19 11.88 -11.76
CA CYS B 535 -7.32 13.15 -11.06
C CYS B 535 -8.75 13.66 -11.18
N LYS B 536 -9.19 14.39 -10.15
CA LYS B 536 -10.53 14.96 -10.12
C LYS B 536 -10.56 16.42 -9.73
N ARG B 537 -9.44 17.03 -9.32
CA ARG B 537 -9.43 18.41 -8.82
C ARG B 537 -8.30 19.17 -9.52
N ALA B 538 -8.63 19.79 -10.65
CA ALA B 538 -7.64 20.53 -11.42
C ALA B 538 -7.76 22.02 -11.14
N VAL B 539 -6.60 22.69 -11.08
CA VAL B 539 -6.52 24.14 -10.94
C VAL B 539 -5.85 24.70 -12.17
N ILE B 540 -6.50 25.66 -12.81
CA ILE B 540 -5.99 26.25 -14.05
C ILE B 540 -4.99 27.35 -13.71
N MET B 541 -3.79 27.24 -14.28
CA MET B 541 -2.74 28.24 -14.12
C MET B 541 -2.62 29.04 -15.41
N THR B 542 -2.72 30.36 -15.31
CA THR B 542 -2.70 31.24 -16.47
C THR B 542 -2.22 32.61 -16.04
N ASP B 543 -2.36 33.59 -16.92
CA ASP B 543 -1.97 34.97 -16.63
C ASP B 543 -3.09 35.91 -17.07
N GLU B 544 -2.89 37.19 -16.77
CA GLU B 544 -3.93 38.19 -17.02
C GLU B 544 -4.23 38.32 -18.51
N GLY B 545 -3.20 38.36 -19.34
CA GLY B 545 -3.38 38.53 -20.77
C GLY B 545 -4.16 37.42 -21.42
N VAL B 546 -3.83 36.17 -21.07
CA VAL B 546 -4.56 35.03 -21.62
C VAL B 546 -5.96 34.97 -21.01
N ASN B 547 -6.08 35.27 -19.72
CA ASN B 547 -7.39 35.24 -19.07
C ASN B 547 -8.35 36.26 -19.67
N ALA B 548 -7.82 37.37 -20.20
CA ALA B 548 -8.68 38.37 -20.83
C ALA B 548 -9.26 37.88 -22.15
N THR B 549 -8.62 36.92 -22.81
CA THR B 549 -9.10 36.44 -24.10
C THR B 549 -10.21 35.41 -23.98
N GLY B 550 -10.41 34.84 -22.79
CA GLY B 550 -11.49 33.90 -22.56
C GLY B 550 -11.15 32.44 -22.80
N LEU B 551 -9.91 32.13 -23.20
CA LEU B 551 -9.52 30.74 -23.35
C LEU B 551 -9.57 29.95 -22.04
N PRO B 552 -9.09 30.45 -20.91
CA PRO B 552 -9.25 29.70 -19.66
C PRO B 552 -10.70 29.41 -19.32
N THR B 553 -11.63 30.28 -19.72
CA THR B 553 -13.04 29.98 -19.54
C THR B 553 -13.45 28.75 -20.36
N LEU B 554 -12.95 28.66 -21.60
CA LEU B 554 -13.22 27.47 -22.40
C LEU B 554 -12.64 26.22 -21.74
N VAL B 555 -11.42 26.32 -21.20
CA VAL B 555 -10.83 25.17 -20.51
C VAL B 555 -11.65 24.78 -19.29
N ARG B 556 -12.13 25.77 -18.54
CA ARG B 556 -12.94 25.50 -17.36
C ARG B 556 -14.24 24.81 -17.73
N GLU B 557 -14.91 25.29 -18.80
CA GLU B 557 -16.13 24.63 -19.26
C GLU B 557 -15.86 23.22 -19.75
N ALA B 558 -14.73 22.97 -20.41
CA ALA B 558 -14.39 21.62 -20.81
C ALA B 558 -14.16 20.71 -19.60
N LEU B 559 -13.49 21.23 -18.57
CA LEU B 559 -13.25 20.43 -17.37
C LEU B 559 -14.52 20.18 -16.58
N ASP B 560 -15.47 21.13 -16.62
CA ASP B 560 -16.76 21.01 -15.96
C ASP B 560 -16.53 20.84 -14.46
N ASP B 561 -16.73 19.64 -13.93
CA ASP B 561 -16.65 19.42 -12.49
C ASP B 561 -15.25 19.04 -12.03
N PHE B 562 -14.31 18.85 -12.94
CA PHE B 562 -12.93 18.53 -12.55
C PHE B 562 -12.08 19.77 -12.31
N CYS B 563 -12.65 20.96 -12.46
CA CYS B 563 -11.94 22.21 -12.21
C CYS B 563 -12.42 22.80 -10.89
N VAL B 564 -11.48 23.10 -10.00
CA VAL B 564 -11.78 23.60 -8.66
C VAL B 564 -11.23 24.98 -8.41
N GLY B 565 -10.51 25.57 -9.36
CA GLY B 565 -9.98 26.90 -9.18
C GLY B 565 -9.18 27.41 -10.35
N VAL B 566 -9.02 28.72 -10.45
CA VAL B 566 -8.23 29.37 -11.49
C VAL B 566 -7.29 30.37 -10.85
N TYR B 567 -6.00 30.27 -11.21
CA TYR B 567 -4.99 31.20 -10.74
C TYR B 567 -4.44 31.96 -11.94
N ASP B 568 -4.68 33.27 -11.97
CA ASP B 568 -4.32 34.10 -13.12
C ASP B 568 -3.24 35.15 -12.82
N ARG B 569 -2.57 35.04 -11.68
CA ARG B 569 -1.59 36.03 -11.26
C ARG B 569 -0.15 35.77 -11.72
N ILE B 570 0.06 34.77 -12.59
CA ILE B 570 1.40 34.48 -13.09
C ILE B 570 1.89 35.66 -13.93
N GLU B 571 3.08 36.15 -13.62
CA GLU B 571 3.64 37.28 -14.36
C GLU B 571 4.64 36.82 -15.41
N GLN B 572 4.81 37.65 -16.44
CA GLN B 572 5.85 37.40 -17.42
C GLN B 572 7.19 37.52 -16.71
N ASP B 573 8.13 36.62 -17.06
CA ASP B 573 9.40 36.49 -16.35
C ASP B 573 9.16 36.20 -14.87
N SER B 574 8.54 35.05 -14.61
CA SER B 574 8.16 34.66 -13.27
C SER B 574 9.40 34.37 -12.42
N SER B 575 9.22 34.41 -11.11
CA SER B 575 10.30 34.22 -10.16
C SER B 575 9.92 33.16 -9.15
N LEU B 576 10.77 32.98 -8.13
CA LEU B 576 10.53 31.97 -7.12
C LEU B 576 9.29 32.30 -6.29
N ASP B 577 9.09 33.58 -5.97
CA ASP B 577 7.92 33.98 -5.19
C ASP B 577 6.63 33.77 -5.94
N THR B 578 6.62 33.98 -7.26
CA THR B 578 5.43 33.67 -8.05
C THR B 578 5.09 32.19 -7.97
N VAL B 579 6.10 31.33 -8.07
CA VAL B 579 5.88 29.89 -7.97
C VAL B 579 5.34 29.54 -6.59
N ASP B 580 5.91 30.15 -5.54
CA ASP B 580 5.45 29.86 -4.18
C ASP B 580 4.00 30.28 -3.98
N ALA B 581 3.63 31.47 -4.48
CA ALA B 581 2.25 31.94 -4.35
C ALA B 581 1.29 31.04 -5.13
N ALA B 582 1.66 30.66 -6.35
CA ALA B 582 0.81 29.78 -7.14
C ALA B 582 0.65 28.42 -6.48
N ALA B 583 1.73 27.89 -5.91
CA ALA B 583 1.65 26.61 -5.22
C ALA B 583 0.77 26.71 -3.98
N ALA B 584 0.86 27.81 -3.24
CA ALA B 584 0.01 27.99 -2.07
C ALA B 584 -1.46 28.06 -2.47
N TYR B 585 -1.76 28.80 -3.54
CA TYR B 585 -3.14 28.90 -4.01
C TYR B 585 -3.66 27.54 -4.48
N ALA B 586 -2.82 26.77 -5.17
CA ALA B 586 -3.22 25.45 -5.61
C ALA B 586 -3.44 24.51 -4.43
N ARG B 587 -2.61 24.62 -3.40
CA ARG B 587 -2.74 23.74 -2.23
C ARG B 587 -3.99 24.07 -1.43
N GLU B 588 -4.31 25.35 -1.28
CA GLU B 588 -5.50 25.71 -0.51
C GLU B 588 -6.78 25.26 -1.21
N CYS B 589 -6.72 25.03 -2.52
CA CYS B 589 -7.87 24.52 -3.26
C CYS B 589 -7.92 23.01 -3.30
N GLY B 590 -6.95 22.33 -2.70
CA GLY B 590 -6.94 20.87 -2.69
C GLY B 590 -6.72 20.24 -4.06
N ALA B 591 -5.87 20.85 -4.88
CA ALA B 591 -5.64 20.36 -6.23
C ALA B 591 -4.80 19.09 -6.21
N ASP B 592 -5.07 18.21 -7.18
CA ASP B 592 -4.23 17.05 -7.44
C ASP B 592 -3.70 17.03 -8.87
N ALA B 593 -4.05 18.02 -9.68
CA ALA B 593 -3.53 18.14 -11.04
C ALA B 593 -3.47 19.62 -11.39
N ILE B 594 -2.58 19.96 -12.32
CA ILE B 594 -2.36 21.33 -12.75
C ILE B 594 -2.57 21.41 -14.25
N VAL B 595 -3.39 22.37 -14.68
CA VAL B 595 -3.63 22.64 -16.09
C VAL B 595 -3.11 24.04 -16.39
N SER B 596 -2.20 24.14 -17.34
CA SER B 596 -1.58 25.41 -17.69
C SER B 596 -2.08 25.87 -19.05
N VAL B 597 -2.53 27.12 -19.12
CA VAL B 597 -3.04 27.72 -20.35
C VAL B 597 -2.28 29.02 -20.55
N GLY B 598 -1.28 29.01 -21.42
CA GLY B 598 -0.51 30.21 -21.67
C GLY B 598 0.78 29.90 -22.41
N GLY B 599 1.70 30.86 -22.36
CA GLY B 599 2.96 30.74 -23.05
C GLY B 599 3.97 29.90 -22.29
N GLY B 600 5.23 30.07 -22.66
CA GLY B 600 6.29 29.29 -22.04
C GLY B 600 6.49 29.59 -20.58
N SER B 601 6.33 30.87 -20.20
CA SER B 601 6.49 31.24 -18.80
C SER B 601 5.44 30.54 -17.92
N VAL B 602 4.20 30.52 -18.38
CA VAL B 602 3.13 29.87 -17.61
C VAL B 602 3.41 28.37 -17.48
N ILE B 603 3.85 27.73 -18.56
CA ILE B 603 4.08 26.29 -18.52
C ILE B 603 5.25 25.95 -17.59
N ASP B 604 6.32 26.74 -17.66
CA ASP B 604 7.45 26.51 -16.77
C ASP B 604 7.10 26.76 -15.31
N THR B 605 6.35 27.83 -15.03
CA THR B 605 5.88 28.07 -13.68
C THR B 605 5.00 26.94 -13.19
N SER B 606 4.18 26.38 -14.09
CA SER B 606 3.33 25.25 -13.70
C SER B 606 4.14 24.00 -13.42
N LYS B 607 5.22 23.77 -14.18
CA LYS B 607 6.11 22.66 -13.86
C LYS B 607 6.70 22.82 -12.47
N ALA B 608 7.19 24.02 -12.17
CA ALA B 608 7.74 24.28 -10.83
C ALA B 608 6.68 24.11 -9.76
N VAL B 609 5.46 24.56 -10.03
CA VAL B 609 4.36 24.43 -9.07
C VAL B 609 4.04 22.97 -8.83
N CYS B 610 4.04 22.15 -9.88
CA CYS B 610 3.83 20.71 -9.71
C CYS B 610 4.91 20.09 -8.84
N VAL B 611 6.18 20.47 -9.07
CA VAL B 611 7.26 19.94 -8.25
C VAL B 611 7.07 20.33 -6.79
N VAL B 612 6.74 21.60 -6.54
CA VAL B 612 6.55 22.07 -5.16
C VAL B 612 5.37 21.38 -4.50
N LEU B 613 4.27 21.21 -5.24
CA LEU B 613 3.10 20.54 -4.69
C LEU B 613 3.40 19.10 -4.34
N LYS B 614 4.15 18.40 -5.19
CA LYS B 614 4.46 17.01 -4.90
C LYS B 614 5.42 16.87 -3.72
N ASN B 615 6.49 17.67 -3.70
CA ASN B 615 7.52 17.48 -2.68
C ASN B 615 7.41 18.42 -1.49
N GLY B 616 6.57 19.45 -1.57
CA GLY B 616 6.50 20.40 -0.48
C GLY B 616 7.69 21.34 -0.47
N GLY B 617 7.80 22.10 0.62
CA GLY B 617 8.90 23.03 0.73
C GLY B 617 8.71 24.24 -0.17
N LYS B 618 9.84 24.88 -0.48
CA LYS B 618 9.86 26.06 -1.32
C LYS B 618 10.43 25.73 -2.69
N CYS B 619 10.25 26.66 -3.62
CA CYS B 619 10.72 26.45 -5.00
C CYS B 619 12.24 26.42 -5.07
N ASN B 620 12.91 27.24 -4.25
CA ASN B 620 14.37 27.30 -4.28
C ASN B 620 15.02 26.00 -3.83
N ASP B 621 14.29 25.16 -3.08
CA ASP B 621 14.86 23.91 -2.61
C ASP B 621 15.06 22.91 -3.75
N HIS B 622 14.19 22.94 -4.76
CA HIS B 622 14.15 21.91 -5.79
C HIS B 622 14.91 22.28 -7.06
N MET B 623 15.63 23.40 -7.07
CA MET B 623 16.38 23.83 -8.25
C MET B 623 17.64 22.97 -8.37
N ALA B 624 17.48 21.82 -9.02
CA ALA B 624 18.58 20.89 -9.22
C ALA B 624 18.46 20.24 -10.59
N MET B 625 19.38 19.32 -10.87
CA MET B 625 19.43 18.62 -12.15
C MET B 625 19.29 17.13 -11.90
N LEU B 626 18.25 16.53 -12.48
CA LEU B 626 18.00 15.09 -12.44
C LEU B 626 17.95 14.52 -11.02
N ARG B 627 17.31 15.23 -10.08
CA ARG B 627 17.32 14.77 -8.71
C ARG B 627 16.09 13.94 -8.35
N LEU B 628 14.92 14.33 -8.82
CA LEU B 628 13.70 13.62 -8.44
C LEU B 628 13.69 12.21 -9.05
N GLN B 629 13.09 11.28 -8.31
CA GLN B 629 13.12 9.87 -8.69
C GLN B 629 11.75 9.30 -9.04
N GLU B 630 10.68 10.05 -8.83
CA GLU B 630 9.33 9.53 -9.04
C GLU B 630 8.51 10.60 -9.75
N PRO B 631 7.42 10.20 -10.41
CA PRO B 631 6.59 11.19 -11.11
C PRO B 631 6.00 12.21 -10.14
N GLN B 632 5.90 13.45 -10.62
CA GLN B 632 5.38 14.56 -9.83
C GLN B 632 3.88 14.67 -10.03
N THR B 633 3.31 15.80 -9.60
CA THR B 633 1.89 16.04 -9.77
C THR B 633 1.54 16.05 -11.26
N PRO B 634 0.43 15.42 -11.67
CA PRO B 634 0.07 15.39 -13.08
C PRO B 634 -0.11 16.80 -13.65
N HIS B 635 0.30 16.97 -14.90
CA HIS B 635 0.34 18.28 -15.55
C HIS B 635 -0.20 18.16 -16.96
N ILE B 636 -1.10 19.05 -17.33
CA ILE B 636 -1.62 19.17 -18.69
C ILE B 636 -1.31 20.57 -19.18
N ALA B 637 -0.64 20.68 -20.31
CA ALA B 637 -0.21 21.95 -20.86
C ALA B 637 -1.02 22.29 -22.10
N ILE B 638 -1.56 23.51 -22.15
CA ILE B 638 -2.33 23.96 -23.30
C ILE B 638 -1.67 25.24 -23.83
N PRO B 639 -0.73 25.13 -24.76
CA PRO B 639 -0.03 26.34 -25.24
C PRO B 639 -0.96 27.27 -25.99
N THR B 640 -0.68 28.56 -25.89
CA THR B 640 -1.39 29.59 -26.64
C THR B 640 -0.48 30.37 -27.57
N THR B 641 0.77 29.94 -27.71
CA THR B 641 1.73 30.56 -28.62
C THR B 641 2.17 29.52 -29.64
N SER B 642 2.51 29.98 -30.84
CA SER B 642 2.78 29.05 -31.93
C SER B 642 4.18 28.44 -31.83
N GLY B 643 4.94 28.85 -30.82
CA GLY B 643 6.06 28.02 -30.42
C GLY B 643 6.86 28.51 -29.22
N THR B 644 7.01 27.63 -28.24
CA THR B 644 8.06 27.74 -27.22
C THR B 644 8.64 26.36 -26.95
N GLY B 645 7.87 25.32 -27.27
CA GLY B 645 8.26 23.94 -27.06
C GLY B 645 8.15 23.46 -25.63
N SER B 646 7.74 24.31 -24.69
CA SER B 646 7.81 23.97 -23.27
C SER B 646 6.82 22.87 -22.88
N GLU B 647 5.84 22.57 -23.72
CA GLU B 647 4.86 21.56 -23.37
C GLU B 647 5.40 20.14 -23.41
N VAL B 648 6.60 19.94 -23.97
CA VAL B 648 7.19 18.61 -24.07
C VAL B 648 8.62 18.56 -23.58
N THR B 649 9.17 19.65 -23.04
CA THR B 649 10.54 19.66 -22.58
C THR B 649 10.63 19.37 -21.09
N ASN B 650 11.82 18.99 -20.65
CA ASN B 650 12.07 18.60 -19.28
C ASN B 650 12.78 19.68 -18.47
N VAL B 651 12.80 20.92 -18.94
CA VAL B 651 13.51 22.00 -18.27
C VAL B 651 12.55 23.15 -18.02
N ALA B 652 12.71 23.78 -16.85
CA ALA B 652 11.95 24.96 -16.47
C ALA B 652 12.92 26.02 -15.97
N VAL B 653 12.77 27.24 -16.49
CA VAL B 653 13.67 28.35 -16.17
C VAL B 653 12.91 29.34 -15.30
N ILE B 654 13.48 29.65 -14.14
CA ILE B 654 12.85 30.54 -13.17
C ILE B 654 13.88 31.60 -12.80
N LYS B 655 13.44 32.84 -12.70
CA LYS B 655 14.31 33.94 -12.32
C LYS B 655 14.48 33.96 -10.81
N ASN B 656 15.69 34.25 -10.35
CA ASN B 656 15.98 34.39 -8.92
C ASN B 656 16.25 35.89 -8.67
N LYS B 657 15.23 36.59 -8.18
CA LYS B 657 15.33 38.04 -8.02
C LYS B 657 16.37 38.44 -6.99
N ALA B 658 16.61 37.60 -5.97
CA ALA B 658 17.64 37.90 -4.98
C ALA B 658 19.05 37.71 -5.53
N VAL B 659 19.20 37.15 -6.72
CA VAL B 659 20.50 36.89 -7.32
C VAL B 659 20.56 37.57 -8.67
N GLY B 660 19.39 37.82 -9.26
CA GLY B 660 19.34 38.38 -10.60
C GLY B 660 19.85 37.44 -11.66
N ARG B 661 19.55 36.15 -11.55
CA ARG B 661 20.01 35.15 -12.49
C ARG B 661 18.94 34.09 -12.67
N LYS B 662 18.75 33.65 -13.91
CA LYS B 662 17.75 32.63 -14.22
C LYS B 662 18.30 31.27 -13.80
N VAL B 663 17.60 30.61 -12.88
CA VAL B 663 18.02 29.30 -12.40
C VAL B 663 17.24 28.22 -13.14
N TYR B 664 17.72 26.99 -13.04
CA TYR B 664 17.19 25.88 -13.82
C TYR B 664 16.73 24.74 -12.91
N ILE B 665 15.71 24.02 -13.35
CA ILE B 665 15.38 22.70 -12.85
C ILE B 665 15.22 21.78 -14.05
N LEU B 666 15.99 20.69 -14.07
CA LEU B 666 16.07 19.82 -15.24
C LEU B 666 15.82 18.39 -14.79
N ASP B 667 14.73 17.79 -15.28
CA ASP B 667 14.36 16.45 -14.84
C ASP B 667 13.38 15.84 -15.82
N PRO B 668 13.56 14.57 -16.20
CA PRO B 668 12.54 13.91 -17.04
C PRO B 668 11.19 13.76 -16.36
N HIS B 669 11.12 13.85 -15.04
CA HIS B 669 9.86 13.66 -14.33
C HIS B 669 9.02 14.92 -14.26
N ILE B 670 9.53 16.07 -14.72
CA ILE B 670 8.74 17.29 -14.78
C ILE B 670 8.15 17.53 -16.16
N VAL B 671 8.34 16.60 -17.09
CA VAL B 671 7.71 16.70 -18.41
C VAL B 671 6.20 16.61 -18.24
N PRO B 672 5.41 17.47 -18.90
CA PRO B 672 3.95 17.39 -18.76
C PRO B 672 3.43 16.02 -19.22
N ASN B 673 2.40 15.54 -18.52
CA ASN B 673 1.83 14.24 -18.85
C ASN B 673 1.10 14.27 -20.19
N SER B 674 0.50 15.40 -20.53
CA SER B 674 -0.27 15.53 -21.76
C SER B 674 -0.29 16.97 -22.21
N THR B 675 -0.65 17.17 -23.48
CA THR B 675 -0.81 18.50 -24.04
C THR B 675 -1.93 18.46 -25.07
N ILE B 676 -2.61 19.59 -25.24
CA ILE B 676 -3.72 19.71 -26.18
C ILE B 676 -3.36 20.79 -27.19
N LEU B 677 -3.28 20.40 -28.46
CA LEU B 677 -3.01 21.35 -29.53
C LEU B 677 -4.29 21.77 -30.23
N ASP B 678 -5.09 22.61 -29.60
CA ASP B 678 -6.32 23.11 -30.20
C ASP B 678 -6.03 24.41 -30.95
N PRO B 679 -6.36 24.50 -32.24
CA PRO B 679 -6.07 25.74 -32.98
C PRO B 679 -6.80 26.96 -32.47
N ARG B 680 -7.86 26.79 -31.67
CA ARG B 680 -8.56 27.95 -31.10
C ARG B 680 -7.64 28.76 -30.21
N PHE B 681 -6.66 28.12 -29.57
CA PHE B 681 -5.80 28.80 -28.61
C PHE B 681 -4.73 29.64 -29.29
N THR B 682 -4.54 29.49 -30.60
CA THR B 682 -3.61 30.32 -31.35
C THR B 682 -4.25 31.04 -32.53
N LEU B 683 -5.55 30.86 -32.77
CA LEU B 683 -6.19 31.52 -33.90
C LEU B 683 -6.19 33.03 -33.77
N GLY B 684 -6.38 33.55 -32.56
CA GLY B 684 -6.42 34.97 -32.31
C GLY B 684 -5.10 35.62 -32.00
N LEU B 685 -4.00 34.90 -32.14
CA LEU B 685 -2.69 35.46 -31.80
C LEU B 685 -2.34 36.58 -32.78
N PRO B 686 -1.80 37.70 -32.29
CA PRO B 686 -1.46 38.81 -33.19
C PRO B 686 -0.29 38.46 -34.10
N HIS B 687 0.05 39.43 -34.95
CA HIS B 687 1.09 39.21 -35.96
C HIS B 687 2.47 39.14 -35.33
N ARG B 688 2.78 40.08 -34.43
CA ARG B 688 4.09 40.12 -33.81
C ARG B 688 4.37 38.85 -33.01
N MET B 689 3.41 38.44 -32.19
CA MET B 689 3.59 37.21 -31.42
C MET B 689 3.74 36.00 -32.33
N THR B 690 2.95 35.94 -33.40
CA THR B 690 3.04 34.82 -34.34
C THR B 690 4.43 34.72 -34.94
N VAL B 691 4.95 35.82 -35.47
CA VAL B 691 6.24 35.76 -36.14
C VAL B 691 7.36 35.49 -35.14
N THR B 692 7.28 36.11 -33.94
CA THR B 692 8.32 35.88 -32.95
C THR B 692 8.34 34.43 -32.48
N THR B 693 7.18 33.84 -32.22
CA THR B 693 7.16 32.44 -31.77
C THR B 693 7.57 31.49 -32.88
N ALA B 694 7.16 31.77 -34.12
CA ALA B 694 7.60 30.93 -35.23
C ALA B 694 9.11 30.98 -35.39
N LEU B 695 9.70 32.16 -35.27
CA LEU B 695 11.16 32.27 -35.35
C LEU B 695 11.85 31.63 -34.15
N ASP B 696 11.22 31.66 -32.97
CA ASP B 696 11.78 30.95 -31.83
C ASP B 696 11.79 29.44 -32.07
N ALA B 697 10.71 28.90 -32.63
CA ALA B 697 10.68 27.48 -32.96
C ALA B 697 11.72 27.14 -34.03
N MET B 698 11.88 28.02 -35.02
CA MET B 698 12.89 27.82 -36.05
C MET B 698 14.29 27.81 -35.45
N THR B 699 14.55 28.73 -34.51
CA THR B 699 15.84 28.76 -33.83
C THR B 699 16.07 27.47 -33.04
N HIS B 700 15.04 27.00 -32.34
CA HIS B 700 15.14 25.72 -31.65
C HIS B 700 15.55 24.60 -32.60
N SER B 701 14.84 24.49 -33.72
CA SER B 701 15.08 23.39 -34.66
C SER B 701 16.48 23.50 -35.29
N ILE B 702 16.90 24.71 -35.63
CA ILE B 702 18.20 24.88 -36.28
C ILE B 702 19.33 24.62 -35.31
N GLU B 703 19.22 25.13 -34.07
CA GLU B 703 20.27 24.89 -33.08
C GLU B 703 20.35 23.42 -32.70
N ALA B 704 19.20 22.74 -32.61
CA ALA B 704 19.22 21.32 -32.28
C ALA B 704 19.91 20.52 -33.37
N LEU B 705 19.80 20.96 -34.61
CA LEU B 705 20.43 20.26 -35.73
C LEU B 705 21.94 20.47 -35.77
N THR B 706 22.48 21.39 -34.95
CA THR B 706 23.88 21.77 -35.01
C THR B 706 24.66 21.46 -33.74
N SER B 707 23.99 21.26 -32.61
CA SER B 707 24.68 21.13 -31.33
C SER B 707 25.59 19.90 -31.31
N THR B 708 26.44 19.85 -30.30
CA THR B 708 27.39 18.75 -30.13
C THR B 708 26.69 17.43 -29.82
N ARG B 709 25.44 17.47 -29.34
CA ARG B 709 24.71 16.27 -28.98
C ARG B 709 23.62 15.92 -29.98
N SER B 710 23.77 16.34 -31.24
CA SER B 710 22.75 16.07 -32.24
C SER B 710 22.69 14.58 -32.56
N GLN B 711 21.47 14.07 -32.72
CA GLN B 711 21.21 12.67 -33.02
C GLN B 711 20.25 12.60 -34.19
N PRO B 712 20.25 11.49 -34.94
CA PRO B 712 19.38 11.39 -36.12
C PRO B 712 17.90 11.56 -35.83
N ILE B 713 17.41 11.10 -34.67
CA ILE B 713 16.01 11.32 -34.33
C ILE B 713 15.75 12.82 -34.15
N CYS B 714 16.62 13.49 -33.41
CA CYS B 714 16.50 14.94 -33.25
C CYS B 714 16.65 15.64 -34.59
N ASP B 715 17.51 15.11 -35.47
CA ASP B 715 17.64 15.69 -36.80
C ASP B 715 16.34 15.59 -37.58
N GLY B 716 15.67 14.43 -37.51
CA GLY B 716 14.39 14.30 -38.19
C GLY B 716 13.34 15.24 -37.64
N GLN B 717 13.25 15.35 -36.32
CA GLN B 717 12.30 16.28 -35.72
C GLN B 717 12.59 17.71 -36.16
N ALA B 718 13.85 18.12 -36.11
CA ALA B 718 14.22 19.49 -36.47
C ALA B 718 13.92 19.76 -37.94
N LEU B 719 14.24 18.83 -38.83
CA LEU B 719 13.98 19.05 -40.24
C LEU B 719 12.49 19.13 -40.54
N GLN B 720 11.69 18.25 -39.95
CA GLN B 720 10.25 18.32 -40.17
C GLN B 720 9.67 19.62 -39.64
N ALA B 721 10.13 20.07 -38.47
CA ALA B 721 9.67 21.34 -37.92
C ALA B 721 10.06 22.50 -38.81
N ILE B 722 11.29 22.50 -39.33
CA ILE B 722 11.75 23.57 -40.21
C ILE B 722 10.90 23.62 -41.46
N ARG B 723 10.64 22.44 -42.05
CA ARG B 723 9.81 22.39 -43.26
C ARG B 723 8.41 22.93 -43.00
N LEU B 724 7.79 22.52 -41.89
CA LEU B 724 6.44 22.98 -41.59
C LEU B 724 6.41 24.49 -41.35
N ILE B 725 7.38 25.01 -40.60
CA ILE B 725 7.41 26.44 -40.33
C ILE B 725 7.59 27.22 -41.62
N SER B 726 8.55 26.80 -42.46
CA SER B 726 8.81 27.50 -43.71
C SER B 726 7.59 27.49 -44.62
N GLU B 727 6.88 26.36 -44.67
CA GLU B 727 5.72 26.27 -45.55
C GLU B 727 4.53 27.07 -45.01
N ASN B 728 4.34 27.11 -43.69
CA ASN B 728 3.08 27.57 -43.15
C ASN B 728 3.11 28.98 -42.55
N LEU B 729 4.30 29.53 -42.24
CA LEU B 729 4.32 30.88 -41.67
C LEU B 729 3.79 31.93 -42.63
N PRO B 730 4.16 31.95 -43.92
CA PRO B 730 3.53 32.91 -44.84
C PRO B 730 2.03 32.76 -44.93
N ARG B 731 1.52 31.53 -44.87
CA ARG B 731 0.07 31.32 -44.92
C ARG B 731 -0.61 31.94 -43.70
N VAL B 732 -0.01 31.81 -42.52
CA VAL B 732 -0.58 32.41 -41.32
C VAL B 732 -0.53 33.92 -41.40
N VAL B 733 0.60 34.47 -41.86
CA VAL B 733 0.73 35.92 -41.93
C VAL B 733 -0.28 36.50 -42.92
N ALA B 734 -0.43 35.87 -44.08
CA ALA B 734 -1.37 36.39 -45.07
C ALA B 734 -2.81 36.09 -44.69
N LYS B 735 -3.06 34.93 -44.08
CA LYS B 735 -4.42 34.44 -43.86
C LYS B 735 -4.54 34.14 -42.38
N PRO B 736 -4.74 35.18 -41.55
CA PRO B 736 -4.54 35.02 -40.10
C PRO B 736 -5.37 33.92 -39.46
N HIS B 737 -6.64 33.76 -39.83
CA HIS B 737 -7.48 32.69 -39.29
C HIS B 737 -7.55 31.45 -40.19
N ASP B 738 -6.45 31.14 -40.89
CA ASP B 738 -6.33 29.84 -41.53
C ASP B 738 -6.04 28.77 -40.48
N GLU B 739 -6.99 27.87 -40.25
CA GLU B 739 -6.89 26.95 -39.12
C GLU B 739 -5.83 25.87 -39.38
N ALA B 740 -5.76 25.37 -40.61
CA ALA B 740 -4.81 24.30 -40.92
C ALA B 740 -3.37 24.77 -40.72
N ALA B 741 -3.06 25.99 -41.15
CA ALA B 741 -1.71 26.51 -40.97
C ALA B 741 -1.38 26.71 -39.49
N ARG B 742 -2.37 27.14 -38.70
CA ARG B 742 -2.15 27.28 -37.27
C ARG B 742 -1.85 25.93 -36.62
N ALA B 743 -2.60 24.90 -37.01
CA ALA B 743 -2.34 23.56 -36.49
C ALA B 743 -0.95 23.07 -36.90
N ASN B 744 -0.57 23.34 -38.14
CA ASN B 744 0.76 22.94 -38.60
C ASN B 744 1.85 23.65 -37.81
N LEU B 745 1.66 24.93 -37.52
CA LEU B 745 2.62 25.65 -36.68
C LEU B 745 2.70 25.07 -35.28
N GLN B 746 1.55 24.70 -34.70
CA GLN B 746 1.57 24.09 -33.37
C GLN B 746 2.35 22.78 -33.37
N LEU B 747 2.11 21.94 -34.39
CA LEU B 747 2.83 20.68 -34.47
C LEU B 747 4.32 20.91 -34.69
N ALA B 748 4.67 21.90 -35.51
CA ALA B 748 6.08 22.23 -35.72
C ALA B 748 6.74 22.67 -34.42
N ALA B 749 6.03 23.47 -33.61
CA ALA B 749 6.55 23.88 -32.32
C ALA B 749 6.76 22.68 -31.39
N THR B 750 5.80 21.75 -31.38
CA THR B 750 5.95 20.57 -30.53
C THR B 750 7.14 19.73 -30.95
N MET B 751 7.34 19.56 -32.26
CA MET B 751 8.48 18.76 -32.73
C MET B 751 9.81 19.47 -32.49
N ALA B 752 9.83 20.80 -32.61
CA ALA B 752 11.05 21.53 -32.28
C ALA B 752 11.38 21.42 -30.79
N GLY B 753 10.35 21.44 -29.95
CA GLY B 753 10.57 21.20 -28.53
C GLY B 753 11.14 19.81 -28.28
N TRP B 754 10.57 18.81 -28.94
CA TRP B 754 11.11 17.45 -28.86
C TRP B 754 12.58 17.43 -29.28
N ALA B 755 12.92 18.18 -30.33
CA ALA B 755 14.28 18.16 -30.84
C ALA B 755 15.26 18.75 -29.84
N PHE B 756 14.97 19.96 -29.34
CA PHE B 756 15.97 20.61 -28.49
C PHE B 756 15.90 20.14 -27.06
N ASN B 757 14.88 19.34 -26.70
CA ASN B 757 14.88 18.69 -25.41
C ASN B 757 16.06 17.75 -25.25
N VAL B 758 16.45 17.07 -26.32
CA VAL B 758 17.55 16.12 -26.29
C VAL B 758 18.82 16.72 -26.88
N ALA B 759 18.71 17.44 -27.99
CA ALA B 759 19.90 17.97 -28.65
C ALA B 759 20.48 19.18 -27.93
N GLN B 760 19.69 19.87 -27.10
CA GLN B 760 20.12 21.06 -26.35
C GLN B 760 20.41 22.25 -27.26
N VAL B 761 20.17 23.46 -26.74
CA VAL B 761 20.38 24.68 -27.49
C VAL B 761 21.83 25.16 -27.32
N GLY B 762 22.24 26.11 -28.15
CA GLY B 762 23.62 26.58 -28.16
C GLY B 762 23.73 28.01 -27.65
N LEU B 763 24.55 28.80 -28.35
CA LEU B 763 24.90 30.13 -27.87
C LEU B 763 23.73 31.11 -27.98
N ALA B 764 22.84 30.92 -28.95
CA ALA B 764 21.77 31.88 -29.18
C ALA B 764 20.88 32.01 -27.96
N HIS B 765 20.53 30.89 -27.33
CA HIS B 765 19.70 30.96 -26.13
C HIS B 765 20.48 31.47 -24.93
N ALA B 766 21.79 31.21 -24.88
CA ALA B 766 22.61 31.79 -23.83
C ALA B 766 22.59 33.32 -23.92
N MET B 767 22.57 33.85 -25.13
CA MET B 767 22.47 35.30 -25.31
C MET B 767 21.07 35.81 -24.99
N ALA B 768 20.04 35.09 -25.47
CA ALA B 768 18.66 35.53 -25.30
C ALA B 768 18.27 35.54 -23.83
N HIS B 769 18.76 34.58 -23.04
CA HIS B 769 18.42 34.54 -21.63
C HIS B 769 18.96 35.76 -20.90
N THR B 770 20.20 36.15 -21.17
CA THR B 770 20.74 37.37 -20.56
C THR B 770 20.01 38.61 -21.04
N LEU B 771 19.67 38.66 -22.33
CA LEU B 771 18.90 39.80 -22.83
C LEU B 771 17.57 39.93 -22.09
N GLY B 772 16.86 38.82 -21.93
CA GLY B 772 15.59 38.86 -21.21
C GLY B 772 15.74 39.18 -19.74
N ALA B 773 16.80 38.66 -19.11
CA ALA B 773 16.99 38.88 -17.69
C ALA B 773 17.37 40.32 -17.38
N ILE B 774 18.14 40.95 -18.26
CA ILE B 774 18.60 42.31 -17.98
C ILE B 774 17.66 43.38 -18.53
N HIS B 775 17.20 43.23 -19.78
CA HIS B 775 16.43 44.27 -20.44
C HIS B 775 14.97 43.90 -20.64
N ASP B 776 14.51 42.79 -20.03
CA ASP B 776 13.12 42.33 -20.13
C ASP B 776 12.70 42.06 -21.56
N ILE B 777 13.64 41.72 -22.43
CA ILE B 777 13.33 41.46 -23.84
C ILE B 777 12.65 40.11 -23.97
N PRO B 778 11.58 39.99 -24.76
CA PRO B 778 10.93 38.68 -24.92
C PRO B 778 11.85 37.66 -25.58
N HIS B 779 11.61 36.38 -25.24
CA HIS B 779 12.49 35.31 -25.70
C HIS B 779 12.47 35.17 -27.22
N GLY B 780 11.29 35.26 -27.83
CA GLY B 780 11.16 35.02 -29.25
C GLY B 780 11.90 36.02 -30.10
N LEU B 781 11.76 37.31 -29.80
CA LEU B 781 12.47 38.35 -30.56
C LEU B 781 13.98 38.18 -30.44
N ALA B 782 14.45 37.93 -29.21
CA ALA B 782 15.88 37.76 -28.99
C ALA B 782 16.42 36.56 -29.75
N CYS B 783 15.70 35.44 -29.74
CA CYS B 783 16.16 34.26 -30.48
C CYS B 783 16.15 34.54 -31.99
N GLY B 784 15.10 35.19 -32.48
CA GLY B 784 15.00 35.43 -33.91
C GLY B 784 16.07 36.34 -34.45
N ILE B 785 16.38 37.42 -33.71
CA ILE B 785 17.36 38.37 -34.19
C ILE B 785 18.79 37.85 -34.15
N MET B 786 19.06 36.81 -33.35
CA MET B 786 20.40 36.25 -33.27
C MET B 786 20.55 34.90 -33.95
N LEU B 787 19.48 34.31 -34.46
CA LEU B 787 19.62 33.01 -35.12
C LEU B 787 20.58 33.03 -36.31
N PRO B 788 20.44 33.94 -37.29
CA PRO B 788 21.32 33.85 -38.47
C PRO B 788 22.75 34.25 -38.19
N ARG B 789 22.96 35.20 -37.29
CA ARG B 789 24.33 35.57 -36.92
C ARG B 789 25.04 34.44 -36.20
N VAL B 790 24.30 33.69 -35.37
CA VAL B 790 24.87 32.49 -34.75
C VAL B 790 25.13 31.42 -35.82
N MET B 791 24.24 31.32 -36.81
CA MET B 791 24.45 30.37 -37.89
C MET B 791 25.74 30.65 -38.63
N ARG B 792 25.99 31.93 -38.95
CA ARG B 792 27.25 32.29 -39.61
C ARG B 792 28.43 32.13 -38.66
N PHE B 793 28.21 32.35 -37.36
CA PHE B 793 29.27 32.16 -36.38
C PHE B 793 29.74 30.72 -36.34
N ASN B 794 28.81 29.77 -36.48
CA ASN B 794 29.11 28.35 -36.44
C ASN B 794 29.21 27.71 -37.82
N VAL B 795 29.36 28.51 -38.87
CA VAL B 795 29.23 28.00 -40.23
C VAL B 795 30.38 27.07 -40.62
N ASP B 796 31.54 27.17 -39.96
CA ASP B 796 32.71 26.40 -40.34
C ASP B 796 32.88 25.12 -39.51
N HIS B 797 32.49 25.13 -38.24
CA HIS B 797 32.53 23.91 -37.44
C HIS B 797 31.28 23.06 -37.55
N ALA B 798 30.21 23.60 -38.12
CA ALA B 798 29.05 22.77 -38.45
C ALA B 798 29.29 22.02 -39.75
N GLY B 799 28.96 20.73 -39.74
CA GLY B 799 29.21 19.90 -40.91
C GLY B 799 28.13 20.02 -41.96
N HIS B 800 27.64 18.89 -42.45
CA HIS B 800 26.61 18.89 -43.48
C HIS B 800 25.24 19.22 -42.92
N LYS B 801 25.14 19.52 -41.62
CA LYS B 801 23.84 19.80 -41.01
C LYS B 801 23.19 21.05 -41.62
N LEU B 802 23.98 22.10 -41.81
CA LEU B 802 23.44 23.33 -42.39
C LEU B 802 22.98 23.15 -43.83
N ALA B 803 23.63 22.26 -44.58
CA ALA B 803 23.13 21.94 -45.92
C ALA B 803 21.76 21.28 -45.84
N LEU B 804 21.56 20.38 -44.88
CA LEU B 804 20.25 19.78 -44.69
C LEU B 804 19.22 20.82 -44.30
N ALA B 805 19.60 21.77 -43.43
CA ALA B 805 18.68 22.84 -43.05
C ALA B 805 18.30 23.69 -44.25
N ALA B 806 19.28 24.02 -45.10
CA ALA B 806 19.00 24.80 -46.30
C ALA B 806 18.08 24.04 -47.24
N GLN B 807 18.30 22.73 -47.41
CA GLN B 807 17.40 21.93 -48.23
C GLN B 807 16.00 21.90 -47.65
N ALA B 808 15.87 21.87 -46.33
CA ALA B 808 14.57 21.95 -45.69
C ALA B 808 13.90 23.29 -45.95
N LEU B 809 14.67 24.38 -45.93
CA LEU B 809 14.11 25.69 -46.24
C LEU B 809 13.77 25.85 -47.72
N GLY B 810 14.41 25.07 -48.60
CA GLY B 810 14.13 25.13 -50.02
C GLY B 810 15.28 25.59 -50.89
N VAL B 811 16.35 26.14 -50.30
CA VAL B 811 17.49 26.58 -51.09
C VAL B 811 18.13 25.37 -51.76
N GLN B 812 18.39 25.49 -53.05
CA GLN B 812 18.91 24.36 -53.81
C GLN B 812 20.40 24.15 -53.51
N THR B 813 20.75 22.90 -53.19
CA THR B 813 22.12 22.53 -52.85
C THR B 813 22.51 21.27 -53.61
N THR B 814 22.23 21.26 -54.92
CA THR B 814 22.66 20.15 -55.75
C THR B 814 24.17 19.99 -55.77
N GLY B 815 24.91 21.08 -55.56
CA GLY B 815 26.34 21.00 -55.38
C GLY B 815 26.91 22.31 -54.86
N MET B 816 27.65 22.24 -53.75
CA MET B 816 28.22 23.41 -53.11
C MET B 816 29.13 22.95 -51.99
N ASP B 817 30.10 23.80 -51.66
CA ASP B 817 30.96 23.55 -50.52
C ASP B 817 30.14 23.72 -49.23
N ALA B 818 30.59 23.06 -48.17
CA ALA B 818 29.88 23.12 -46.90
C ALA B 818 29.76 24.56 -46.41
N ARG B 819 30.80 25.37 -46.60
CA ARG B 819 30.72 26.79 -46.30
C ARG B 819 29.63 27.45 -47.13
N GLU B 820 29.57 27.13 -48.42
CA GLU B 820 28.59 27.75 -49.31
C GLU B 820 27.17 27.37 -48.91
N ALA B 821 26.93 26.10 -48.61
CA ALA B 821 25.60 25.67 -48.18
C ALA B 821 25.22 26.28 -46.84
N GLY B 822 26.18 26.37 -45.92
CA GLY B 822 25.91 27.00 -44.64
C GLY B 822 25.53 28.47 -44.77
N LEU B 823 26.21 29.19 -45.68
CA LEU B 823 25.86 30.58 -45.91
C LEU B 823 24.50 30.70 -46.61
N ALA B 824 24.21 29.78 -47.52
CA ALA B 824 22.91 29.80 -48.20
C ALA B 824 21.77 29.56 -47.23
N ALA B 825 21.98 28.70 -46.22
CA ALA B 825 20.94 28.46 -45.22
C ALA B 825 20.63 29.73 -44.44
N ALA B 826 21.66 30.46 -44.02
CA ALA B 826 21.43 31.72 -43.31
C ALA B 826 20.78 32.75 -44.22
N GLN B 827 21.14 32.76 -45.50
CA GLN B 827 20.48 33.67 -46.44
C GLN B 827 18.99 33.35 -46.56
N ALA B 828 18.64 32.06 -46.61
CA ALA B 828 17.24 31.67 -46.66
C ALA B 828 16.51 32.08 -45.38
N VAL B 829 17.15 31.89 -44.23
CA VAL B 829 16.53 32.27 -42.97
C VAL B 829 16.25 33.77 -42.93
N GLU B 830 17.24 34.58 -43.36
CA GLU B 830 17.02 36.02 -43.44
C GLU B 830 15.96 36.38 -44.46
N ALA B 831 15.89 35.67 -45.58
CA ALA B 831 14.84 35.94 -46.57
C ALA B 831 13.46 35.71 -45.97
N LEU B 832 13.28 34.61 -45.25
CA LEU B 832 11.99 34.36 -44.60
C LEU B 832 11.69 35.41 -43.54
N MET B 833 12.70 35.78 -42.75
CA MET B 833 12.50 36.78 -41.71
C MET B 833 12.05 38.10 -42.30
N GLN B 834 12.68 38.53 -43.40
CA GLN B 834 12.27 39.77 -44.05
C GLN B 834 10.91 39.63 -44.72
N SER B 835 10.58 38.44 -45.23
CA SER B 835 9.30 38.24 -45.88
C SER B 835 8.14 38.29 -44.90
N VAL B 836 8.34 37.85 -43.65
CA VAL B 836 7.27 37.85 -42.66
C VAL B 836 7.21 39.00 -41.67
N ASP B 837 7.90 40.11 -41.95
CA ASP B 837 7.88 41.30 -41.10
C ASP B 837 8.49 41.04 -39.72
N HIS B 838 9.75 40.65 -39.71
CA HIS B 838 10.43 40.36 -38.45
C HIS B 838 11.51 41.38 -38.10
N PRO B 839 11.50 41.91 -36.87
CA PRO B 839 12.57 42.82 -36.44
C PRO B 839 13.94 42.16 -36.51
N ARG B 840 14.98 42.94 -36.82
CA ARG B 840 16.27 42.37 -37.17
C ARG B 840 17.47 42.98 -36.46
N TYR B 841 17.30 44.00 -35.63
CA TYR B 841 18.43 44.65 -34.99
C TYR B 841 18.12 44.98 -33.54
N LEU B 842 19.16 44.97 -32.70
CA LEU B 842 18.98 45.22 -31.27
C LEU B 842 18.76 46.69 -30.97
N SER B 843 19.18 47.59 -31.87
CA SER B 843 19.04 49.02 -31.61
C SER B 843 17.58 49.43 -31.52
N ASP B 844 16.68 48.71 -32.23
CA ASP B 844 15.27 49.05 -32.23
C ASP B 844 14.63 48.88 -30.87
N LEU B 845 15.15 47.99 -30.02
CA LEU B 845 14.52 47.64 -28.75
C LEU B 845 15.21 48.28 -27.55
N GLY B 846 16.05 49.29 -27.77
CA GLY B 846 16.50 50.16 -26.71
C GLY B 846 17.74 49.74 -25.95
N VAL B 847 18.39 48.65 -26.33
CA VAL B 847 19.64 48.28 -25.65
C VAL B 847 20.73 49.27 -26.01
N PRO B 848 21.38 49.89 -25.04
CA PRO B 848 22.49 50.81 -25.34
C PRO B 848 23.70 50.08 -25.88
N ARG B 849 24.51 50.81 -26.66
CA ARG B 849 25.70 50.23 -27.26
C ARG B 849 26.74 49.84 -26.21
N ASP B 850 26.87 50.63 -25.15
CA ASP B 850 27.94 50.40 -24.17
C ASP B 850 27.67 49.20 -23.28
N ASN B 851 26.41 48.86 -23.02
CA ASN B 851 26.09 47.75 -22.14
C ASN B 851 26.38 46.39 -22.76
N LEU B 852 26.87 46.36 -24.00
CA LEU B 852 27.17 45.09 -24.65
C LEU B 852 28.27 44.33 -23.93
N SER B 853 29.22 45.04 -23.31
CA SER B 853 30.28 44.37 -22.56
C SER B 853 29.71 43.64 -21.35
N ASN B 854 28.83 44.31 -20.59
CA ASN B 854 28.20 43.66 -19.46
C ASN B 854 27.32 42.50 -19.89
N LEU B 855 26.59 42.67 -21.01
CA LEU B 855 25.77 41.57 -21.51
C LEU B 855 26.62 40.37 -21.91
N ALA B 856 27.74 40.61 -22.58
CA ALA B 856 28.63 39.53 -22.97
C ALA B 856 29.23 38.83 -21.75
N ALA B 857 29.60 39.62 -20.72
CA ALA B 857 30.12 39.02 -19.50
C ALA B 857 29.06 38.16 -18.82
N HIS B 858 27.82 38.62 -18.80
CA HIS B 858 26.74 37.85 -18.19
C HIS B 858 26.38 36.64 -19.04
N ALA B 859 26.74 36.66 -20.33
CA ALA B 859 26.37 35.56 -21.22
C ALA B 859 27.15 34.29 -20.90
N MET B 860 28.41 34.43 -20.48
CA MET B 860 29.26 33.26 -20.25
C MET B 860 28.78 32.42 -19.06
N GLY B 861 27.97 32.99 -18.18
CA GLY B 861 27.51 32.25 -17.02
C GLY B 861 26.41 31.25 -17.27
N ASP B 862 25.85 31.22 -18.47
CA ASP B 862 24.75 30.30 -18.76
C ASP B 862 25.28 28.91 -19.05
N ALA B 863 24.40 27.92 -18.92
CA ALA B 863 24.79 26.53 -19.17
C ALA B 863 24.69 26.14 -20.64
N ALA B 864 24.10 27.00 -21.48
CA ALA B 864 23.96 26.70 -22.90
C ALA B 864 25.28 26.65 -23.64
N ILE B 865 26.32 27.30 -23.11
CA ILE B 865 27.65 27.21 -23.72
C ILE B 865 28.17 25.78 -23.59
N MET B 866 29.13 25.43 -24.46
CA MET B 866 29.74 24.10 -24.55
C MET B 866 28.79 23.09 -25.14
N PHE B 867 27.61 23.56 -25.58
CA PHE B 867 26.72 22.73 -26.40
C PHE B 867 26.70 23.18 -27.86
N ASN B 868 27.23 24.35 -28.16
CA ASN B 868 27.26 24.84 -29.53
C ASN B 868 28.38 24.17 -30.31
N ALA B 869 28.29 24.24 -31.64
CA ALA B 869 29.28 23.61 -32.49
C ALA B 869 30.66 24.22 -32.30
N ARG B 870 30.75 25.55 -32.18
CA ARG B 870 32.02 26.23 -32.03
C ARG B 870 32.25 26.56 -30.56
N PRO B 871 33.36 26.14 -29.96
CA PRO B 871 33.60 26.48 -28.55
C PRO B 871 33.86 27.97 -28.37
N VAL B 872 33.18 28.55 -27.39
CA VAL B 872 33.34 29.97 -27.10
C VAL B 872 34.61 30.17 -26.29
N LYS B 873 35.60 30.85 -26.89
CA LYS B 873 36.88 31.05 -26.22
C LYS B 873 36.76 32.00 -25.04
N GLY B 874 35.83 32.96 -25.11
CA GLY B 874 35.65 33.90 -24.03
C GLY B 874 34.67 35.00 -24.38
N PRO B 875 34.58 36.02 -23.52
CA PRO B 875 33.66 37.13 -23.78
C PRO B 875 33.99 37.93 -25.02
N GLN B 876 35.21 37.80 -25.55
CA GLN B 876 35.60 38.61 -26.72
C GLN B 876 34.84 38.21 -27.97
N GLU B 877 34.36 36.96 -28.05
CA GLU B 877 33.58 36.53 -29.20
C GLU B 877 32.09 36.83 -29.01
N VAL B 878 31.62 36.71 -27.77
CA VAL B 878 30.25 37.13 -27.46
C VAL B 878 30.09 38.62 -27.74
N MET B 879 31.12 39.40 -27.44
CA MET B 879 31.15 40.81 -27.82
C MET B 879 30.97 40.99 -29.32
N ALA B 880 31.70 40.20 -30.11
CA ALA B 880 31.63 40.34 -31.56
C ALA B 880 30.24 40.02 -32.09
N VAL B 881 29.64 38.92 -31.59
CA VAL B 881 28.30 38.56 -32.06
C VAL B 881 27.27 39.60 -31.63
N TYR B 882 27.36 40.07 -30.38
CA TYR B 882 26.42 41.10 -29.92
C TYR B 882 26.55 42.37 -30.74
N GLU B 883 27.79 42.78 -31.05
CA GLU B 883 27.99 43.99 -31.85
C GLU B 883 27.46 43.79 -33.27
N GLU B 884 27.66 42.61 -33.84
CA GLU B 884 27.09 42.31 -35.15
C GLU B 884 25.57 42.38 -35.13
N ALA B 885 24.96 42.00 -34.00
CA ALA B 885 23.51 42.06 -33.88
C ALA B 885 22.98 43.47 -33.67
N TYR B 886 23.84 44.44 -33.39
CA TYR B 886 23.39 45.80 -33.14
C TYR B 886 23.09 46.53 -34.45
N MET C 1 48.89 44.82 -8.75
CA MET C 1 48.87 43.42 -8.32
C MET C 1 47.90 43.24 -7.16
N ASP C 2 47.08 42.19 -7.24
CA ASP C 2 46.02 41.99 -6.27
C ASP C 2 46.60 41.67 -4.90
N SER C 3 45.82 42.00 -3.87
CA SER C 3 46.18 41.74 -2.48
C SER C 3 45.03 41.00 -1.81
N TYR C 4 45.37 40.00 -0.99
CA TYR C 4 44.39 39.15 -0.34
C TYR C 4 44.61 39.18 1.17
N GLN C 5 43.53 38.97 1.91
CA GLN C 5 43.55 39.07 3.36
C GLN C 5 42.92 37.84 3.99
N LEU C 6 43.31 37.55 5.23
CA LEU C 6 42.72 36.45 5.97
C LEU C 6 41.25 36.72 6.26
N PHE C 7 40.46 35.66 6.33
CA PHE C 7 39.04 35.74 6.63
C PHE C 7 38.81 35.21 8.04
N LEU C 8 38.66 36.11 9.00
CA LEU C 8 38.47 35.75 10.39
C LEU C 8 37.24 36.45 10.95
N ASP C 9 36.41 35.69 11.65
CA ASP C 9 35.25 36.21 12.37
C ASP C 9 34.31 36.96 11.43
N GLY C 10 34.17 36.45 10.20
CA GLY C 10 33.25 37.03 9.25
C GLY C 10 33.72 38.30 8.57
N GLU C 11 35.01 38.62 8.65
CA GLU C 11 35.54 39.82 8.01
C GLU C 11 36.95 39.55 7.52
N PHE C 12 37.37 40.33 6.53
CA PHE C 12 38.72 40.23 6.00
C PHE C 12 39.66 41.15 6.77
N VAL C 13 40.72 40.57 7.33
CA VAL C 13 41.67 41.31 8.14
C VAL C 13 43.08 40.94 7.73
N ASP C 14 44.03 41.83 8.03
CA ASP C 14 45.43 41.53 7.81
C ASP C 14 45.97 40.65 8.93
N ALA C 15 47.21 40.20 8.74
CA ALA C 15 47.88 39.44 9.79
C ALA C 15 48.17 40.35 10.99
N ALA C 16 48.37 39.73 12.15
CA ALA C 16 48.65 40.51 13.35
C ALA C 16 49.95 41.29 13.22
N ASP C 17 50.98 40.69 12.64
CA ASP C 17 52.26 41.35 12.43
C ASP C 17 52.37 42.03 11.08
N GLY C 18 51.37 41.86 10.21
CA GLY C 18 51.36 42.53 8.92
C GLY C 18 52.23 41.90 7.86
N ARG C 19 52.72 40.68 8.07
CA ARG C 19 53.56 40.04 7.07
C ARG C 19 52.73 39.52 5.91
N THR C 20 53.37 39.46 4.73
CA THR C 20 52.74 38.98 3.52
C THR C 20 53.73 38.14 2.73
N PHE C 21 53.20 37.33 1.82
CA PHE C 21 54.01 36.55 0.89
C PHE C 21 53.36 36.60 -0.49
N THR C 22 54.14 36.25 -1.50
CA THR C 22 53.71 36.36 -2.89
C THR C 22 53.54 34.99 -3.51
N THR C 23 52.39 34.78 -4.15
CA THR C 23 52.15 33.57 -4.93
C THR C 23 52.68 33.76 -6.35
N THR C 24 52.94 32.64 -7.02
CA THR C 24 53.56 32.65 -8.33
C THR C 24 52.81 31.71 -9.27
N ASP C 25 52.67 32.13 -10.51
CA ASP C 25 52.01 31.31 -11.52
C ASP C 25 52.96 30.21 -11.98
N PRO C 26 52.60 28.93 -11.85
CA PRO C 26 53.48 27.86 -12.36
C PRO C 26 53.62 27.84 -13.87
N GLY C 27 52.72 28.47 -14.61
CA GLY C 27 52.80 28.48 -16.06
C GLY C 27 53.86 29.35 -16.65
N ASN C 28 54.18 30.48 -16.02
CA ASN C 28 55.23 31.35 -16.53
C ASN C 28 56.15 31.90 -15.45
N GLU C 29 56.03 31.45 -14.21
CA GLU C 29 56.86 31.92 -13.09
C GLU C 29 56.76 33.42 -12.88
N GLN C 30 55.55 33.97 -13.02
CA GLN C 30 55.34 35.37 -12.70
C GLN C 30 54.48 35.51 -11.45
N PRO C 31 54.75 36.52 -10.63
CA PRO C 31 53.94 36.72 -9.42
C PRO C 31 52.48 37.00 -9.77
N VAL C 32 51.58 36.49 -8.95
CA VAL C 32 50.15 36.62 -9.17
C VAL C 32 49.52 37.61 -8.19
N ALA C 33 49.75 37.41 -6.89
CA ALA C 33 49.15 38.27 -5.89
C ALA C 33 49.93 38.14 -4.59
N THR C 34 49.69 39.07 -3.68
CA THR C 34 50.27 39.05 -2.34
C THR C 34 49.21 38.65 -1.33
N VAL C 35 49.51 37.68 -0.49
CA VAL C 35 48.58 37.12 0.47
C VAL C 35 49.13 37.33 1.88
N ALA C 36 48.26 37.69 2.80
CA ALA C 36 48.67 37.86 4.19
C ALA C 36 49.13 36.54 4.78
N GLN C 37 50.20 36.59 5.58
CA GLN C 37 50.80 35.41 6.17
C GLN C 37 50.34 35.30 7.63
N ALA C 38 49.49 34.31 7.91
CA ALA C 38 48.99 34.13 9.26
C ALA C 38 50.08 33.58 10.17
N GLY C 39 50.09 34.05 11.41
CA GLY C 39 50.95 33.54 12.45
C GLY C 39 50.21 32.67 13.43
N GLU C 40 50.81 32.52 14.62
CA GLU C 40 50.15 31.78 15.68
C GLU C 40 49.04 32.60 16.31
N ALA C 41 49.20 33.92 16.38
CA ALA C 41 48.14 34.77 16.91
C ALA C 41 46.89 34.72 16.04
N ASP C 42 47.05 34.73 14.72
CA ASP C 42 45.90 34.62 13.83
C ASP C 42 45.23 33.25 13.94
N ALA C 43 46.01 32.19 14.09
CA ALA C 43 45.42 30.87 14.30
C ALA C 43 44.63 30.82 15.60
N LEU C 44 45.17 31.41 16.67
CA LEU C 44 44.44 31.47 17.92
C LEU C 44 43.15 32.26 17.76
N ARG C 45 43.21 33.39 17.05
CA ARG C 45 42.02 34.19 16.83
C ARG C 45 40.95 33.41 16.07
N ALA C 46 41.37 32.67 15.04
CA ALA C 46 40.43 31.86 14.29
C ALA C 46 39.80 30.78 15.17
N ILE C 47 40.62 30.16 16.03
CA ILE C 47 40.10 29.10 16.89
C ILE C 47 39.07 29.65 17.86
N GLU C 48 39.37 30.80 18.48
CA GLU C 48 38.40 31.40 19.39
C GLU C 48 37.14 31.85 18.66
N ALA C 49 37.28 32.36 17.44
CA ALA C 49 36.11 32.76 16.66
C ALA C 49 35.22 31.57 16.38
N ALA C 50 35.80 30.45 15.95
CA ALA C 50 35.00 29.24 15.70
C ALA C 50 34.38 28.71 16.98
N ARG C 51 35.14 28.73 18.08
CA ARG C 51 34.62 28.24 19.36
C ARG C 51 33.43 29.06 19.82
N TRP C 52 33.52 30.39 19.70
CA TRP C 52 32.39 31.23 20.07
C TRP C 52 31.20 31.04 19.14
N ALA C 53 31.47 30.89 17.84
CA ALA C 53 30.38 30.67 16.89
C ALA C 53 29.66 29.36 17.15
N PHE C 54 30.37 28.35 17.66
CA PHE C 54 29.71 27.08 17.96
C PHE C 54 28.99 27.13 19.31
N ASP C 55 29.70 27.55 20.36
CA ASP C 55 29.12 27.50 21.70
C ASP C 55 27.96 28.49 21.86
N HIS C 56 28.08 29.70 21.32
CA HIS C 56 27.09 30.73 21.54
C HIS C 56 26.44 31.27 20.28
N GLY C 57 26.86 30.83 19.09
CA GLY C 57 26.25 31.30 17.86
C GLY C 57 24.92 30.63 17.58
N GLU C 58 24.24 31.16 16.56
CA GLU C 58 22.93 30.62 16.20
C GLU C 58 23.03 29.50 15.17
N TRP C 59 24.22 29.28 14.61
CA TRP C 59 24.36 28.28 13.56
C TRP C 59 24.06 26.87 14.02
N PRO C 60 24.62 26.36 15.14
CA PRO C 60 24.29 24.99 15.55
C PRO C 60 22.89 24.84 16.10
N LYS C 61 22.23 25.92 16.48
CA LYS C 61 20.92 25.85 17.12
C LYS C 61 19.77 25.79 16.13
N MET C 62 19.96 26.34 14.94
CA MET C 62 18.89 26.38 13.95
C MET C 62 18.68 25.01 13.32
N THR C 63 17.46 24.78 12.84
CA THR C 63 17.08 23.49 12.29
C THR C 63 17.76 23.27 10.93
N PRO C 64 17.84 22.02 10.49
CA PRO C 64 18.42 21.77 9.15
C PRO C 64 17.70 22.49 8.02
N GLN C 65 16.38 22.64 8.11
CA GLN C 65 15.65 23.38 7.09
C GLN C 65 16.03 24.86 7.09
N GLU C 66 16.36 25.40 8.26
CA GLU C 66 16.79 26.80 8.33
C GLU C 66 18.22 26.96 7.82
N ARG C 67 19.06 25.96 8.04
CA ARG C 67 20.41 25.99 7.49
C ARG C 67 20.39 25.84 5.98
N ALA C 68 19.39 25.13 5.45
CA ALA C 68 19.32 24.86 4.03
C ALA C 68 19.18 26.14 3.21
N ALA C 69 18.37 27.09 3.69
CA ALA C 69 18.20 28.35 2.97
C ALA C 69 19.50 29.14 2.91
N ARG C 70 20.23 29.19 4.03
CA ARG C 70 21.51 29.88 4.03
C ARG C 70 22.50 29.19 3.10
N ILE C 71 22.50 27.86 3.06
CA ILE C 71 23.37 27.15 2.14
C ILE C 71 22.98 27.43 0.69
N TYR C 72 21.69 27.56 0.41
CA TYR C 72 21.26 27.89 -0.95
C TYR C 72 21.74 29.28 -1.36
N ASP C 73 21.63 30.25 -0.45
CA ASP C 73 22.16 31.59 -0.74
C ASP C 73 23.67 31.54 -0.96
N PHE C 74 24.37 30.75 -0.16
CA PHE C 74 25.81 30.59 -0.31
C PHE C 74 26.14 30.00 -1.68
N ALA C 75 25.37 28.99 -2.11
CA ALA C 75 25.61 28.37 -3.40
C ALA C 75 25.34 29.35 -4.54
N ASP C 76 24.31 30.19 -4.41
CA ASP C 76 24.03 31.18 -5.44
C ASP C 76 25.17 32.18 -5.56
N HIS C 77 25.65 32.70 -4.41
CA HIS C 77 26.75 33.64 -4.46
C HIS C 77 28.04 32.98 -4.92
N VAL C 78 28.15 31.66 -4.74
CA VAL C 78 29.29 30.93 -5.29
C VAL C 78 29.20 30.86 -6.81
N THR C 79 28.01 30.57 -7.34
CA THR C 79 27.81 30.58 -8.78
C THR C 79 28.11 31.95 -9.37
N LYS C 80 27.85 33.01 -8.62
CA LYS C 80 28.09 34.36 -9.14
C LYS C 80 29.56 34.65 -9.41
N LEU C 81 30.49 33.85 -8.87
CA LEU C 81 31.92 34.07 -9.05
C LEU C 81 32.60 33.00 -9.88
N ALA C 82 31.90 32.39 -10.84
CA ALA C 82 32.45 31.25 -11.55
C ALA C 82 33.68 31.61 -12.37
N GLY C 83 33.60 32.69 -13.14
CA GLY C 83 34.72 33.06 -13.99
C GLY C 83 35.95 33.47 -13.19
N ARG C 84 35.74 34.24 -12.12
CA ARG C 84 36.86 34.65 -11.28
C ARG C 84 37.50 33.45 -10.61
N LEU C 85 36.69 32.51 -10.09
CA LEU C 85 37.25 31.32 -9.47
C LEU C 85 38.03 30.49 -10.48
N ALA C 86 37.50 30.32 -11.69
CA ALA C 86 38.19 29.53 -12.69
C ALA C 86 39.52 30.17 -13.09
N MET C 87 39.51 31.49 -13.30
CA MET C 87 40.73 32.18 -13.70
C MET C 87 41.79 32.10 -12.60
N ALA C 88 41.37 32.32 -11.35
CA ALA C 88 42.32 32.25 -10.25
C ALA C 88 42.88 30.84 -10.08
N GLU C 89 42.03 29.83 -10.23
CA GLU C 89 42.50 28.45 -10.13
C GLU C 89 43.51 28.14 -11.24
N SER C 90 43.22 28.56 -12.47
CA SER C 90 44.14 28.31 -13.56
C SER C 90 45.48 29.01 -13.36
N MET C 91 45.44 30.27 -12.88
CA MET C 91 46.68 31.02 -12.70
C MET C 91 47.47 30.57 -11.48
N ASP C 92 46.81 29.99 -10.48
CA ASP C 92 47.51 29.69 -9.23
C ASP C 92 47.96 28.23 -9.16
N ALA C 93 47.07 27.30 -9.53
CA ALA C 93 47.38 25.88 -9.40
C ALA C 93 47.79 25.23 -10.71
N GLY C 94 47.65 25.92 -11.84
CA GLY C 94 48.02 25.36 -13.12
C GLY C 94 46.96 24.52 -13.80
N HIS C 95 45.74 24.50 -13.28
CA HIS C 95 44.65 23.79 -13.95
C HIS C 95 44.41 24.40 -15.32
N VAL C 96 44.19 23.54 -16.32
CA VAL C 96 43.80 24.04 -17.63
C VAL C 96 42.38 24.60 -17.53
N ILE C 97 42.08 25.56 -18.41
CA ILE C 97 40.81 26.28 -18.30
C ILE C 97 39.63 25.36 -18.55
N ASN C 98 39.77 24.39 -19.46
CA ASN C 98 38.70 23.44 -19.74
C ASN C 98 38.36 22.60 -18.51
N LEU C 99 39.32 22.40 -17.62
CA LEU C 99 39.08 21.66 -16.38
C LEU C 99 38.61 22.59 -15.26
N SER C 100 39.20 23.79 -15.18
CA SER C 100 38.94 24.67 -14.05
C SER C 100 37.68 25.51 -14.21
N LYS C 101 37.05 25.50 -15.39
CA LYS C 101 35.87 26.31 -15.59
C LYS C 101 34.62 25.74 -14.94
N PHE C 102 34.68 24.52 -14.39
CA PHE C 102 33.52 23.88 -13.80
C PHE C 102 33.54 23.87 -12.27
N TRP C 103 34.57 24.46 -11.65
CA TRP C 103 34.74 24.29 -10.21
C TRP C 103 33.63 24.95 -9.41
N ALA C 104 33.27 26.19 -9.77
CA ALA C 104 32.22 26.89 -9.01
C ALA C 104 30.88 26.20 -9.16
N ALA C 105 30.55 25.77 -10.38
CA ALA C 105 29.29 25.07 -10.60
C ALA C 105 29.25 23.76 -9.82
N ASN C 106 30.35 23.01 -9.84
CA ASN C 106 30.39 21.74 -9.10
C ASN C 106 30.25 21.99 -7.60
N GLY C 107 30.93 23.01 -7.08
CA GLY C 107 30.84 23.29 -5.66
C GLY C 107 29.45 23.72 -5.24
N ALA C 108 28.81 24.57 -6.03
CA ALA C 108 27.46 25.00 -5.71
C ALA C 108 26.47 23.85 -5.79
N ALA C 109 26.61 22.99 -6.81
CA ALA C 109 25.73 21.83 -6.92
C ALA C 109 25.92 20.90 -5.73
N LEU C 110 27.17 20.68 -5.30
CA LEU C 110 27.43 19.85 -4.14
C LEU C 110 26.80 20.45 -2.89
N LEU C 111 26.96 21.76 -2.71
CA LEU C 111 26.37 22.43 -1.55
C LEU C 111 24.86 22.23 -1.52
N ARG C 112 24.21 22.49 -2.65
CA ARG C 112 22.75 22.38 -2.70
C ARG C 112 22.30 20.94 -2.46
N ASN C 113 22.97 19.97 -3.09
CA ASN C 113 22.58 18.57 -2.93
C ASN C 113 22.74 18.11 -1.49
N LEU C 114 23.87 18.43 -0.87
CA LEU C 114 24.10 17.98 0.50
C LEU C 114 23.15 18.69 1.47
N ALA C 115 22.88 19.98 1.24
CA ALA C 115 21.92 20.68 2.10
C ALA C 115 20.53 20.06 1.98
N HIS C 116 20.10 19.75 0.76
CA HIS C 116 18.79 19.13 0.57
C HIS C 116 18.73 17.76 1.24
N TYR C 117 19.78 16.95 1.08
CA TYR C 117 19.80 15.63 1.71
C TYR C 117 19.76 15.75 3.23
N SER C 118 20.52 16.68 3.80
CA SER C 118 20.52 16.87 5.24
C SER C 118 19.16 17.31 5.73
N ALA C 119 18.51 18.24 5.01
CA ALA C 119 17.23 18.77 5.46
C ALA C 119 16.08 17.78 5.25
N ASN C 120 16.21 16.85 4.32
CA ASN C 120 15.08 16.00 3.95
C ASN C 120 15.25 14.53 4.30
N SER C 121 16.45 13.95 4.16
CA SER C 121 16.62 12.52 4.25
C SER C 121 17.58 12.04 5.34
N PHE C 122 18.46 12.90 5.85
CA PHE C 122 19.40 12.45 6.86
C PHE C 122 18.67 12.11 8.15
N PRO C 123 18.98 10.97 8.78
CA PRO C 123 18.31 10.57 10.04
C PRO C 123 18.86 11.31 11.26
N TRP C 124 18.36 12.53 11.46
CA TRP C 124 18.76 13.31 12.62
C TRP C 124 18.22 12.70 13.91
N GLU C 125 17.05 12.08 13.86
CA GLU C 125 16.48 11.34 14.98
C GLU C 125 16.05 9.97 14.49
N GLU C 126 16.47 8.93 15.20
CA GLU C 126 16.20 7.56 14.80
C GLU C 126 15.66 6.78 15.99
N GLU C 127 14.64 5.97 15.76
CA GLU C 127 14.03 5.19 16.81
C GLU C 127 14.76 3.86 17.01
N ILE C 128 14.61 3.30 18.21
CA ILE C 128 15.09 1.96 18.50
C ILE C 128 13.89 1.16 19.01
N PRO C 129 13.10 0.55 18.12
CA PRO C 129 11.90 -0.17 18.59
C PRO C 129 12.22 -1.33 19.52
N TYR C 130 13.32 -2.03 19.30
CA TYR C 130 13.71 -3.17 20.11
C TYR C 130 15.11 -2.91 20.64
N SER C 131 15.22 -2.68 21.95
CA SER C 131 16.51 -2.36 22.54
C SER C 131 17.28 -3.60 22.97
N GLY C 132 16.63 -4.76 22.98
CA GLY C 132 17.26 -5.97 23.44
C GLY C 132 17.26 -6.15 24.95
N ASN C 133 16.65 -5.23 25.69
CA ASN C 133 16.60 -5.28 27.15
C ASN C 133 15.15 -5.25 27.59
N VAL C 134 14.67 -6.36 28.15
CA VAL C 134 13.30 -6.42 28.63
C VAL C 134 13.15 -5.91 30.06
N GLY C 135 14.24 -5.76 30.79
CA GLY C 135 14.20 -5.25 32.14
C GLY C 135 14.21 -3.75 32.26
N ALA C 136 14.33 -3.03 31.14
CA ALA C 136 14.34 -1.57 31.14
C ALA C 136 13.37 -1.07 30.07
N PRO C 137 12.06 -1.16 30.34
CA PRO C 137 11.09 -0.65 29.37
C PRO C 137 11.16 0.86 29.26
N GLY C 138 10.80 1.37 28.09
CA GLY C 138 10.85 2.79 27.84
C GLY C 138 11.13 3.07 26.39
N ARG C 139 11.28 4.35 26.09
CA ARG C 139 11.55 4.80 24.73
C ARG C 139 13.05 5.03 24.56
N ASP C 140 13.64 4.37 23.58
CA ASP C 140 15.03 4.55 23.22
C ASP C 140 15.10 5.13 21.81
N TYR C 141 15.93 6.15 21.63
CA TYR C 141 16.09 6.76 20.32
C TYR C 141 17.47 7.42 20.25
N ILE C 142 17.88 7.75 19.03
CA ILE C 142 19.22 8.26 18.76
C ILE C 142 19.12 9.70 18.29
N ARG C 143 19.90 10.57 18.92
CA ARG C 143 20.06 11.95 18.48
C ARG C 143 21.46 12.12 17.88
N ARG C 144 21.52 12.77 16.73
CA ARG C 144 22.78 13.08 16.08
C ARG C 144 23.02 14.58 16.15
N GLU C 145 24.20 14.96 16.63
CA GLU C 145 24.51 16.35 16.94
C GLU C 145 25.86 16.72 16.34
N PRO C 146 26.07 18.01 16.05
CA PRO C 146 27.37 18.44 15.52
C PRO C 146 28.49 18.18 16.51
N ILE C 147 29.69 17.94 15.97
CA ILE C 147 30.84 17.64 16.81
C ILE C 147 31.33 18.90 17.51
N GLY C 148 31.64 19.95 16.74
CA GLY C 148 32.16 21.17 17.32
C GLY C 148 32.99 21.96 16.33
N VAL C 149 34.19 22.35 16.74
CA VAL C 149 35.11 23.08 15.87
C VAL C 149 35.90 22.08 15.05
N CYS C 150 35.89 22.23 13.73
CA CYS C 150 36.58 21.34 12.81
C CYS C 150 37.71 22.08 12.12
N VAL C 151 38.81 21.38 11.88
CA VAL C 151 39.96 21.92 11.18
C VAL C 151 40.15 21.10 9.90
N GLY C 152 40.15 21.79 8.76
CA GLY C 152 40.30 21.14 7.47
C GLY C 152 41.57 21.61 6.78
N ILE C 153 42.46 20.65 6.51
CA ILE C 153 43.72 20.92 5.83
C ILE C 153 43.64 20.28 4.45
N ILE C 154 43.92 21.07 3.41
CA ILE C 154 43.77 20.60 2.04
C ILE C 154 45.09 20.76 1.29
N PRO C 155 45.40 19.86 0.36
CA PRO C 155 46.63 20.00 -0.43
C PRO C 155 46.43 20.87 -1.66
N TRP C 156 47.48 20.95 -2.46
CA TRP C 156 47.50 21.79 -3.66
C TRP C 156 46.95 21.09 -4.89
N ASN C 157 46.47 19.85 -4.77
CA ASN C 157 46.00 19.12 -5.95
C ASN C 157 44.76 19.77 -6.54
N PHE C 158 43.68 19.81 -5.77
CA PHE C 158 42.41 20.42 -6.20
C PHE C 158 41.96 21.39 -5.12
N PRO C 159 42.50 22.61 -5.13
CA PRO C 159 42.17 23.56 -4.05
C PRO C 159 40.69 23.89 -3.93
N ALA C 160 40.05 24.33 -5.01
CA ALA C 160 38.67 24.74 -4.92
C ALA C 160 37.76 23.58 -4.57
N SER C 161 37.94 22.44 -5.23
CA SER C 161 37.08 21.28 -4.98
C SER C 161 37.21 20.79 -3.54
N MET C 162 38.45 20.65 -3.07
CA MET C 162 38.66 20.16 -1.72
C MET C 162 38.17 21.16 -0.67
N ALA C 163 38.35 22.46 -0.93
CA ALA C 163 37.82 23.46 -0.02
C ALA C 163 36.31 23.40 0.05
N PHE C 164 35.66 23.22 -1.11
CA PHE C 164 34.20 23.06 -1.12
C PHE C 164 33.79 21.83 -0.34
N TRP C 165 34.49 20.71 -0.53
CA TRP C 165 34.15 19.48 0.19
C TRP C 165 34.23 19.70 1.69
N LYS C 166 35.36 20.24 2.17
CA LYS C 166 35.55 20.46 3.60
C LYS C 166 34.49 21.40 4.16
N ILE C 167 34.28 22.54 3.49
CA ILE C 167 33.36 23.55 4.02
C ILE C 167 31.94 23.00 4.06
N SER C 168 31.51 22.33 2.98
CA SER C 168 30.15 21.79 2.94
C SER C 168 29.96 20.75 4.02
N HIS C 169 30.87 19.78 4.11
CA HIS C 169 30.69 18.71 5.09
C HIS C 169 30.72 19.24 6.51
N ALA C 170 31.54 20.26 6.78
CA ALA C 170 31.62 20.80 8.13
C ALA C 170 30.38 21.61 8.48
N ILE C 171 30.04 22.61 7.67
CA ILE C 171 29.04 23.59 8.09
C ILE C 171 27.62 23.10 7.82
N ILE C 172 27.43 22.17 6.88
CA ILE C 172 26.08 21.70 6.59
C ILE C 172 25.52 20.92 7.77
N MET C 173 26.37 20.16 8.45
CA MET C 173 25.94 19.39 9.62
C MET C 173 25.85 20.23 10.88
N GLY C 174 26.21 21.51 10.81
CA GLY C 174 26.10 22.39 11.97
C GLY C 174 27.41 22.73 12.65
N ASN C 175 28.54 22.25 12.16
CA ASN C 175 29.82 22.55 12.78
C ASN C 175 30.37 23.87 12.25
N THR C 176 31.46 24.31 12.87
CA THR C 176 32.20 25.48 12.43
C THR C 176 33.62 25.05 12.08
N ILE C 177 34.11 25.54 10.94
CA ILE C 177 35.34 25.03 10.35
C ILE C 177 36.37 26.16 10.28
N VAL C 178 37.63 25.80 10.51
CA VAL C 178 38.78 26.65 10.23
C VAL C 178 39.56 25.98 9.11
N LEU C 179 39.66 26.66 7.98
CA LEU C 179 40.23 26.08 6.76
C LEU C 179 41.64 26.62 6.54
N LYS C 180 42.57 25.71 6.31
CA LYS C 180 43.97 26.08 6.03
C LYS C 180 44.37 25.55 4.66
N PRO C 181 44.37 26.38 3.62
CA PRO C 181 44.76 25.90 2.29
C PRO C 181 46.26 25.67 2.19
N ALA C 182 46.65 25.06 1.06
CA ALA C 182 48.06 24.79 0.82
C ALA C 182 48.82 26.10 0.61
N THR C 183 50.12 26.05 0.88
CA THR C 183 50.96 27.24 0.72
C THR C 183 51.01 27.69 -0.74
N GLN C 184 51.09 26.73 -1.67
CA GLN C 184 51.20 27.08 -3.08
C GLN C 184 49.92 27.70 -3.64
N THR C 185 48.75 27.28 -3.17
CA THR C 185 47.49 27.71 -3.77
C THR C 185 46.50 28.22 -2.73
N PRO C 186 46.66 29.47 -2.26
CA PRO C 186 45.74 29.98 -1.22
C PRO C 186 44.59 30.81 -1.74
N LEU C 187 44.54 31.14 -3.03
CA LEU C 187 43.61 32.19 -3.49
C LEU C 187 42.17 31.70 -3.53
N THR C 188 41.95 30.45 -3.96
CA THR C 188 40.58 29.98 -4.17
C THR C 188 39.79 29.91 -2.87
N ALA C 189 40.45 29.52 -1.77
CA ALA C 189 39.76 29.50 -0.48
C ALA C 189 39.30 30.88 -0.07
N LEU C 190 40.14 31.90 -0.29
CA LEU C 190 39.75 33.27 0.02
C LEU C 190 38.62 33.75 -0.88
N ILE C 191 38.64 33.37 -2.16
CA ILE C 191 37.55 33.76 -3.05
C ILE C 191 36.23 33.13 -2.61
N ILE C 192 36.28 31.86 -2.18
CA ILE C 192 35.08 31.21 -1.66
C ILE C 192 34.63 31.87 -0.36
N ALA C 193 35.57 32.30 0.47
CA ALA C 193 35.22 33.04 1.68
C ALA C 193 34.54 34.36 1.35
N GLU C 194 34.90 34.97 0.22
CA GLU C 194 34.18 36.16 -0.22
C GLU C 194 32.70 35.88 -0.45
N ALA C 195 32.39 34.77 -1.12
CA ALA C 195 30.99 34.39 -1.32
C ALA C 195 30.33 34.04 0.00
N ALA C 196 31.07 33.43 0.92
CA ALA C 196 30.52 33.13 2.24
C ALA C 196 30.15 34.41 2.98
N LYS C 197 31.01 35.43 2.89
CA LYS C 197 30.68 36.71 3.51
C LYS C 197 29.48 37.37 2.84
N ALA C 198 29.43 37.31 1.50
CA ALA C 198 28.33 37.96 0.78
C ALA C 198 26.99 37.32 1.10
N ALA C 199 26.97 36.00 1.30
CA ALA C 199 25.74 35.27 1.53
C ALA C 199 25.15 35.48 2.92
N GLY C 200 25.88 36.16 3.81
CA GLY C 200 25.36 36.38 5.16
C GLY C 200 25.50 35.20 6.09
N ILE C 201 26.51 34.36 5.88
CA ILE C 201 26.78 33.27 6.83
C ILE C 201 27.17 33.89 8.18
N PRO C 202 26.69 33.36 9.31
CA PRO C 202 27.05 33.95 10.60
C PRO C 202 28.56 33.96 10.83
N LYS C 203 29.02 35.00 11.52
CA LYS C 203 30.46 35.18 11.72
C LYS C 203 31.03 34.04 12.56
N GLY C 204 32.27 33.66 12.25
CA GLY C 204 32.95 32.60 12.95
C GLY C 204 32.67 31.20 12.43
N VAL C 205 31.67 31.04 11.57
CA VAL C 205 31.37 29.71 11.04
C VAL C 205 32.46 29.25 10.09
N ILE C 206 32.92 30.13 9.21
CA ILE C 206 33.96 29.82 8.24
C ILE C 206 35.14 30.76 8.49
N ASN C 207 36.31 30.18 8.69
CA ASN C 207 37.55 30.93 8.85
C ASN C 207 38.62 30.33 7.94
N VAL C 208 39.37 31.20 7.27
CA VAL C 208 40.43 30.77 6.37
C VAL C 208 41.71 31.47 6.79
N ILE C 209 42.77 30.70 7.05
CA ILE C 209 44.08 31.22 7.42
C ILE C 209 45.12 30.61 6.50
N THR C 210 46.00 31.46 5.98
CA THR C 210 47.09 31.03 5.09
C THR C 210 48.42 31.40 5.72
N GLY C 211 49.30 30.41 5.84
CA GLY C 211 50.61 30.65 6.43
C GLY C 211 51.66 29.66 5.98
N GLN C 212 52.89 30.13 5.80
CA GLN C 212 53.98 29.26 5.41
C GLN C 212 54.54 28.53 6.63
N GLY C 213 55.43 27.58 6.37
CA GLY C 213 55.96 26.76 7.44
C GLY C 213 54.94 25.76 7.94
N ARG C 214 55.12 25.33 9.19
CA ARG C 214 54.19 24.37 9.79
C ARG C 214 53.83 24.69 11.23
N GLU C 215 54.16 25.88 11.74
CA GLU C 215 53.76 26.23 13.10
C GLU C 215 52.25 26.37 13.22
N VAL C 216 51.61 26.96 12.21
CA VAL C 216 50.16 27.16 12.25
C VAL C 216 49.45 25.82 12.23
N GLY C 217 49.90 24.88 11.40
CA GLY C 217 49.29 23.57 11.37
C GLY C 217 49.41 22.82 12.69
N ASN C 218 50.59 22.89 13.31
CA ASN C 218 50.79 22.24 14.60
C ASN C 218 49.90 22.88 15.66
N LEU C 219 49.78 24.21 15.65
CA LEU C 219 48.91 24.89 16.61
C LEU C 219 47.47 24.48 16.41
N LEU C 220 47.03 24.36 15.15
CA LEU C 220 45.66 23.92 14.88
C LEU C 220 45.43 22.50 15.35
N CYS C 221 46.40 21.61 15.13
CA CYS C 221 46.22 20.20 15.45
C CYS C 221 46.28 19.94 16.96
N THR C 222 47.09 20.71 17.68
CA THR C 222 47.31 20.43 19.10
C THR C 222 46.48 21.30 20.03
N HIS C 223 45.65 22.20 19.50
CA HIS C 223 44.89 23.08 20.36
C HIS C 223 43.77 22.31 21.06
N PRO C 224 43.50 22.57 22.34
CA PRO C 224 42.45 21.82 23.04
C PRO C 224 41.04 22.16 22.59
N ASP C 225 40.82 23.31 21.96
CA ASP C 225 39.48 23.71 21.56
C ASP C 225 39.07 23.21 20.20
N VAL C 226 39.93 22.45 19.52
CA VAL C 226 39.61 21.84 18.23
C VAL C 226 39.10 20.43 18.49
N ASP C 227 37.97 20.08 17.89
CA ASP C 227 37.33 18.80 18.14
C ASP C 227 37.64 17.75 17.08
N LYS C 228 37.83 18.17 15.83
CA LYS C 228 38.04 17.22 14.75
C LYS C 228 39.03 17.81 13.74
N ILE C 229 39.85 16.94 13.17
CA ILE C 229 40.79 17.29 12.12
C ILE C 229 40.49 16.43 10.90
N SER C 230 40.28 17.08 9.76
CA SER C 230 40.11 16.40 8.48
C SER C 230 41.27 16.80 7.57
N PHE C 231 42.19 15.87 7.35
CA PHE C 231 43.44 16.15 6.66
C PHE C 231 43.50 15.38 5.36
N THR C 232 44.00 16.03 4.31
CA THR C 232 44.26 15.41 3.02
C THR C 232 45.67 15.78 2.58
N GLY C 233 46.45 14.77 2.20
CA GLY C 233 47.82 15.04 1.80
C GLY C 233 48.61 13.75 1.66
N SER C 234 49.90 13.85 1.98
CA SER C 234 50.79 12.70 1.90
C SER C 234 50.71 11.86 3.16
N THR C 235 51.20 10.62 3.06
CA THR C 235 51.10 9.68 4.18
C THR C 235 51.99 10.11 5.34
N SER C 236 53.19 10.62 5.05
CA SER C 236 54.13 10.97 6.11
C SER C 236 53.61 12.11 6.97
N VAL C 237 53.03 13.14 6.36
CA VAL C 237 52.48 14.25 7.14
C VAL C 237 51.23 13.83 7.91
N GLY C 238 50.41 12.97 7.31
CA GLY C 238 49.23 12.49 8.01
C GLY C 238 49.56 11.66 9.23
N ASN C 239 50.56 10.79 9.10
CA ASN C 239 50.98 9.97 10.23
C ASN C 239 51.56 10.79 11.37
N ASN C 240 52.06 12.00 11.10
CA ASN C 240 52.56 12.89 12.14
C ASN C 240 51.43 13.72 12.73
N ILE C 241 50.48 14.15 11.90
CA ILE C 241 49.33 14.90 12.39
C ILE C 241 48.48 14.03 13.30
N MET C 242 48.35 12.74 12.98
CA MET C 242 47.63 11.83 13.86
C MET C 242 48.33 11.68 15.20
N LYS C 243 49.66 11.58 15.20
CA LYS C 243 50.39 11.51 16.46
C LYS C 243 50.21 12.79 17.27
N LEU C 244 50.23 13.96 16.61
CA LEU C 244 50.01 15.21 17.31
C LEU C 244 48.61 15.27 17.92
N ALA C 245 47.60 14.82 17.18
CA ALA C 245 46.23 14.89 17.67
C ALA C 245 45.93 13.81 18.71
N ALA C 246 46.79 12.79 18.78
CA ALA C 246 46.57 11.72 19.77
C ALA C 246 46.65 12.23 21.19
N ASP C 247 47.42 13.29 21.44
CA ASP C 247 47.61 13.79 22.80
C ASP C 247 46.35 14.36 23.42
N SER C 248 45.36 14.76 22.62
CA SER C 248 44.14 15.33 23.15
C SER C 248 42.92 14.46 22.85
N THR C 249 43.10 13.31 22.22
CA THR C 249 42.01 12.40 21.85
C THR C 249 40.94 13.14 21.07
N LYS C 250 41.24 13.52 19.84
CA LYS C 250 40.28 14.17 18.97
C LYS C 250 40.15 13.39 17.66
N ARG C 251 38.94 13.43 17.10
CA ARG C 251 38.65 12.63 15.91
C ARG C 251 39.45 13.12 14.72
N VAL C 252 40.05 12.18 14.00
CA VAL C 252 40.91 12.48 12.86
C VAL C 252 40.46 11.62 11.67
N THR C 253 40.31 12.26 10.51
CA THR C 253 40.03 11.57 9.27
C THR C 253 41.17 11.85 8.30
N LEU C 254 41.76 10.79 7.76
CA LEU C 254 42.94 10.90 6.91
C LEU C 254 42.60 10.46 5.50
N GLU C 255 42.98 11.28 4.52
CA GLU C 255 42.90 10.94 3.11
C GLU C 255 44.31 11.11 2.54
N LEU C 256 44.99 10.00 2.27
CA LEU C 256 46.37 10.01 1.85
C LEU C 256 46.47 9.59 0.38
N GLY C 257 47.69 9.55 -0.13
CA GLY C 257 47.89 9.25 -1.53
C GLY C 257 47.62 7.79 -1.86
N GLY C 258 47.73 7.48 -3.15
CA GLY C 258 47.51 6.15 -3.65
C GLY C 258 48.42 5.80 -4.81
N LYS C 259 48.38 4.53 -5.19
CA LYS C 259 49.13 3.99 -6.31
C LYS C 259 48.15 3.14 -7.13
N SER C 260 47.00 3.74 -7.44
CA SER C 260 45.86 3.01 -7.99
C SER C 260 46.24 2.26 -9.25
N ALA C 261 45.72 1.05 -9.39
CA ALA C 261 46.00 0.20 -10.54
C ALA C 261 44.82 0.21 -11.49
N ASN C 262 45.11 0.28 -12.78
CA ASN C 262 44.10 0.24 -13.83
C ASN C 262 44.28 -1.07 -14.60
N ILE C 263 43.25 -1.90 -14.61
CA ILE C 263 43.34 -3.26 -15.13
C ILE C 263 42.62 -3.30 -16.48
N ILE C 264 43.30 -3.83 -17.50
CA ILE C 264 42.72 -4.02 -18.81
C ILE C 264 42.66 -5.52 -19.07
N LEU C 265 41.45 -6.05 -19.21
CA LEU C 265 41.29 -7.47 -19.49
C LEU C 265 41.32 -7.71 -20.99
N ASP C 266 41.46 -8.99 -21.36
CA ASP C 266 41.65 -9.34 -22.76
C ASP C 266 40.42 -9.12 -23.63
N ASP C 267 39.24 -9.04 -23.03
CA ASP C 267 38.00 -8.79 -23.78
C ASP C 267 37.64 -7.32 -23.85
N ALA C 268 38.46 -6.44 -23.30
CA ALA C 268 38.15 -5.02 -23.29
C ALA C 268 38.26 -4.44 -24.69
N ASP C 269 37.47 -3.39 -24.95
CA ASP C 269 37.56 -2.65 -26.20
C ASP C 269 38.82 -1.80 -26.19
N LEU C 270 39.72 -2.04 -27.16
CA LEU C 270 41.04 -1.42 -27.10
C LEU C 270 40.97 0.09 -27.24
N ASP C 271 40.08 0.62 -28.08
CA ASP C 271 39.98 2.06 -28.22
C ASP C 271 39.52 2.71 -26.92
N ALA C 272 38.42 2.21 -26.35
CA ALA C 272 37.92 2.76 -25.09
C ALA C 272 38.91 2.53 -23.96
N ALA C 273 39.55 1.37 -23.93
CA ALA C 273 40.53 1.10 -22.87
C ALA C 273 41.70 2.05 -22.95
N VAL C 274 42.21 2.30 -24.17
CA VAL C 274 43.34 3.21 -24.33
C VAL C 274 42.93 4.62 -23.92
N GLU C 275 41.76 5.08 -24.37
CA GLU C 275 41.31 6.42 -24.01
C GLU C 275 41.15 6.56 -22.50
N GLY C 276 40.54 5.57 -21.86
CA GLY C 276 40.34 5.64 -20.42
C GLY C 276 41.64 5.58 -19.65
N ALA C 277 42.58 4.74 -20.07
CA ALA C 277 43.88 4.67 -19.41
C ALA C 277 44.62 6.00 -19.53
N VAL C 278 44.64 6.57 -20.73
CA VAL C 278 45.33 7.85 -20.93
C VAL C 278 44.69 8.93 -20.07
N PHE C 279 43.35 9.00 -20.05
CA PHE C 279 42.68 9.99 -19.23
C PHE C 279 43.00 9.81 -17.75
N GLY C 280 42.78 8.59 -17.24
CA GLY C 280 42.97 8.33 -15.83
C GLY C 280 44.40 8.43 -15.36
N THR C 281 45.37 8.38 -16.27
CA THR C 281 46.76 8.58 -15.89
C THR C 281 47.22 10.03 -16.04
N PHE C 282 46.78 10.75 -17.06
CA PHE C 282 47.33 12.05 -17.36
C PHE C 282 46.37 13.21 -17.13
N LEU C 283 45.24 12.99 -16.46
CA LEU C 283 44.41 14.13 -16.06
C LEU C 283 45.15 14.97 -15.04
N HIS C 284 45.22 16.28 -15.31
CA HIS C 284 45.94 17.23 -14.47
C HIS C 284 47.38 16.80 -14.24
N GLN C 285 48.04 16.35 -15.31
CA GLN C 285 49.45 15.97 -15.30
C GLN C 285 49.75 14.87 -14.27
N GLY C 286 48.76 14.00 -14.02
CA GLY C 286 48.97 12.93 -13.07
C GLY C 286 49.07 13.35 -11.64
N GLN C 287 48.58 14.54 -11.30
CA GLN C 287 48.63 15.05 -9.94
C GLN C 287 47.33 14.80 -9.18
N VAL C 288 46.44 13.99 -9.70
CA VAL C 288 45.24 13.58 -8.98
C VAL C 288 45.60 12.44 -8.04
N CYS C 289 44.95 12.41 -6.88
CA CYS C 289 45.24 11.37 -5.89
C CYS C 289 44.89 9.99 -6.42
N GLU C 290 43.76 9.88 -7.13
CA GLU C 290 43.28 8.59 -7.62
C GLU C 290 43.83 8.23 -8.99
N SER C 291 44.93 8.83 -9.42
CA SER C 291 45.49 8.54 -10.73
C SER C 291 45.88 7.07 -10.85
N GLY C 292 45.54 6.48 -11.98
CA GLY C 292 45.90 5.09 -12.24
C GLY C 292 47.29 4.96 -12.81
N THR C 293 48.30 5.19 -11.97
CA THR C 293 49.69 5.17 -12.41
C THR C 293 50.23 3.76 -12.65
N ARG C 294 49.54 2.73 -12.17
CA ARG C 294 49.89 1.35 -12.46
C ARG C 294 48.89 0.81 -13.49
N LEU C 295 49.39 0.48 -14.67
CA LEU C 295 48.55 0.02 -15.78
C LEU C 295 48.79 -1.46 -15.98
N LEU C 296 47.85 -2.29 -15.53
CA LEU C 296 47.92 -3.72 -15.69
C LEU C 296 47.23 -4.10 -17.01
N VAL C 297 48.00 -4.68 -17.93
CA VAL C 297 47.52 -5.02 -19.27
C VAL C 297 47.70 -6.51 -19.48
N SER C 298 46.67 -7.17 -19.99
CA SER C 298 46.74 -8.61 -20.23
C SER C 298 47.77 -8.93 -21.30
N SER C 299 48.37 -10.11 -21.20
CA SER C 299 49.37 -10.53 -22.17
C SER C 299 48.78 -10.80 -23.54
N LYS C 300 47.50 -11.16 -23.61
CA LYS C 300 46.87 -11.47 -24.89
C LYS C 300 46.66 -10.25 -25.76
N ILE C 301 46.63 -9.05 -25.17
CA ILE C 301 46.40 -7.82 -25.90
C ILE C 301 47.51 -6.80 -25.71
N TYR C 302 48.67 -7.22 -25.22
CA TYR C 302 49.72 -6.27 -24.87
C TYR C 302 50.26 -5.55 -26.11
N ASP C 303 50.55 -6.30 -27.17
CA ASP C 303 51.18 -5.71 -28.35
C ASP C 303 50.27 -4.70 -29.03
N ALA C 304 48.99 -5.03 -29.18
CA ALA C 304 48.06 -4.10 -29.80
C ALA C 304 47.79 -2.89 -28.91
N PHE C 305 47.75 -3.11 -27.60
CA PHE C 305 47.45 -2.02 -26.68
C PHE C 305 48.60 -1.01 -26.59
N ILE C 306 49.84 -1.51 -26.66
CA ILE C 306 50.99 -0.63 -26.40
C ILE C 306 51.14 0.42 -27.49
N ASP C 307 50.98 0.03 -28.76
CA ASP C 307 51.14 0.99 -29.85
C ASP C 307 50.06 2.06 -29.80
N LYS C 308 48.81 1.66 -29.55
CA LYS C 308 47.72 2.63 -29.46
C LYS C 308 47.92 3.56 -28.27
N LEU C 309 48.39 3.02 -27.14
CA LEU C 309 48.66 3.86 -25.98
C LEU C 309 49.77 4.86 -26.28
N LYS C 310 50.82 4.42 -26.97
CA LYS C 310 51.91 5.32 -27.33
C LYS C 310 51.41 6.45 -28.22
N ALA C 311 50.62 6.11 -29.25
CA ALA C 311 50.11 7.14 -30.15
C ALA C 311 49.20 8.11 -29.42
N ARG C 312 48.29 7.59 -28.59
CA ARG C 312 47.37 8.45 -27.85
C ARG C 312 48.12 9.37 -26.90
N THR C 313 49.17 8.86 -26.24
CA THR C 313 49.95 9.69 -25.33
C THR C 313 50.72 10.77 -26.08
N GLU C 314 51.31 10.41 -27.23
CA GLU C 314 52.01 11.42 -28.03
C GLU C 314 51.07 12.43 -28.68
N ALA C 315 49.76 12.13 -28.73
CA ALA C 315 48.81 13.09 -29.27
C ALA C 315 48.45 14.20 -28.29
N LEU C 316 48.91 14.12 -27.04
CA LEU C 316 48.54 15.12 -26.04
C LEU C 316 49.33 16.41 -26.26
N ARG C 317 48.68 17.54 -25.97
CA ARG C 317 49.27 18.87 -26.14
C ARG C 317 49.55 19.47 -24.77
N VAL C 318 50.77 19.94 -24.56
CA VAL C 318 51.14 20.63 -23.32
C VAL C 318 51.31 22.11 -23.62
N GLY C 319 50.61 22.96 -22.87
CA GLY C 319 50.67 24.38 -23.12
C GLY C 319 50.24 25.18 -21.92
N TYR C 320 50.00 26.47 -22.16
CA TYR C 320 49.63 27.37 -21.08
C TYR C 320 48.25 26.99 -20.54
N PRO C 321 48.06 27.06 -19.22
CA PRO C 321 46.74 26.69 -18.65
C PRO C 321 45.58 27.51 -19.18
N LEU C 322 45.79 28.81 -19.40
CA LEU C 322 44.69 29.68 -19.82
C LEU C 322 44.34 29.51 -21.29
N SER C 323 45.16 28.82 -22.07
CA SER C 323 44.84 28.56 -23.46
C SER C 323 43.84 27.42 -23.55
N PRO C 324 42.69 27.61 -24.20
CA PRO C 324 41.70 26.52 -24.29
C PRO C 324 42.17 25.34 -25.12
N GLU C 325 43.21 25.50 -25.93
CA GLU C 325 43.72 24.41 -26.75
C GLU C 325 44.63 23.46 -25.97
N SER C 326 45.01 23.82 -24.75
CA SER C 326 45.96 23.00 -24.01
C SER C 326 45.24 21.84 -23.33
N HIS C 327 45.88 20.66 -23.36
CA HIS C 327 45.38 19.49 -22.65
C HIS C 327 46.10 19.29 -21.33
N LEU C 328 47.39 19.60 -21.28
CA LEU C 328 48.20 19.46 -20.08
C LEU C 328 48.83 20.80 -19.74
N GLY C 329 49.00 21.04 -18.44
CA GLY C 329 49.65 22.25 -17.98
C GLY C 329 50.98 21.96 -17.32
N PRO C 330 51.43 22.87 -16.46
CA PRO C 330 52.70 22.66 -15.76
C PRO C 330 52.49 21.95 -14.42
N LEU C 331 53.59 21.50 -13.86
CA LEU C 331 53.56 21.00 -12.50
C LEU C 331 53.46 22.16 -11.52
N VAL C 332 53.05 21.85 -10.28
CA VAL C 332 52.68 22.89 -9.34
C VAL C 332 53.88 23.74 -8.92
N SER C 333 55.08 23.16 -8.94
CA SER C 333 56.26 23.89 -8.49
C SER C 333 57.51 23.22 -9.03
N GLY C 334 58.64 23.92 -8.90
CA GLY C 334 59.91 23.37 -9.34
C GLY C 334 60.36 22.18 -8.52
N LYS C 335 60.07 22.17 -7.23
CA LYS C 335 60.41 21.02 -6.40
C LYS C 335 59.68 19.77 -6.85
N GLN C 336 58.41 19.89 -7.23
CA GLN C 336 57.68 18.75 -7.77
C GLN C 336 58.33 18.26 -9.06
N LEU C 337 58.76 19.19 -9.91
CA LEU C 337 59.44 18.80 -11.14
C LEU C 337 60.73 18.05 -10.85
N GLU C 338 61.50 18.52 -9.87
CA GLU C 338 62.73 17.82 -9.50
C GLU C 338 62.44 16.43 -8.95
N THR C 339 61.37 16.29 -8.15
CA THR C 339 60.98 14.98 -7.66
C THR C 339 60.62 14.04 -8.80
N VAL C 340 59.88 14.54 -9.79
CA VAL C 340 59.51 13.71 -10.93
C VAL C 340 60.75 13.29 -11.72
N GLU C 341 61.68 14.22 -11.92
CA GLU C 341 62.93 13.88 -12.61
C GLU C 341 63.72 12.82 -11.85
N GLY C 342 63.78 12.95 -10.53
CA GLY C 342 64.48 11.95 -9.73
C GLY C 342 63.84 10.59 -9.82
N TYR C 343 62.51 10.53 -9.81
CA TYR C 343 61.82 9.25 -9.94
C TYR C 343 62.05 8.65 -11.33
N VAL C 344 62.08 9.48 -12.37
CA VAL C 344 62.35 8.98 -13.71
C VAL C 344 63.76 8.41 -13.78
N LYS C 345 64.73 9.10 -13.18
CA LYS C 345 66.10 8.60 -13.17
C LYS C 345 66.19 7.27 -12.41
N LEU C 346 65.48 7.17 -11.29
CA LEU C 346 65.45 5.92 -10.53
C LEU C 346 64.85 4.79 -11.36
N GLY C 347 63.76 5.07 -12.08
CA GLY C 347 63.16 4.05 -12.93
C GLY C 347 64.09 3.61 -14.04
N LEU C 348 64.83 4.55 -14.62
CA LEU C 348 65.81 4.18 -15.63
C LEU C 348 66.92 3.32 -15.03
N GLU C 349 67.35 3.64 -13.81
CA GLU C 349 68.39 2.85 -13.15
C GLU C 349 67.92 1.43 -12.87
N GLU C 350 66.65 1.27 -12.48
CA GLU C 350 66.15 -0.04 -12.10
C GLU C 350 65.99 -0.99 -13.29
N GLY C 351 66.11 -0.50 -14.51
CA GLY C 351 66.03 -1.34 -15.68
C GLY C 351 64.73 -1.27 -16.46
N ALA C 352 63.81 -0.40 -16.08
CA ALA C 352 62.59 -0.24 -16.85
C ALA C 352 62.88 0.43 -18.18
N THR C 353 62.05 0.12 -19.19
CA THR C 353 62.24 0.63 -20.53
C THR C 353 61.42 1.90 -20.71
N LEU C 354 62.08 2.98 -21.13
CA LEU C 354 61.42 4.26 -21.33
C LEU C 354 60.78 4.28 -22.70
N LEU C 355 59.44 4.23 -22.74
CA LEU C 355 58.73 4.24 -24.01
C LEU C 355 58.61 5.65 -24.59
N THR C 356 58.04 6.58 -23.84
CA THR C 356 57.91 7.96 -24.29
C THR C 356 58.24 8.89 -23.13
N GLY C 357 58.40 10.18 -23.46
CA GLY C 357 58.60 11.20 -22.45
C GLY C 357 59.92 11.11 -21.71
N GLY C 358 59.91 11.53 -20.46
CA GLY C 358 61.13 11.53 -19.66
C GLY C 358 62.00 12.75 -19.82
N HIS C 359 61.44 13.86 -20.29
CA HIS C 359 62.20 15.08 -20.50
C HIS C 359 61.30 16.29 -20.33
N ARG C 360 61.91 17.44 -20.09
CA ARG C 360 61.18 18.67 -19.93
C ARG C 360 60.65 19.17 -21.27
N VAL C 361 59.63 20.02 -21.21
CA VAL C 361 58.95 20.53 -22.40
C VAL C 361 59.05 22.05 -22.39
N GLU C 362 59.40 22.62 -23.54
CA GLU C 362 59.46 24.07 -23.73
C GLU C 362 58.21 24.49 -24.50
N VAL C 363 57.31 25.19 -23.83
CA VAL C 363 56.08 25.65 -24.46
C VAL C 363 56.40 26.85 -25.34
N PRO C 364 56.01 26.83 -26.62
CA PRO C 364 56.34 27.95 -27.51
C PRO C 364 55.68 29.24 -27.07
N GLY C 365 56.40 30.35 -27.23
CA GLY C 365 55.90 31.65 -26.86
C GLY C 365 55.91 31.94 -25.38
N ILE C 366 56.48 31.06 -24.56
CA ILE C 366 56.49 31.21 -23.11
C ILE C 366 57.90 30.92 -22.61
N SER C 367 58.40 31.77 -21.72
CA SER C 367 59.68 31.57 -21.07
C SER C 367 59.45 31.13 -19.63
N GLY C 368 60.11 30.05 -19.24
CA GLY C 368 59.91 29.50 -17.91
C GLY C 368 58.69 28.59 -17.85
N GLY C 369 58.44 28.10 -16.65
CA GLY C 369 57.34 27.18 -16.43
C GLY C 369 57.81 25.76 -16.18
N HIS C 370 57.06 25.05 -15.35
CA HIS C 370 57.42 23.71 -14.91
C HIS C 370 56.71 22.65 -15.75
N TYR C 371 57.08 22.59 -17.02
CA TYR C 371 56.45 21.68 -17.97
C TYR C 371 57.26 20.40 -18.10
N TYR C 372 56.57 19.27 -18.11
CA TYR C 372 57.19 17.95 -18.25
C TYR C 372 56.36 17.11 -19.22
N ALA C 373 57.06 16.35 -20.05
CA ALA C 373 56.37 15.50 -21.01
C ALA C 373 55.76 14.29 -20.31
N PRO C 374 54.59 13.83 -20.73
CA PRO C 374 54.04 12.58 -20.18
C PRO C 374 54.97 11.42 -20.47
N THR C 375 55.16 10.56 -19.46
CA THR C 375 56.18 9.52 -19.49
C THR C 375 55.52 8.16 -19.33
N ILE C 376 55.98 7.18 -20.11
CA ILE C 376 55.50 5.81 -20.03
C ILE C 376 56.69 4.89 -19.81
N PHE C 377 56.59 4.01 -18.82
CA PHE C 377 57.59 2.99 -18.56
C PHE C 377 57.00 1.61 -18.85
N THR C 378 57.80 0.77 -19.50
CA THR C 378 57.40 -0.59 -19.82
C THR C 378 58.44 -1.56 -19.26
N ASP C 379 58.15 -2.86 -19.41
CA ASP C 379 58.98 -3.92 -18.86
C ASP C 379 59.17 -3.75 -17.35
N VAL C 380 58.11 -3.33 -16.67
CA VAL C 380 58.18 -3.01 -15.24
C VAL C 380 57.68 -4.20 -14.43
N ASP C 381 58.46 -4.57 -13.42
CA ASP C 381 58.04 -5.56 -12.43
C ASP C 381 57.37 -4.85 -11.27
N ASN C 382 56.41 -5.52 -10.64
CA ASN C 382 55.64 -4.89 -9.57
C ASN C 382 56.41 -4.58 -8.29
N ARG C 383 57.59 -5.16 -8.10
CA ARG C 383 58.39 -4.89 -6.92
C ARG C 383 59.45 -3.81 -7.14
N MET C 384 59.43 -3.16 -8.30
CA MET C 384 60.32 -2.05 -8.56
C MET C 384 59.79 -0.90 -7.70
N ARG C 385 60.70 -0.01 -7.29
CA ARG C 385 60.30 1.10 -6.44
C ARG C 385 59.33 2.04 -7.15
N ILE C 386 59.53 2.24 -8.46
CA ILE C 386 58.62 3.10 -9.22
C ILE C 386 57.21 2.52 -9.27
N ALA C 387 57.08 1.19 -9.18
CA ALA C 387 55.76 0.58 -9.12
C ALA C 387 55.22 0.54 -7.70
N GLN C 388 56.02 0.93 -6.71
CA GLN C 388 55.62 0.85 -5.31
C GLN C 388 55.49 2.20 -4.64
N GLU C 389 56.12 3.25 -5.18
CA GLU C 389 56.13 4.56 -4.54
C GLU C 389 55.37 5.57 -5.40
N GLU C 390 54.56 6.40 -4.74
CA GLU C 390 53.78 7.41 -5.42
C GLU C 390 54.68 8.51 -5.95
N ILE C 391 54.32 9.07 -7.10
CA ILE C 391 55.15 10.02 -7.83
C ILE C 391 54.54 11.42 -7.85
N PHE C 392 53.24 11.52 -8.08
CA PHE C 392 52.57 12.80 -8.32
C PHE C 392 53.16 13.51 -9.53
N GLY C 393 53.08 12.82 -10.66
CA GLY C 393 53.58 13.34 -11.92
C GLY C 393 53.08 12.54 -13.10
N PRO C 394 53.33 13.03 -14.30
CA PRO C 394 52.83 12.36 -15.51
C PRO C 394 53.70 11.16 -15.91
N VAL C 395 53.80 10.19 -15.01
CA VAL C 395 54.59 8.99 -15.23
C VAL C 395 53.71 7.77 -14.98
N VAL C 396 53.75 6.81 -15.91
CA VAL C 396 52.98 5.59 -15.80
C VAL C 396 53.91 4.41 -16.02
N VAL C 397 53.61 3.30 -15.33
CA VAL C 397 54.33 2.04 -15.50
C VAL C 397 53.35 0.99 -15.96
N VAL C 398 53.75 0.21 -16.97
CA VAL C 398 52.89 -0.81 -17.57
C VAL C 398 53.41 -2.17 -17.12
N ILE C 399 52.53 -2.96 -16.52
CA ILE C 399 52.87 -4.29 -16.01
C ILE C 399 51.93 -5.28 -16.66
N ARG C 400 52.47 -6.38 -17.18
CA ARG C 400 51.68 -7.37 -17.88
C ARG C 400 51.39 -8.57 -16.98
N PHE C 401 50.23 -9.20 -17.22
CA PHE C 401 49.80 -10.36 -16.45
C PHE C 401 49.20 -11.38 -17.40
N ASP C 402 48.93 -12.57 -16.87
CA ASP C 402 48.44 -13.69 -17.67
C ASP C 402 47.01 -14.11 -17.34
N SER C 403 46.48 -13.76 -16.17
CA SER C 403 45.15 -14.19 -15.80
C SER C 403 44.54 -13.18 -14.84
N ASP C 404 43.22 -13.27 -14.67
CA ASP C 404 42.52 -12.34 -13.78
C ASP C 404 42.96 -12.48 -12.34
N GLU C 405 43.20 -13.72 -11.88
CA GLU C 405 43.71 -13.91 -10.52
C GLU C 405 45.08 -13.28 -10.34
N GLU C 406 45.96 -13.42 -11.33
CA GLU C 406 47.27 -12.78 -11.27
C GLU C 406 47.14 -11.26 -11.24
N ALA C 407 46.21 -10.72 -12.05
CA ALA C 407 45.99 -9.28 -12.05
C ALA C 407 45.51 -8.79 -10.69
N VAL C 408 44.59 -9.53 -10.07
CA VAL C 408 44.10 -9.16 -8.75
C VAL C 408 45.22 -9.22 -7.73
N ALA C 409 46.05 -10.25 -7.80
CA ALA C 409 47.17 -10.38 -6.86
C ALA C 409 48.15 -9.23 -7.02
N ILE C 410 48.43 -8.84 -8.27
CA ILE C 410 49.34 -7.73 -8.51
C ILE C 410 48.74 -6.42 -8.01
N ALA C 411 47.45 -6.20 -8.27
CA ALA C 411 46.80 -4.95 -7.86
C ALA C 411 46.76 -4.83 -6.34
N ASN C 412 46.44 -5.93 -5.65
CA ASN C 412 46.38 -5.88 -4.19
C ASN C 412 47.76 -5.85 -3.55
N ASP C 413 48.82 -6.06 -4.33
CA ASP C 413 50.18 -6.08 -3.80
C ASP C 413 50.72 -4.66 -3.72
N SER C 414 50.14 -3.90 -2.80
CA SER C 414 50.56 -2.51 -2.56
C SER C 414 50.12 -2.10 -1.17
N ILE C 415 50.71 -1.00 -0.68
CA ILE C 415 50.36 -0.49 0.63
C ILE C 415 49.23 0.53 0.55
N TYR C 416 48.78 0.88 -0.65
CA TYR C 416 47.73 1.86 -0.83
C TYR C 416 46.43 1.18 -1.29
N GLY C 417 45.31 1.79 -0.93
CA GLY C 417 44.00 1.26 -1.25
C GLY C 417 43.00 2.30 -1.69
N LEU C 418 43.47 3.36 -2.34
CA LEU C 418 42.59 4.49 -2.65
C LEU C 418 41.54 4.15 -3.70
N ALA C 419 41.97 3.80 -4.91
CA ALA C 419 41.04 3.56 -6.01
C ALA C 419 41.60 2.53 -6.96
N GLY C 420 40.81 2.23 -7.99
CA GLY C 420 41.20 1.27 -9.02
C GLY C 420 40.22 1.32 -10.17
N GLY C 421 40.56 0.60 -11.23
CA GLY C 421 39.73 0.56 -12.41
C GLY C 421 39.88 -0.75 -13.15
N VAL C 422 38.80 -1.18 -13.78
CA VAL C 422 38.77 -2.40 -14.57
C VAL C 422 38.10 -2.09 -15.90
N TYR C 423 38.73 -2.53 -16.99
CA TYR C 423 38.16 -2.41 -18.33
C TYR C 423 37.96 -3.80 -18.91
N SER C 424 36.72 -4.09 -19.31
CA SER C 424 36.38 -5.40 -19.83
C SER C 424 35.10 -5.30 -20.64
N GLY C 425 34.92 -6.27 -21.54
CA GLY C 425 33.72 -6.33 -22.35
C GLY C 425 32.54 -7.04 -21.69
N SER C 426 32.73 -7.61 -20.50
CA SER C 426 31.70 -8.31 -19.78
C SER C 426 31.55 -7.71 -18.40
N ASN C 427 30.32 -7.34 -18.03
CA ASN C 427 30.08 -6.77 -16.71
C ASN C 427 30.33 -7.80 -15.61
N ALA C 428 29.96 -9.06 -15.86
CA ALA C 428 30.13 -10.09 -14.84
C ALA C 428 31.61 -10.31 -14.52
N ARG C 429 32.44 -10.42 -15.55
CA ARG C 429 33.88 -10.62 -15.33
C ARG C 429 34.51 -9.42 -14.65
N ALA C 430 34.13 -8.21 -15.08
CA ALA C 430 34.68 -7.01 -14.46
C ALA C 430 34.28 -6.91 -12.99
N GLN C 431 33.03 -7.26 -12.67
CA GLN C 431 32.60 -7.23 -11.28
C GLN C 431 33.26 -8.33 -10.45
N ARG C 432 33.52 -9.49 -11.06
CA ARG C 432 34.26 -10.53 -10.34
C ARG C 432 35.67 -10.06 -10.01
N VAL C 433 36.32 -9.36 -10.94
CA VAL C 433 37.63 -8.80 -10.65
C VAL C 433 37.53 -7.70 -9.59
N ALA C 434 36.47 -6.89 -9.67
CA ALA C 434 36.36 -5.71 -8.81
C ALA C 434 36.05 -6.08 -7.37
N THR C 435 35.25 -7.11 -7.14
CA THR C 435 34.87 -7.47 -5.77
C THR C 435 36.06 -7.96 -4.95
N GLN C 436 37.17 -8.30 -5.59
CA GLN C 436 38.35 -8.75 -4.87
C GLN C 436 39.38 -7.64 -4.64
N LEU C 437 39.29 -6.54 -5.38
CA LEU C 437 40.21 -5.43 -5.20
C LEU C 437 40.01 -4.79 -3.82
N ARG C 438 41.10 -4.56 -3.12
CA ARG C 438 41.05 -3.94 -1.80
C ARG C 438 41.28 -2.43 -1.91
N THR C 439 40.34 -1.77 -2.59
CA THR C 439 40.39 -0.34 -2.81
C THR C 439 39.05 0.28 -2.43
N GLY C 440 39.08 1.57 -2.07
CA GLY C 440 37.88 2.25 -1.64
C GLY C 440 36.91 2.58 -2.76
N THR C 441 37.38 2.57 -4.01
CA THR C 441 36.54 2.89 -5.16
C THR C 441 37.03 2.12 -6.38
N VAL C 442 36.09 1.51 -7.10
CA VAL C 442 36.39 0.77 -8.31
C VAL C 442 35.53 1.32 -9.43
N TRP C 443 36.16 1.68 -10.55
CA TRP C 443 35.45 2.12 -11.74
C TRP C 443 35.53 1.03 -12.80
N ILE C 444 34.38 0.69 -13.38
CA ILE C 444 34.31 -0.30 -14.46
C ILE C 444 34.03 0.44 -15.75
N ASN C 445 34.94 0.33 -16.71
CA ASN C 445 34.84 0.99 -18.02
C ASN C 445 34.72 2.51 -17.87
N ASN C 446 35.37 3.07 -16.86
CA ASN C 446 35.38 4.51 -16.65
C ASN C 446 36.52 4.84 -15.70
N TYR C 447 36.71 6.14 -15.48
CA TYR C 447 37.70 6.60 -14.51
C TYR C 447 37.38 8.03 -14.11
N HIS C 448 37.77 8.41 -12.89
CA HIS C 448 37.52 9.73 -12.33
C HIS C 448 36.04 10.10 -12.34
N ALA C 449 35.16 9.12 -12.14
CA ALA C 449 33.72 9.37 -12.13
C ALA C 449 33.32 9.88 -10.75
N PHE C 450 33.50 11.18 -10.57
CA PHE C 450 33.17 11.82 -9.30
C PHE C 450 31.66 11.88 -9.10
N GLY C 451 31.25 11.86 -7.84
CA GLY C 451 29.83 11.94 -7.51
C GLY C 451 29.55 12.62 -6.18
N ASP C 452 28.40 13.28 -6.08
CA ASP C 452 28.06 13.97 -4.83
C ASP C 452 27.60 12.99 -3.76
N PHE C 453 26.88 11.94 -4.14
CA PHE C 453 26.39 10.95 -3.20
C PHE C 453 27.17 9.64 -3.27
N CYS C 454 28.34 9.64 -3.91
CA CYS C 454 29.16 8.45 -4.01
C CYS C 454 30.33 8.58 -3.04
N PRO C 455 30.35 7.82 -1.94
CA PRO C 455 31.45 7.96 -0.99
C PRO C 455 32.78 7.51 -1.58
N PHE C 456 33.86 8.14 -1.12
CA PHE C 456 35.20 7.79 -1.56
C PHE C 456 36.16 7.90 -0.38
N GLY C 457 37.20 7.09 -0.43
CA GLY C 457 38.16 6.99 0.66
C GLY C 457 39.19 5.92 0.35
N GLY C 458 40.07 5.70 1.33
CA GLY C 458 41.17 4.79 1.13
C GLY C 458 41.17 3.59 2.06
N TYR C 459 41.68 2.49 1.54
CA TYR C 459 42.00 1.30 2.32
C TYR C 459 43.44 1.38 2.81
N LYS C 460 43.79 0.47 3.71
CA LYS C 460 45.18 0.30 4.15
C LYS C 460 45.82 1.62 4.58
N GLN C 461 46.98 1.93 4.02
CA GLN C 461 47.69 3.16 4.34
C GLN C 461 47.30 4.34 3.45
N SER C 462 46.15 4.27 2.79
CA SER C 462 45.60 5.42 2.08
C SER C 462 44.69 6.26 2.97
N GLY C 463 44.57 5.92 4.24
CA GLY C 463 43.75 6.65 5.18
C GLY C 463 42.53 5.87 5.62
N PHE C 464 41.64 6.56 6.30
CA PHE C 464 40.39 5.97 6.76
C PHE C 464 39.33 7.06 6.81
N GLY C 465 38.06 6.64 6.84
CA GLY C 465 36.95 7.55 6.75
C GLY C 465 36.55 7.80 5.30
N ARG C 466 35.35 8.36 5.14
CA ARG C 466 34.77 8.57 3.83
C ARG C 466 34.29 10.01 3.71
N GLU C 467 34.14 10.45 2.46
CA GLU C 467 33.55 11.73 2.13
C GLU C 467 32.41 11.53 1.15
N MET C 468 31.48 12.49 1.16
CA MET C 468 30.31 12.54 0.29
C MET C 468 29.28 11.48 0.65
N GLY C 469 28.01 11.78 0.39
CA GLY C 469 26.93 10.90 0.74
C GLY C 469 26.64 10.94 2.23
N ALA C 470 25.71 10.06 2.63
CA ALA C 470 25.43 9.91 4.05
C ALA C 470 26.65 9.42 4.81
N SER C 471 27.48 8.60 4.17
CA SER C 471 28.71 8.15 4.81
C SER C 471 29.64 9.33 5.10
N GLY C 472 29.76 10.25 4.14
CA GLY C 472 30.58 11.43 4.38
C GLY C 472 29.99 12.35 5.43
N LEU C 473 28.65 12.52 5.40
CA LEU C 473 28.01 13.42 6.35
C LEU C 473 28.05 12.85 7.77
N SER C 474 28.10 11.53 7.92
CA SER C 474 28.10 10.93 9.24
C SER C 474 29.42 11.15 9.98
N GLU C 475 30.49 11.51 9.28
CA GLU C 475 31.76 11.76 9.94
C GLU C 475 31.76 13.02 10.79
N PHE C 476 30.81 13.93 10.56
CA PHE C 476 30.79 15.23 11.22
C PHE C 476 29.64 15.36 12.23
N VAL C 477 29.13 14.24 12.73
CA VAL C 477 28.08 14.26 13.74
C VAL C 477 28.42 13.26 14.83
N GLN C 478 27.98 13.57 16.05
CA GLN C 478 28.06 12.65 17.17
C GLN C 478 26.79 11.81 17.23
N VAL C 479 26.85 10.72 18.00
CA VAL C 479 25.70 9.84 18.20
C VAL C 479 25.39 9.82 19.69
N LYS C 480 24.16 10.20 20.05
CA LYS C 480 23.72 10.22 21.43
C LYS C 480 22.50 9.31 21.58
N ARG C 481 22.56 8.42 22.55
CA ARG C 481 21.44 7.52 22.87
C ARG C 481 20.70 8.07 24.09
N VAL C 482 19.40 8.29 23.94
CA VAL C 482 18.57 8.84 25.00
C VAL C 482 17.54 7.78 25.38
N HIS C 483 17.47 7.45 26.66
CA HIS C 483 16.53 6.48 27.18
C HIS C 483 15.59 7.19 28.15
N VAL C 484 14.29 7.06 27.89
CA VAL C 484 13.25 7.62 28.76
C VAL C 484 12.58 6.45 29.45
N SER C 485 12.76 6.36 30.76
CA SER C 485 12.22 5.22 31.51
C SER C 485 10.70 5.26 31.55
N ALA C 486 10.09 4.09 31.45
CA ALA C 486 8.63 4.00 31.46
C ALA C 486 8.06 4.19 32.85
N TYR C 487 8.85 3.96 33.90
CA TYR C 487 8.38 4.10 35.27
C TYR C 487 9.32 5.01 36.04
N ALA C 488 8.77 5.72 37.02
CA ALA C 488 9.55 6.65 37.82
C ALA C 488 9.36 6.37 39.31
N SER C 489 9.46 5.10 39.70
CA SER C 489 9.22 4.72 41.08
C SER C 489 10.31 3.77 41.55
N VAL C 490 10.42 3.64 42.87
CA VAL C 490 11.42 2.74 43.46
C VAL C 490 10.95 1.31 43.30
N GLY C 491 11.87 0.42 42.91
CA GLY C 491 11.56 -0.97 42.70
C GLY C 491 10.99 -1.30 41.33
N ALA C 492 11.00 -0.34 40.40
CA ALA C 492 10.40 -0.55 39.09
C ALA C 492 11.30 -1.35 38.15
N SER C 493 12.59 -1.45 38.44
CA SER C 493 13.54 -2.12 37.55
C SER C 493 14.14 -3.32 38.24
N PRO C 494 14.09 -4.50 37.63
CA PRO C 494 14.72 -5.67 38.25
C PRO C 494 16.22 -5.54 38.42
N ALA C 495 16.88 -4.74 37.59
CA ALA C 495 18.33 -4.60 37.68
C ALA C 495 18.75 -3.97 38.99
N MET C 496 18.01 -2.96 39.46
CA MET C 496 18.36 -2.29 40.71
C MET C 496 18.07 -3.13 41.94
N ALA C 497 17.39 -4.26 41.78
CA ALA C 497 17.10 -5.14 42.92
C ALA C 497 18.33 -5.86 43.44
N ILE C 498 19.45 -5.78 42.73
CA ILE C 498 20.69 -6.41 43.21
C ILE C 498 21.14 -5.79 44.52
N LEU C 499 21.01 -4.47 44.65
CA LEU C 499 21.50 -3.74 45.82
C LEU C 499 20.42 -3.55 46.88
N SER C 500 19.46 -4.47 46.98
CA SER C 500 18.41 -4.38 47.98
C SER C 500 17.98 -5.78 48.38
N ASP C 501 17.44 -5.89 49.59
CA ASP C 501 16.94 -7.17 50.09
C ASP C 501 15.56 -7.51 49.55
N ASP C 502 14.81 -6.52 49.08
CA ASP C 502 13.49 -6.77 48.50
C ASP C 502 13.64 -7.07 47.01
N LYS C 503 13.04 -8.19 46.58
CA LYS C 503 13.18 -8.66 45.21
C LYS C 503 11.89 -8.57 44.41
N LYS C 504 10.81 -8.04 45.00
CA LYS C 504 9.55 -7.95 44.28
C LYS C 504 9.64 -6.93 43.16
N THR C 505 9.13 -7.30 41.98
CA THR C 505 9.08 -6.41 40.82
C THR C 505 7.66 -6.42 40.27
N PRO C 506 6.77 -5.62 40.85
CA PRO C 506 5.36 -5.69 40.48
C PRO C 506 4.98 -4.90 39.24
N PHE C 507 5.93 -4.27 38.54
CA PHE C 507 5.60 -3.39 37.43
C PHE C 507 5.62 -4.18 36.13
N VAL C 508 4.43 -4.59 35.68
CA VAL C 508 4.25 -5.30 34.42
C VAL C 508 3.02 -4.73 33.73
N GLN C 509 2.92 -4.98 32.42
CA GLN C 509 1.79 -4.54 31.63
C GLN C 509 0.96 -5.74 31.22
N TYR C 510 -0.36 -5.65 31.40
CA TYR C 510 -1.26 -6.78 31.21
C TYR C 510 -2.00 -6.64 29.88
N ASN C 511 -2.16 -7.76 29.18
CA ASN C 511 -2.89 -7.78 27.92
C ASN C 511 -3.41 -9.20 27.70
N ALA C 512 -4.58 -9.28 27.05
CA ALA C 512 -5.21 -10.57 26.75
C ALA C 512 -6.07 -10.43 25.50
N PRO C 513 -5.44 -10.35 24.33
CA PRO C 513 -6.18 -10.08 23.10
C PRO C 513 -6.83 -11.30 22.46
N THR C 514 -6.64 -12.49 23.01
CA THR C 514 -7.17 -13.69 22.39
C THR C 514 -8.69 -13.69 22.44
N ASN C 515 -9.32 -14.05 21.31
CA ASN C 515 -10.77 -14.15 21.24
C ASN C 515 -11.20 -15.55 21.70
N ILE C 516 -11.90 -15.61 22.81
CA ILE C 516 -12.30 -16.89 23.38
C ILE C 516 -13.67 -17.28 22.85
N ILE C 517 -13.78 -18.47 22.28
CA ILE C 517 -15.03 -19.05 21.85
C ILE C 517 -15.25 -20.34 22.61
N SER C 518 -16.42 -20.48 23.23
CA SER C 518 -16.68 -21.63 24.09
C SER C 518 -18.16 -21.93 24.09
N GLY C 519 -18.50 -23.14 24.50
CA GLY C 519 -19.88 -23.59 24.61
C GLY C 519 -20.13 -24.85 23.80
N HIS C 520 -21.34 -25.37 23.97
CA HIS C 520 -21.76 -26.55 23.23
C HIS C 520 -21.92 -26.22 21.75
N GLY C 521 -21.32 -27.03 20.90
CA GLY C 521 -21.45 -26.83 19.46
C GLY C 521 -20.92 -25.50 18.97
N SER C 522 -19.81 -25.03 19.55
CA SER C 522 -19.20 -23.78 19.13
C SER C 522 -18.15 -23.96 18.05
N LEU C 523 -17.87 -25.19 17.64
CA LEU C 523 -16.90 -25.43 16.57
C LEU C 523 -17.26 -24.76 15.24
N PRO C 524 -18.53 -24.72 14.78
CA PRO C 524 -18.82 -24.06 13.50
C PRO C 524 -18.44 -22.58 13.45
N ALA C 525 -18.15 -21.98 14.60
CA ALA C 525 -17.77 -20.57 14.63
C ALA C 525 -16.41 -20.33 13.98
N ILE C 526 -15.62 -21.39 13.76
CA ILE C 526 -14.33 -21.24 13.09
C ILE C 526 -14.52 -20.77 11.66
N TYR C 527 -15.65 -21.13 11.03
CA TYR C 527 -15.91 -20.70 9.67
C TYR C 527 -16.02 -19.19 9.56
N LYS C 528 -16.68 -18.55 10.52
CA LYS C 528 -16.75 -17.09 10.56
C LYS C 528 -15.46 -16.46 11.10
N GLU C 529 -14.78 -17.14 12.02
CA GLU C 529 -13.51 -16.62 12.52
C GLU C 529 -12.47 -16.53 11.42
N MET C 530 -12.50 -17.47 10.47
CA MET C 530 -11.60 -17.40 9.32
C MET C 530 -11.88 -16.16 8.49
N VAL C 531 -13.15 -15.80 8.32
CA VAL C 531 -13.50 -14.60 7.57
C VAL C 531 -13.08 -13.35 8.32
N LYS C 532 -13.22 -13.35 9.64
CA LYS C 532 -12.81 -12.17 10.42
C LYS C 532 -11.32 -11.91 10.29
N LEU C 533 -10.51 -12.97 10.35
CA LEU C 533 -9.06 -12.83 10.26
C LEU C 533 -8.58 -12.56 8.84
N GLY C 534 -9.46 -12.64 7.85
CA GLY C 534 -9.05 -12.43 6.47
C GLY C 534 -8.24 -13.55 5.87
N CYS C 535 -8.56 -14.80 6.23
CA CYS C 535 -7.83 -15.96 5.74
C CYS C 535 -8.77 -16.91 5.02
N LYS C 536 -8.23 -17.62 4.03
CA LYS C 536 -9.01 -18.59 3.26
C LYS C 536 -8.32 -19.93 3.10
N ARG C 537 -7.06 -20.10 3.52
CA ARG C 537 -6.31 -21.33 3.28
C ARG C 537 -5.67 -21.77 4.61
N ALA C 538 -6.40 -22.58 5.37
CA ALA C 538 -5.91 -23.05 6.65
C ALA C 538 -5.34 -24.45 6.53
N VAL C 539 -4.25 -24.71 7.26
CA VAL C 539 -3.64 -26.02 7.36
C VAL C 539 -3.72 -26.48 8.81
N ILE C 540 -4.28 -27.66 9.02
CA ILE C 540 -4.47 -28.19 10.38
C ILE C 540 -3.19 -28.86 10.84
N MET C 541 -2.69 -28.45 12.00
CA MET C 541 -1.51 -29.03 12.62
C MET C 541 -1.95 -29.89 13.80
N THR C 542 -1.54 -31.15 13.81
CA THR C 542 -1.95 -32.10 14.84
C THR C 542 -0.90 -33.19 14.94
N ASP C 543 -1.22 -34.26 15.66
CA ASP C 543 -0.32 -35.39 15.83
C ASP C 543 -1.09 -36.68 15.59
N GLU C 544 -0.36 -37.80 15.63
CA GLU C 544 -0.95 -39.10 15.30
C GLU C 544 -2.03 -39.48 16.31
N GLY C 545 -1.78 -39.28 17.59
CA GLY C 545 -2.72 -39.66 18.63
C GLY C 545 -4.04 -38.94 18.54
N VAL C 546 -3.98 -37.62 18.33
CA VAL C 546 -5.21 -36.84 18.18
C VAL C 546 -5.88 -37.16 16.84
N ASN C 547 -5.09 -37.35 15.79
CA ASN C 547 -5.66 -37.66 14.49
C ASN C 547 -6.39 -38.99 14.49
N ALA C 548 -5.97 -39.93 15.35
CA ALA C 548 -6.65 -41.21 15.43
C ALA C 548 -8.04 -41.09 16.07
N THR C 549 -8.28 -40.05 16.87
CA THR C 549 -9.56 -39.91 17.54
C THR C 549 -10.62 -39.28 16.65
N GLY C 550 -10.24 -38.67 15.53
CA GLY C 550 -11.18 -38.11 14.59
C GLY C 550 -11.55 -36.65 14.82
N LEU C 551 -10.99 -36.01 15.85
CA LEU C 551 -11.24 -34.59 16.06
C LEU C 551 -10.74 -33.72 14.90
N PRO C 552 -9.54 -33.91 14.36
CA PRO C 552 -9.14 -33.11 13.20
C PRO C 552 -10.08 -33.27 12.01
N THR C 553 -10.73 -34.43 11.86
CA THR C 553 -11.73 -34.58 10.83
C THR C 553 -12.92 -33.65 11.09
N LEU C 554 -13.34 -33.53 12.35
CA LEU C 554 -14.40 -32.59 12.69
C LEU C 554 -13.99 -31.16 12.38
N VAL C 555 -12.74 -30.80 12.70
CA VAL C 555 -12.26 -29.46 12.40
C VAL C 555 -12.24 -29.21 10.90
N ARG C 556 -11.81 -30.22 10.12
CA ARG C 556 -11.78 -30.09 8.67
C ARG C 556 -13.17 -29.90 8.10
N GLU C 557 -14.14 -30.68 8.59
CA GLU C 557 -15.52 -30.51 8.13
C GLU C 557 -16.08 -29.15 8.52
N ALA C 558 -15.73 -28.63 9.70
CA ALA C 558 -16.16 -27.29 10.07
C ALA C 558 -15.56 -26.23 9.15
N LEU C 559 -14.28 -26.38 8.81
CA LEU C 559 -13.63 -25.42 7.92
C LEU C 559 -14.16 -25.51 6.50
N ASP C 560 -14.57 -26.70 6.07
CA ASP C 560 -15.15 -26.93 4.75
C ASP C 560 -14.12 -26.53 3.69
N ASP C 561 -14.33 -25.40 3.01
CA ASP C 561 -13.46 -25.01 1.90
C ASP C 561 -12.29 -24.15 2.34
N PHE C 562 -12.21 -23.77 3.62
CA PHE C 562 -11.08 -22.99 4.11
C PHE C 562 -9.92 -23.86 4.57
N CYS C 563 -10.04 -25.18 4.48
CA CYS C 563 -8.97 -26.09 4.86
C CYS C 563 -8.34 -26.65 3.59
N VAL C 564 -7.01 -26.53 3.50
CA VAL C 564 -6.26 -26.95 2.32
C VAL C 564 -5.26 -28.04 2.61
N GLY C 565 -5.12 -28.47 3.86
CA GLY C 565 -4.20 -29.54 4.19
C GLY C 565 -4.17 -29.89 5.66
N VAL C 566 -3.69 -31.08 5.98
CA VAL C 566 -3.55 -31.55 7.35
C VAL C 566 -2.15 -32.12 7.54
N TYR C 567 -1.47 -31.66 8.58
CA TYR C 567 -0.14 -32.16 8.93
C TYR C 567 -0.23 -32.82 10.30
N ASP C 568 0.00 -34.14 10.32
CA ASP C 568 -0.18 -34.93 11.53
C ASP C 568 1.12 -35.53 12.08
N ARG C 569 2.27 -35.09 11.58
CA ARG C 569 3.56 -35.66 11.96
C ARG C 569 4.24 -35.01 13.16
N ILE C 570 3.55 -34.10 13.86
CA ILE C 570 4.12 -33.45 15.03
C ILE C 570 4.35 -34.50 16.12
N GLU C 571 5.56 -34.55 16.66
CA GLU C 571 5.88 -35.51 17.70
C GLU C 571 5.82 -34.88 19.09
N GLN C 572 5.58 -35.72 20.09
CA GLN C 572 5.67 -35.26 21.47
C GLN C 572 7.12 -34.86 21.74
N ASP C 573 7.30 -33.76 22.48
CA ASP C 573 8.61 -33.14 22.68
C ASP C 573 9.24 -32.79 21.33
N SER C 574 8.58 -31.87 20.63
CA SER C 574 8.99 -31.47 19.30
C SER C 574 10.32 -30.71 19.35
N SER C 575 10.99 -30.66 18.21
CA SER C 575 12.30 -30.03 18.10
C SER C 575 12.29 -29.03 16.96
N LEU C 576 13.47 -28.48 16.65
CA LEU C 576 13.58 -27.49 15.59
C LEU C 576 13.29 -28.11 14.23
N ASP C 577 13.75 -29.34 14.00
CA ASP C 577 13.51 -30.01 12.72
C ASP C 577 12.03 -30.31 12.50
N THR C 578 11.30 -30.66 13.56
CA THR C 578 9.85 -30.83 13.42
C THR C 578 9.18 -29.54 12.99
N VAL C 579 9.58 -28.41 13.59
CA VAL C 579 9.02 -27.12 13.21
C VAL C 579 9.36 -26.81 11.75
N ASP C 580 10.60 -27.08 11.34
CA ASP C 580 11.00 -26.81 9.96
C ASP C 580 10.20 -27.64 8.97
N ALA C 581 10.01 -28.93 9.27
CA ALA C 581 9.24 -29.80 8.38
C ALA C 581 7.78 -29.36 8.32
N ALA C 582 7.18 -29.02 9.46
CA ALA C 582 5.80 -28.56 9.47
C ALA C 582 5.65 -27.25 8.69
N ALA C 583 6.61 -26.34 8.85
CA ALA C 583 6.56 -25.08 8.11
C ALA C 583 6.70 -25.32 6.61
N ALA C 584 7.57 -26.24 6.21
CA ALA C 584 7.72 -26.55 4.79
C ALA C 584 6.44 -27.13 4.22
N TYR C 585 5.81 -28.05 4.96
CA TYR C 585 4.55 -28.64 4.50
C TYR C 585 3.45 -27.58 4.41
N ALA C 586 3.39 -26.67 5.38
CA ALA C 586 2.41 -25.60 5.32
C ALA C 586 2.66 -24.66 4.15
N ARG C 587 3.93 -24.37 3.86
CA ARG C 587 4.26 -23.46 2.77
C ARG C 587 3.95 -24.08 1.41
N GLU C 588 4.22 -25.37 1.25
CA GLU C 588 3.94 -26.00 -0.04
C GLU C 588 2.43 -26.06 -0.32
N CYS C 589 1.61 -25.98 0.72
CA CYS C 589 0.16 -25.96 0.55
C CYS C 589 -0.39 -24.55 0.38
N GLY C 590 0.47 -23.53 0.42
CA GLY C 590 0.01 -22.16 0.26
C GLY C 590 -0.86 -21.65 1.39
N ALA C 591 -0.54 -22.04 2.63
CA ALA C 591 -1.36 -21.66 3.77
C ALA C 591 -1.15 -20.19 4.12
N ASP C 592 -2.21 -19.56 4.62
CA ASP C 592 -2.12 -18.23 5.20
C ASP C 592 -2.62 -18.20 6.65
N ALA C 593 -3.05 -19.33 7.19
CA ALA C 593 -3.46 -19.43 8.58
C ALA C 593 -3.15 -20.85 9.07
N ILE C 594 -2.96 -20.99 10.38
CA ILE C 594 -2.62 -22.26 11.00
C ILE C 594 -3.66 -22.57 12.06
N VAL C 595 -4.21 -23.78 12.01
CA VAL C 595 -5.16 -24.27 13.00
C VAL C 595 -4.51 -25.45 13.71
N SER C 596 -4.38 -25.37 15.03
CA SER C 596 -3.74 -26.39 15.82
C SER C 596 -4.78 -27.14 16.64
N VAL C 597 -4.75 -28.47 16.56
CA VAL C 597 -5.68 -29.34 17.29
C VAL C 597 -4.82 -30.34 18.05
N GLY C 598 -4.63 -30.11 19.34
CA GLY C 598 -3.84 -31.02 20.14
C GLY C 598 -3.45 -30.40 21.47
N GLY C 599 -2.44 -30.99 22.09
CA GLY C 599 -1.99 -30.56 23.39
C GLY C 599 -1.07 -29.36 23.31
N GLY C 600 -0.31 -29.16 24.39
CA GLY C 600 0.58 -28.01 24.46
C GLY C 600 1.71 -28.07 23.46
N SER C 601 2.24 -29.28 23.21
CA SER C 601 3.32 -29.42 22.24
C SER C 601 2.87 -29.00 20.84
N VAL C 602 1.68 -29.43 20.44
CA VAL C 602 1.16 -29.07 19.12
C VAL C 602 0.96 -27.56 19.01
N ILE C 603 0.42 -26.93 20.06
CA ILE C 603 0.15 -25.51 20.01
C ILE C 603 1.46 -24.71 19.95
N ASP C 604 2.45 -25.11 20.75
CA ASP C 604 3.74 -24.43 20.70
C ASP C 604 4.44 -24.62 19.37
N THR C 605 4.41 -25.83 18.82
CA THR C 605 4.97 -26.06 17.49
C THR C 605 4.26 -25.23 16.45
N SER C 606 2.94 -25.05 16.59
CA SER C 606 2.19 -24.23 15.64
C SER C 606 2.55 -22.76 15.77
N LYS C 607 2.81 -22.28 17.00
CA LYS C 607 3.29 -20.92 17.17
C LYS C 607 4.62 -20.72 16.45
N ALA C 608 5.54 -21.66 16.64
CA ALA C 608 6.83 -21.58 15.95
C ALA C 608 6.66 -21.64 14.45
N VAL C 609 5.75 -22.48 13.97
CA VAL C 609 5.49 -22.60 12.54
C VAL C 609 4.94 -21.30 11.99
N CYS C 610 4.04 -20.64 12.72
CA CYS C 610 3.53 -19.34 12.30
C CYS C 610 4.64 -18.32 12.20
N VAL C 611 5.55 -18.29 13.20
CA VAL C 611 6.66 -17.35 13.14
C VAL C 611 7.54 -17.62 11.93
N VAL C 612 7.85 -18.89 11.66
CA VAL C 612 8.70 -19.23 10.53
C VAL C 612 8.03 -18.89 9.21
N LEU C 613 6.73 -19.17 9.10
CA LEU C 613 5.99 -18.86 7.88
C LEU C 613 5.96 -17.36 7.63
N LYS C 614 5.77 -16.56 8.67
CA LYS C 614 5.72 -15.11 8.48
C LYS C 614 7.09 -14.55 8.12
N ASN C 615 8.14 -14.95 8.84
CA ASN C 615 9.44 -14.33 8.65
C ASN C 615 10.38 -15.12 7.75
N GLY C 616 10.06 -16.36 7.42
CA GLY C 616 10.97 -17.16 6.62
C GLY C 616 12.14 -17.66 7.44
N GLY C 617 13.13 -18.21 6.73
CA GLY C 617 14.30 -18.73 7.43
C GLY C 617 14.00 -20.02 8.15
N LYS C 618 14.84 -20.30 9.15
CA LYS C 618 14.72 -21.50 9.96
C LYS C 618 14.20 -21.16 11.35
N CYS C 619 13.80 -22.19 12.08
CA CYS C 619 13.24 -22.00 13.42
C CYS C 619 14.30 -21.49 14.40
N ASN C 620 15.54 -21.95 14.25
CA ASN C 620 16.60 -21.55 15.17
C ASN C 620 16.93 -20.07 15.06
N ASP C 621 16.58 -19.43 13.94
CA ASP C 621 16.88 -18.02 13.77
C ASP C 621 16.02 -17.14 14.67
N HIS C 622 14.78 -17.56 14.95
CA HIS C 622 13.80 -16.73 15.62
C HIS C 622 13.70 -16.97 17.11
N MET C 623 14.57 -17.79 17.68
CA MET C 623 14.54 -18.09 19.12
C MET C 623 15.11 -16.89 19.88
N ALA C 624 14.23 -15.94 20.17
CA ALA C 624 14.61 -14.73 20.89
C ALA C 624 13.49 -14.31 21.82
N MET C 625 13.68 -13.19 22.50
CA MET C 625 12.72 -12.65 23.45
C MET C 625 12.29 -11.27 23.00
N LEU C 626 10.99 -11.10 22.75
CA LEU C 626 10.38 -9.82 22.41
C LEU C 626 11.02 -9.15 21.21
N ARG C 627 11.35 -9.91 20.16
CA ARG C 627 12.04 -9.32 19.03
C ARG C 627 11.10 -8.89 17.91
N LEU C 628 10.08 -9.69 17.61
CA LEU C 628 9.20 -9.37 16.49
C LEU C 628 8.37 -8.12 16.80
N GLN C 629 8.08 -7.35 15.76
CA GLN C 629 7.43 -6.05 15.91
C GLN C 629 6.04 -6.00 15.29
N GLU C 630 5.62 -7.02 14.56
CA GLU C 630 4.35 -6.99 13.84
C GLU C 630 3.67 -8.34 14.02
N PRO C 631 2.34 -8.39 13.84
CA PRO C 631 1.63 -9.66 14.00
C PRO C 631 2.12 -10.70 13.00
N GLN C 632 2.15 -11.95 13.45
CA GLN C 632 2.61 -13.08 12.64
C GLN C 632 1.44 -13.69 11.90
N THR C 633 1.64 -14.88 11.34
CA THR C 633 0.58 -15.58 10.64
C THR C 633 -0.57 -15.87 11.60
N PRO C 634 -1.82 -15.68 11.18
CA PRO C 634 -2.96 -15.93 12.07
C PRO C 634 -2.98 -17.37 12.56
N HIS C 635 -3.39 -17.55 13.82
CA HIS C 635 -3.33 -18.84 14.50
C HIS C 635 -4.62 -19.05 15.27
N ILE C 636 -5.22 -20.23 15.11
CA ILE C 636 -6.38 -20.65 15.88
C ILE C 636 -6.01 -21.93 16.61
N ALA C 637 -6.17 -21.94 17.92
CA ALA C 637 -5.78 -23.06 18.75
C ALA C 637 -7.01 -23.78 19.28
N ILE C 638 -7.05 -25.11 19.13
CA ILE C 638 -8.15 -25.91 19.61
C ILE C 638 -7.59 -26.96 20.57
N PRO C 639 -7.50 -26.66 21.86
CA PRO C 639 -6.90 -27.62 22.80
C PRO C 639 -7.74 -28.88 22.93
N THR C 640 -7.05 -30.00 23.17
CA THR C 640 -7.70 -31.28 23.45
C THR C 640 -7.35 -31.82 24.82
N THR C 641 -6.66 -31.03 25.64
CA THR C 641 -6.32 -31.41 27.01
C THR C 641 -6.95 -30.40 27.96
N SER C 642 -7.29 -30.86 29.16
CA SER C 642 -8.06 -30.03 30.09
C SER C 642 -7.17 -29.00 30.78
N GLY C 643 -5.87 -29.02 30.50
CA GLY C 643 -5.08 -27.84 30.76
C GLY C 643 -3.61 -27.90 30.36
N THR C 644 -3.19 -26.92 29.58
CA THR C 644 -1.78 -26.57 29.43
C THR C 644 -1.63 -25.06 29.42
N GLY C 645 -2.72 -24.36 29.08
CA GLY C 645 -2.74 -22.92 29.00
C GLY C 645 -2.11 -22.34 27.76
N SER C 646 -1.57 -23.17 26.86
CA SER C 646 -0.77 -22.67 25.75
C SER C 646 -1.60 -21.91 24.72
N GLU C 647 -2.92 -22.03 24.75
CA GLU C 647 -3.74 -21.36 23.76
C GLU C 647 -3.83 -19.85 23.96
N VAL C 648 -3.36 -19.34 25.11
CA VAL C 648 -3.42 -17.91 25.40
C VAL C 648 -2.10 -17.35 25.88
N THR C 649 -1.02 -18.14 25.90
CA THR C 649 0.26 -17.66 26.38
C THR C 649 1.14 -17.19 25.23
N ASN C 650 2.14 -16.40 25.56
CA ASN C 650 3.04 -15.79 24.59
C ASN C 650 4.39 -16.49 24.50
N VAL C 651 4.51 -17.71 25.03
CA VAL C 651 5.78 -18.42 25.06
C VAL C 651 5.61 -19.78 24.39
N ALA C 652 6.63 -20.19 23.65
CA ALA C 652 6.69 -21.50 23.03
C ALA C 652 8.04 -22.13 23.34
N VAL C 653 8.01 -23.39 23.79
CA VAL C 653 9.21 -24.10 24.22
C VAL C 653 9.50 -25.18 23.18
N ILE C 654 10.72 -25.15 22.65
CA ILE C 654 11.14 -26.09 21.60
C ILE C 654 12.45 -26.71 22.06
N LYS C 655 12.58 -28.01 21.85
CA LYS C 655 13.81 -28.72 22.21
C LYS C 655 14.85 -28.52 21.12
N ASN C 656 16.11 -28.34 21.53
CA ASN C 656 17.23 -28.23 20.59
C ASN C 656 18.06 -29.52 20.73
N LYS C 657 17.83 -30.45 19.81
CA LYS C 657 18.47 -31.76 19.91
C LYS C 657 19.98 -31.69 19.76
N ALA C 658 20.51 -30.71 19.01
CA ALA C 658 21.95 -30.55 18.89
C ALA C 658 22.58 -29.98 20.16
N VAL C 659 21.79 -29.54 21.13
CA VAL C 659 22.29 -28.95 22.35
C VAL C 659 21.72 -29.72 23.54
N GLY C 660 20.60 -30.40 23.32
CA GLY C 660 19.93 -31.09 24.40
C GLY C 660 19.35 -30.17 25.45
N ARG C 661 18.79 -29.03 25.03
CA ARG C 661 18.24 -28.05 25.94
C ARG C 661 17.01 -27.42 25.31
N LYS C 662 15.97 -27.21 26.12
CA LYS C 662 14.73 -26.60 25.64
C LYS C 662 14.95 -25.09 25.48
N VAL C 663 14.79 -24.60 24.26
CA VAL C 663 14.97 -23.18 24.00
C VAL C 663 13.60 -22.50 23.98
N TYR C 664 13.62 -21.17 24.05
CA TYR C 664 12.40 -20.39 24.22
C TYR C 664 12.26 -19.36 23.10
N ILE C 665 11.02 -19.06 22.75
CA ILE C 665 10.66 -17.87 22.01
C ILE C 665 9.52 -17.19 22.75
N LEU C 666 9.71 -15.92 23.11
CA LEU C 666 8.79 -15.21 23.98
C LEU C 666 8.42 -13.89 23.31
N ASP C 667 7.14 -13.73 22.96
CA ASP C 667 6.70 -12.54 22.24
C ASP C 667 5.20 -12.39 22.35
N PRO C 668 4.69 -11.19 22.62
CA PRO C 668 3.23 -10.99 22.59
C PRO C 668 2.62 -11.20 21.22
N HIS C 669 3.39 -11.15 20.14
CA HIS C 669 2.85 -11.30 18.79
C HIS C 669 2.69 -12.75 18.37
N ILE C 670 3.14 -13.71 19.18
CA ILE C 670 2.93 -15.12 18.88
C ILE C 670 1.74 -15.70 19.63
N VAL C 671 1.01 -14.87 20.38
CA VAL C 671 -0.22 -15.31 21.05
C VAL C 671 -1.24 -15.69 19.99
N PRO C 672 -1.94 -16.82 20.12
CA PRO C 672 -2.95 -17.20 19.11
C PRO C 672 -4.04 -16.14 19.01
N ASN C 673 -4.52 -15.93 17.78
CA ASN C 673 -5.55 -14.93 17.54
C ASN C 673 -6.88 -15.34 18.16
N SER C 674 -7.16 -16.64 18.19
CA SER C 674 -8.43 -17.14 18.70
C SER C 674 -8.26 -18.56 19.20
N THR C 675 -9.22 -19.00 20.01
CA THR C 675 -9.26 -20.37 20.50
C THR C 675 -10.71 -20.80 20.62
N ILE C 676 -10.94 -22.11 20.48
CA ILE C 676 -12.28 -22.68 20.55
C ILE C 676 -12.29 -23.70 21.69
N LEU C 677 -13.13 -23.45 22.70
CA LEU C 677 -13.27 -24.38 23.80
C LEU C 677 -14.50 -25.25 23.63
N ASP C 678 -14.42 -26.23 22.74
CA ASP C 678 -15.52 -27.16 22.53
C ASP C 678 -15.35 -28.38 23.44
N PRO C 679 -16.35 -28.72 24.26
CA PRO C 679 -16.18 -29.87 25.16
C PRO C 679 -16.02 -31.19 24.45
N ARG C 680 -16.35 -31.29 23.16
CA ARG C 680 -16.14 -32.53 22.42
C ARG C 680 -14.68 -32.90 22.36
N PHE C 681 -13.78 -31.91 22.38
CA PHE C 681 -12.36 -32.17 22.23
C PHE C 681 -11.72 -32.69 23.51
N THR C 682 -12.43 -32.64 24.63
CA THR C 682 -11.94 -33.21 25.88
C THR C 682 -12.89 -34.22 26.51
N LEU C 683 -14.04 -34.50 25.88
CA LEU C 683 -14.98 -35.45 26.46
C LEU C 683 -14.41 -36.86 26.53
N GLY C 684 -13.65 -37.26 25.52
CA GLY C 684 -13.08 -38.59 25.46
C GLY C 684 -11.72 -38.74 26.08
N LEU C 685 -11.23 -37.73 26.79
CA LEU C 685 -9.90 -37.78 27.38
C LEU C 685 -9.87 -38.85 28.49
N PRO C 686 -8.83 -39.68 28.55
CA PRO C 686 -8.76 -40.71 29.59
C PRO C 686 -8.59 -40.11 30.98
N HIS C 687 -8.54 -41.00 31.97
CA HIS C 687 -8.47 -40.57 33.37
C HIS C 687 -7.10 -40.00 33.70
N ARG C 688 -6.03 -40.69 33.29
CA ARG C 688 -4.69 -40.23 33.60
C ARG C 688 -4.41 -38.86 33.00
N MET C 689 -4.75 -38.69 31.72
CA MET C 689 -4.53 -37.39 31.08
C MET C 689 -5.37 -36.31 31.76
N THR C 690 -6.61 -36.62 32.12
CA THR C 690 -7.48 -35.65 32.78
C THR C 690 -6.86 -35.17 34.07
N VAL C 691 -6.46 -36.10 34.95
CA VAL C 691 -5.94 -35.71 36.25
C VAL C 691 -4.60 -34.98 36.10
N THR C 692 -3.74 -35.45 35.19
CA THR C 692 -2.45 -34.78 35.01
C THR C 692 -2.62 -33.36 34.49
N THR C 693 -3.50 -33.15 33.51
CA THR C 693 -3.68 -31.80 32.99
C THR C 693 -4.37 -30.89 34.01
N ALA C 694 -5.32 -31.43 34.76
CA ALA C 694 -5.95 -30.62 35.81
C ALA C 694 -4.93 -30.20 36.86
N LEU C 695 -4.05 -31.11 37.26
CA LEU C 695 -3.00 -30.76 38.22
C LEU C 695 -1.98 -29.80 37.62
N ASP C 696 -1.71 -29.90 36.31
CA ASP C 696 -0.84 -28.91 35.68
C ASP C 696 -1.46 -27.52 35.71
N ALA C 697 -2.76 -27.42 35.42
CA ALA C 697 -3.44 -26.13 35.51
C ALA C 697 -3.44 -25.61 36.95
N MET C 698 -3.64 -26.49 37.92
CA MET C 698 -3.60 -26.09 39.32
C MET C 698 -2.21 -25.57 39.70
N THR C 699 -1.17 -26.24 39.22
CA THR C 699 0.20 -25.78 39.47
C THR C 699 0.43 -24.41 38.85
N HIS C 700 -0.04 -24.21 37.61
CA HIS C 700 0.04 -22.90 36.99
C HIS C 700 -0.60 -21.83 37.86
N SER C 701 -1.83 -22.08 38.30
CA SER C 701 -2.58 -21.07 39.06
C SER C 701 -1.91 -20.80 40.41
N ILE C 702 -1.42 -21.84 41.07
CA ILE C 702 -0.82 -21.65 42.39
C ILE C 702 0.52 -20.93 42.27
N GLU C 703 1.35 -21.32 41.30
CA GLU C 703 2.63 -20.64 41.13
C GLU C 703 2.45 -19.19 40.72
N ALA C 704 1.45 -18.91 39.87
CA ALA C 704 1.21 -17.53 39.46
C ALA C 704 0.80 -16.67 40.64
N LEU C 705 0.10 -17.26 41.61
CA LEU C 705 -0.34 -16.54 42.79
C LEU C 705 0.80 -16.25 43.77
N THR C 706 1.98 -16.85 43.54
CA THR C 706 3.09 -16.76 44.49
C THR C 706 4.33 -16.08 43.94
N SER C 707 4.46 -15.98 42.62
CA SER C 707 5.69 -15.50 42.01
C SER C 707 5.97 -14.05 42.41
N THR C 708 7.20 -13.60 42.12
CA THR C 708 7.63 -12.25 42.43
C THR C 708 6.89 -11.20 41.62
N ARG C 709 6.28 -11.58 40.49
CA ARG C 709 5.59 -10.64 39.63
C ARG C 709 4.07 -10.78 39.72
N SER C 710 3.55 -11.27 40.85
CA SER C 710 2.12 -11.45 40.99
C SER C 710 1.40 -10.11 41.03
N GLN C 711 0.25 -10.04 40.36
CA GLN C 711 -0.56 -8.84 40.28
C GLN C 711 -2.00 -9.21 40.61
N PRO C 712 -2.80 -8.25 41.07
CA PRO C 712 -4.19 -8.57 41.46
C PRO C 712 -5.03 -9.17 40.35
N ILE C 713 -4.83 -8.76 39.09
CA ILE C 713 -5.57 -9.38 38.00
C ILE C 713 -5.17 -10.85 37.86
N CYS C 714 -3.87 -11.13 37.89
CA CYS C 714 -3.40 -12.51 37.86
C CYS C 714 -3.88 -13.27 39.08
N ASP C 715 -3.96 -12.60 40.24
CA ASP C 715 -4.49 -13.24 41.43
C ASP C 715 -5.94 -13.65 41.24
N GLY C 716 -6.75 -12.78 40.65
CA GLY C 716 -8.14 -13.14 40.38
C GLY C 716 -8.27 -14.30 39.43
N GLN C 717 -7.49 -14.28 38.34
CA GLN C 717 -7.52 -15.40 37.40
C GLN C 717 -7.12 -16.70 38.08
N ALA C 718 -6.05 -16.67 38.86
CA ALA C 718 -5.56 -17.88 39.52
C ALA C 718 -6.58 -18.40 40.52
N LEU C 719 -7.18 -17.52 41.31
CA LEU C 719 -8.16 -17.97 42.29
C LEU C 719 -9.40 -18.55 41.63
N GLN C 720 -9.90 -17.92 40.57
CA GLN C 720 -11.07 -18.47 39.88
C GLN C 720 -10.75 -19.82 39.26
N ALA C 721 -9.55 -19.96 38.67
CA ALA C 721 -9.15 -21.24 38.10
C ALA C 721 -9.04 -22.31 39.17
N ILE C 722 -8.45 -21.97 40.33
CA ILE C 722 -8.31 -22.93 41.41
C ILE C 722 -9.68 -23.39 41.90
N ARG C 723 -10.60 -22.44 42.06
CA ARG C 723 -11.95 -22.78 42.51
C ARG C 723 -12.63 -23.72 41.51
N LEU C 724 -12.55 -23.40 40.22
CA LEU C 724 -13.20 -24.24 39.22
C LEU C 724 -12.60 -25.63 39.18
N ILE C 725 -11.26 -25.73 39.23
CA ILE C 725 -10.62 -27.04 39.20
C ILE C 725 -11.03 -27.85 40.41
N SER C 726 -10.97 -27.24 41.61
CA SER C 726 -11.32 -27.97 42.83
C SER C 726 -12.76 -28.45 42.80
N GLU C 727 -13.66 -27.62 42.28
CA GLU C 727 -15.07 -28.01 42.26
C GLU C 727 -15.35 -29.08 41.20
N ASN C 728 -14.68 -29.02 40.06
CA ASN C 728 -15.12 -29.81 38.91
C ASN C 728 -14.28 -31.05 38.62
N LEU C 729 -13.05 -31.15 39.16
CA LEU C 729 -12.26 -32.35 38.88
C LEU C 729 -12.89 -33.62 39.43
N PRO C 730 -13.40 -33.67 40.67
CA PRO C 730 -14.11 -34.88 41.12
C PRO C 730 -15.30 -35.23 40.27
N ARG C 731 -16.03 -34.22 39.76
CA ARG C 731 -17.17 -34.50 38.91
C ARG C 731 -16.73 -35.16 37.61
N VAL C 732 -15.62 -34.71 37.03
CA VAL C 732 -15.12 -35.32 35.80
C VAL C 732 -14.64 -36.74 36.07
N VAL C 733 -13.93 -36.94 37.18
CA VAL C 733 -13.41 -38.27 37.48
C VAL C 733 -14.56 -39.26 37.71
N ALA C 734 -15.57 -38.84 38.46
CA ALA C 734 -16.70 -39.74 38.72
C ALA C 734 -17.61 -39.88 37.51
N LYS C 735 -17.79 -38.80 36.75
CA LYS C 735 -18.81 -38.75 35.70
C LYS C 735 -18.08 -38.34 34.43
N PRO C 736 -17.39 -39.29 33.77
CA PRO C 736 -16.42 -38.91 32.73
C PRO C 736 -16.99 -38.07 31.60
N HIS C 737 -18.19 -38.37 31.10
CA HIS C 737 -18.82 -37.57 30.05
C HIS C 737 -19.81 -36.53 30.58
N ASP C 738 -19.53 -35.97 31.75
CA ASP C 738 -20.25 -34.77 32.19
C ASP C 738 -19.74 -33.56 31.42
N GLU C 739 -20.59 -32.99 30.55
CA GLU C 739 -20.12 -31.96 29.63
C GLU C 739 -19.85 -30.64 30.35
N ALA C 740 -20.71 -30.28 31.31
CA ALA C 740 -20.55 -29.00 32.01
C ALA C 740 -19.23 -28.96 32.77
N ALA C 741 -18.87 -30.06 33.44
CA ALA C 741 -17.62 -30.10 34.18
C ALA C 741 -16.42 -30.01 33.23
N ARG C 742 -16.52 -30.65 32.06
CA ARG C 742 -15.45 -30.55 31.08
C ARG C 742 -15.27 -29.10 30.60
N ALA C 743 -16.38 -28.42 30.34
CA ALA C 743 -16.30 -27.02 29.93
C ALA C 743 -15.70 -26.16 31.04
N ASN C 744 -16.09 -26.43 32.29
CA ASN C 744 -15.53 -25.68 33.41
C ASN C 744 -14.03 -25.91 33.53
N LEU C 745 -13.58 -27.14 33.33
CA LEU C 745 -12.14 -27.42 33.34
C LEU C 745 -11.42 -26.69 32.22
N GLN C 746 -12.02 -26.64 31.02
CA GLN C 746 -11.40 -25.92 29.91
C GLN C 746 -11.25 -24.43 30.24
N LEU C 747 -12.31 -23.84 30.80
CA LEU C 747 -12.24 -22.42 31.16
C LEU C 747 -11.22 -22.19 32.26
N ALA C 748 -11.14 -23.10 33.24
CA ALA C 748 -10.13 -22.98 34.29
C ALA C 748 -8.73 -23.04 33.72
N ALA C 749 -8.50 -23.92 32.74
CA ALA C 749 -7.20 -24.00 32.09
C ALA C 749 -6.87 -22.70 31.35
N THR C 750 -7.86 -22.14 30.65
CA THR C 750 -7.62 -20.88 29.94
C THR C 750 -7.27 -19.75 30.90
N MET C 751 -7.98 -19.67 32.04
CA MET C 751 -7.69 -18.61 33.00
C MET C 751 -6.35 -18.83 33.71
N ALA C 752 -5.98 -20.08 33.97
CA ALA C 752 -4.66 -20.35 34.53
C ALA C 752 -3.55 -19.97 33.54
N GLY C 753 -3.79 -20.22 32.26
CA GLY C 753 -2.84 -19.76 31.25
C GLY C 753 -2.72 -18.25 31.24
N TRP C 754 -3.86 -17.56 31.30
CA TRP C 754 -3.85 -16.10 31.41
C TRP C 754 -3.04 -15.66 32.63
N ALA C 755 -3.20 -16.37 33.75
CA ALA C 755 -2.52 -15.98 34.98
C ALA C 755 -1.01 -16.11 34.85
N PHE C 756 -0.53 -17.28 34.41
CA PHE C 756 0.92 -17.47 34.43
C PHE C 756 1.59 -16.89 33.20
N ASN C 757 0.81 -16.43 32.22
CA ASN C 757 1.39 -15.67 31.12
C ASN C 757 2.04 -14.39 31.61
N VAL C 758 1.45 -13.75 32.61
CA VAL C 758 1.96 -12.50 33.15
C VAL C 758 2.72 -12.72 34.45
N ALA C 759 2.20 -13.56 35.34
CA ALA C 759 2.83 -13.75 36.64
C ALA C 759 4.09 -14.62 36.57
N GLN C 760 4.23 -15.43 35.51
CA GLN C 760 5.38 -16.32 35.31
C GLN C 760 5.42 -17.45 36.34
N VAL C 761 5.96 -18.61 35.92
CA VAL C 761 6.04 -19.78 36.78
C VAL C 761 7.35 -19.74 37.57
N GLY C 762 7.45 -20.60 38.59
CA GLY C 762 8.60 -20.60 39.49
C GLY C 762 9.44 -21.85 39.32
N LEU C 763 9.87 -22.41 40.45
CA LEU C 763 10.84 -23.50 40.45
C LEU C 763 10.24 -24.81 39.92
N ALA C 764 8.94 -25.02 40.13
CA ALA C 764 8.34 -26.30 39.77
C ALA C 764 8.47 -26.57 38.27
N HIS C 765 8.24 -25.55 37.44
CA HIS C 765 8.38 -25.75 36.00
C HIS C 765 9.85 -25.84 35.59
N ALA C 766 10.74 -25.17 36.32
CA ALA C 766 12.16 -25.34 36.05
C ALA C 766 12.59 -26.79 36.28
N MET C 767 12.00 -27.44 37.28
CA MET C 767 12.29 -28.85 37.52
C MET C 767 11.62 -29.74 36.48
N ALA C 768 10.36 -29.45 36.16
CA ALA C 768 9.60 -30.28 35.23
C ALA C 768 10.21 -30.25 33.84
N HIS C 769 10.73 -29.10 33.41
CA HIS C 769 11.34 -29.02 32.09
C HIS C 769 12.56 -29.91 31.98
N THR C 770 13.42 -29.91 32.99
CA THR C 770 14.58 -30.82 32.97
C THR C 770 14.15 -32.27 33.05
N LEU C 771 13.14 -32.57 33.86
CA LEU C 771 12.64 -33.95 33.92
C LEU C 771 12.16 -34.41 32.55
N GLY C 772 11.39 -33.58 31.86
CA GLY C 772 10.91 -33.94 30.53
C GLY C 772 12.02 -34.02 29.50
N ALA C 773 13.01 -33.13 29.59
CA ALA C 773 14.08 -33.11 28.61
C ALA C 773 15.00 -34.31 28.77
N ILE C 774 15.24 -34.76 29.99
CA ILE C 774 16.17 -35.86 30.21
C ILE C 774 15.50 -37.22 30.19
N HIS C 775 14.36 -37.38 30.87
CA HIS C 775 13.73 -38.67 31.04
C HIS C 775 12.43 -38.81 30.27
N ASP C 776 12.10 -37.85 29.39
CA ASP C 776 10.89 -37.88 28.57
C ASP C 776 9.62 -37.92 29.41
N ILE C 777 9.67 -37.40 30.63
CA ILE C 777 8.51 -37.41 31.52
C ILE C 777 7.50 -36.37 31.05
N PRO C 778 6.21 -36.69 31.01
CA PRO C 778 5.22 -35.68 30.59
C PRO C 778 5.16 -34.51 31.55
N HIS C 779 4.78 -33.34 31.01
CA HIS C 779 4.80 -32.10 31.77
C HIS C 779 3.81 -32.15 32.94
N GLY C 780 2.62 -32.68 32.71
CA GLY C 780 1.58 -32.65 33.73
C GLY C 780 1.92 -33.45 34.96
N LEU C 781 2.42 -34.68 34.79
CA LEU C 781 2.81 -35.51 35.93
C LEU C 781 3.92 -34.86 36.73
N ALA C 782 4.93 -34.33 36.03
CA ALA C 782 6.05 -33.69 36.70
C ALA C 782 5.60 -32.47 37.49
N CYS C 783 4.72 -31.65 36.92
CA CYS C 783 4.23 -30.48 37.65
C CYS C 783 3.40 -30.91 38.86
N GLY C 784 2.54 -31.92 38.68
CA GLY C 784 1.67 -32.33 39.77
C GLY C 784 2.42 -32.91 40.95
N ILE C 785 3.44 -33.74 40.67
CA ILE C 785 4.16 -34.38 41.76
C ILE C 785 5.06 -33.42 42.52
N MET C 786 5.41 -32.27 41.95
CA MET C 786 6.25 -31.30 42.64
C MET C 786 5.52 -30.06 43.11
N LEU C 787 4.24 -29.90 42.80
CA LEU C 787 3.52 -28.72 43.26
C LEU C 787 3.51 -28.56 44.78
N PRO C 788 3.11 -29.57 45.56
CA PRO C 788 2.99 -29.33 47.02
C PRO C 788 4.33 -29.22 47.71
N ARG C 789 5.34 -29.95 47.24
CA ARG C 789 6.68 -29.82 47.82
C ARG C 789 7.27 -28.44 47.55
N VAL C 790 7.00 -27.88 46.37
CA VAL C 790 7.40 -26.50 46.09
C VAL C 790 6.60 -25.54 46.97
N MET C 791 5.31 -25.84 47.20
CA MET C 791 4.51 -25.00 48.07
C MET C 791 5.09 -24.93 49.48
N ARG C 792 5.49 -26.08 50.02
CA ARG C 792 6.12 -26.10 51.33
C ARG C 792 7.50 -25.46 51.29
N PHE C 793 8.20 -25.59 50.16
CA PHE C 793 9.50 -24.97 50.01
C PHE C 793 9.41 -23.45 50.10
N ASN C 794 8.34 -22.87 49.54
CA ASN C 794 8.13 -21.44 49.53
C ASN C 794 7.16 -20.96 50.60
N VAL C 795 6.88 -21.79 51.61
CA VAL C 795 5.80 -21.49 52.55
C VAL C 795 6.10 -20.30 53.44
N ASP C 796 7.38 -19.95 53.64
CA ASP C 796 7.75 -18.89 54.56
C ASP C 796 7.97 -17.54 53.87
N HIS C 797 8.46 -17.53 52.64
CA HIS C 797 8.59 -16.28 51.89
C HIS C 797 7.34 -15.89 51.13
N ALA C 798 6.38 -16.81 50.99
CA ALA C 798 5.08 -16.44 50.44
C ALA C 798 4.22 -15.80 51.53
N GLY C 799 3.58 -14.69 51.18
CA GLY C 799 2.78 -13.96 52.15
C GLY C 799 1.40 -14.54 52.34
N HIS C 800 0.38 -13.69 52.30
CA HIS C 800 -1.00 -14.14 52.49
C HIS C 800 -1.54 -14.82 51.25
N LYS C 801 -0.73 -14.99 50.20
CA LYS C 801 -1.22 -15.60 48.96
C LYS C 801 -1.65 -17.05 49.19
N LEU C 802 -0.86 -17.81 49.94
CA LEU C 802 -1.21 -19.20 50.20
C LEU C 802 -2.48 -19.34 51.04
N ALA C 803 -2.74 -18.39 51.92
CA ALA C 803 -4.03 -18.39 52.64
C ALA C 803 -5.18 -18.21 51.67
N LEU C 804 -5.04 -17.32 50.69
CA LEU C 804 -6.07 -17.15 49.68
C LEU C 804 -6.24 -18.42 48.86
N ALA C 805 -5.14 -19.09 48.51
CA ALA C 805 -5.23 -20.34 47.78
C ALA C 805 -5.96 -21.40 48.59
N ALA C 806 -5.66 -21.49 49.89
CA ALA C 806 -6.34 -22.45 50.75
C ALA C 806 -7.83 -22.14 50.85
N GLN C 807 -8.19 -20.85 50.96
CA GLN C 807 -9.60 -20.48 50.97
C GLN C 807 -10.27 -20.84 49.66
N ALA C 808 -9.57 -20.70 48.54
CA ALA C 808 -10.11 -21.12 47.26
C ALA C 808 -10.33 -22.62 47.21
N LEU C 809 -9.41 -23.40 47.78
CA LEU C 809 -9.58 -24.84 47.83
C LEU C 809 -10.67 -25.27 48.81
N GLY C 810 -10.99 -24.44 49.80
CA GLY C 810 -12.03 -24.74 50.75
C GLY C 810 -11.58 -24.91 52.19
N VAL C 811 -10.27 -25.02 52.44
CA VAL C 811 -9.78 -25.15 53.80
C VAL C 811 -10.10 -23.88 54.58
N GLN C 812 -10.66 -24.06 55.77
CA GLN C 812 -11.11 -22.91 56.57
C GLN C 812 -9.91 -22.20 57.19
N THR C 813 -9.86 -20.88 57.02
CA THR C 813 -8.78 -20.06 57.54
C THR C 813 -9.37 -18.83 58.23
N THR C 814 -10.36 -19.06 59.09
CA THR C 814 -10.91 -17.97 59.88
C THR C 814 -9.88 -17.34 60.79
N GLY C 815 -8.87 -18.10 61.20
CA GLY C 815 -7.74 -17.55 61.92
C GLY C 815 -6.59 -18.54 62.00
N MET C 816 -5.40 -18.11 61.57
CA MET C 816 -4.22 -18.95 61.55
C MET C 816 -3.02 -18.11 61.16
N ASP C 817 -1.85 -18.56 61.59
CA ASP C 817 -0.61 -17.92 61.19
C ASP C 817 -0.37 -18.20 59.70
N ALA C 818 0.39 -17.31 59.06
CA ALA C 818 0.67 -17.45 57.64
C ALA C 818 1.34 -18.79 57.34
N ARG C 819 2.24 -19.23 58.21
CA ARG C 819 2.81 -20.56 58.09
C ARG C 819 1.73 -21.63 58.15
N GLU C 820 0.80 -21.49 59.10
CA GLU C 820 -0.25 -22.48 59.26
C GLU C 820 -1.17 -22.54 58.05
N ALA C 821 -1.56 -21.39 57.52
CA ALA C 821 -2.41 -21.36 56.34
C ALA C 821 -1.67 -21.91 55.12
N GLY C 822 -0.39 -21.58 54.99
CA GLY C 822 0.39 -22.12 53.88
C GLY C 822 0.51 -23.63 53.93
N LEU C 823 0.68 -24.19 55.13
CA LEU C 823 0.73 -25.64 55.26
C LEU C 823 -0.64 -26.27 54.99
N ALA C 824 -1.70 -25.60 55.44
CA ALA C 824 -3.05 -26.11 55.18
C ALA C 824 -3.37 -26.15 53.69
N ALA C 825 -2.88 -25.15 52.94
CA ALA C 825 -3.10 -25.15 51.49
C ALA C 825 -2.45 -26.36 50.83
N ALA C 826 -1.21 -26.67 51.20
CA ALA C 826 -0.54 -27.84 50.66
C ALA C 826 -1.24 -29.12 51.09
N GLN C 827 -1.75 -29.16 52.32
CA GLN C 827 -2.51 -30.33 52.76
C GLN C 827 -3.77 -30.52 51.91
N ALA C 828 -4.46 -29.43 51.59
CA ALA C 828 -5.64 -29.52 50.74
C ALA C 828 -5.26 -29.99 49.33
N VAL C 829 -4.16 -29.49 48.80
CA VAL C 829 -3.72 -29.90 47.47
C VAL C 829 -3.42 -31.39 47.44
N GLU C 830 -2.70 -31.88 48.47
CA GLU C 830 -2.45 -33.32 48.57
C GLU C 830 -3.73 -34.11 48.76
N ALA C 831 -4.68 -33.59 49.52
CA ALA C 831 -5.96 -34.29 49.69
C ALA C 831 -6.67 -34.45 48.35
N LEU C 832 -6.72 -33.40 47.56
CA LEU C 832 -7.34 -33.50 46.23
C LEU C 832 -6.58 -34.46 45.35
N MET C 833 -5.25 -34.39 45.37
CA MET C 833 -4.44 -35.29 44.55
C MET C 833 -4.71 -36.74 44.88
N GLN C 834 -4.78 -37.06 46.18
CA GLN C 834 -5.08 -38.43 46.58
C GLN C 834 -6.51 -38.81 46.27
N SER C 835 -7.44 -37.86 46.33
CA SER C 835 -8.83 -38.15 46.04
C SER C 835 -9.06 -38.46 44.56
N VAL C 836 -8.30 -37.84 43.66
CA VAL C 836 -8.48 -38.07 42.23
C VAL C 836 -7.55 -39.07 41.55
N ASP C 837 -6.86 -39.92 42.32
CA ASP C 837 -5.98 -40.95 41.77
C ASP C 837 -4.79 -40.35 41.02
N HIS C 838 -3.99 -39.59 41.73
CA HIS C 838 -2.83 -38.95 41.12
C HIS C 838 -1.49 -39.53 41.62
N PRO C 839 -0.59 -39.88 40.70
CA PRO C 839 0.74 -40.35 41.12
C PRO C 839 1.48 -39.30 41.94
N ARG C 840 2.31 -39.74 42.89
CA ARG C 840 2.85 -38.82 43.89
C ARG C 840 4.35 -38.93 44.13
N TYR C 841 5.06 -39.85 43.49
CA TYR C 841 6.47 -40.03 43.74
C TYR C 841 7.23 -40.28 42.45
N LEU C 842 8.50 -39.84 42.42
CA LEU C 842 9.31 -39.97 41.21
C LEU C 842 9.81 -41.40 41.01
N SER C 843 9.85 -42.20 42.07
CA SER C 843 10.37 -43.56 41.94
C SER C 843 9.49 -44.40 41.04
N ASP C 844 8.18 -44.10 40.97
CA ASP C 844 7.26 -44.86 40.15
C ASP C 844 7.56 -44.76 38.67
N LEU C 845 8.17 -43.67 38.23
CA LEU C 845 8.37 -43.39 36.80
C LEU C 845 9.81 -43.64 36.34
N GLY C 846 10.61 -44.35 37.14
CA GLY C 846 11.86 -44.90 36.68
C GLY C 846 13.09 -44.02 36.79
N VAL C 847 12.98 -42.83 37.36
CA VAL C 847 14.19 -42.00 37.54
C VAL C 847 15.08 -42.63 38.60
N PRO C 848 16.34 -42.89 38.30
CA PRO C 848 17.25 -43.43 39.31
C PRO C 848 17.57 -42.42 40.39
N ARG C 849 17.92 -42.94 41.58
CA ARG C 849 18.24 -42.08 42.70
C ARG C 849 19.50 -41.25 42.46
N ASP C 850 20.51 -41.83 41.79
CA ASP C 850 21.80 -41.17 41.66
C ASP C 850 21.76 -40.02 40.65
N ASN C 851 20.89 -40.08 39.65
CA ASN C 851 20.84 -39.04 38.63
C ASN C 851 20.23 -37.74 39.14
N LEU C 852 19.82 -37.69 40.41
CA LEU C 852 19.24 -36.48 40.97
C LEU C 852 20.24 -35.32 40.97
N SER C 853 21.53 -35.62 41.15
CA SER C 853 22.54 -34.57 41.13
C SER C 853 22.63 -33.93 39.75
N ASN C 854 22.67 -34.75 38.70
CA ASN C 854 22.69 -34.21 37.35
C ASN C 854 21.41 -33.45 37.02
N LEU C 855 20.26 -33.97 37.48
CA LEU C 855 19.01 -33.26 37.24
C LEU C 855 18.99 -31.91 37.94
N ALA C 856 19.48 -31.85 39.18
CA ALA C 856 19.54 -30.58 39.90
C ALA C 856 20.50 -29.60 39.23
N ALA C 857 21.64 -30.11 38.74
CA ALA C 857 22.57 -29.24 38.02
C ALA C 857 21.94 -28.70 36.75
N HIS C 858 21.19 -29.53 36.02
CA HIS C 858 20.53 -29.07 34.81
C HIS C 858 19.36 -28.15 35.12
N ALA C 859 18.85 -28.20 36.35
CA ALA C 859 17.69 -27.38 36.71
C ALA C 859 18.05 -25.90 36.79
N MET C 860 19.26 -25.59 37.24
CA MET C 860 19.64 -24.18 37.44
C MET C 860 19.75 -23.42 36.12
N GLY C 861 19.87 -24.11 35.00
CA GLY C 861 20.01 -23.43 33.72
C GLY C 861 18.73 -22.87 33.14
N ASP C 862 17.59 -23.16 33.74
CA ASP C 862 16.32 -22.68 33.20
C ASP C 862 16.09 -21.23 33.59
N ALA C 863 15.20 -20.57 32.85
CA ALA C 863 14.89 -19.16 33.11
C ALA C 863 13.80 -19.00 34.17
N ALA C 864 13.14 -20.09 34.57
CA ALA C 864 12.08 -20.01 35.57
C ALA C 864 12.57 -19.63 36.95
N ILE C 865 13.86 -19.84 37.24
CA ILE C 865 14.43 -19.40 38.51
C ILE C 865 14.42 -17.87 38.57
N MET C 866 14.49 -17.33 39.79
CA MET C 866 14.45 -15.90 40.08
C MET C 866 13.07 -15.32 39.85
N PHE C 867 12.10 -16.18 39.54
CA PHE C 867 10.69 -15.79 39.55
C PHE C 867 9.93 -16.38 40.73
N ASN C 868 10.50 -17.35 41.43
CA ASN C 868 9.85 -17.95 42.58
C ASN C 868 9.98 -17.05 43.80
N ALA C 869 9.13 -17.30 44.79
CA ALA C 869 9.13 -16.48 46.00
C ALA C 869 10.45 -16.59 46.75
N ARG C 870 11.01 -17.80 46.86
CA ARG C 870 12.25 -18.01 47.59
C ARG C 870 13.41 -18.09 46.61
N PRO C 871 14.44 -17.27 46.77
CA PRO C 871 15.59 -17.35 45.84
C PRO C 871 16.36 -18.65 46.02
N VAL C 872 16.65 -19.30 44.90
CA VAL C 872 17.40 -20.55 44.93
C VAL C 872 18.88 -20.24 45.10
N LYS C 873 19.45 -20.63 46.24
CA LYS C 873 20.85 -20.33 46.51
C LYS C 873 21.78 -21.13 45.62
N GLY C 874 21.38 -22.34 45.21
CA GLY C 874 22.20 -23.16 44.36
C GLY C 874 21.63 -24.55 44.17
N PRO C 875 22.41 -25.44 43.55
CA PRO C 875 21.93 -26.81 43.32
C PRO C 875 21.68 -27.60 44.60
N GLN C 876 22.20 -27.15 45.74
CA GLN C 876 22.04 -27.91 46.98
C GLN C 876 20.60 -27.92 47.46
N GLU C 877 19.80 -26.90 47.09
CA GLU C 877 18.40 -26.88 47.47
C GLU C 877 17.53 -27.62 46.45
N VAL C 878 17.90 -27.53 45.18
CA VAL C 878 17.23 -28.32 44.15
C VAL C 878 17.41 -29.80 44.44
N MET C 879 18.60 -30.18 44.92
CA MET C 879 18.84 -31.53 45.39
C MET C 879 17.86 -31.93 46.48
N ALA C 880 17.66 -31.04 47.47
CA ALA C 880 16.77 -31.36 48.58
C ALA C 880 15.33 -31.56 48.11
N VAL C 881 14.85 -30.67 47.23
CA VAL C 881 13.48 -30.80 46.75
C VAL C 881 13.32 -32.07 45.90
N TYR C 882 14.29 -32.34 45.02
CA TYR C 882 14.22 -33.56 44.21
C TYR C 882 14.22 -34.80 45.08
N GLU C 883 15.07 -34.83 46.11
CA GLU C 883 15.11 -35.98 47.01
C GLU C 883 13.80 -36.13 47.77
N GLU C 884 13.23 -35.02 48.22
CA GLU C 884 11.92 -35.07 48.86
C GLU C 884 10.85 -35.62 47.93
N ALA C 885 10.97 -35.33 46.63
CA ALA C 885 10.01 -35.83 45.66
C ALA C 885 10.20 -37.31 45.33
N TYR C 886 11.31 -37.91 45.74
CA TYR C 886 11.57 -39.31 45.42
C TYR C 886 10.79 -40.24 46.35
N MET D 1 -62.89 5.28 22.16
CA MET D 1 -62.27 4.45 21.13
C MET D 1 -61.48 5.33 20.16
N ASP D 2 -60.26 4.92 19.85
CA ASP D 2 -59.37 5.74 19.04
C ASP D 2 -59.89 5.85 17.62
N SER D 3 -59.51 6.96 16.97
CA SER D 3 -59.88 7.24 15.59
C SER D 3 -58.62 7.56 14.81
N TYR D 4 -58.53 7.04 13.58
CA TYR D 4 -57.35 7.19 12.75
C TYR D 4 -57.75 7.81 11.41
N GLN D 5 -56.81 8.52 10.80
CA GLN D 5 -57.07 9.26 9.57
C GLN D 5 -56.00 8.96 8.54
N LEU D 6 -56.36 9.13 7.26
CA LEU D 6 -55.42 8.95 6.18
C LEU D 6 -54.32 10.00 6.25
N PHE D 7 -53.13 9.63 5.79
CA PHE D 7 -51.98 10.52 5.75
C PHE D 7 -51.70 10.90 4.30
N LEU D 8 -52.14 12.08 3.90
CA LEU D 8 -51.98 12.55 2.54
C LEU D 8 -51.33 13.93 2.53
N ASP D 9 -50.33 14.10 1.67
CA ASP D 9 -49.68 15.38 1.44
C ASP D 9 -49.11 15.95 2.74
N GLY D 10 -48.58 15.08 3.59
CA GLY D 10 -47.95 15.51 4.81
C GLY D 10 -48.88 15.90 5.93
N GLU D 11 -50.16 15.55 5.85
CA GLU D 11 -51.12 15.88 6.89
C GLU D 11 -52.15 14.76 7.01
N PHE D 12 -52.76 14.67 8.19
CA PHE D 12 -53.80 13.69 8.44
C PHE D 12 -55.16 14.28 8.07
N VAL D 13 -55.87 13.59 7.17
CA VAL D 13 -57.16 14.06 6.68
C VAL D 13 -58.14 12.91 6.69
N ASP D 14 -59.43 13.25 6.71
CA ASP D 14 -60.47 12.24 6.59
C ASP D 14 -60.66 11.85 5.12
N ALA D 15 -61.48 10.83 4.92
CA ALA D 15 -61.83 10.43 3.56
C ALA D 15 -62.67 11.52 2.89
N ALA D 16 -62.70 11.50 1.57
CA ALA D 16 -63.48 12.50 0.83
C ALA D 16 -64.97 12.38 1.15
N ASP D 17 -65.48 11.16 1.24
CA ASP D 17 -66.89 10.93 1.56
C ASP D 17 -67.13 10.75 3.05
N GLY D 18 -66.07 10.71 3.87
CA GLY D 18 -66.23 10.61 5.30
C GLY D 18 -66.53 9.22 5.83
N ARG D 19 -66.39 8.18 5.01
CA ARG D 19 -66.67 6.83 5.47
C ARG D 19 -65.55 6.31 6.36
N THR D 20 -65.92 5.41 7.28
CA THR D 20 -64.98 4.80 8.20
C THR D 20 -65.33 3.33 8.37
N PHE D 21 -64.36 2.56 8.86
CA PHE D 21 -64.55 1.16 9.21
C PHE D 21 -63.84 0.87 10.52
N THR D 22 -64.21 -0.24 11.14
CA THR D 22 -63.73 -0.59 12.46
C THR D 22 -62.82 -1.81 12.39
N THR D 23 -61.64 -1.71 13.00
CA THR D 23 -60.74 -2.85 13.15
C THR D 23 -61.11 -3.62 14.41
N THR D 24 -60.70 -4.89 14.45
CA THR D 24 -61.07 -5.79 15.52
C THR D 24 -59.85 -6.57 16.00
N ASP D 25 -59.76 -6.76 17.30
CA ASP D 25 -58.67 -7.53 17.89
C ASP D 25 -58.89 -9.01 17.66
N PRO D 26 -57.98 -9.72 17.00
CA PRO D 26 -58.15 -11.17 16.82
C PRO D 26 -58.06 -11.96 18.12
N GLY D 27 -57.49 -11.40 19.18
CA GLY D 27 -57.38 -12.10 20.44
C GLY D 27 -58.64 -12.25 21.23
N ASN D 28 -59.55 -11.28 21.16
CA ASN D 28 -60.81 -11.39 21.87
C ASN D 28 -62.01 -10.92 21.07
N GLU D 29 -61.85 -10.62 19.77
CA GLU D 29 -62.95 -10.16 18.92
C GLU D 29 -63.62 -8.90 19.45
N GLN D 30 -62.82 -7.97 19.98
CA GLN D 30 -63.36 -6.69 20.38
C GLN D 30 -62.85 -5.58 19.46
N PRO D 31 -63.68 -4.58 19.18
CA PRO D 31 -63.23 -3.48 18.32
C PRO D 31 -62.07 -2.72 18.95
N VAL D 32 -61.14 -2.28 18.10
CA VAL D 32 -59.94 -1.59 18.55
C VAL D 32 -60.01 -0.10 18.23
N ALA D 33 -60.28 0.25 16.97
CA ALA D 33 -60.31 1.64 16.57
C ALA D 33 -61.10 1.77 15.27
N THR D 34 -61.45 3.00 14.94
CA THR D 34 -62.13 3.32 13.68
C THR D 34 -61.14 4.02 12.75
N VAL D 35 -61.04 3.54 11.52
CA VAL D 35 -60.09 4.03 10.54
C VAL D 35 -60.85 4.57 9.34
N ALA D 36 -60.39 5.69 8.81
CA ALA D 36 -61.02 6.27 7.62
C ALA D 36 -60.84 5.34 6.43
N GLN D 37 -61.89 5.23 5.61
CA GLN D 37 -61.92 4.34 4.47
C GLN D 37 -61.66 5.16 3.20
N ALA D 38 -60.49 4.97 2.60
CA ALA D 38 -60.14 5.71 1.40
C ALA D 38 -60.92 5.20 0.21
N GLY D 39 -61.33 6.12 -0.66
CA GLY D 39 -61.96 5.80 -1.92
C GLY D 39 -61.02 5.98 -3.09
N GLU D 40 -61.62 6.13 -4.27
CA GLU D 40 -60.83 6.40 -5.47
C GLU D 40 -60.35 7.84 -5.48
N ALA D 41 -61.14 8.77 -4.95
CA ALA D 41 -60.71 10.16 -4.88
C ALA D 41 -59.50 10.32 -3.99
N ASP D 42 -59.46 9.64 -2.85
CA ASP D 42 -58.29 9.70 -1.97
C ASP D 42 -57.07 9.07 -2.61
N ALA D 43 -57.24 7.97 -3.34
CA ALA D 43 -56.12 7.38 -4.06
C ALA D 43 -55.58 8.33 -5.12
N LEU D 44 -56.48 9.01 -5.85
CA LEU D 44 -56.04 9.99 -6.82
C LEU D 44 -55.28 11.12 -6.14
N ARG D 45 -55.79 11.60 -5.01
CA ARG D 45 -55.12 12.68 -4.29
C ARG D 45 -53.73 12.26 -3.84
N ALA D 46 -53.59 11.03 -3.34
CA ALA D 46 -52.27 10.54 -2.94
C ALA D 46 -51.33 10.46 -4.14
N ILE D 47 -51.85 10.00 -5.28
CA ILE D 47 -51.00 9.87 -6.46
C ILE D 47 -50.51 11.23 -6.92
N GLU D 48 -51.41 12.22 -6.97
CA GLU D 48 -50.97 13.56 -7.35
C GLU D 48 -50.01 14.16 -6.34
N ALA D 49 -50.22 13.91 -5.05
CA ALA D 49 -49.30 14.41 -4.03
C ALA D 49 -47.90 13.83 -4.23
N ALA D 50 -47.82 12.52 -4.45
CA ALA D 50 -46.51 11.90 -4.69
C ALA D 50 -45.88 12.40 -5.98
N ARG D 51 -46.69 12.56 -7.03
CA ARG D 51 -46.17 13.05 -8.30
C ARG D 51 -45.60 14.45 -8.18
N TRP D 52 -46.30 15.33 -7.46
CA TRP D 52 -45.79 16.68 -7.25
C TRP D 52 -44.55 16.67 -6.37
N ALA D 53 -44.54 15.83 -5.33
CA ALA D 53 -43.37 15.75 -4.46
C ALA D 53 -42.14 15.26 -5.20
N PHE D 54 -42.33 14.40 -6.21
CA PHE D 54 -41.18 13.93 -6.98
C PHE D 54 -40.76 14.94 -8.04
N ASP D 55 -41.71 15.40 -8.86
CA ASP D 55 -41.36 16.27 -9.98
C ASP D 55 -40.86 17.64 -9.52
N HIS D 56 -41.48 18.22 -8.49
CA HIS D 56 -41.16 19.57 -8.07
C HIS D 56 -40.70 19.70 -6.63
N GLY D 57 -40.69 18.61 -5.86
CA GLY D 57 -40.23 18.69 -4.48
C GLY D 57 -38.72 18.70 -4.37
N GLU D 58 -38.26 18.95 -3.14
CA GLU D 58 -36.81 19.03 -2.91
C GLU D 58 -36.23 17.67 -2.55
N TRP D 59 -37.07 16.67 -2.31
CA TRP D 59 -36.56 15.37 -1.88
C TRP D 59 -35.68 14.69 -2.90
N PRO D 60 -36.06 14.56 -4.19
CA PRO D 60 -35.16 13.90 -5.14
C PRO D 60 -33.95 14.72 -5.51
N LYS D 61 -33.96 16.02 -5.25
CA LYS D 61 -32.88 16.90 -5.68
C LYS D 61 -31.73 16.96 -4.69
N MET D 62 -32.00 16.72 -3.41
CA MET D 62 -30.97 16.81 -2.39
C MET D 62 -30.04 15.61 -2.44
N THR D 63 -28.81 15.81 -1.98
CA THR D 63 -27.79 14.78 -2.04
C THR D 63 -28.09 13.66 -1.05
N PRO D 64 -27.49 12.48 -1.25
CA PRO D 64 -27.69 11.39 -0.27
C PRO D 64 -27.28 11.75 1.14
N GLN D 65 -26.23 12.55 1.31
CA GLN D 65 -25.82 12.97 2.64
C GLN D 65 -26.86 13.88 3.28
N GLU D 66 -27.57 14.66 2.47
CA GLU D 66 -28.62 15.52 3.00
C GLU D 66 -29.87 14.71 3.34
N ARG D 67 -30.15 13.66 2.56
CA ARG D 67 -31.25 12.77 2.88
C ARG D 67 -30.97 11.97 4.14
N ALA D 68 -29.68 11.69 4.40
CA ALA D 68 -29.31 10.85 5.53
C ALA D 68 -29.71 11.49 6.86
N ALA D 69 -29.53 12.81 6.99
CA ALA D 69 -29.90 13.49 8.22
C ALA D 69 -31.40 13.41 8.48
N ARG D 70 -32.20 13.61 7.43
CA ARG D 70 -33.65 13.50 7.58
C ARG D 70 -34.05 12.08 7.95
N ILE D 71 -33.39 11.08 7.36
CA ILE D 71 -33.68 9.70 7.72
C ILE D 71 -33.29 9.42 9.17
N TYR D 72 -32.20 10.02 9.65
CA TYR D 72 -31.82 9.84 11.05
C TYR D 72 -32.85 10.44 11.99
N ASP D 73 -33.34 11.64 11.66
CA ASP D 73 -34.42 12.23 12.47
C ASP D 73 -35.67 11.36 12.44
N PHE D 74 -35.99 10.80 11.28
CA PHE D 74 -37.14 9.92 11.16
C PHE D 74 -36.95 8.68 12.03
N ALA D 75 -35.75 8.11 12.04
CA ALA D 75 -35.48 6.93 12.85
C ALA D 75 -35.58 7.26 14.34
N ASP D 76 -35.11 8.44 14.75
CA ASP D 76 -35.22 8.83 16.15
C ASP D 76 -36.67 8.96 16.57
N HIS D 77 -37.49 9.64 15.74
CA HIS D 77 -38.89 9.78 16.08
C HIS D 77 -39.63 8.45 16.01
N VAL D 78 -39.10 7.51 15.23
CA VAL D 78 -39.67 6.15 15.21
C VAL D 78 -39.35 5.44 16.52
N THR D 79 -38.11 5.56 17.01
CA THR D 79 -37.76 4.99 18.30
C THR D 79 -38.61 5.58 19.42
N LYS D 80 -39.00 6.85 19.29
CA LYS D 80 -39.79 7.48 20.34
C LYS D 80 -41.17 6.85 20.52
N LEU D 81 -41.65 6.06 19.56
CA LEU D 81 -42.97 5.45 19.63
C LEU D 81 -42.93 3.93 19.77
N ALA D 82 -41.91 3.38 20.42
CA ALA D 82 -41.73 1.93 20.44
C ALA D 82 -42.87 1.23 21.16
N GLY D 83 -43.22 1.70 22.35
CA GLY D 83 -44.26 1.04 23.12
C GLY D 83 -45.62 1.11 22.44
N ARG D 84 -45.96 2.28 21.90
CA ARG D 84 -47.23 2.43 21.20
C ARG D 84 -47.29 1.54 19.98
N LEU D 85 -46.20 1.49 19.19
CA LEU D 85 -46.18 0.63 18.02
C LEU D 85 -46.33 -0.84 18.41
N ALA D 86 -45.63 -1.27 19.46
CA ALA D 86 -45.71 -2.66 19.89
C ALA D 86 -47.11 -3.01 20.36
N MET D 87 -47.72 -2.14 21.17
CA MET D 87 -49.07 -2.40 21.67
C MET D 87 -50.08 -2.46 20.54
N ALA D 88 -49.99 -1.51 19.60
CA ALA D 88 -50.92 -1.51 18.48
C ALA D 88 -50.73 -2.75 17.60
N GLU D 89 -49.49 -3.16 17.37
CA GLU D 89 -49.24 -4.36 16.59
C GLU D 89 -49.82 -5.59 17.27
N SER D 90 -49.61 -5.72 18.58
CA SER D 90 -50.14 -6.86 19.32
C SER D 90 -51.66 -6.89 19.28
N MET D 91 -52.31 -5.73 19.45
CA MET D 91 -53.77 -5.69 19.48
C MET D 91 -54.38 -5.84 18.10
N ASP D 92 -53.67 -5.48 17.04
CA ASP D 92 -54.28 -5.46 15.72
C ASP D 92 -53.97 -6.73 14.92
N ALA D 93 -52.71 -7.16 14.92
CA ALA D 93 -52.31 -8.29 14.10
C ALA D 93 -52.16 -9.58 14.90
N GLY D 94 -52.23 -9.53 16.23
CA GLY D 94 -52.11 -10.72 17.04
C GLY D 94 -50.70 -11.14 17.38
N HIS D 95 -49.70 -10.32 17.08
CA HIS D 95 -48.33 -10.63 17.47
C HIS D 95 -48.24 -10.69 18.99
N VAL D 96 -47.50 -11.69 19.49
CA VAL D 96 -47.24 -11.75 20.92
C VAL D 96 -46.30 -10.59 21.28
N ILE D 97 -46.39 -10.15 22.54
CA ILE D 97 -45.66 -8.94 22.94
C ILE D 97 -44.16 -9.17 22.89
N ASN D 98 -43.69 -10.38 23.21
CA ASN D 98 -42.27 -10.69 23.15
C ASN D 98 -41.73 -10.57 21.73
N LEU D 99 -42.57 -10.78 20.73
CA LEU D 99 -42.17 -10.62 19.33
C LEU D 99 -42.36 -9.18 18.85
N SER D 100 -43.46 -8.55 19.26
CA SER D 100 -43.81 -7.25 18.72
C SER D 100 -43.11 -6.09 19.41
N LYS D 101 -42.41 -6.34 20.52
CA LYS D 101 -41.76 -5.26 21.23
C LYS D 101 -40.48 -4.77 20.55
N PHE D 102 -40.02 -5.44 19.50
CA PHE D 102 -38.78 -5.08 18.83
C PHE D 102 -38.99 -4.38 17.49
N TRP D 103 -40.25 -4.15 17.08
CA TRP D 103 -40.50 -3.70 15.72
C TRP D 103 -39.97 -2.29 15.48
N ALA D 104 -40.21 -1.37 16.41
CA ALA D 104 -39.75 0.01 16.21
C ALA D 104 -38.23 0.08 16.20
N ALA D 105 -37.58 -0.65 17.11
CA ALA D 105 -36.12 -0.65 17.14
C ALA D 105 -35.55 -1.23 15.85
N ASN D 106 -36.13 -2.34 15.38
CA ASN D 106 -35.65 -2.94 14.13
C ASN D 106 -35.84 -2.00 12.96
N GLY D 107 -36.99 -1.33 12.88
CA GLY D 107 -37.24 -0.42 11.78
C GLY D 107 -36.30 0.77 11.79
N ALA D 108 -36.06 1.34 12.97
CA ALA D 108 -35.14 2.47 13.07
C ALA D 108 -33.72 2.06 12.73
N ALA D 109 -33.29 0.88 13.20
CA ALA D 109 -31.95 0.40 12.87
C ALA D 109 -31.81 0.18 11.37
N LEU D 110 -32.84 -0.39 10.73
CA LEU D 110 -32.81 -0.60 9.29
C LEU D 110 -32.73 0.74 8.56
N LEU D 111 -33.52 1.71 8.99
CA LEU D 111 -33.49 3.03 8.36
C LEU D 111 -32.10 3.64 8.44
N ARG D 112 -31.51 3.62 9.64
CA ARG D 112 -30.19 4.22 9.82
C ARG D 112 -29.13 3.49 9.00
N ASN D 113 -29.16 2.15 9.01
CA ASN D 113 -28.16 1.38 8.27
C ASN D 113 -28.26 1.63 6.77
N LEU D 114 -29.48 1.60 6.23
CA LEU D 114 -29.63 1.81 4.80
C LEU D 114 -29.29 3.24 4.40
N ALA D 115 -29.63 4.22 5.24
CA ALA D 115 -29.27 5.60 4.94
C ALA D 115 -27.75 5.77 4.94
N HIS D 116 -27.07 5.17 5.91
CA HIS D 116 -25.62 5.27 5.96
C HIS D 116 -24.98 4.60 4.74
N TYR D 117 -25.48 3.41 4.37
CA TYR D 117 -24.93 2.72 3.21
C TYR D 117 -25.15 3.54 1.93
N SER D 118 -26.34 4.11 1.77
CA SER D 118 -26.62 4.93 0.59
C SER D 118 -25.72 6.15 0.55
N ALA D 119 -25.51 6.81 1.70
CA ALA D 119 -24.72 8.04 1.71
C ALA D 119 -23.23 7.77 1.59
N ASN D 120 -22.76 6.58 1.96
CA ASN D 120 -21.32 6.33 2.03
C ASN D 120 -20.80 5.32 1.02
N SER D 121 -21.54 4.25 0.72
CA SER D 121 -21.00 3.15 -0.06
C SER D 121 -21.74 2.84 -1.36
N PHE D 122 -22.98 3.27 -1.52
CA PHE D 122 -23.71 2.96 -2.74
C PHE D 122 -23.08 3.67 -3.93
N PRO D 123 -22.88 2.96 -5.05
CA PRO D 123 -22.27 3.58 -6.25
C PRO D 123 -23.26 4.43 -7.04
N TRP D 124 -23.45 5.67 -6.59
CA TRP D 124 -24.32 6.59 -7.30
C TRP D 124 -23.73 7.00 -8.64
N GLU D 125 -22.41 7.09 -8.72
CA GLU D 125 -21.71 7.34 -9.98
C GLU D 125 -20.61 6.31 -10.13
N GLU D 126 -20.55 5.67 -11.30
CA GLU D 126 -19.60 4.60 -11.55
C GLU D 126 -18.91 4.84 -12.88
N GLU D 127 -17.60 4.63 -12.92
CA GLU D 127 -16.84 4.84 -14.13
C GLU D 127 -16.85 3.60 -15.01
N ILE D 128 -16.59 3.81 -16.30
CA ILE D 128 -16.39 2.72 -17.25
C ILE D 128 -15.04 2.95 -17.91
N PRO D 129 -13.95 2.47 -17.32
CA PRO D 129 -12.62 2.74 -17.90
C PRO D 129 -12.45 2.17 -19.30
N TYR D 130 -13.03 1.00 -19.57
CA TYR D 130 -12.92 0.35 -20.86
C TYR D 130 -14.32 0.11 -21.39
N SER D 131 -14.70 0.83 -22.45
CA SER D 131 -16.05 0.72 -22.98
C SER D 131 -16.17 -0.37 -24.03
N GLY D 132 -15.04 -0.91 -24.50
CA GLY D 132 -15.06 -1.90 -25.55
C GLY D 132 -15.17 -1.33 -26.95
N ASN D 133 -15.18 -0.01 -27.09
CA ASN D 133 -15.30 0.66 -28.38
C ASN D 133 -14.12 1.59 -28.56
N VAL D 134 -13.25 1.27 -29.51
CA VAL D 134 -12.09 2.11 -29.79
C VAL D 134 -12.40 3.23 -30.78
N GLY D 135 -13.51 3.15 -31.49
CA GLY D 135 -13.90 4.17 -32.43
C GLY D 135 -14.66 5.33 -31.84
N ALA D 136 -14.96 5.29 -30.55
CA ALA D 136 -15.68 6.36 -29.85
C ALA D 136 -14.94 6.71 -28.57
N PRO D 137 -13.81 7.39 -28.67
CA PRO D 137 -13.09 7.80 -27.46
C PRO D 137 -13.87 8.82 -26.67
N GLY D 138 -13.66 8.83 -25.36
CA GLY D 138 -14.36 9.75 -24.49
C GLY D 138 -14.54 9.14 -23.12
N ARG D 139 -15.26 9.88 -22.28
CA ARG D 139 -15.54 9.45 -20.92
C ARG D 139 -16.92 8.81 -20.86
N ASP D 140 -16.98 7.57 -20.38
CA ASP D 140 -18.23 6.86 -20.16
C ASP D 140 -18.38 6.60 -18.67
N TYR D 141 -19.57 6.87 -18.15
CA TYR D 141 -19.84 6.63 -16.74
C TYR D 141 -21.34 6.42 -16.55
N ILE D 142 -21.70 5.89 -15.38
CA ILE D 142 -23.06 5.49 -15.08
C ILE D 142 -23.62 6.38 -13.99
N ARG D 143 -24.80 6.94 -14.23
CA ARG D 143 -25.55 7.68 -13.23
C ARG D 143 -26.76 6.85 -12.80
N ARG D 144 -26.98 6.76 -11.50
CA ARG D 144 -28.14 6.07 -10.95
C ARG D 144 -29.08 7.11 -10.35
N GLU D 145 -30.35 7.03 -10.75
CA GLU D 145 -31.33 8.05 -10.41
C GLU D 145 -32.60 7.39 -9.89
N PRO D 146 -33.38 8.10 -9.06
CA PRO D 146 -34.63 7.54 -8.56
C PRO D 146 -35.60 7.26 -9.70
N ILE D 147 -36.46 6.25 -9.49
CA ILE D 147 -37.41 5.86 -10.52
C ILE D 147 -38.54 6.88 -10.61
N GLY D 148 -39.22 7.15 -9.49
CA GLY D 148 -40.34 8.07 -9.49
C GLY D 148 -41.31 7.79 -8.37
N VAL D 149 -42.59 7.68 -8.70
CA VAL D 149 -43.63 7.37 -7.72
C VAL D 149 -43.72 5.86 -7.58
N CYS D 150 -43.61 5.37 -6.34
CA CYS D 150 -43.66 3.95 -6.04
C CYS D 150 -44.90 3.62 -5.24
N VAL D 151 -45.47 2.46 -5.50
CA VAL D 151 -46.65 1.97 -4.78
C VAL D 151 -46.24 0.68 -4.07
N GLY D 152 -46.43 0.65 -2.75
CA GLY D 152 -46.08 -0.50 -1.94
C GLY D 152 -47.31 -1.09 -1.28
N ILE D 153 -47.58 -2.36 -1.62
CA ILE D 153 -48.71 -3.09 -1.05
C ILE D 153 -48.15 -4.17 -0.14
N ILE D 154 -48.63 -4.20 1.10
CA ILE D 154 -48.10 -5.12 2.10
C ILE D 154 -49.22 -5.99 2.66
N PRO D 155 -48.93 -7.24 3.02
CA PRO D 155 -49.96 -8.10 3.61
C PRO D 155 -50.05 -7.93 5.13
N TRP D 156 -50.89 -8.75 5.73
CA TRP D 156 -51.16 -8.70 7.16
C TRP D 156 -50.19 -9.53 7.99
N ASN D 157 -49.18 -10.15 7.37
CA ASN D 157 -48.27 -11.01 8.12
C ASN D 157 -47.44 -10.20 9.10
N PHE D 158 -46.62 -9.29 8.59
CA PHE D 158 -45.77 -8.42 9.41
C PHE D 158 -45.98 -6.99 8.98
N PRO D 159 -47.05 -6.35 9.48
CA PRO D 159 -47.37 -4.98 9.02
C PRO D 159 -46.26 -3.97 9.26
N ALA D 160 -45.79 -3.83 10.50
CA ALA D 160 -44.80 -2.81 10.79
C ALA D 160 -43.49 -3.06 10.06
N SER D 161 -43.01 -4.31 10.08
CA SER D 161 -41.74 -4.63 9.44
C SER D 161 -41.80 -4.38 7.94
N MET D 162 -42.87 -4.87 7.30
CA MET D 162 -42.98 -4.70 5.85
C MET D 162 -43.18 -3.24 5.47
N ALA D 163 -43.94 -2.48 6.27
CA ALA D 163 -44.09 -1.06 6.01
C ALA D 163 -42.75 -0.34 6.12
N PHE D 164 -41.96 -0.69 7.14
CA PHE D 164 -40.63 -0.11 7.26
C PHE D 164 -39.76 -0.46 6.06
N TRP D 165 -39.81 -1.71 5.61
CA TRP D 165 -39.01 -2.12 4.46
C TRP D 165 -39.38 -1.30 3.23
N LYS D 166 -40.68 -1.23 2.92
CA LYS D 166 -41.13 -0.50 1.75
C LYS D 166 -40.75 0.98 1.83
N ILE D 167 -41.03 1.61 2.97
CA ILE D 167 -40.79 3.05 3.10
C ILE D 167 -39.31 3.36 3.00
N SER D 168 -38.47 2.57 3.69
CA SER D 168 -37.04 2.81 3.65
C SER D 168 -36.50 2.64 2.24
N HIS D 169 -36.83 1.52 1.59
CA HIS D 169 -36.28 1.27 0.26
C HIS D 169 -36.75 2.32 -0.74
N ALA D 170 -37.99 2.79 -0.61
CA ALA D 170 -38.50 3.78 -1.55
C ALA D 170 -37.86 5.14 -1.32
N ILE D 171 -37.95 5.67 -0.10
CA ILE D 171 -37.62 7.08 0.11
C ILE D 171 -36.12 7.28 0.31
N ILE D 172 -35.38 6.25 0.72
CA ILE D 172 -33.95 6.42 0.94
C ILE D 172 -33.24 6.67 -0.38
N MET D 173 -33.69 6.01 -1.44
CA MET D 173 -33.10 6.20 -2.77
C MET D 173 -33.60 7.45 -3.47
N GLY D 174 -34.52 8.18 -2.87
CA GLY D 174 -35.00 9.43 -3.45
C GLY D 174 -36.38 9.36 -4.06
N ASN D 175 -37.06 8.23 -4.00
CA ASN D 175 -38.39 8.11 -4.57
C ASN D 175 -39.45 8.58 -3.56
N THR D 176 -40.68 8.66 -4.04
CA THR D 176 -41.84 8.96 -3.21
C THR D 176 -42.81 7.79 -3.29
N ILE D 177 -43.32 7.38 -2.13
CA ILE D 177 -44.06 6.13 -2.01
C ILE D 177 -45.49 6.43 -1.56
N VAL D 178 -46.43 5.66 -2.09
CA VAL D 178 -47.79 5.60 -1.60
C VAL D 178 -48.00 4.20 -1.03
N LEU D 179 -48.27 4.13 0.27
CA LEU D 179 -48.32 2.86 0.99
C LEU D 179 -49.77 2.47 1.25
N LYS D 180 -50.11 1.24 0.90
CA LYS D 180 -51.45 0.70 1.14
C LYS D 180 -51.37 -0.52 2.04
N PRO D 181 -51.64 -0.40 3.33
CA PRO D 181 -51.57 -1.56 4.22
C PRO D 181 -52.74 -2.51 4.01
N ALA D 182 -52.63 -3.67 4.66
CA ALA D 182 -53.68 -4.67 4.57
C ALA D 182 -54.96 -4.17 5.26
N THR D 183 -56.09 -4.71 4.83
CA THR D 183 -57.37 -4.32 5.41
C THR D 183 -57.45 -4.69 6.90
N GLN D 184 -56.92 -5.86 7.25
CA GLN D 184 -57.00 -6.32 8.64
C GLN D 184 -56.13 -5.50 9.58
N THR D 185 -54.97 -5.03 9.12
CA THR D 185 -54.02 -4.38 10.02
C THR D 185 -53.55 -3.03 9.47
N PRO D 186 -54.36 -1.96 9.62
CA PRO D 186 -53.94 -0.66 9.06
C PRO D 186 -53.28 0.28 10.06
N LEU D 187 -53.23 -0.05 11.35
CA LEU D 187 -52.88 0.95 12.36
C LEU D 187 -51.39 1.28 12.36
N THR D 188 -50.54 0.26 12.18
CA THR D 188 -49.10 0.48 12.32
C THR D 188 -48.56 1.42 11.26
N ALA D 189 -49.08 1.32 10.03
CA ALA D 189 -48.64 2.24 8.97
C ALA D 189 -48.96 3.68 9.32
N LEU D 190 -50.16 3.93 9.88
CA LEU D 190 -50.52 5.27 10.29
C LEU D 190 -49.67 5.75 11.46
N ILE D 191 -49.34 4.87 12.39
CA ILE D 191 -48.47 5.27 13.50
C ILE D 191 -47.08 5.65 12.99
N ILE D 192 -46.56 4.89 12.01
CA ILE D 192 -45.27 5.23 11.42
C ILE D 192 -45.38 6.55 10.65
N ALA D 193 -46.51 6.79 9.99
CA ALA D 193 -46.72 8.07 9.32
C ALA D 193 -46.74 9.23 10.31
N GLU D 194 -47.19 8.98 11.54
CA GLU D 194 -47.09 10.00 12.58
C GLU D 194 -45.65 10.41 12.84
N ALA D 195 -44.75 9.43 12.95
CA ALA D 195 -43.33 9.73 13.13
C ALA D 195 -42.76 10.41 11.90
N ALA D 196 -43.23 10.03 10.71
CA ALA D 196 -42.78 10.68 9.49
C ALA D 196 -43.18 12.16 9.48
N LYS D 197 -44.40 12.46 9.93
CA LYS D 197 -44.82 13.85 10.02
C LYS D 197 -44.02 14.61 11.08
N ALA D 198 -43.77 13.97 12.22
CA ALA D 198 -43.04 14.64 13.30
C ALA D 198 -41.62 14.98 12.89
N ALA D 199 -40.98 14.10 12.11
CA ALA D 199 -39.59 14.27 11.73
C ALA D 199 -39.37 15.36 10.69
N GLY D 200 -40.44 15.92 10.12
CA GLY D 200 -40.28 16.96 9.12
C GLY D 200 -39.95 16.46 7.73
N ILE D 201 -40.38 15.25 7.40
CA ILE D 201 -40.22 14.75 6.02
C ILE D 201 -41.03 15.65 5.08
N PRO D 202 -40.50 16.01 3.91
CA PRO D 202 -41.27 16.87 3.00
C PRO D 202 -42.60 16.25 2.61
N LYS D 203 -43.60 17.12 2.43
CA LYS D 203 -44.95 16.65 2.15
C LYS D 203 -45.00 15.92 0.81
N GLY D 204 -45.84 14.89 0.75
CA GLY D 204 -46.01 14.10 -0.45
C GLY D 204 -45.02 12.96 -0.61
N VAL D 205 -43.96 12.93 0.20
CA VAL D 205 -42.99 11.85 0.08
C VAL D 205 -43.59 10.53 0.56
N ILE D 206 -44.30 10.55 1.68
CA ILE D 206 -44.92 9.36 2.25
C ILE D 206 -46.43 9.60 2.32
N ASN D 207 -47.19 8.69 1.72
CA ASN D 207 -48.64 8.72 1.77
C ASN D 207 -49.15 7.33 2.14
N VAL D 208 -50.14 7.30 3.04
CA VAL D 208 -50.73 6.05 3.49
C VAL D 208 -52.23 6.13 3.27
N ILE D 209 -52.80 5.17 2.55
CA ILE D 209 -54.24 5.09 2.30
C ILE D 209 -54.72 3.71 2.69
N THR D 210 -55.83 3.66 3.42
CA THR D 210 -56.44 2.41 3.86
C THR D 210 -57.85 2.32 3.31
N GLY D 211 -58.15 1.22 2.63
CA GLY D 211 -59.48 1.03 2.05
C GLY D 211 -59.84 -0.42 1.85
N GLN D 212 -61.10 -0.75 2.06
CA GLN D 212 -61.58 -2.11 1.86
C GLN D 212 -61.86 -2.35 0.38
N GLY D 213 -62.14 -3.61 0.05
CA GLY D 213 -62.34 -3.97 -1.35
C GLY D 213 -61.03 -3.98 -2.11
N ARG D 214 -61.14 -3.81 -3.43
CA ARG D 214 -59.95 -3.78 -4.28
C ARG D 214 -59.98 -2.70 -5.35
N GLU D 215 -60.91 -1.75 -5.28
CA GLU D 215 -60.91 -0.66 -6.26
C GLU D 215 -59.69 0.23 -6.10
N VAL D 216 -59.30 0.51 -4.86
CA VAL D 216 -58.14 1.38 -4.61
C VAL D 216 -56.87 0.73 -5.13
N GLY D 217 -56.70 -0.58 -4.90
CA GLY D 217 -55.52 -1.26 -5.40
C GLY D 217 -55.45 -1.26 -6.91
N ASN D 218 -56.58 -1.50 -7.58
CA ASN D 218 -56.59 -1.46 -9.03
C ASN D 218 -56.28 -0.07 -9.56
N LEU D 219 -56.83 0.97 -8.91
CA LEU D 219 -56.53 2.34 -9.32
C LEU D 219 -55.05 2.64 -9.15
N LEU D 220 -54.45 2.18 -8.04
CA LEU D 220 -53.03 2.40 -7.83
C LEU D 220 -52.19 1.67 -8.88
N CYS D 221 -52.57 0.45 -9.22
CA CYS D 221 -51.76 -0.35 -10.14
C CYS D 221 -51.90 0.12 -11.59
N THR D 222 -53.06 0.63 -11.97
CA THR D 222 -53.30 0.98 -13.36
C THR D 222 -53.13 2.46 -13.66
N HIS D 223 -52.78 3.28 -12.68
CA HIS D 223 -52.66 4.71 -12.93
C HIS D 223 -51.41 5.01 -13.74
N PRO D 224 -51.48 5.93 -14.72
CA PRO D 224 -50.29 6.21 -15.54
C PRO D 224 -49.18 6.94 -14.80
N ASP D 225 -49.47 7.60 -13.69
CA ASP D 225 -48.45 8.37 -12.98
C ASP D 225 -47.68 7.55 -11.96
N VAL D 226 -47.96 6.26 -11.84
CA VAL D 226 -47.22 5.37 -10.95
C VAL D 226 -46.13 4.69 -11.77
N ASP D 227 -44.90 4.71 -11.26
CA ASP D 227 -43.76 4.18 -11.99
C ASP D 227 -43.38 2.76 -11.58
N LYS D 228 -43.58 2.40 -10.32
CA LYS D 228 -43.17 1.09 -9.84
C LYS D 228 -44.17 0.58 -8.82
N ILE D 229 -44.38 -0.73 -8.83
CA ILE D 229 -45.23 -1.42 -7.87
C ILE D 229 -44.40 -2.48 -7.16
N SER D 230 -44.39 -2.42 -5.83
CA SER D 230 -43.73 -3.44 -5.01
C SER D 230 -44.81 -4.13 -4.18
N PHE D 231 -45.12 -5.37 -4.54
CA PHE D 231 -46.25 -6.09 -3.97
C PHE D 231 -45.76 -7.30 -3.20
N THR D 232 -46.37 -7.54 -2.04
CA THR D 232 -46.12 -8.73 -1.23
C THR D 232 -47.47 -9.35 -0.86
N GLY D 233 -47.60 -10.65 -1.10
CA GLY D 233 -48.86 -11.31 -0.80
C GLY D 233 -48.90 -12.71 -1.38
N SER D 234 -50.11 -13.12 -1.79
CA SER D 234 -50.31 -14.43 -2.37
C SER D 234 -49.99 -14.43 -3.85
N THR D 235 -49.80 -15.63 -4.40
CA THR D 235 -49.41 -15.76 -5.81
C THR D 235 -50.53 -15.33 -6.74
N SER D 236 -51.78 -15.67 -6.40
CA SER D 236 -52.90 -15.38 -7.29
C SER D 236 -53.11 -13.88 -7.44
N VAL D 237 -53.03 -13.12 -6.35
CA VAL D 237 -53.20 -11.67 -6.45
C VAL D 237 -52.02 -11.02 -7.15
N GLY D 238 -50.81 -11.53 -6.92
CA GLY D 238 -49.64 -10.98 -7.60
C GLY D 238 -49.68 -11.19 -9.10
N ASN D 239 -50.12 -12.38 -9.53
CA ASN D 239 -50.23 -12.67 -10.96
C ASN D 239 -51.27 -11.81 -11.65
N ASN D 240 -52.25 -11.29 -10.91
CA ASN D 240 -53.26 -10.39 -11.47
C ASN D 240 -52.77 -8.95 -11.45
N ILE D 241 -52.05 -8.56 -10.40
CA ILE D 241 -51.48 -7.22 -10.33
C ILE D 241 -50.45 -7.02 -11.42
N MET D 242 -49.66 -8.06 -11.72
CA MET D 242 -48.71 -7.97 -12.82
C MET D 242 -49.41 -7.80 -14.16
N LYS D 243 -50.52 -8.52 -14.38
CA LYS D 243 -51.28 -8.34 -15.61
C LYS D 243 -51.85 -6.93 -15.70
N LEU D 244 -52.35 -6.38 -14.59
CA LEU D 244 -52.86 -5.02 -14.59
C LEU D 244 -51.76 -4.02 -14.91
N ALA D 245 -50.57 -4.20 -14.34
CA ALA D 245 -49.48 -3.25 -14.55
C ALA D 245 -48.84 -3.42 -15.93
N ALA D 246 -49.09 -4.56 -16.58
CA ALA D 246 -48.51 -4.78 -17.91
C ALA D 246 -49.01 -3.78 -18.93
N ASP D 247 -50.22 -3.26 -18.76
CA ASP D 247 -50.81 -2.35 -19.74
C ASP D 247 -50.09 -1.03 -19.85
N SER D 248 -49.32 -0.62 -18.83
CA SER D 248 -48.60 0.64 -18.88
C SER D 248 -47.09 0.46 -18.86
N THR D 249 -46.61 -0.78 -18.87
CA THR D 249 -45.18 -1.10 -18.83
C THR D 249 -44.50 -0.39 -17.65
N LYS D 250 -44.79 -0.83 -16.45
CA LYS D 250 -44.16 -0.29 -15.25
C LYS D 250 -43.50 -1.41 -14.45
N ARG D 251 -42.40 -1.06 -13.79
CA ARG D 251 -41.61 -2.06 -13.08
C ARG D 251 -42.38 -2.64 -11.92
N VAL D 252 -42.35 -3.96 -11.80
CA VAL D 252 -43.09 -4.69 -10.77
C VAL D 252 -42.13 -5.66 -10.08
N THR D 253 -42.16 -5.66 -8.74
CA THR D 253 -41.42 -6.61 -7.94
C THR D 253 -42.41 -7.40 -7.11
N LEU D 254 -42.34 -8.72 -7.21
CA LEU D 254 -43.30 -9.61 -6.57
C LEU D 254 -42.61 -10.44 -5.49
N GLU D 255 -43.21 -10.46 -4.30
CA GLU D 255 -42.80 -11.34 -3.22
C GLU D 255 -44.02 -12.16 -2.82
N LEU D 256 -44.02 -13.43 -3.18
CA LEU D 256 -45.17 -14.30 -3.00
C LEU D 256 -44.86 -15.34 -1.92
N GLY D 257 -45.83 -16.20 -1.65
CA GLY D 257 -45.68 -17.18 -0.59
C GLY D 257 -44.70 -18.27 -0.95
N GLY D 258 -44.46 -19.16 0.03
CA GLY D 258 -43.56 -20.27 -0.13
C GLY D 258 -44.03 -21.51 0.60
N LYS D 259 -43.33 -22.60 0.35
CA LYS D 259 -43.56 -23.89 0.99
C LYS D 259 -42.20 -24.42 1.43
N SER D 260 -41.45 -23.56 2.13
CA SER D 260 -40.05 -23.80 2.42
C SER D 260 -39.85 -25.13 3.13
N ALA D 261 -38.79 -25.84 2.75
CA ALA D 261 -38.47 -27.13 3.33
C ALA D 261 -37.32 -26.99 4.32
N ASN D 262 -37.44 -27.68 5.45
CA ASN D 262 -36.41 -27.71 6.48
C ASN D 262 -35.84 -29.13 6.51
N ILE D 263 -34.54 -29.25 6.27
CA ILE D 263 -33.89 -30.54 6.09
C ILE D 263 -33.06 -30.85 7.34
N ILE D 264 -33.27 -32.04 7.90
CA ILE D 264 -32.50 -32.52 9.03
C ILE D 264 -31.69 -33.71 8.57
N LEU D 265 -30.36 -33.58 8.60
CA LEU D 265 -29.50 -34.68 8.21
C LEU D 265 -29.21 -35.58 9.41
N ASP D 266 -28.67 -36.76 9.12
CA ASP D 266 -28.48 -37.77 10.15
C ASP D 266 -27.41 -37.41 11.17
N ASP D 267 -26.50 -36.49 10.84
CA ASP D 267 -25.45 -36.06 11.77
C ASP D 267 -25.85 -34.83 12.56
N ALA D 268 -27.06 -34.33 12.39
CA ALA D 268 -27.49 -33.12 13.08
C ALA D 268 -27.68 -33.39 14.58
N ASP D 269 -27.48 -32.35 15.38
CA ASP D 269 -27.75 -32.43 16.81
C ASP D 269 -29.25 -32.41 17.04
N LEU D 270 -29.79 -33.47 17.65
CA LEU D 270 -31.24 -33.63 17.72
C LEU D 270 -31.89 -32.55 18.56
N ASP D 271 -31.27 -32.12 19.65
CA ASP D 271 -31.87 -31.07 20.46
C ASP D 271 -31.96 -29.76 19.68
N ALA D 272 -30.84 -29.33 19.09
CA ALA D 272 -30.83 -28.09 18.32
C ALA D 272 -31.72 -28.21 17.09
N ALA D 273 -31.72 -29.37 16.43
CA ALA D 273 -32.57 -29.56 15.26
C ALA D 273 -34.04 -29.47 15.62
N VAL D 274 -34.45 -30.09 16.72
CA VAL D 274 -35.84 -30.03 17.15
C VAL D 274 -36.22 -28.61 17.50
N GLU D 275 -35.37 -27.91 18.26
CA GLU D 275 -35.68 -26.53 18.63
C GLU D 275 -35.81 -25.64 17.40
N GLY D 276 -34.88 -25.78 16.44
CA GLY D 276 -34.94 -24.96 15.25
C GLY D 276 -36.13 -25.28 14.37
N ALA D 277 -36.48 -26.56 14.23
CA ALA D 277 -37.65 -26.92 13.45
C ALA D 277 -38.93 -26.37 14.08
N VAL D 278 -39.06 -26.51 15.40
CA VAL D 278 -40.25 -25.99 16.07
C VAL D 278 -40.34 -24.48 15.91
N PHE D 279 -39.22 -23.77 16.09
CA PHE D 279 -39.23 -22.32 15.93
C PHE D 279 -39.61 -21.93 14.51
N GLY D 280 -38.91 -22.49 13.52
CA GLY D 280 -39.12 -22.11 12.14
C GLY D 280 -40.46 -22.52 11.59
N THR D 281 -41.15 -23.45 12.24
CA THR D 281 -42.50 -23.80 11.82
C THR D 281 -43.58 -23.03 12.56
N PHE D 282 -43.42 -22.76 13.86
CA PHE D 282 -44.49 -22.20 14.65
C PHE D 282 -44.25 -20.76 15.10
N LEU D 283 -43.26 -20.07 14.57
CA LEU D 283 -43.15 -18.64 14.85
C LEU D 283 -44.34 -17.90 14.26
N HIS D 284 -44.99 -17.10 15.09
CA HIS D 284 -46.19 -16.35 14.70
C HIS D 284 -47.25 -17.26 14.11
N GLN D 285 -47.46 -18.42 14.76
CA GLN D 285 -48.50 -19.38 14.39
C GLN D 285 -48.35 -19.85 12.94
N GLY D 286 -47.12 -19.90 12.45
CA GLY D 286 -46.90 -20.35 11.09
C GLY D 286 -47.37 -19.42 10.02
N GLN D 287 -47.57 -18.14 10.34
CA GLN D 287 -48.04 -17.16 9.37
C GLN D 287 -46.90 -16.35 8.76
N VAL D 288 -45.66 -16.77 8.96
CA VAL D 288 -44.52 -16.15 8.29
C VAL D 288 -44.40 -16.73 6.89
N CYS D 289 -43.97 -15.89 5.94
CA CYS D 289 -43.85 -16.35 4.56
C CYS D 289 -42.81 -17.44 4.42
N GLU D 290 -41.68 -17.30 5.14
CA GLU D 290 -40.58 -18.25 5.03
C GLU D 290 -40.70 -19.42 6.00
N SER D 291 -41.89 -19.72 6.50
CA SER D 291 -42.07 -20.81 7.44
C SER D 291 -41.66 -22.14 6.81
N GLY D 292 -40.93 -22.95 7.58
CA GLY D 292 -40.53 -24.26 7.11
C GLY D 292 -41.60 -25.31 7.36
N THR D 293 -42.69 -25.24 6.60
CA THR D 293 -43.82 -26.13 6.80
C THR D 293 -43.57 -27.54 6.28
N ARG D 294 -42.54 -27.75 5.48
CA ARG D 294 -42.13 -29.07 5.05
C ARG D 294 -40.89 -29.46 5.81
N LEU D 295 -40.99 -30.50 6.63
CA LEU D 295 -39.90 -30.95 7.50
C LEU D 295 -39.36 -32.26 6.96
N LEU D 296 -38.21 -32.20 6.30
CA LEU D 296 -37.54 -33.37 5.77
C LEU D 296 -36.60 -33.93 6.83
N VAL D 297 -36.85 -35.16 7.26
CA VAL D 297 -36.10 -35.80 8.34
C VAL D 297 -35.50 -37.09 7.81
N SER D 298 -34.23 -37.31 8.09
CA SER D 298 -33.56 -38.52 7.62
C SER D 298 -34.15 -39.75 8.27
N SER D 299 -34.11 -40.88 7.55
CA SER D 299 -34.64 -42.12 8.07
C SER D 299 -33.82 -42.67 9.22
N LYS D 300 -32.53 -42.35 9.29
CA LYS D 300 -31.67 -42.87 10.34
C LYS D 300 -31.97 -42.27 11.70
N ILE D 301 -32.60 -41.10 11.75
CA ILE D 301 -32.91 -40.41 12.99
C ILE D 301 -34.39 -40.11 13.16
N TYR D 302 -35.26 -40.75 12.38
CA TYR D 302 -36.67 -40.40 12.38
C TYR D 302 -37.32 -40.71 13.73
N ASP D 303 -37.07 -41.90 14.27
CA ASP D 303 -37.75 -42.32 15.49
C ASP D 303 -37.36 -41.44 16.68
N ALA D 304 -36.08 -41.14 16.82
CA ALA D 304 -35.65 -40.29 17.92
C ALA D 304 -36.12 -38.85 17.74
N PHE D 305 -36.15 -38.37 16.49
CA PHE D 305 -36.54 -37.00 16.23
C PHE D 305 -38.03 -36.77 16.48
N ILE D 306 -38.86 -37.77 16.14
CA ILE D 306 -40.30 -37.56 16.17
C ILE D 306 -40.80 -37.37 17.60
N ASP D 307 -40.32 -38.17 18.55
CA ASP D 307 -40.77 -38.05 19.93
C ASP D 307 -40.37 -36.70 20.53
N LYS D 308 -39.13 -36.28 20.28
CA LYS D 308 -38.67 -34.99 20.80
C LYS D 308 -39.45 -33.84 20.16
N LEU D 309 -39.74 -33.94 18.86
CA LEU D 309 -40.53 -32.92 18.20
C LEU D 309 -41.93 -32.85 18.78
N LYS D 310 -42.54 -34.02 19.05
CA LYS D 310 -43.87 -34.04 19.65
C LYS D 310 -43.88 -33.38 21.01
N ALA D 311 -42.90 -33.73 21.85
CA ALA D 311 -42.84 -33.14 23.19
C ALA D 311 -42.62 -31.63 23.12
N ARG D 312 -41.69 -31.19 22.27
CA ARG D 312 -41.41 -29.77 22.15
C ARG D 312 -42.63 -29.01 21.64
N THR D 313 -43.37 -29.58 20.69
CA THR D 313 -44.56 -28.93 20.18
C THR D 313 -45.66 -28.86 21.24
N GLU D 314 -45.85 -29.94 22.01
CA GLU D 314 -46.84 -29.91 23.09
C GLU D 314 -46.43 -29.01 24.24
N ALA D 315 -45.15 -28.62 24.32
CA ALA D 315 -44.72 -27.69 25.36
C ALA D 315 -45.08 -26.24 25.06
N LEU D 316 -45.60 -25.94 23.88
CA LEU D 316 -45.90 -24.56 23.51
C LEU D 316 -47.18 -24.09 24.20
N ARG D 317 -47.21 -22.80 24.56
CA ARG D 317 -48.34 -22.19 25.24
C ARG D 317 -49.05 -21.24 24.29
N VAL D 318 -50.37 -21.39 24.17
CA VAL D 318 -51.18 -20.48 23.36
C VAL D 318 -52.01 -19.61 24.29
N GLY D 319 -51.92 -18.30 24.12
CA GLY D 319 -52.63 -17.39 24.99
C GLY D 319 -52.80 -16.03 24.37
N TYR D 320 -53.19 -15.07 25.21
CA TYR D 320 -53.44 -13.72 24.74
C TYR D 320 -52.14 -13.08 24.26
N PRO D 321 -52.18 -12.32 23.15
CA PRO D 321 -50.94 -11.69 22.66
C PRO D 321 -50.27 -10.76 23.66
N LEU D 322 -51.05 -10.01 24.43
CA LEU D 322 -50.46 -9.03 25.35
C LEU D 322 -49.89 -9.67 26.61
N SER D 323 -50.16 -10.94 26.85
CA SER D 323 -49.58 -11.63 28.00
C SER D 323 -48.15 -12.02 27.67
N PRO D 324 -47.16 -11.62 28.47
CA PRO D 324 -45.76 -11.99 28.18
C PRO D 324 -45.49 -13.48 28.30
N GLU D 325 -46.36 -14.24 28.95
CA GLU D 325 -46.16 -15.68 29.08
C GLU D 325 -46.58 -16.46 27.85
N SER D 326 -47.25 -15.81 26.89
CA SER D 326 -47.77 -16.53 25.73
C SER D 326 -46.67 -16.73 24.70
N HIS D 327 -46.65 -17.92 24.09
CA HIS D 327 -45.74 -18.21 23.00
C HIS D 327 -46.43 -18.10 21.65
N LEU D 328 -47.71 -18.48 21.58
CA LEU D 328 -48.49 -18.41 20.36
C LEU D 328 -49.74 -17.57 20.60
N GLY D 329 -50.17 -16.87 19.56
CA GLY D 329 -51.37 -16.07 19.63
C GLY D 329 -52.47 -16.63 18.75
N PRO D 330 -53.41 -15.78 18.36
CA PRO D 330 -54.50 -16.22 17.49
C PRO D 330 -54.15 -16.02 16.01
N LEU D 331 -54.96 -16.63 15.16
CA LEU D 331 -54.86 -16.35 13.74
C LEU D 331 -55.47 -14.98 13.44
N VAL D 332 -55.12 -14.44 12.26
CA VAL D 332 -55.43 -13.05 11.97
C VAL D 332 -56.94 -12.81 11.84
N SER D 333 -57.69 -13.83 11.43
CA SER D 333 -59.12 -13.66 11.23
C SER D 333 -59.81 -15.02 11.23
N GLY D 334 -61.14 -14.99 11.29
CA GLY D 334 -61.91 -16.21 11.26
C GLY D 334 -61.82 -16.94 9.92
N LYS D 335 -61.74 -16.20 8.82
CA LYS D 335 -61.58 -16.82 7.51
C LYS D 335 -60.28 -17.60 7.42
N GLN D 336 -59.20 -17.08 7.98
CA GLN D 336 -57.95 -17.82 8.02
C GLN D 336 -58.09 -19.10 8.84
N LEU D 337 -58.81 -19.02 9.96
CA LEU D 337 -59.05 -20.20 10.77
C LEU D 337 -59.83 -21.25 9.99
N GLU D 338 -60.85 -20.83 9.25
CA GLU D 338 -61.62 -21.77 8.44
C GLU D 338 -60.77 -22.40 7.35
N THR D 339 -59.89 -21.61 6.73
CA THR D 339 -58.97 -22.16 5.73
C THR D 339 -58.05 -23.21 6.34
N VAL D 340 -57.53 -22.94 7.55
CA VAL D 340 -56.65 -23.91 8.20
C VAL D 340 -57.43 -25.19 8.54
N GLU D 341 -58.66 -25.04 9.02
CA GLU D 341 -59.47 -26.23 9.31
C GLU D 341 -59.74 -27.04 8.05
N GLY D 342 -60.03 -26.36 6.94
CA GLY D 342 -60.25 -27.06 5.69
C GLY D 342 -59.02 -27.80 5.21
N TYR D 343 -57.85 -27.19 5.35
CA TYR D 343 -56.62 -27.87 4.96
C TYR D 343 -56.32 -29.06 5.86
N VAL D 344 -56.63 -28.95 7.16
CA VAL D 344 -56.45 -30.08 8.07
C VAL D 344 -57.38 -31.22 7.68
N LYS D 345 -58.64 -30.90 7.34
CA LYS D 345 -59.58 -31.93 6.92
C LYS D 345 -59.11 -32.60 5.63
N LEU D 346 -58.59 -31.81 4.69
CA LEU D 346 -58.05 -32.37 3.46
C LEU D 346 -56.88 -33.30 3.73
N GLY D 347 -55.98 -32.89 4.62
CA GLY D 347 -54.86 -33.75 4.98
C GLY D 347 -55.29 -35.05 5.63
N LEU D 348 -56.31 -34.99 6.48
CA LEU D 348 -56.86 -36.21 7.06
C LEU D 348 -57.47 -37.10 5.99
N GLU D 349 -58.16 -36.50 5.01
CA GLU D 349 -58.76 -37.28 3.93
C GLU D 349 -57.70 -37.97 3.09
N GLU D 350 -56.58 -37.29 2.84
CA GLU D 350 -55.55 -37.84 1.96
C GLU D 350 -54.80 -39.02 2.58
N GLY D 351 -54.98 -39.28 3.86
CA GLY D 351 -54.35 -40.42 4.50
C GLY D 351 -53.16 -40.09 5.38
N ALA D 352 -52.84 -38.82 5.58
CA ALA D 352 -51.76 -38.48 6.49
C ALA D 352 -52.17 -38.74 7.93
N THR D 353 -51.17 -39.03 8.77
CA THR D 353 -51.41 -39.37 10.17
C THR D 353 -51.29 -38.12 11.02
N LEU D 354 -52.33 -37.84 11.80
CA LEU D 354 -52.35 -36.66 12.66
C LEU D 354 -51.62 -36.97 13.95
N LEU D 355 -50.45 -36.38 14.13
CA LEU D 355 -49.67 -36.61 15.34
C LEU D 355 -50.18 -35.79 16.52
N THR D 356 -50.24 -34.47 16.38
CA THR D 356 -50.74 -33.59 17.43
C THR D 356 -51.63 -32.53 16.80
N GLY D 357 -52.35 -31.81 17.67
CA GLY D 357 -53.15 -30.68 17.24
C GLY D 357 -54.34 -31.05 16.38
N GLY D 358 -54.71 -30.15 15.48
CA GLY D 358 -55.86 -30.37 14.62
C GLY D 358 -57.19 -29.96 15.21
N HIS D 359 -57.18 -29.08 16.21
CA HIS D 359 -58.41 -28.66 16.86
C HIS D 359 -58.23 -27.24 17.40
N ARG D 360 -59.36 -26.58 17.64
CA ARG D 360 -59.34 -25.24 18.17
C ARG D 360 -58.96 -25.24 19.65
N VAL D 361 -58.50 -24.08 20.12
CA VAL D 361 -58.00 -23.93 21.49
C VAL D 361 -58.82 -22.85 22.18
N GLU D 362 -59.26 -23.14 23.41
CA GLU D 362 -59.98 -22.18 24.24
C GLU D 362 -59.01 -21.62 25.27
N VAL D 363 -58.66 -20.36 25.12
CA VAL D 363 -57.74 -19.70 26.05
C VAL D 363 -58.48 -19.39 27.34
N PRO D 364 -57.97 -19.81 28.50
CA PRO D 364 -58.69 -19.56 29.76
C PRO D 364 -58.80 -18.07 30.06
N GLY D 365 -59.94 -17.68 30.62
CA GLY D 365 -60.19 -16.30 30.96
C GLY D 365 -60.54 -15.40 29.80
N ILE D 366 -60.71 -15.95 28.60
CA ILE D 366 -60.98 -15.17 27.41
C ILE D 366 -62.12 -15.83 26.65
N SER D 367 -63.08 -15.04 26.20
CA SER D 367 -64.17 -15.51 25.37
C SER D 367 -63.95 -15.05 23.94
N GLY D 368 -64.05 -15.99 23.00
CA GLY D 368 -63.78 -15.68 21.61
C GLY D 368 -62.29 -15.72 21.29
N GLY D 369 -61.99 -15.40 20.05
CA GLY D 369 -60.62 -15.45 19.58
C GLY D 369 -60.37 -16.62 18.63
N HIS D 370 -59.48 -16.38 17.67
CA HIS D 370 -59.20 -17.35 16.61
C HIS D 370 -57.96 -18.18 16.95
N TYR D 371 -58.09 -18.99 17.98
CA TYR D 371 -56.97 -19.80 18.47
C TYR D 371 -57.04 -21.20 17.89
N TYR D 372 -55.89 -21.71 17.46
CA TYR D 372 -55.77 -23.05 16.89
C TYR D 372 -54.52 -23.72 17.45
N ALA D 373 -54.64 -25.00 17.74
CA ALA D 373 -53.50 -25.74 18.27
C ALA D 373 -52.48 -26.02 17.17
N PRO D 374 -51.19 -25.99 17.47
CA PRO D 374 -50.18 -26.38 16.48
C PRO D 374 -50.38 -27.83 16.08
N THR D 375 -50.25 -28.09 14.77
CA THR D 375 -50.63 -29.36 14.18
C THR D 375 -49.42 -29.98 13.49
N ILE D 376 -49.24 -31.29 13.65
CA ILE D 376 -48.16 -32.03 13.01
C ILE D 376 -48.77 -33.19 12.24
N PHE D 377 -48.39 -33.33 10.97
CA PHE D 377 -48.79 -34.45 10.14
C PHE D 377 -47.57 -35.31 9.82
N THR D 378 -47.76 -36.63 9.89
CA THR D 378 -46.72 -37.59 9.60
C THR D 378 -47.21 -38.55 8.53
N ASP D 379 -46.32 -39.44 8.09
CA ASP D 379 -46.59 -40.37 7.00
C ASP D 379 -47.03 -39.63 5.73
N VAL D 380 -46.41 -38.49 5.48
CA VAL D 380 -46.82 -37.63 4.37
C VAL D 380 -45.91 -37.88 3.17
N ASP D 381 -46.53 -38.06 2.00
CA ASP D 381 -45.81 -38.14 0.74
C ASP D 381 -45.73 -36.74 0.14
N ASN D 382 -44.66 -36.48 -0.60
CA ASN D 382 -44.45 -35.14 -1.14
C ASN D 382 -45.43 -34.68 -2.22
N ARG D 383 -46.19 -35.61 -2.81
CA ARG D 383 -47.17 -35.25 -3.82
C ARG D 383 -48.58 -35.06 -3.27
N MET D 384 -48.73 -35.11 -1.94
CA MET D 384 -50.01 -34.84 -1.32
C MET D 384 -50.21 -33.34 -1.47
N ARG D 385 -51.48 -32.93 -1.53
CA ARG D 385 -51.79 -31.52 -1.70
C ARG D 385 -51.32 -30.68 -0.52
N ILE D 386 -51.41 -31.24 0.69
CA ILE D 386 -50.95 -30.52 1.88
C ILE D 386 -49.44 -30.29 1.83
N ALA D 387 -48.70 -31.16 1.16
CA ALA D 387 -47.27 -30.94 0.99
C ALA D 387 -46.96 -30.05 -0.20
N GLN D 388 -47.98 -29.69 -0.98
CA GLN D 388 -47.78 -28.90 -2.20
C GLN D 388 -48.41 -27.53 -2.14
N GLU D 389 -49.39 -27.31 -1.26
CA GLU D 389 -50.12 -26.05 -1.21
C GLU D 389 -49.84 -25.34 0.11
N GLU D 390 -49.63 -24.02 0.02
CA GLU D 390 -49.37 -23.21 1.19
C GLU D 390 -50.61 -23.08 2.05
N ILE D 391 -50.41 -23.02 3.37
CA ILE D 391 -51.50 -23.07 4.34
C ILE D 391 -51.65 -21.75 5.08
N PHE D 392 -50.54 -21.14 5.50
CA PHE D 392 -50.56 -19.98 6.39
C PHE D 392 -51.26 -20.32 7.71
N GLY D 393 -50.70 -21.31 8.39
CA GLY D 393 -51.23 -21.75 9.66
C GLY D 393 -50.25 -22.65 10.39
N PRO D 394 -50.55 -22.97 11.64
CA PRO D 394 -49.64 -23.79 12.45
C PRO D 394 -49.75 -25.28 12.13
N VAL D 395 -49.48 -25.63 10.88
CA VAL D 395 -49.56 -27.00 10.40
C VAL D 395 -48.24 -27.36 9.75
N VAL D 396 -47.68 -28.52 10.10
CA VAL D 396 -46.44 -29.00 9.53
C VAL D 396 -46.63 -30.42 9.05
N VAL D 397 -45.93 -30.78 7.98
CA VAL D 397 -45.92 -32.14 7.44
C VAL D 397 -44.49 -32.66 7.49
N VAL D 398 -44.33 -33.90 7.96
CA VAL D 398 -43.01 -34.51 8.11
C VAL D 398 -42.85 -35.56 7.02
N ILE D 399 -41.79 -35.44 6.24
CA ILE D 399 -41.50 -36.35 5.13
C ILE D 399 -40.12 -36.92 5.36
N ARG D 400 -40.00 -38.24 5.24
CA ARG D 400 -38.73 -38.92 5.49
C ARG D 400 -38.02 -39.24 4.19
N PHE D 401 -36.68 -39.26 4.25
CA PHE D 401 -35.84 -39.55 3.09
C PHE D 401 -34.70 -40.45 3.53
N ASP D 402 -33.96 -40.95 2.54
CA ASP D 402 -32.89 -41.91 2.79
C ASP D 402 -31.49 -41.38 2.49
N SER D 403 -31.36 -40.31 1.70
CA SER D 403 -30.05 -39.81 1.34
C SER D 403 -30.14 -38.32 1.06
N ASP D 404 -28.97 -37.67 1.04
CA ASP D 404 -28.93 -36.23 0.78
C ASP D 404 -29.44 -35.88 -0.60
N GLU D 405 -29.10 -36.69 -1.61
CA GLU D 405 -29.62 -36.45 -2.96
C GLU D 405 -31.14 -36.56 -3.00
N GLU D 406 -31.70 -37.55 -2.32
CA GLU D 406 -33.15 -37.69 -2.24
C GLU D 406 -33.78 -36.49 -1.54
N ALA D 407 -33.14 -36.02 -0.46
CA ALA D 407 -33.65 -34.85 0.24
C ALA D 407 -33.65 -33.62 -0.66
N VAL D 408 -32.57 -33.42 -1.43
CA VAL D 408 -32.50 -32.30 -2.34
C VAL D 408 -33.58 -32.41 -3.42
N ALA D 409 -33.78 -33.61 -3.95
CA ALA D 409 -34.81 -33.82 -4.97
C ALA D 409 -36.20 -33.52 -4.42
N ILE D 410 -36.46 -33.95 -3.19
CA ILE D 410 -37.76 -33.68 -2.58
C ILE D 410 -37.94 -32.19 -2.33
N ALA D 411 -36.90 -31.51 -1.83
CA ALA D 411 -37.00 -30.09 -1.52
C ALA D 411 -37.22 -29.27 -2.79
N ASN D 412 -36.50 -29.61 -3.86
CA ASN D 412 -36.67 -28.87 -5.11
C ASN D 412 -37.95 -29.21 -5.84
N ASP D 413 -38.67 -30.25 -5.39
CA ASP D 413 -39.90 -30.68 -6.04
C ASP D 413 -41.07 -29.85 -5.52
N SER D 414 -41.06 -28.58 -5.89
CA SER D 414 -42.12 -27.64 -5.51
C SER D 414 -42.13 -26.48 -6.48
N ILE D 415 -43.24 -25.73 -6.47
CA ILE D 415 -43.35 -24.56 -7.34
C ILE D 415 -42.86 -23.30 -6.65
N TYR D 416 -42.49 -23.39 -5.38
CA TYR D 416 -42.03 -22.23 -4.62
C TYR D 416 -40.52 -22.32 -4.36
N GLY D 417 -39.90 -21.15 -4.25
CA GLY D 417 -38.46 -21.06 -4.05
C GLY D 417 -38.06 -20.00 -3.05
N LEU D 418 -38.88 -19.75 -2.05
CA LEU D 418 -38.64 -18.63 -1.14
C LEU D 418 -37.42 -18.86 -0.24
N ALA D 419 -37.47 -19.89 0.60
CA ALA D 419 -36.41 -20.13 1.57
C ALA D 419 -36.26 -21.61 1.85
N GLY D 420 -35.30 -21.93 2.72
CA GLY D 420 -35.04 -23.30 3.12
C GLY D 420 -34.06 -23.33 4.28
N GLY D 421 -33.88 -24.52 4.83
CA GLY D 421 -32.98 -24.69 5.95
C GLY D 421 -32.38 -26.07 5.97
N VAL D 422 -31.15 -26.16 6.46
CA VAL D 422 -30.42 -27.42 6.59
C VAL D 422 -29.83 -27.49 7.99
N TYR D 423 -30.01 -28.62 8.66
CA TYR D 423 -29.41 -28.88 9.96
C TYR D 423 -28.48 -30.07 9.84
N SER D 424 -27.22 -29.88 10.22
CA SER D 424 -26.22 -30.93 10.11
C SER D 424 -25.06 -30.60 11.03
N GLY D 425 -24.31 -31.65 11.39
CA GLY D 425 -23.14 -31.49 12.22
C GLY D 425 -21.86 -31.14 11.47
N SER D 426 -21.91 -31.09 10.14
CA SER D 426 -20.76 -30.78 9.32
C SER D 426 -21.11 -29.61 8.41
N ASN D 427 -20.28 -28.57 8.42
CA ASN D 427 -20.52 -27.42 7.55
C ASN D 427 -20.38 -27.79 6.08
N ALA D 428 -19.41 -28.65 5.76
CA ALA D 428 -19.19 -29.02 4.37
C ALA D 428 -20.40 -29.75 3.79
N ARG D 429 -20.93 -30.73 4.54
CA ARG D 429 -22.10 -31.47 4.07
C ARG D 429 -23.32 -30.57 3.94
N ALA D 430 -23.53 -29.69 4.93
CA ALA D 430 -24.66 -28.78 4.88
C ALA D 430 -24.55 -27.83 3.70
N GLN D 431 -23.35 -27.34 3.41
CA GLN D 431 -23.18 -26.46 2.27
C GLN D 431 -23.33 -27.20 0.94
N ARG D 432 -22.90 -28.47 0.90
CA ARG D 432 -23.13 -29.27 -0.31
C ARG D 432 -24.62 -29.45 -0.57
N VAL D 433 -25.40 -29.68 0.49
CA VAL D 433 -26.84 -29.77 0.33
C VAL D 433 -27.43 -28.41 -0.07
N ALA D 434 -26.89 -27.34 0.51
CA ALA D 434 -27.48 -26.01 0.32
C ALA D 434 -27.23 -25.46 -1.07
N THR D 435 -26.06 -25.73 -1.66
CA THR D 435 -25.74 -25.17 -2.97
C THR D 435 -26.64 -25.73 -4.07
N GLN D 436 -27.34 -26.82 -3.82
CA GLN D 436 -28.24 -27.40 -4.80
C GLN D 436 -29.70 -26.97 -4.62
N LEU D 437 -30.06 -26.45 -3.45
CA LEU D 437 -31.43 -26.00 -3.22
C LEU D 437 -31.73 -24.79 -4.09
N ARG D 438 -32.89 -24.82 -4.74
CA ARG D 438 -33.31 -23.72 -5.60
C ARG D 438 -34.24 -22.77 -4.83
N THR D 439 -33.66 -22.14 -3.81
CA THR D 439 -34.37 -21.21 -2.96
C THR D 439 -33.55 -19.92 -2.82
N GLY D 440 -34.26 -18.82 -2.54
CA GLY D 440 -33.60 -17.53 -2.45
C GLY D 440 -32.78 -17.33 -1.19
N THR D 441 -33.02 -18.15 -0.16
CA THR D 441 -32.30 -18.04 1.11
C THR D 441 -32.19 -19.41 1.75
N VAL D 442 -30.99 -19.75 2.22
CA VAL D 442 -30.73 -21.00 2.90
C VAL D 442 -30.11 -20.70 4.25
N TRP D 443 -30.68 -21.26 5.31
CA TRP D 443 -30.13 -21.14 6.65
C TRP D 443 -29.53 -22.48 7.06
N ILE D 444 -28.30 -22.45 7.56
CA ILE D 444 -27.61 -23.65 8.05
C ILE D 444 -27.56 -23.56 9.56
N ASN D 445 -28.17 -24.54 10.23
CA ASN D 445 -28.23 -24.60 11.70
C ASN D 445 -28.88 -23.36 12.29
N ASN D 446 -29.87 -22.79 11.58
CA ASN D 446 -30.59 -21.63 12.06
C ASN D 446 -31.87 -21.50 11.24
N TYR D 447 -32.69 -20.52 11.63
CA TYR D 447 -33.89 -20.22 10.86
C TYR D 447 -34.36 -18.81 11.23
N HIS D 448 -35.04 -18.16 10.28
CA HIS D 448 -35.55 -16.80 10.44
C HIS D 448 -34.45 -15.81 10.81
N ALA D 449 -33.23 -16.02 10.30
CA ALA D 449 -32.11 -15.13 10.59
C ALA D 449 -32.20 -13.91 9.67
N PHE D 450 -33.01 -12.95 10.09
CA PHE D 450 -33.20 -11.73 9.32
C PHE D 450 -31.95 -10.86 9.38
N GLY D 451 -31.74 -10.08 8.31
CA GLY D 451 -30.61 -9.18 8.25
C GLY D 451 -30.87 -7.92 7.44
N ASP D 452 -30.21 -6.83 7.80
CA ASP D 452 -30.41 -5.57 7.07
C ASP D 452 -29.68 -5.57 5.75
N PHE D 453 -28.50 -6.18 5.68
CA PHE D 453 -27.71 -6.23 4.46
C PHE D 453 -27.73 -7.61 3.81
N CYS D 454 -28.66 -8.48 4.22
CA CYS D 454 -28.78 -9.81 3.64
C CYS D 454 -29.98 -9.83 2.70
N PRO D 455 -29.78 -9.89 1.38
CA PRO D 455 -30.92 -9.88 0.47
C PRO D 455 -31.77 -11.13 0.61
N PHE D 456 -33.06 -10.98 0.36
CA PHE D 456 -33.99 -12.09 0.41
C PHE D 456 -35.03 -11.93 -0.70
N GLY D 457 -35.53 -13.06 -1.17
CA GLY D 457 -36.45 -13.09 -2.29
C GLY D 457 -36.78 -14.52 -2.65
N GLY D 458 -37.56 -14.66 -3.72
CA GLY D 458 -38.04 -15.96 -4.12
C GLY D 458 -37.57 -16.42 -5.49
N TYR D 459 -37.42 -17.72 -5.61
CA TYR D 459 -37.22 -18.39 -6.90
C TYR D 459 -38.56 -18.80 -7.47
N LYS D 460 -38.55 -19.23 -8.73
CA LYS D 460 -39.72 -19.83 -9.38
C LYS D 460 -40.96 -18.96 -9.22
N GLN D 461 -42.05 -19.56 -8.73
CA GLN D 461 -43.30 -18.84 -8.54
C GLN D 461 -43.42 -18.20 -7.16
N SER D 462 -42.31 -18.00 -6.47
CA SER D 462 -42.30 -17.21 -5.24
C SER D 462 -42.04 -15.73 -5.50
N GLY D 463 -41.93 -15.33 -6.76
CA GLY D 463 -41.70 -13.96 -7.14
C GLY D 463 -40.33 -13.74 -7.73
N PHE D 464 -39.98 -12.47 -7.88
CA PHE D 464 -38.67 -12.09 -8.39
C PHE D 464 -38.30 -10.74 -7.79
N GLY D 465 -37.00 -10.43 -7.85
CA GLY D 465 -36.47 -9.25 -7.20
C GLY D 465 -36.06 -9.55 -5.77
N ARG D 466 -35.28 -8.62 -5.21
CA ARG D 466 -34.71 -8.79 -3.89
C ARG D 466 -34.97 -7.55 -3.05
N GLU D 467 -34.89 -7.74 -1.73
CA GLU D 467 -34.97 -6.66 -0.77
C GLU D 467 -33.76 -6.70 0.15
N MET D 468 -33.43 -5.54 0.70
CA MET D 468 -32.32 -5.34 1.64
C MET D 468 -30.96 -5.46 0.97
N GLY D 469 -29.98 -4.73 1.50
CA GLY D 469 -28.67 -4.70 0.92
C GLY D 469 -28.63 -3.84 -0.32
N ALA D 470 -27.45 -3.85 -0.97
CA ALA D 470 -27.31 -3.16 -2.24
C ALA D 470 -28.23 -3.75 -3.30
N SER D 471 -28.46 -5.07 -3.23
CA SER D 471 -29.40 -5.71 -4.16
C SER D 471 -30.81 -5.15 -3.98
N GLY D 472 -31.24 -4.97 -2.73
CA GLY D 472 -32.55 -4.38 -2.50
C GLY D 472 -32.61 -2.93 -2.91
N LEU D 473 -31.55 -2.17 -2.63
CA LEU D 473 -31.55 -0.75 -2.96
C LEU D 473 -31.50 -0.53 -4.47
N SER D 474 -30.92 -1.46 -5.22
CA SER D 474 -30.80 -1.29 -6.66
C SER D 474 -32.14 -1.42 -7.38
N GLU D 475 -33.15 -2.00 -6.73
CA GLU D 475 -34.45 -2.13 -7.36
C GLU D 475 -35.17 -0.80 -7.52
N PHE D 476 -34.77 0.23 -6.77
CA PHE D 476 -35.46 1.50 -6.75
C PHE D 476 -34.67 2.62 -7.41
N VAL D 477 -33.75 2.29 -8.31
CA VAL D 477 -32.98 3.29 -9.05
C VAL D 477 -32.93 2.88 -10.51
N GLN D 478 -32.86 3.89 -11.38
CA GLN D 478 -32.63 3.69 -12.79
C GLN D 478 -31.14 3.72 -13.07
N VAL D 479 -30.76 3.24 -14.26
CA VAL D 479 -29.37 3.25 -14.70
C VAL D 479 -29.28 4.07 -15.97
N LYS D 480 -28.44 5.12 -15.95
CA LYS D 480 -28.25 5.99 -17.09
C LYS D 480 -26.78 5.98 -17.48
N ARG D 481 -26.52 5.75 -18.76
CA ARG D 481 -25.16 5.78 -19.31
C ARG D 481 -24.95 7.11 -20.02
N VAL D 482 -23.91 7.84 -19.62
CA VAL D 482 -23.60 9.14 -20.19
C VAL D 482 -22.24 9.04 -20.88
N HIS D 483 -22.20 9.42 -22.15
CA HIS D 483 -20.98 9.41 -22.93
C HIS D 483 -20.63 10.83 -23.32
N VAL D 484 -19.41 11.25 -22.99
CA VAL D 484 -18.90 12.58 -23.35
C VAL D 484 -17.84 12.36 -24.41
N SER D 485 -18.12 12.82 -25.63
CA SER D 485 -17.20 12.59 -26.74
C SER D 485 -15.92 13.37 -26.56
N ALA D 486 -14.80 12.75 -26.94
CA ALA D 486 -13.50 13.40 -26.80
C ALA D 486 -13.28 14.48 -27.85
N TYR D 487 -13.99 14.41 -28.98
CA TYR D 487 -13.83 15.37 -30.06
C TYR D 487 -15.18 15.95 -30.43
N ALA D 488 -15.18 17.20 -30.89
CA ALA D 488 -16.41 17.88 -31.26
C ALA D 488 -16.31 18.45 -32.66
N SER D 489 -15.82 17.65 -33.61
CA SER D 489 -15.61 18.13 -34.96
C SER D 489 -16.15 17.12 -35.95
N VAL D 490 -16.36 17.58 -37.19
CA VAL D 490 -16.86 16.71 -38.25
C VAL D 490 -15.73 15.80 -38.72
N GLY D 491 -16.05 14.52 -38.91
CA GLY D 491 -15.07 13.54 -39.34
C GLY D 491 -14.25 12.93 -38.21
N ALA D 492 -14.60 13.21 -36.96
CA ALA D 492 -13.81 12.73 -35.83
C ALA D 492 -14.07 11.27 -35.50
N SER D 493 -15.18 10.70 -35.97
CA SER D 493 -15.56 9.33 -35.62
C SER D 493 -15.58 8.47 -36.86
N PRO D 494 -14.89 7.33 -36.87
CA PRO D 494 -14.94 6.45 -38.05
C PRO D 494 -16.32 5.90 -38.33
N ALA D 495 -17.18 5.78 -37.31
CA ALA D 495 -18.51 5.22 -37.51
C ALA D 495 -19.35 6.10 -38.42
N MET D 496 -19.26 7.42 -38.27
CA MET D 496 -20.05 8.33 -39.09
C MET D 496 -19.55 8.42 -40.52
N ALA D 497 -18.39 7.84 -40.82
CA ALA D 497 -17.85 7.86 -42.18
C ALA D 497 -18.64 6.98 -43.14
N ILE D 498 -19.56 6.16 -42.63
CA ILE D 498 -20.37 5.32 -43.51
C ILE D 498 -21.25 6.16 -44.42
N LEU D 499 -21.79 7.26 -43.90
CA LEU D 499 -22.72 8.11 -44.65
C LEU D 499 -22.02 9.27 -45.35
N SER D 500 -20.76 9.10 -45.74
CA SER D 500 -20.03 10.14 -46.44
C SER D 500 -19.03 9.51 -47.38
N ASP D 501 -18.66 10.25 -48.43
CA ASP D 501 -17.67 9.78 -49.39
C ASP D 501 -16.24 9.95 -48.90
N ASP D 502 -16.01 10.83 -47.92
CA ASP D 502 -14.67 11.01 -47.36
C ASP D 502 -14.46 10.02 -46.22
N LYS D 503 -13.35 9.29 -46.29
CA LYS D 503 -13.06 8.23 -45.32
C LYS D 503 -11.89 8.55 -44.41
N LYS D 504 -11.29 9.74 -44.53
CA LYS D 504 -10.15 10.09 -43.71
C LYS D 504 -10.58 10.28 -42.26
N THR D 505 -9.80 9.71 -41.34
CA THR D 505 -10.04 9.84 -39.90
C THR D 505 -8.74 10.28 -39.24
N PRO D 506 -8.44 11.57 -39.26
CA PRO D 506 -7.13 12.03 -38.79
C PRO D 506 -7.03 12.23 -37.28
N PHE D 507 -8.06 11.90 -36.50
CA PHE D 507 -8.06 12.20 -35.07
C PHE D 507 -7.52 10.99 -34.30
N VAL D 508 -6.24 11.06 -33.95
CA VAL D 508 -5.58 10.04 -33.16
C VAL D 508 -4.70 10.74 -32.12
N GLN D 509 -4.33 9.99 -31.08
CA GLN D 509 -3.45 10.51 -30.04
C GLN D 509 -2.10 9.82 -30.13
N TYR D 510 -1.03 10.61 -30.07
CA TYR D 510 0.32 10.13 -30.31
C TYR D 510 1.06 9.98 -28.99
N ASN D 511 1.84 8.90 -28.88
CA ASN D 511 2.65 8.66 -27.69
C ASN D 511 3.82 7.76 -28.08
N ALA D 512 4.95 7.96 -27.40
CA ALA D 512 6.16 7.18 -27.66
C ALA D 512 7.00 7.11 -26.39
N PRO D 513 6.56 6.32 -25.41
CA PRO D 513 7.24 6.31 -24.11
C PRO D 513 8.47 5.42 -24.03
N THR D 514 8.82 4.71 -25.09
CA THR D 514 9.94 3.79 -25.04
C THR D 514 11.25 4.55 -24.88
N ASN D 515 12.11 4.07 -23.98
CA ASN D 515 13.42 4.67 -23.78
C ASN D 515 14.41 4.06 -24.77
N ILE D 516 14.91 4.87 -25.69
CA ILE D 516 15.80 4.38 -26.73
C ILE D 516 17.24 4.52 -26.27
N ILE D 517 17.99 3.42 -26.31
CA ILE D 517 19.41 3.40 -26.04
C ILE D 517 20.12 2.90 -27.28
N SER D 518 21.12 3.66 -27.74
CA SER D 518 21.79 3.33 -28.98
C SER D 518 23.22 3.84 -28.94
N GLY D 519 24.05 3.30 -29.81
CA GLY D 519 25.44 3.69 -29.93
C GLY D 519 26.38 2.50 -29.78
N HIS D 520 27.66 2.79 -30.02
CA HIS D 520 28.69 1.78 -29.86
C HIS D 520 28.86 1.41 -28.39
N GLY D 521 28.85 0.12 -28.10
CA GLY D 521 29.05 -0.34 -26.73
C GLY D 521 28.01 0.15 -25.75
N SER D 522 26.75 0.23 -26.19
CA SER D 522 25.67 0.67 -25.31
C SER D 522 24.98 -0.48 -24.59
N LEU D 523 25.40 -1.72 -24.84
CA LEU D 523 24.82 -2.86 -24.14
C LEU D 523 24.97 -2.81 -22.62
N PRO D 524 26.10 -2.38 -22.04
CA PRO D 524 26.21 -2.35 -20.57
C PRO D 524 25.17 -1.46 -19.89
N ALA D 525 24.47 -0.62 -20.65
CA ALA D 525 23.45 0.24 -20.07
C ALA D 525 22.25 -0.54 -19.56
N ILE D 526 22.11 -1.81 -19.97
CA ILE D 526 21.00 -2.64 -19.48
C ILE D 526 21.13 -2.86 -17.98
N TYR D 527 22.36 -2.87 -17.46
CA TYR D 527 22.56 -3.06 -16.03
C TYR D 527 21.93 -1.94 -15.22
N LYS D 528 22.06 -0.70 -15.67
CA LYS D 528 21.41 0.43 -15.02
C LYS D 528 19.92 0.52 -15.36
N GLU D 529 19.54 0.11 -16.58
CA GLU D 529 18.13 0.11 -16.94
C GLU D 529 17.33 -0.84 -16.06
N MET D 530 17.94 -1.96 -15.68
CA MET D 530 17.27 -2.88 -14.75
C MET D 530 17.01 -2.21 -13.41
N VAL D 531 17.97 -1.41 -12.93
CA VAL D 531 17.78 -0.71 -11.67
C VAL D 531 16.71 0.37 -11.79
N LYS D 532 16.66 1.05 -12.93
CA LYS D 532 15.63 2.08 -13.12
C LYS D 532 14.23 1.49 -13.08
N LEU D 533 14.04 0.34 -13.73
CA LEU D 533 12.73 -0.30 -13.77
C LEU D 533 12.37 -1.00 -12.47
N GLY D 534 13.30 -1.09 -11.52
CA GLY D 534 13.02 -1.77 -10.27
C GLY D 534 12.95 -3.27 -10.38
N CYS D 535 13.78 -3.88 -11.23
CA CYS D 535 13.78 -5.32 -11.43
C CYS D 535 15.15 -5.90 -11.12
N LYS D 536 15.16 -7.15 -10.66
CA LYS D 536 16.40 -7.84 -10.33
C LYS D 536 16.48 -9.24 -10.90
N ARG D 537 15.42 -9.78 -11.52
CA ARG D 537 15.40 -11.17 -11.99
C ARG D 537 14.89 -11.19 -13.43
N ALA D 538 15.82 -11.08 -14.38
CA ALA D 538 15.45 -11.07 -15.79
C ALA D 538 15.66 -12.44 -16.41
N VAL D 539 14.75 -12.82 -17.31
CA VAL D 539 14.85 -14.04 -18.09
C VAL D 539 14.95 -13.66 -19.55
N ILE D 540 15.98 -14.17 -20.22
CA ILE D 540 16.23 -13.83 -21.62
C ILE D 540 15.38 -14.74 -22.51
N MET D 541 14.60 -14.13 -23.40
CA MET D 541 13.79 -14.85 -24.37
C MET D 541 14.43 -14.72 -25.74
N THR D 542 14.68 -15.85 -26.39
CA THR D 542 15.37 -15.87 -27.68
C THR D 542 14.98 -17.15 -28.41
N ASP D 543 15.68 -17.44 -29.50
CA ASP D 543 15.43 -18.64 -30.29
C ASP D 543 16.76 -19.33 -30.59
N GLU D 544 16.66 -20.49 -31.23
CA GLU D 544 17.85 -21.32 -31.47
C GLU D 544 18.84 -20.61 -32.39
N GLY D 545 18.35 -19.99 -33.46
CA GLY D 545 19.22 -19.33 -34.42
C GLY D 545 20.02 -18.19 -33.84
N VAL D 546 19.35 -17.34 -33.04
CA VAL D 546 20.06 -16.24 -32.39
C VAL D 546 20.96 -16.77 -31.28
N ASN D 547 20.51 -17.79 -30.55
CA ASN D 547 21.32 -18.35 -29.48
C ASN D 547 22.60 -18.97 -30.01
N ALA D 548 22.58 -19.47 -31.25
CA ALA D 548 23.79 -20.04 -31.84
C ALA D 548 24.84 -18.99 -32.15
N THR D 549 24.44 -17.73 -32.34
CA THR D 549 25.39 -16.68 -32.69
C THR D 549 26.12 -16.12 -31.48
N GLY D 550 25.64 -16.38 -30.27
CA GLY D 550 26.30 -15.94 -29.06
C GLY D 550 25.88 -14.58 -28.54
N LEU D 551 24.95 -13.90 -29.21
CA LEU D 551 24.45 -12.63 -28.70
C LEU D 551 23.74 -12.76 -27.34
N PRO D 552 22.87 -13.74 -27.12
CA PRO D 552 22.28 -13.89 -25.78
C PRO D 552 23.33 -14.10 -24.69
N THR D 553 24.47 -14.71 -25.02
CA THR D 553 25.55 -14.81 -24.05
C THR D 553 26.09 -13.43 -23.69
N LEU D 554 26.24 -12.55 -24.69
CA LEU D 554 26.65 -11.18 -24.40
C LEU D 554 25.63 -10.47 -23.53
N VAL D 555 24.33 -10.66 -23.80
CA VAL D 555 23.30 -10.04 -22.97
C VAL D 555 23.36 -10.57 -21.55
N ARG D 556 23.58 -11.88 -21.39
CA ARG D 556 23.68 -12.48 -20.07
C ARG D 556 24.87 -11.93 -19.30
N GLU D 557 26.03 -11.80 -19.96
CA GLU D 557 27.19 -11.22 -19.30
C GLU D 557 26.97 -9.76 -18.94
N ALA D 558 26.26 -8.99 -19.77
CA ALA D 558 25.93 -7.63 -19.41
C ALA D 558 25.01 -7.57 -18.20
N LEU D 559 24.02 -8.46 -18.13
CA LEU D 559 23.11 -8.47 -17.00
C LEU D 559 23.79 -8.94 -15.72
N ASP D 560 24.79 -9.83 -15.85
CA ASP D 560 25.57 -10.33 -14.72
C ASP D 560 24.62 -11.03 -13.74
N ASP D 561 24.34 -10.41 -12.60
CA ASP D 561 23.55 -11.06 -11.56
C ASP D 561 22.06 -10.78 -11.69
N PHE D 562 21.65 -9.95 -12.64
CA PHE D 562 20.22 -9.69 -12.86
C PHE D 562 19.58 -10.68 -13.82
N CYS D 563 20.34 -11.64 -14.34
CA CYS D 563 19.81 -12.66 -15.23
C CYS D 563 19.70 -13.97 -14.47
N VAL D 564 18.51 -14.57 -14.50
CA VAL D 564 18.22 -15.80 -13.76
C VAL D 564 17.85 -16.96 -14.66
N GLY D 565 17.77 -16.76 -15.97
CA GLY D 565 17.45 -17.84 -16.87
C GLY D 565 17.40 -17.43 -18.33
N VAL D 566 17.53 -18.40 -19.23
CA VAL D 566 17.46 -18.17 -20.66
C VAL D 566 16.51 -19.19 -21.27
N TYR D 567 15.55 -18.70 -22.06
CA TYR D 567 14.60 -19.54 -22.77
C TYR D 567 14.83 -19.36 -24.27
N ASP D 568 15.27 -20.43 -24.93
CA ASP D 568 15.64 -20.37 -26.34
C ASP D 568 14.74 -21.19 -27.26
N ARG D 569 13.60 -21.66 -26.77
CA ARG D 569 12.72 -22.53 -27.53
C ARG D 569 11.66 -21.82 -28.37
N ILE D 570 11.72 -20.49 -28.47
CA ILE D 570 10.76 -19.74 -29.27
C ILE D 570 10.92 -20.11 -30.74
N GLU D 571 9.83 -20.49 -31.39
CA GLU D 571 9.89 -20.87 -32.79
C GLU D 571 9.45 -19.73 -33.71
N GLN D 572 9.94 -19.77 -34.94
CA GLN D 572 9.46 -18.83 -35.95
C GLN D 572 7.98 -19.12 -36.18
N ASP D 573 7.19 -18.04 -36.34
CA ASP D 573 5.74 -18.13 -36.41
C ASP D 573 5.19 -18.80 -35.14
N SER D 574 5.41 -18.13 -34.01
CA SER D 574 5.03 -18.66 -32.71
C SER D 574 3.51 -18.71 -32.58
N SER D 575 3.05 -19.53 -31.64
CA SER D 575 1.63 -19.75 -31.43
C SER D 575 1.30 -19.54 -29.96
N LEU D 576 0.06 -19.86 -29.59
CA LEU D 576 -0.39 -19.67 -28.22
C LEU D 576 0.34 -20.62 -27.27
N ASP D 577 0.57 -21.86 -27.70
CA ASP D 577 1.27 -22.83 -26.86
C ASP D 577 2.72 -22.44 -26.62
N THR D 578 3.39 -21.85 -27.61
CA THR D 578 4.74 -21.34 -27.39
C THR D 578 4.75 -20.26 -26.32
N VAL D 579 3.78 -19.34 -26.37
CA VAL D 579 3.68 -18.29 -25.36
C VAL D 579 3.43 -18.90 -23.99
N ASP D 580 2.55 -19.90 -23.92
CA ASP D 580 2.24 -20.53 -22.64
C ASP D 580 3.47 -21.22 -22.05
N ALA D 581 4.22 -21.95 -22.89
CA ALA D 581 5.43 -22.62 -22.42
C ALA D 581 6.48 -21.62 -21.96
N ALA D 582 6.68 -20.54 -22.73
CA ALA D 582 7.65 -19.53 -22.34
C ALA D 582 7.24 -18.85 -21.03
N ALA D 583 5.95 -18.57 -20.87
CA ALA D 583 5.48 -17.96 -19.63
C ALA D 583 5.67 -18.90 -18.44
N ALA D 584 5.41 -20.20 -18.64
CA ALA D 584 5.62 -21.16 -17.56
C ALA D 584 7.09 -21.23 -17.17
N TYR D 585 7.98 -21.25 -18.16
CA TYR D 585 9.42 -21.29 -17.87
C TYR D 585 9.86 -20.02 -17.15
N ALA D 586 9.34 -18.86 -17.56
CA ALA D 586 9.68 -17.62 -16.89
C ALA D 586 9.15 -17.59 -15.46
N ARG D 587 7.96 -18.13 -15.24
CA ARG D 587 7.37 -18.13 -13.90
C ARG D 587 8.12 -19.06 -12.96
N GLU D 588 8.54 -20.23 -13.45
CA GLU D 588 9.25 -21.15 -12.58
C GLU D 588 10.62 -20.60 -12.17
N CYS D 589 11.16 -19.66 -12.94
CA CYS D 589 12.42 -19.01 -12.58
C CYS D 589 12.23 -17.79 -11.71
N GLY D 590 10.99 -17.43 -11.38
CA GLY D 590 10.74 -16.26 -10.54
C GLY D 590 11.10 -14.94 -11.19
N ALA D 591 10.85 -14.81 -12.49
CA ALA D 591 11.22 -13.59 -13.20
C ALA D 591 10.27 -12.45 -12.86
N ASP D 592 10.82 -11.23 -12.86
CA ASP D 592 10.03 -10.02 -12.76
C ASP D 592 10.25 -9.09 -13.95
N ALA D 593 11.10 -9.46 -14.89
CA ALA D 593 11.32 -8.69 -16.11
C ALA D 593 11.68 -9.66 -17.23
N ILE D 594 11.42 -9.25 -18.47
CA ILE D 594 11.66 -10.06 -19.65
C ILE D 594 12.57 -9.29 -20.59
N VAL D 595 13.64 -9.94 -21.04
CA VAL D 595 14.57 -9.38 -22.01
C VAL D 595 14.49 -10.24 -23.27
N SER D 596 14.17 -9.62 -24.39
CA SER D 596 14.01 -10.33 -25.65
C SER D 596 15.17 -9.99 -26.58
N VAL D 597 15.80 -11.03 -27.13
CA VAL D 597 16.93 -10.88 -28.05
C VAL D 597 16.58 -11.68 -29.30
N GLY D 598 16.13 -11.00 -30.34
CA GLY D 598 15.79 -11.69 -31.57
C GLY D 598 14.98 -10.80 -32.50
N GLY D 599 14.31 -11.44 -33.45
CA GLY D 599 13.54 -10.73 -34.45
C GLY D 599 12.17 -10.33 -33.93
N GLY D 600 11.28 -10.05 -34.88
CA GLY D 600 9.94 -9.61 -34.53
C GLY D 600 9.12 -10.67 -33.83
N SER D 601 9.29 -11.92 -34.24
CA SER D 601 8.54 -13.01 -33.60
C SER D 601 8.92 -13.13 -32.12
N VAL D 602 10.21 -13.06 -31.81
CA VAL D 602 10.65 -13.15 -30.43
C VAL D 602 10.10 -12.00 -29.60
N ILE D 603 10.13 -10.78 -30.16
CA ILE D 603 9.67 -9.61 -29.41
C ILE D 603 8.16 -9.69 -29.16
N ASP D 604 7.40 -10.10 -30.17
CA ASP D 604 5.96 -10.24 -29.98
C ASP D 604 5.61 -11.34 -28.99
N THR D 605 6.30 -12.48 -29.07
CA THR D 605 6.10 -13.54 -28.09
C THR D 605 6.45 -13.06 -26.70
N SER D 606 7.49 -12.23 -26.57
CA SER D 606 7.85 -11.70 -25.26
C SER D 606 6.81 -10.72 -24.74
N LYS D 607 6.20 -9.93 -25.62
CA LYS D 607 5.09 -9.07 -25.19
C LYS D 607 3.95 -9.91 -24.65
N ALA D 608 3.58 -10.96 -25.37
CA ALA D 608 2.52 -11.85 -24.90
C ALA D 608 2.89 -12.51 -23.59
N VAL D 609 4.15 -12.92 -23.44
CA VAL D 609 4.62 -13.54 -22.21
C VAL D 609 4.54 -12.57 -21.05
N CYS D 610 4.90 -11.30 -21.28
CA CYS D 610 4.76 -10.29 -20.23
C CYS D 610 3.31 -10.12 -19.82
N VAL D 611 2.39 -10.08 -20.79
CA VAL D 611 0.98 -9.95 -20.45
C VAL D 611 0.51 -11.14 -19.63
N VAL D 612 0.89 -12.35 -20.03
CA VAL D 612 0.47 -13.55 -19.30
C VAL D 612 1.06 -13.58 -17.90
N LEU D 613 2.33 -13.21 -17.77
CA LEU D 613 2.97 -13.19 -16.46
C LEU D 613 2.30 -12.18 -15.54
N LYS D 614 1.94 -11.01 -16.05
CA LYS D 614 1.31 -10.01 -15.21
C LYS D 614 -0.10 -10.43 -14.80
N ASN D 615 -0.91 -10.90 -15.76
CA ASN D 615 -2.31 -11.16 -15.47
C ASN D 615 -2.62 -12.62 -15.17
N GLY D 616 -1.70 -13.54 -15.42
CA GLY D 616 -1.99 -14.94 -15.22
C GLY D 616 -2.87 -15.50 -16.32
N GLY D 617 -3.36 -16.72 -16.08
CA GLY D 617 -4.21 -17.34 -17.08
C GLY D 617 -3.42 -17.82 -18.28
N LYS D 618 -4.14 -17.97 -19.40
CA LYS D 618 -3.56 -18.42 -20.65
C LYS D 618 -3.45 -17.26 -21.63
N CYS D 619 -2.70 -17.50 -22.70
CA CYS D 619 -2.48 -16.46 -23.72
C CYS D 619 -3.77 -16.14 -24.47
N ASN D 620 -4.60 -17.16 -24.72
CA ASN D 620 -5.83 -16.95 -25.47
C ASN D 620 -6.83 -16.06 -24.73
N ASP D 621 -6.69 -15.95 -23.41
CA ASP D 621 -7.61 -15.12 -22.64
C ASP D 621 -7.41 -13.63 -22.91
N HIS D 622 -6.17 -13.21 -23.19
CA HIS D 622 -5.82 -11.81 -23.25
C HIS D 622 -5.80 -11.25 -24.67
N MET D 623 -6.24 -12.01 -25.66
CA MET D 623 -6.25 -11.55 -27.05
C MET D 623 -7.42 -10.58 -27.24
N ALA D 624 -7.16 -9.31 -26.93
CA ALA D 624 -8.18 -8.27 -27.04
C ALA D 624 -7.53 -6.99 -27.52
N MET D 625 -8.34 -5.93 -27.61
CA MET D 625 -7.89 -4.62 -28.07
C MET D 625 -8.13 -3.60 -26.98
N LEU D 626 -7.06 -2.96 -26.52
CA LEU D 626 -7.11 -1.87 -25.54
C LEU D 626 -7.83 -2.25 -24.26
N ARG D 627 -7.61 -3.46 -23.74
CA ARG D 627 -8.35 -3.89 -22.56
C ARG D 627 -7.59 -3.64 -21.26
N LEU D 628 -6.29 -3.87 -21.24
CA LEU D 628 -5.54 -3.72 -20.00
C LEU D 628 -5.47 -2.25 -19.58
N GLN D 629 -5.46 -2.03 -18.27
CA GLN D 629 -5.55 -0.68 -17.71
C GLN D 629 -4.29 -0.25 -16.96
N GLU D 630 -3.34 -1.15 -16.75
CA GLU D 630 -2.16 -0.84 -15.94
C GLU D 630 -0.94 -1.42 -16.64
N PRO D 631 0.26 -0.90 -16.33
CA PRO D 631 1.47 -1.42 -16.96
C PRO D 631 1.68 -2.89 -16.64
N GLN D 632 2.21 -3.62 -17.62
CA GLN D 632 2.46 -5.05 -17.50
C GLN D 632 3.87 -5.28 -16.97
N THR D 633 4.35 -6.52 -17.07
CA THR D 633 5.69 -6.85 -16.65
C THR D 633 6.70 -6.05 -17.47
N PRO D 634 7.75 -5.50 -16.85
CA PRO D 634 8.73 -4.72 -17.60
C PRO D 634 9.39 -5.55 -18.70
N HIS D 635 9.66 -4.89 -19.83
CA HIS D 635 10.15 -5.56 -21.03
C HIS D 635 11.27 -4.73 -21.63
N ILE D 636 12.38 -5.38 -21.96
CA ILE D 636 13.49 -4.77 -22.68
C ILE D 636 13.70 -5.56 -23.97
N ALA D 637 13.67 -4.88 -25.10
CA ALA D 637 13.77 -5.51 -26.40
C ALA D 637 15.11 -5.19 -27.03
N ILE D 638 15.81 -6.23 -27.51
CA ILE D 638 17.10 -6.06 -28.17
C ILE D 638 16.99 -6.67 -29.57
N PRO D 639 16.61 -5.88 -30.58
CA PRO D 639 16.43 -6.45 -31.92
C PRO D 639 17.75 -6.91 -32.51
N THR D 640 17.67 -7.96 -33.33
CA THR D 640 18.82 -8.46 -34.09
C THR D 640 18.60 -8.39 -35.58
N THR D 641 17.52 -7.76 -36.03
CA THR D 641 17.22 -7.57 -37.44
C THR D 641 17.16 -6.08 -37.73
N SER D 642 17.51 -5.69 -38.95
CA SER D 642 17.65 -4.27 -39.26
C SER D 642 16.29 -3.62 -39.51
N GLY D 643 15.22 -4.40 -39.44
CA GLY D 643 13.92 -3.79 -39.23
C GLY D 643 12.74 -4.74 -39.10
N THR D 644 12.00 -4.58 -38.02
CA THR D 644 10.63 -5.08 -37.90
C THR D 644 9.77 -4.04 -37.20
N GLY D 645 10.42 -3.15 -36.45
CA GLY D 645 9.74 -2.11 -35.70
C GLY D 645 9.08 -2.56 -34.42
N SER D 646 9.13 -3.86 -34.09
CA SER D 646 8.33 -4.40 -32.99
C SER D 646 8.82 -3.91 -31.63
N GLU D 647 10.02 -3.34 -31.54
CA GLU D 647 10.53 -2.91 -30.25
C GLU D 647 9.85 -1.65 -29.72
N VAL D 648 9.04 -0.97 -30.54
CA VAL D 648 8.36 0.25 -30.13
C VAL D 648 6.88 0.24 -30.45
N THR D 649 6.34 -0.85 -30.98
CA THR D 649 4.93 -0.90 -31.35
C THR D 649 4.10 -1.52 -30.23
N ASN D 650 2.80 -1.26 -30.29
CA ASN D 650 1.86 -1.70 -29.27
C ASN D 650 1.04 -2.92 -29.70
N VAL D 651 1.46 -3.63 -30.74
CA VAL D 651 0.70 -4.76 -31.26
C VAL D 651 1.60 -5.99 -31.30
N ALA D 652 1.01 -7.14 -30.97
CA ALA D 652 1.68 -8.43 -31.04
C ALA D 652 0.78 -9.41 -31.78
N VAL D 653 1.36 -10.11 -32.76
CA VAL D 653 0.62 -11.02 -33.62
C VAL D 653 1.02 -12.44 -33.25
N ILE D 654 0.03 -13.27 -32.93
CA ILE D 654 0.25 -14.65 -32.50
C ILE D 654 -0.64 -15.54 -33.36
N LYS D 655 -0.09 -16.66 -33.81
CA LYS D 655 -0.85 -17.61 -34.61
C LYS D 655 -1.71 -18.48 -33.70
N ASN D 656 -2.93 -18.77 -34.14
CA ASN D 656 -3.83 -19.67 -33.41
C ASN D 656 -3.94 -20.95 -34.24
N LYS D 657 -3.17 -21.96 -33.84
CA LYS D 657 -3.10 -23.20 -34.62
C LYS D 657 -4.42 -23.95 -34.66
N ALA D 658 -5.25 -23.83 -33.61
CA ALA D 658 -6.56 -24.47 -33.62
C ALA D 658 -7.55 -23.77 -34.55
N VAL D 659 -7.20 -22.60 -35.08
CA VAL D 659 -8.08 -21.84 -35.95
C VAL D 659 -7.37 -21.59 -37.27
N GLY D 660 -6.05 -21.64 -37.25
CA GLY D 660 -5.27 -21.32 -38.43
C GLY D 660 -5.35 -19.87 -38.84
N ARG D 661 -5.37 -18.95 -37.87
CA ARG D 661 -5.49 -17.53 -38.14
C ARG D 661 -4.65 -16.76 -37.14
N LYS D 662 -3.96 -15.73 -37.61
CA LYS D 662 -3.13 -14.90 -36.75
C LYS D 662 -4.03 -13.96 -35.94
N VAL D 663 -3.97 -14.09 -34.62
CA VAL D 663 -4.78 -13.25 -33.75
C VAL D 663 -3.93 -12.08 -33.24
N TYR D 664 -4.60 -11.08 -32.69
CA TYR D 664 -3.95 -9.83 -32.31
C TYR D 664 -4.18 -9.53 -30.83
N ILE D 665 -3.21 -8.86 -30.22
CA ILE D 665 -3.38 -8.15 -28.97
C ILE D 665 -2.82 -6.74 -29.15
N LEU D 666 -3.66 -5.74 -28.90
CA LEU D 666 -3.32 -4.36 -29.21
C LEU D 666 -3.55 -3.51 -27.97
N ASP D 667 -2.48 -2.93 -27.42
CA ASP D 667 -2.59 -2.18 -26.18
C ASP D 667 -1.38 -1.28 -26.01
N PRO D 668 -1.56 -0.02 -25.62
CA PRO D 668 -0.39 0.82 -25.31
C PRO D 668 0.43 0.33 -24.13
N HIS D 669 -0.13 -0.52 -23.27
CA HIS D 669 0.59 -0.99 -22.08
C HIS D 669 1.49 -2.18 -22.37
N ILE D 670 1.46 -2.74 -23.58
CA ILE D 670 2.37 -3.81 -23.95
C ILE D 670 3.58 -3.31 -24.72
N VAL D 671 3.71 -1.99 -24.89
CA VAL D 671 4.90 -1.42 -25.52
C VAL D 671 6.10 -1.69 -24.64
N PRO D 672 7.24 -2.13 -25.19
CA PRO D 672 8.42 -2.38 -24.36
C PRO D 672 8.87 -1.12 -23.62
N ASN D 673 9.34 -1.30 -22.39
CA ASN D 673 9.77 -0.17 -21.59
C ASN D 673 11.05 0.46 -22.14
N SER D 674 11.91 -0.35 -22.74
CA SER D 674 13.19 0.13 -23.25
C SER D 674 13.66 -0.76 -24.37
N THR D 675 14.60 -0.25 -25.16
CA THR D 675 15.24 -1.01 -26.22
C THR D 675 16.68 -0.57 -26.35
N ILE D 676 17.54 -1.49 -26.79
CA ILE D 676 18.97 -1.23 -26.95
C ILE D 676 19.32 -1.44 -28.42
N LEU D 677 19.79 -0.39 -29.08
CA LEU D 677 20.22 -0.49 -30.46
C LEU D 677 21.73 -0.62 -30.55
N ASP D 678 22.26 -1.79 -30.24
CA ASP D 678 23.69 -2.04 -30.34
C ASP D 678 24.01 -2.60 -31.73
N PRO D 679 24.93 -1.98 -32.48
CA PRO D 679 25.23 -2.49 -33.82
C PRO D 679 25.83 -3.89 -33.84
N ARG D 680 26.33 -4.39 -32.71
CA ARG D 680 26.85 -5.76 -32.67
C ARG D 680 25.77 -6.77 -32.98
N PHE D 681 24.52 -6.47 -32.66
CA PHE D 681 23.43 -7.42 -32.83
C PHE D 681 22.97 -7.52 -34.27
N THR D 682 23.41 -6.62 -35.14
CA THR D 682 23.10 -6.69 -36.56
C THR D 682 24.33 -6.68 -37.46
N LEU D 683 25.54 -6.63 -36.89
CA LEU D 683 26.74 -6.61 -37.72
C LEU D 683 26.92 -7.89 -38.50
N GLY D 684 26.60 -9.03 -37.91
CA GLY D 684 26.75 -10.31 -38.55
C GLY D 684 25.57 -10.80 -39.34
N LEU D 685 24.57 -9.96 -39.55
CA LEU D 685 23.37 -10.37 -40.27
C LEU D 685 23.72 -10.65 -41.74
N PRO D 686 23.21 -11.75 -42.32
CA PRO D 686 23.52 -12.06 -43.72
C PRO D 686 22.90 -11.05 -44.68
N HIS D 687 23.17 -11.28 -45.96
CA HIS D 687 22.71 -10.34 -46.99
C HIS D 687 21.21 -10.43 -47.20
N ARG D 688 20.67 -11.65 -47.30
CA ARG D 688 19.25 -11.82 -47.54
C ARG D 688 18.42 -11.22 -46.40
N MET D 689 18.79 -11.52 -45.16
CA MET D 689 18.06 -10.97 -44.03
C MET D 689 18.17 -9.44 -44.00
N THR D 690 19.35 -8.91 -44.30
CA THR D 690 19.53 -7.46 -44.31
C THR D 690 18.60 -6.79 -45.32
N VAL D 691 18.59 -7.28 -46.55
CA VAL D 691 17.78 -6.63 -47.58
C VAL D 691 16.30 -6.81 -47.29
N THR D 692 15.89 -8.01 -46.82
CA THR D 692 14.48 -8.22 -46.52
C THR D 692 14.00 -7.33 -45.39
N THR D 693 14.79 -7.21 -44.32
CA THR D 693 14.35 -6.36 -43.20
C THR D 693 14.37 -4.88 -43.58
N ALA D 694 15.36 -4.46 -44.37
CA ALA D 694 15.37 -3.08 -44.83
C ALA D 694 14.15 -2.77 -45.69
N LEU D 695 13.78 -3.69 -46.57
CA LEU D 695 12.58 -3.49 -47.38
C LEU D 695 11.31 -3.55 -46.54
N ASP D 696 11.29 -4.37 -45.48
CA ASP D 696 10.14 -4.36 -44.58
C ASP D 696 10.00 -3.01 -43.88
N ALA D 697 11.11 -2.44 -43.42
CA ALA D 697 11.06 -1.12 -42.81
C ALA D 697 10.61 -0.06 -43.82
N MET D 698 11.10 -0.16 -45.05
CA MET D 698 10.68 0.77 -46.10
C MET D 698 9.18 0.65 -46.37
N THR D 699 8.67 -0.58 -46.40
CA THR D 699 7.23 -0.78 -46.57
C THR D 699 6.44 -0.17 -45.43
N HIS D 700 6.92 -0.37 -44.19
CA HIS D 700 6.29 0.27 -43.04
C HIS D 700 6.21 1.78 -43.22
N SER D 701 7.33 2.40 -43.56
CA SER D 701 7.39 3.86 -43.66
C SER D 701 6.50 4.37 -44.81
N ILE D 702 6.50 3.67 -45.94
CA ILE D 702 5.72 4.12 -47.08
C ILE D 702 4.23 3.96 -46.83
N GLU D 703 3.83 2.81 -46.26
CA GLU D 703 2.41 2.61 -45.96
C GLU D 703 1.91 3.58 -44.89
N ALA D 704 2.75 3.88 -43.89
CA ALA D 704 2.34 4.82 -42.86
C ALA D 704 2.13 6.21 -43.44
N LEU D 705 2.89 6.56 -44.48
CA LEU D 705 2.77 7.86 -45.11
C LEU D 705 1.51 7.97 -45.98
N THR D 706 0.81 6.85 -46.22
CA THR D 706 -0.30 6.82 -47.16
C THR D 706 -1.64 6.46 -46.51
N SER D 707 -1.63 5.85 -45.33
CA SER D 707 -2.85 5.33 -44.73
C SER D 707 -3.85 6.45 -44.44
N THR D 708 -5.08 6.05 -44.14
CA THR D 708 -6.16 6.99 -43.85
C THR D 708 -5.93 7.75 -42.55
N ARG D 709 -5.07 7.23 -41.65
CA ARG D 709 -4.81 7.86 -40.37
C ARG D 709 -3.45 8.54 -40.32
N SER D 710 -2.91 8.96 -41.47
CA SER D 710 -1.59 9.59 -41.48
C SER D 710 -1.64 10.95 -40.80
N GLN D 711 -0.59 11.25 -40.04
CA GLN D 711 -0.46 12.49 -39.30
C GLN D 711 0.92 13.07 -39.57
N PRO D 712 1.09 14.39 -39.43
CA PRO D 712 2.39 15.01 -39.74
C PRO D 712 3.56 14.45 -38.94
N ILE D 713 3.34 14.08 -37.67
CA ILE D 713 4.43 13.46 -36.90
C ILE D 713 4.82 12.12 -37.52
N CYS D 714 3.82 11.30 -37.84
CA CYS D 714 4.09 10.03 -38.52
C CYS D 714 4.72 10.27 -39.88
N ASP D 715 4.31 11.35 -40.57
CA ASP D 715 4.92 11.68 -41.85
C ASP D 715 6.40 11.99 -41.69
N GLY D 716 6.76 12.76 -40.65
CA GLY D 716 8.17 13.05 -40.41
C GLY D 716 8.97 11.80 -40.10
N GLN D 717 8.43 10.94 -39.24
CA GLN D 717 9.12 9.69 -38.92
C GLN D 717 9.32 8.85 -40.18
N ALA D 718 8.27 8.71 -40.99
CA ALA D 718 8.35 7.88 -42.20
C ALA D 718 9.36 8.46 -43.18
N LEU D 719 9.35 9.78 -43.38
CA LEU D 719 10.28 10.37 -44.32
C LEU D 719 11.73 10.24 -43.85
N GLN D 720 11.99 10.46 -42.57
CA GLN D 720 13.35 10.30 -42.07
C GLN D 720 13.81 8.85 -42.20
N ALA D 721 12.93 7.89 -41.90
CA ALA D 721 13.28 6.49 -42.05
C ALA D 721 13.56 6.14 -43.50
N ILE D 722 12.74 6.64 -44.43
CA ILE D 722 12.94 6.37 -45.85
C ILE D 722 14.28 6.92 -46.30
N ARG D 723 14.59 8.15 -45.88
CA ARG D 723 15.87 8.76 -46.26
C ARG D 723 17.05 7.94 -45.74
N LEU D 724 16.99 7.53 -44.47
CA LEU D 724 18.09 6.76 -43.89
C LEU D 724 18.25 5.42 -44.59
N ILE D 725 17.14 4.73 -44.85
CA ILE D 725 17.23 3.43 -45.52
C ILE D 725 17.81 3.59 -46.91
N SER D 726 17.31 4.57 -47.68
CA SER D 726 17.81 4.77 -49.04
C SER D 726 19.29 5.10 -49.05
N GLU D 727 19.74 5.91 -48.09
CA GLU D 727 21.14 6.30 -48.07
C GLU D 727 22.04 5.15 -47.61
N ASN D 728 21.58 4.33 -46.67
CA ASN D 728 22.50 3.43 -45.97
C ASN D 728 22.41 1.97 -46.40
N LEU D 729 21.33 1.55 -47.08
CA LEU D 729 21.27 0.14 -47.50
C LEU D 729 22.36 -0.23 -48.49
N PRO D 730 22.66 0.56 -49.54
CA PRO D 730 23.80 0.22 -50.40
C PRO D 730 25.11 0.14 -49.66
N ARG D 731 25.32 1.01 -48.66
CA ARG D 731 26.55 0.96 -47.88
C ARG D 731 26.67 -0.35 -47.11
N VAL D 732 25.56 -0.82 -46.54
CA VAL D 732 25.59 -2.09 -45.81
C VAL D 732 25.82 -3.25 -46.77
N VAL D 733 25.16 -3.23 -47.93
CA VAL D 733 25.32 -4.33 -48.88
C VAL D 733 26.76 -4.39 -49.39
N ALA D 734 27.34 -3.24 -49.72
CA ALA D 734 28.71 -3.23 -50.22
C ALA D 734 29.73 -3.45 -49.11
N LYS D 735 29.46 -2.92 -47.92
CA LYS D 735 30.45 -2.88 -46.84
C LYS D 735 29.79 -3.52 -45.63
N PRO D 736 29.74 -4.86 -45.58
CA PRO D 736 28.85 -5.54 -44.63
C PRO D 736 29.08 -5.17 -43.17
N HIS D 737 30.33 -5.03 -42.72
CA HIS D 737 30.62 -4.63 -41.35
C HIS D 737 30.90 -3.14 -41.19
N ASP D 738 30.23 -2.31 -42.00
CA ASP D 738 30.22 -0.87 -41.73
C ASP D 738 29.29 -0.58 -40.56
N GLU D 739 29.86 -0.15 -39.42
CA GLU D 739 29.07 -0.05 -38.20
C GLU D 739 28.11 1.14 -38.25
N ALA D 740 28.54 2.27 -38.81
CA ALA D 740 27.69 3.45 -38.85
C ALA D 740 26.43 3.20 -39.67
N ALA D 741 26.57 2.53 -40.81
CA ALA D 741 25.41 2.23 -41.64
C ALA D 741 24.46 1.27 -40.93
N ARG D 742 25.00 0.30 -40.19
CA ARG D 742 24.16 -0.60 -39.42
C ARG D 742 23.36 0.16 -38.35
N ALA D 743 24.02 1.08 -37.65
CA ALA D 743 23.33 1.89 -36.66
C ALA D 743 22.25 2.75 -37.31
N ASN D 744 22.55 3.32 -38.47
CA ASN D 744 21.56 4.12 -39.18
C ASN D 744 20.35 3.28 -39.59
N LEU D 745 20.59 2.06 -40.04
CA LEU D 745 19.48 1.16 -40.37
C LEU D 745 18.65 0.82 -39.14
N GLN D 746 19.30 0.59 -37.99
CA GLN D 746 18.56 0.31 -36.77
C GLN D 746 17.67 1.49 -36.38
N LEU D 747 18.22 2.71 -36.46
CA LEU D 747 17.42 3.88 -36.12
C LEU D 747 16.28 4.07 -37.11
N ALA D 748 16.53 3.82 -38.40
CA ALA D 748 15.47 3.90 -39.40
C ALA D 748 14.36 2.91 -39.11
N ALA D 749 14.72 1.69 -38.69
CA ALA D 749 13.72 0.70 -38.33
C ALA D 749 12.90 1.16 -37.12
N THR D 750 13.57 1.73 -36.12
CA THR D 750 12.84 2.21 -34.94
C THR D 750 11.87 3.32 -35.30
N MET D 751 12.29 4.25 -36.17
CA MET D 751 11.40 5.35 -36.55
C MET D 751 10.26 4.86 -37.45
N ALA D 752 10.52 3.87 -38.30
CA ALA D 752 9.43 3.30 -39.09
C ALA D 752 8.42 2.58 -38.20
N GLY D 753 8.91 1.91 -37.16
CA GLY D 753 8.00 1.32 -36.19
C GLY D 753 7.16 2.38 -35.49
N TRP D 754 7.80 3.46 -35.07
CA TRP D 754 7.07 4.59 -34.49
C TRP D 754 6.00 5.10 -35.46
N ALA D 755 6.33 5.16 -36.75
CA ALA D 755 5.39 5.70 -37.73
C ALA D 755 4.17 4.81 -37.87
N PHE D 756 4.38 3.50 -38.10
CA PHE D 756 3.22 2.66 -38.40
C PHE D 756 2.52 2.20 -37.14
N ASN D 757 3.10 2.46 -35.96
CA ASN D 757 2.38 2.23 -34.72
C ASN D 757 1.12 3.09 -34.64
N VAL D 758 1.19 4.31 -35.14
CA VAL D 758 0.06 5.24 -35.09
C VAL D 758 -0.65 5.31 -36.44
N ALA D 759 0.09 5.36 -37.54
CA ALA D 759 -0.53 5.51 -38.85
C ALA D 759 -1.18 4.23 -39.35
N GLN D 760 -0.77 3.07 -38.82
CA GLN D 760 -1.31 1.76 -39.21
C GLN D 760 -0.93 1.38 -40.64
N VAL D 761 -0.77 0.07 -40.88
CA VAL D 761 -0.39 -0.44 -42.19
C VAL D 761 -1.64 -0.68 -43.04
N GLY D 762 -1.44 -0.89 -44.34
CA GLY D 762 -2.55 -1.03 -45.28
C GLY D 762 -2.65 -2.45 -45.82
N LEU D 763 -2.89 -2.54 -47.13
CA LEU D 763 -3.20 -3.82 -47.75
C LEU D 763 -1.98 -4.74 -47.83
N ALA D 764 -0.78 -4.17 -47.93
CA ALA D 764 0.41 -4.98 -48.14
C ALA D 764 0.62 -5.94 -46.97
N HIS D 765 0.44 -5.47 -45.74
CA HIS D 765 0.59 -6.35 -44.59
C HIS D 765 -0.57 -7.32 -44.46
N ALA D 766 -1.76 -6.93 -44.91
CA ALA D 766 -2.88 -7.86 -44.94
C ALA D 766 -2.57 -9.04 -45.87
N MET D 767 -1.88 -8.77 -46.97
CA MET D 767 -1.47 -9.84 -47.88
C MET D 767 -0.32 -10.66 -47.30
N ALA D 768 0.67 -9.98 -46.71
CA ALA D 768 1.85 -10.66 -46.19
C ALA D 768 1.49 -11.58 -45.03
N HIS D 769 0.53 -11.18 -44.20
CA HIS D 769 0.15 -12.03 -43.08
C HIS D 769 -0.47 -13.34 -43.55
N THR D 770 -1.34 -13.28 -44.55
CA THR D 770 -1.89 -14.52 -45.11
C THR D 770 -0.83 -15.35 -45.80
N LEU D 771 0.09 -14.71 -46.51
CA LEU D 771 1.18 -15.46 -47.14
C LEU D 771 1.99 -16.21 -46.09
N GLY D 772 2.35 -15.53 -45.00
CA GLY D 772 3.11 -16.19 -43.95
C GLY D 772 2.32 -17.27 -43.23
N ALA D 773 1.03 -17.04 -43.02
CA ALA D 773 0.22 -18.01 -42.29
C ALA D 773 -0.02 -19.27 -43.11
N ILE D 774 -0.16 -19.14 -44.42
CA ILE D 774 -0.46 -20.32 -45.24
C ILE D 774 0.79 -21.00 -45.77
N HIS D 775 1.76 -20.25 -46.30
CA HIS D 775 2.91 -20.82 -46.97
C HIS D 775 4.20 -20.65 -46.18
N ASP D 776 4.13 -20.19 -44.93
CA ASP D 776 5.30 -20.00 -44.06
C ASP D 776 6.30 -19.02 -44.65
N ILE D 777 5.85 -18.09 -45.48
CA ILE D 777 6.74 -17.12 -46.11
C ILE D 777 7.17 -16.08 -45.09
N PRO D 778 8.45 -15.70 -45.03
CA PRO D 778 8.86 -14.68 -44.07
C PRO D 778 8.22 -13.33 -44.36
N HIS D 779 8.05 -12.54 -43.29
CA HIS D 779 7.34 -11.28 -43.38
C HIS D 779 8.05 -10.28 -44.30
N GLY D 780 9.38 -10.20 -44.19
CA GLY D 780 10.12 -9.20 -44.93
C GLY D 780 10.06 -9.39 -46.43
N LEU D 781 10.25 -10.62 -46.92
CA LEU D 781 10.17 -10.89 -48.35
C LEU D 781 8.79 -10.58 -48.89
N ALA D 782 7.75 -11.01 -48.16
CA ALA D 782 6.38 -10.76 -48.60
C ALA D 782 6.08 -9.27 -48.66
N CYS D 783 6.51 -8.51 -47.67
CA CYS D 783 6.27 -7.06 -47.70
C CYS D 783 7.04 -6.41 -48.85
N GLY D 784 8.30 -6.82 -49.05
CA GLY D 784 9.10 -6.20 -50.08
C GLY D 784 8.59 -6.44 -51.48
N ILE D 785 8.15 -7.68 -51.76
CA ILE D 785 7.69 -8.00 -53.10
C ILE D 785 6.35 -7.37 -53.45
N MET D 786 5.56 -6.96 -52.45
CA MET D 786 4.27 -6.33 -52.71
C MET D 786 4.24 -4.84 -52.45
N LEU D 787 5.31 -4.25 -51.94
CA LEU D 787 5.29 -2.80 -51.70
C LEU D 787 5.03 -1.97 -52.95
N PRO D 788 5.77 -2.16 -54.06
CA PRO D 788 5.56 -1.25 -55.20
C PRO D 788 4.26 -1.50 -55.94
N ARG D 789 3.80 -2.75 -55.99
CA ARG D 789 2.51 -3.03 -56.61
C ARG D 789 1.37 -2.42 -55.82
N VAL D 790 1.48 -2.43 -54.48
CA VAL D 790 0.50 -1.73 -53.65
C VAL D 790 0.61 -0.22 -53.86
N MET D 791 1.83 0.29 -54.04
CA MET D 791 2.01 1.70 -54.31
C MET D 791 1.29 2.12 -55.57
N ARG D 792 1.43 1.33 -56.64
CA ARG D 792 0.73 1.63 -57.89
C ARG D 792 -0.77 1.40 -57.73
N PHE D 793 -1.17 0.45 -56.89
CA PHE D 793 -2.58 0.20 -56.64
C PHE D 793 -3.24 1.41 -56.00
N ASN D 794 -2.53 2.09 -55.10
CA ASN D 794 -3.05 3.25 -54.40
C ASN D 794 -2.58 4.58 -54.98
N VAL D 795 -2.07 4.57 -56.22
CA VAL D 795 -1.40 5.75 -56.76
C VAL D 795 -2.36 6.91 -57.03
N ASP D 796 -3.66 6.63 -57.20
CA ASP D 796 -4.61 7.66 -57.57
C ASP D 796 -5.37 8.24 -56.37
N HIS D 797 -5.63 7.44 -55.34
CA HIS D 797 -6.26 7.94 -54.12
C HIS D 797 -5.27 8.49 -53.11
N ALA D 798 -3.98 8.21 -53.29
CA ALA D 798 -2.96 8.86 -52.47
C ALA D 798 -2.67 10.26 -53.01
N GLY D 799 -2.61 11.22 -52.11
CA GLY D 799 -2.40 12.60 -52.51
C GLY D 799 -0.95 12.94 -52.77
N HIS D 800 -0.48 14.04 -52.21
CA HIS D 800 0.90 14.47 -52.40
C HIS D 800 1.87 13.65 -51.56
N LYS D 801 1.39 12.64 -50.83
CA LYS D 801 2.27 11.85 -49.97
C LYS D 801 3.32 11.10 -50.78
N LEU D 802 2.91 10.50 -51.90
CA LEU D 802 3.85 9.77 -52.73
C LEU D 802 4.91 10.67 -53.36
N ALA D 803 4.55 11.91 -53.65
CA ALA D 803 5.57 12.87 -54.12
C ALA D 803 6.61 13.12 -53.03
N LEU D 804 6.18 13.25 -51.78
CA LEU D 804 7.12 13.40 -50.68
C LEU D 804 7.99 12.17 -50.53
N ALA D 805 7.41 10.97 -50.68
CA ALA D 805 8.19 9.75 -50.61
C ALA D 805 9.23 9.70 -51.72
N ALA D 806 8.85 10.09 -52.94
CA ALA D 806 9.79 10.12 -54.05
C ALA D 806 10.91 11.11 -53.80
N GLN D 807 10.58 12.29 -53.25
CA GLN D 807 11.62 13.26 -52.90
C GLN D 807 12.55 12.71 -51.84
N ALA D 808 12.02 11.95 -50.88
CA ALA D 808 12.85 11.31 -49.88
C ALA D 808 13.78 10.28 -50.51
N LEU D 809 13.29 9.52 -51.50
CA LEU D 809 14.13 8.56 -52.19
C LEU D 809 15.16 9.23 -53.10
N GLY D 810 14.90 10.47 -53.54
CA GLY D 810 15.82 11.20 -54.38
C GLY D 810 15.33 11.52 -55.77
N VAL D 811 14.21 10.91 -56.21
CA VAL D 811 13.68 11.21 -57.53
C VAL D 811 13.24 12.67 -57.58
N GLN D 812 13.65 13.37 -58.63
CA GLN D 812 13.38 14.80 -58.73
C GLN D 812 11.92 15.04 -59.11
N THR D 813 11.25 15.90 -58.35
CA THR D 813 9.85 16.23 -58.56
C THR D 813 9.67 17.75 -58.52
N THR D 814 10.52 18.46 -59.25
CA THR D 814 10.37 19.91 -59.36
C THR D 814 9.05 20.29 -60.00
N GLY D 815 8.50 19.42 -60.85
CA GLY D 815 7.16 19.62 -61.36
C GLY D 815 6.64 18.37 -62.04
N MET D 816 5.46 17.90 -61.62
CA MET D 816 4.86 16.70 -62.15
C MET D 816 3.45 16.56 -61.58
N ASP D 817 2.60 15.85 -62.31
CA ASP D 817 1.28 15.53 -61.83
C ASP D 817 1.40 14.52 -60.68
N ALA D 818 0.39 14.51 -59.81
CA ALA D 818 0.40 13.61 -58.67
C ALA D 818 0.52 12.15 -59.12
N ARG D 819 -0.16 11.79 -60.20
CA ARG D 819 0.01 10.47 -60.79
C ARG D 819 1.46 10.24 -61.20
N GLU D 820 2.07 11.23 -61.84
CA GLU D 820 3.44 11.09 -62.32
C GLU D 820 4.42 10.92 -61.16
N ALA D 821 4.26 11.73 -60.11
CA ALA D 821 5.14 11.61 -58.95
C ALA D 821 4.93 10.27 -58.23
N GLY D 822 3.67 9.83 -58.13
CA GLY D 822 3.41 8.54 -57.52
C GLY D 822 4.04 7.39 -58.27
N LEU D 823 4.00 7.45 -59.61
CA LEU D 823 4.64 6.41 -60.40
C LEU D 823 6.17 6.50 -60.29
N ALA D 824 6.71 7.71 -60.22
CA ALA D 824 8.15 7.87 -60.06
C ALA D 824 8.64 7.31 -58.74
N ALA D 825 7.83 7.45 -57.68
CA ALA D 825 8.21 6.89 -56.38
C ALA D 825 8.32 5.37 -56.45
N ALA D 826 7.35 4.71 -57.08
CA ALA D 826 7.42 3.26 -57.24
C ALA D 826 8.59 2.86 -58.12
N GLN D 827 8.89 3.65 -59.15
CA GLN D 827 10.05 3.36 -59.98
C GLN D 827 11.34 3.44 -59.16
N ALA D 828 11.45 4.43 -58.28
CA ALA D 828 12.63 4.54 -57.42
C ALA D 828 12.71 3.36 -56.46
N VAL D 829 11.58 2.94 -55.90
CA VAL D 829 11.58 1.81 -54.99
C VAL D 829 12.05 0.54 -55.70
N GLU D 830 11.54 0.31 -56.92
CA GLU D 830 12.00 -0.83 -57.71
C GLU D 830 13.47 -0.71 -58.08
N ALA D 831 13.94 0.50 -58.38
CA ALA D 831 15.36 0.68 -58.69
C ALA D 831 16.23 0.29 -57.50
N LEU D 832 15.86 0.72 -56.30
CA LEU D 832 16.62 0.33 -55.11
C LEU D 832 16.55 -1.17 -54.87
N MET D 833 15.36 -1.75 -55.04
CA MET D 833 15.20 -3.19 -54.84
C MET D 833 16.10 -3.98 -55.78
N GLN D 834 16.15 -3.58 -57.06
CA GLN D 834 17.02 -4.26 -58.01
C GLN D 834 18.48 -3.99 -57.72
N SER D 835 18.81 -2.80 -57.22
CA SER D 835 20.20 -2.47 -56.91
C SER D 835 20.74 -3.28 -55.74
N VAL D 836 19.90 -3.61 -54.76
CA VAL D 836 20.35 -4.36 -53.59
C VAL D 836 20.12 -5.87 -53.58
N ASP D 837 19.84 -6.47 -54.73
CA ASP D 837 19.65 -7.92 -54.85
C ASP D 837 18.42 -8.41 -54.07
N HIS D 838 17.27 -7.90 -54.44
CA HIS D 838 16.03 -8.28 -53.76
C HIS D 838 15.10 -9.12 -54.64
N PRO D 839 14.61 -10.25 -54.12
CA PRO D 839 13.64 -11.05 -54.88
C PRO D 839 12.37 -10.26 -55.20
N ARG D 840 11.75 -10.53 -56.35
CA ARG D 840 10.71 -9.65 -56.87
C ARG D 840 9.44 -10.35 -57.32
N TYR D 841 9.36 -11.68 -57.28
CA TYR D 841 8.19 -12.38 -57.77
C TYR D 841 7.82 -13.53 -56.85
N LEU D 842 6.52 -13.84 -56.79
CA LEU D 842 6.03 -14.89 -55.90
C LEU D 842 6.33 -16.29 -56.45
N SER D 843 6.54 -16.40 -57.76
CA SER D 843 6.78 -17.72 -58.35
C SER D 843 8.06 -18.34 -57.83
N ASP D 844 9.05 -17.51 -57.46
CA ASP D 844 10.33 -18.01 -56.98
C ASP D 844 10.21 -18.77 -55.68
N LEU D 845 9.20 -18.46 -54.85
CA LEU D 845 9.08 -19.02 -53.51
C LEU D 845 8.02 -20.11 -53.40
N GLY D 846 7.57 -20.65 -54.54
CA GLY D 846 6.82 -21.89 -54.55
C GLY D 846 5.31 -21.78 -54.40
N VAL D 847 4.75 -20.59 -54.33
CA VAL D 847 3.29 -20.48 -54.26
C VAL D 847 2.68 -20.88 -55.60
N PRO D 848 1.76 -21.83 -55.62
CA PRO D 848 1.11 -22.20 -56.88
C PRO D 848 0.19 -21.11 -57.40
N ARG D 849 -0.01 -21.11 -58.72
CA ARG D 849 -0.85 -20.10 -59.34
C ARG D 849 -2.31 -20.22 -58.92
N ASP D 850 -2.80 -21.45 -58.74
CA ASP D 850 -4.23 -21.65 -58.47
C ASP D 850 -4.63 -21.25 -57.05
N ASN D 851 -3.71 -21.34 -56.09
CA ASN D 851 -4.04 -21.01 -54.71
C ASN D 851 -4.22 -19.52 -54.47
N LEU D 852 -4.05 -18.69 -55.51
CA LEU D 852 -4.21 -17.26 -55.35
C LEU D 852 -5.64 -16.88 -54.96
N SER D 853 -6.63 -17.65 -55.41
CA SER D 853 -8.01 -17.37 -55.03
C SER D 853 -8.22 -17.58 -53.54
N ASN D 854 -7.72 -18.70 -53.01
CA ASN D 854 -7.82 -18.94 -51.57
C ASN D 854 -7.04 -17.91 -50.77
N LEU D 855 -5.86 -17.52 -51.26
CA LEU D 855 -5.09 -16.50 -50.56
C LEU D 855 -5.83 -15.17 -50.54
N ALA D 856 -6.44 -14.78 -51.66
CA ALA D 856 -7.20 -13.54 -51.71
C ALA D 856 -8.42 -13.59 -50.79
N ALA D 857 -9.09 -14.75 -50.74
CA ALA D 857 -10.23 -14.89 -49.83
C ALA D 857 -9.78 -14.78 -48.38
N HIS D 858 -8.64 -15.37 -48.04
CA HIS D 858 -8.12 -15.28 -46.68
C HIS D 858 -7.61 -13.88 -46.37
N ALA D 859 -7.30 -13.09 -47.40
CA ALA D 859 -6.74 -11.76 -47.19
C ALA D 859 -7.78 -10.80 -46.61
N MET D 860 -9.04 -10.95 -47.02
CA MET D 860 -10.08 -10.00 -46.59
C MET D 860 -10.37 -10.10 -45.09
N GLY D 861 -10.00 -11.20 -44.45
CA GLY D 861 -10.28 -11.35 -43.04
C GLY D 861 -9.38 -10.59 -42.09
N ASP D 862 -8.32 -9.97 -42.61
CA ASP D 862 -7.39 -9.25 -41.75
C ASP D 862 -7.94 -7.88 -41.39
N ALA D 863 -7.40 -7.31 -40.31
CA ALA D 863 -7.85 -6.00 -39.85
C ALA D 863 -7.13 -4.86 -40.55
N ALA D 864 -6.08 -5.15 -41.33
CA ALA D 864 -5.33 -4.11 -42.02
C ALA D 864 -6.13 -3.43 -43.12
N ILE D 865 -7.17 -4.07 -43.64
CA ILE D 865 -8.04 -3.43 -44.62
C ILE D 865 -8.79 -2.27 -43.96
N MET D 866 -9.26 -1.34 -44.79
CA MET D 866 -9.97 -0.12 -44.37
C MET D 866 -9.03 0.87 -43.72
N PHE D 867 -7.73 0.55 -43.72
CA PHE D 867 -6.70 1.54 -43.37
C PHE D 867 -5.92 2.02 -44.58
N ASN D 868 -6.03 1.35 -45.71
CA ASN D 868 -5.33 1.76 -46.91
C ASN D 868 -6.03 2.93 -47.57
N ALA D 869 -5.30 3.63 -48.45
CA ALA D 869 -5.86 4.79 -49.13
C ALA D 869 -7.04 4.42 -50.01
N ARG D 870 -6.96 3.30 -50.74
CA ARG D 870 -8.02 2.88 -51.64
C ARG D 870 -8.86 1.80 -50.97
N PRO D 871 -10.17 1.98 -50.86
CA PRO D 871 -11.00 0.93 -50.23
C PRO D 871 -11.05 -0.32 -51.10
N VAL D 872 -10.84 -1.46 -50.46
CA VAL D 872 -10.88 -2.74 -51.17
C VAL D 872 -12.33 -3.15 -51.36
N LYS D 873 -12.79 -3.19 -52.62
CA LYS D 873 -14.18 -3.52 -52.89
C LYS D 873 -14.48 -4.98 -52.61
N GLY D 874 -13.49 -5.86 -52.76
CA GLY D 874 -13.69 -7.27 -52.51
C GLY D 874 -12.49 -8.11 -52.91
N PRO D 875 -12.65 -9.43 -52.89
CA PRO D 875 -11.55 -10.32 -53.26
C PRO D 875 -11.11 -10.19 -54.70
N GLN D 876 -11.93 -9.58 -55.56
CA GLN D 876 -11.58 -9.49 -56.99
C GLN D 876 -10.40 -8.56 -57.23
N GLU D 877 -10.15 -7.60 -56.32
CA GLU D 877 -9.00 -6.73 -56.47
C GLU D 877 -7.76 -7.32 -55.80
N VAL D 878 -7.94 -8.02 -54.69
CA VAL D 878 -6.85 -8.76 -54.07
C VAL D 878 -6.33 -9.81 -55.05
N MET D 879 -7.24 -10.45 -55.79
CA MET D 879 -6.85 -11.35 -56.87
C MET D 879 -5.95 -10.65 -57.88
N ALA D 880 -6.34 -9.44 -58.30
CA ALA D 880 -5.56 -8.72 -59.30
C ALA D 880 -4.16 -8.39 -58.80
N VAL D 881 -4.06 -7.90 -57.56
CA VAL D 881 -2.74 -7.56 -57.02
C VAL D 881 -1.88 -8.82 -56.84
N TYR D 882 -2.48 -9.90 -56.33
CA TYR D 882 -1.72 -11.15 -56.17
C TYR D 882 -1.23 -11.66 -57.51
N GLU D 883 -2.08 -11.61 -58.54
CA GLU D 883 -1.67 -12.07 -59.87
C GLU D 883 -0.57 -11.19 -60.44
N GLU D 884 -0.67 -9.88 -60.23
CA GLU D 884 0.40 -8.98 -60.66
C GLU D 884 1.71 -9.30 -59.95
N ALA D 885 1.64 -9.75 -58.69
CA ALA D 885 2.84 -10.10 -57.96
C ALA D 885 3.44 -11.44 -58.38
N TYR D 886 2.72 -12.24 -59.17
CA TYR D 886 3.21 -13.54 -59.57
C TYR D 886 4.22 -13.42 -60.72
#